data_8HQK
#
_entry.id   8HQK
#
_cell.length_a   1.00
_cell.length_b   1.00
_cell.length_c   1.00
_cell.angle_alpha   90.00
_cell.angle_beta   90.00
_cell.angle_gamma   90.00
#
_symmetry.space_group_name_H-M   'P 1'
#
_entity_poly.entity_id   1
_entity_poly.type   'polypeptide(L)'
_entity_poly.pdbx_seq_one_letter_code
;MTIDINKLKEELGLGDLAKSLEGLTAAQKAQEAERMRKEQEEKELARMNALVSKAVGEDRQKLEQALELVKSLDEKSKKS
AELFAQTVEKQQETIVGLQDEIKSLLTAREGRSFVGDSVAKALYGTQETFEDEVEKLVLLSYVMEKGVFETEHGQKHLKA
VNQSSSVEVSSESYETIFSQRIIRDLQKELVVGALFEELPMSSKILTMLVEPDAGRATWVAASAYGSDNTTGSEVTGALT
EIHFSTYKLAAKSFITDETEEDAIFSLLPLLRKRLIEAHAVSIEEAFMTGDGSGKPKGLLTLASEDSAKVTTEAKADGSV
LVTAKTISKLRRKLGRHGLKLSKLVLIVSMDAYYDLLEDEEWQDVAQVGNDAVKLQGQVGRIYGLPVVVSEYFPAKAAGK
EFAVIVYKDNFVMPRQRAVTVERERQAGKQRDAYYVTQRVNLQRYFENGVVSGAYAAS
;
_entity_poly.pdbx_strand_id   A,B,C,D,E,F,G,H,I,J,K,L,M
#
# COMPACT_ATOMS: atom_id res chain seq x y z
N ASN A 162 -23.99 -1.79 -136.38
CA ASN A 162 -22.75 -2.50 -136.12
C ASN A 162 -21.69 -2.10 -137.13
N GLN A 163 -22.11 -1.34 -138.15
CA GLN A 163 -21.20 -0.73 -139.11
C GLN A 163 -20.41 -1.75 -139.90
N SER A 164 -21.06 -2.87 -140.21
CA SER A 164 -20.42 -3.91 -141.02
C SER A 164 -21.26 -4.33 -142.23
N SER A 165 -22.58 -4.34 -142.11
CA SER A 165 -23.43 -4.77 -143.22
C SER A 165 -23.63 -3.61 -144.20
N SER A 166 -24.54 -3.80 -145.15
CA SER A 166 -24.89 -2.70 -146.04
C SER A 166 -25.75 -1.66 -145.31
N VAL A 167 -26.73 -2.11 -144.55
CA VAL A 167 -27.53 -1.20 -143.74
C VAL A 167 -26.70 -0.77 -142.52
N GLU A 168 -27.16 0.31 -141.88
CA GLU A 168 -26.38 0.90 -140.80
C GLU A 168 -27.28 1.80 -139.98
N VAL A 169 -27.05 1.84 -138.67
CA VAL A 169 -27.83 2.69 -137.80
C VAL A 169 -27.12 4.02 -137.61
N SER A 170 -27.91 5.06 -137.29
CA SER A 170 -27.42 6.43 -137.32
C SER A 170 -26.29 6.65 -136.33
N SER A 171 -26.51 6.30 -135.06
CA SER A 171 -25.53 6.53 -134.01
C SER A 171 -25.74 5.51 -132.89
N GLU A 172 -24.82 5.54 -131.92
CA GLU A 172 -24.81 4.52 -130.89
C GLU A 172 -26.01 4.60 -129.96
N SER A 173 -26.68 5.75 -129.90
CA SER A 173 -27.87 5.85 -129.06
C SER A 173 -28.96 4.90 -129.50
N TYR A 174 -28.91 4.43 -130.75
CA TYR A 174 -29.82 3.39 -131.23
C TYR A 174 -29.14 2.03 -131.31
N GLU A 175 -28.08 1.81 -130.53
CA GLU A 175 -27.54 0.48 -130.31
C GLU A 175 -27.55 0.09 -128.84
N THR A 176 -27.93 1.01 -127.96
CA THR A 176 -27.77 0.85 -126.53
C THR A 176 -29.14 0.77 -125.86
N ILE A 177 -29.16 0.18 -124.67
CA ILE A 177 -30.34 0.18 -123.81
C ILE A 177 -29.99 1.00 -122.59
N PHE A 178 -30.78 2.04 -122.32
CA PHE A 178 -30.58 2.88 -121.17
C PHE A 178 -31.51 2.44 -120.05
N SER A 179 -30.97 2.27 -118.86
CA SER A 179 -31.71 1.76 -117.71
C SER A 179 -31.74 2.81 -116.61
N GLN A 180 -32.82 2.80 -115.83
CA GLN A 180 -32.96 3.70 -114.69
C GLN A 180 -32.38 3.11 -113.42
N ARG A 181 -31.84 1.90 -113.47
CA ARG A 181 -31.30 1.26 -112.29
C ARG A 181 -30.12 2.05 -111.75
N ILE A 182 -30.12 2.31 -110.44
CA ILE A 182 -29.03 3.01 -109.77
C ILE A 182 -28.39 2.04 -108.79
N ILE A 183 -27.08 1.82 -108.93
CA ILE A 183 -26.34 0.96 -108.04
C ILE A 183 -25.23 1.75 -107.37
N ARG A 184 -24.80 1.25 -106.21
CA ARG A 184 -23.84 1.95 -105.38
C ARG A 184 -22.96 0.95 -104.66
N ASP A 185 -21.68 1.30 -104.53
CA ASP A 185 -20.74 0.42 -103.87
C ASP A 185 -21.01 0.36 -102.37
N LEU A 186 -20.20 -0.44 -101.67
CA LEU A 186 -20.30 -0.51 -100.21
C LEU A 186 -19.90 0.81 -99.60
N GLN A 187 -20.48 1.15 -98.45
CA GLN A 187 -20.22 2.42 -97.80
C GLN A 187 -19.85 2.23 -96.34
N LYS A 188 -19.05 3.17 -95.84
CA LYS A 188 -18.59 3.11 -94.45
C LYS A 188 -19.78 3.17 -93.51
N GLU A 189 -19.69 2.44 -92.40
CA GLU A 189 -20.75 2.47 -91.40
C GLU A 189 -20.43 3.50 -90.32
N LEU A 190 -21.47 3.91 -89.61
CA LEU A 190 -21.38 4.96 -88.60
C LEU A 190 -21.55 4.33 -87.22
N VAL A 191 -20.59 4.57 -86.33
CA VAL A 191 -20.56 3.95 -85.01
C VAL A 191 -20.77 4.98 -83.91
N VAL A 192 -19.92 6.01 -83.87
CA VAL A 192 -19.98 6.98 -82.77
C VAL A 192 -21.02 8.06 -82.99
N GLY A 193 -21.83 7.94 -84.04
CA GLY A 193 -22.84 8.96 -84.28
C GLY A 193 -23.83 9.07 -83.13
N ALA A 194 -24.30 7.94 -82.62
CA ALA A 194 -25.34 7.98 -81.61
C ALA A 194 -25.14 6.91 -80.53
N LEU A 195 -23.90 6.49 -80.28
CA LEU A 195 -23.70 5.54 -79.20
C LEU A 195 -23.83 6.20 -77.83
N PHE A 196 -23.57 7.50 -77.75
CA PHE A 196 -23.71 8.27 -76.53
C PHE A 196 -25.18 8.61 -76.31
N GLU A 197 -25.48 9.06 -75.10
CA GLU A 197 -26.86 9.45 -74.81
C GLU A 197 -27.03 10.96 -74.90
N GLU A 198 -28.28 11.39 -74.79
CA GLU A 198 -28.67 12.77 -75.08
C GLU A 198 -28.83 13.57 -73.80
N LEU A 199 -28.55 14.87 -73.88
CA LEU A 199 -28.78 15.80 -72.78
C LEU A 199 -29.60 16.96 -73.31
N PRO A 200 -30.94 16.90 -73.20
CA PRO A 200 -31.77 17.94 -73.80
C PRO A 200 -31.53 19.29 -73.14
N MET A 201 -31.67 20.35 -73.93
CA MET A 201 -31.51 21.71 -73.46
C MET A 201 -32.77 22.51 -73.79
N SER A 202 -33.02 23.55 -73.00
CA SER A 202 -34.11 24.48 -73.26
C SER A 202 -33.67 25.93 -73.11
N SER A 203 -32.37 26.20 -73.26
CA SER A 203 -31.83 27.53 -73.11
C SER A 203 -30.50 27.58 -73.84
N LYS A 204 -29.71 28.61 -73.54
CA LYS A 204 -28.40 28.72 -74.19
C LYS A 204 -27.34 27.92 -73.43
N ILE A 205 -27.24 28.15 -72.13
CA ILE A 205 -26.17 27.60 -71.32
C ILE A 205 -26.77 26.84 -70.14
N LEU A 206 -26.24 25.67 -69.87
CA LEU A 206 -26.60 24.88 -68.69
C LEU A 206 -25.40 24.78 -67.77
N THR A 207 -25.59 25.15 -66.50
CA THR A 207 -24.52 25.14 -65.52
C THR A 207 -24.75 24.04 -64.49
N MET A 208 -23.77 23.18 -64.35
CA MET A 208 -23.80 22.01 -63.48
C MET A 208 -22.91 22.29 -62.28
N LEU A 209 -23.17 21.60 -61.17
CA LEU A 209 -22.38 21.80 -59.96
C LEU A 209 -21.45 20.63 -59.71
N VAL A 210 -20.22 20.93 -59.30
CA VAL A 210 -19.20 19.92 -59.03
C VAL A 210 -18.76 20.03 -57.59
N GLU A 211 -18.81 18.92 -56.87
CA GLU A 211 -18.48 18.80 -55.47
C GLU A 211 -16.97 18.63 -55.30
N PRO A 212 -16.37 19.21 -54.27
CA PRO A 212 -14.91 19.19 -54.13
C PRO A 212 -14.40 17.82 -53.67
N ASP A 213 -13.09 17.76 -53.45
CA ASP A 213 -12.41 16.54 -53.05
C ASP A 213 -12.51 16.33 -51.54
N ALA A 214 -11.70 15.40 -51.04
CA ALA A 214 -11.76 15.05 -49.63
C ALA A 214 -10.54 15.57 -48.87
N GLY A 215 -10.78 15.97 -47.62
CA GLY A 215 -9.73 16.37 -46.71
C GLY A 215 -9.31 15.22 -45.80
N ARG A 216 -8.69 15.58 -44.68
CA ARG A 216 -8.22 14.55 -43.77
C ARG A 216 -8.04 15.15 -42.37
N ALA A 217 -8.15 14.30 -41.36
CA ALA A 217 -8.09 14.73 -39.98
C ALA A 217 -6.62 14.82 -39.54
N THR A 218 -6.39 14.98 -38.23
CA THR A 218 -5.05 15.03 -37.69
C THR A 218 -4.98 14.16 -36.44
N TRP A 219 -3.82 13.55 -36.25
CA TRP A 219 -3.55 12.72 -35.07
C TRP A 219 -2.98 13.64 -33.99
N VAL A 220 -3.81 13.97 -33.00
CA VAL A 220 -3.36 14.86 -31.94
C VAL A 220 -2.37 14.13 -31.04
N ALA A 221 -1.30 14.82 -30.68
CA ALA A 221 -0.34 14.24 -29.75
C ALA A 221 -0.94 14.21 -28.35
N ALA A 222 -0.36 13.35 -27.50
CA ALA A 222 -0.89 13.21 -26.15
C ALA A 222 -0.68 14.47 -25.33
N SER A 223 0.32 15.29 -25.68
CA SER A 223 0.62 16.47 -24.88
C SER A 223 -0.52 17.48 -24.93
N ALA A 224 -1.13 17.66 -26.09
CA ALA A 224 -2.15 18.69 -26.29
C ALA A 224 -3.54 18.23 -25.91
N TYR A 225 -3.65 17.28 -24.99
CA TYR A 225 -4.95 16.70 -24.68
C TYR A 225 -5.90 17.73 -24.05
N GLY A 226 -5.36 18.60 -23.20
CA GLY A 226 -6.22 19.55 -22.51
C GLY A 226 -6.30 20.93 -23.12
N SER A 227 -5.45 21.23 -24.10
CA SER A 227 -5.42 22.56 -24.71
C SER A 227 -6.54 22.66 -25.75
N ASP A 228 -6.49 23.71 -26.57
CA ASP A 228 -7.48 23.90 -27.61
C ASP A 228 -7.14 23.16 -28.89
N ASN A 229 -5.97 22.49 -28.94
CA ASN A 229 -5.61 21.70 -30.10
C ASN A 229 -6.25 20.31 -30.08
N THR A 230 -6.98 19.98 -29.03
CA THR A 230 -7.57 18.65 -28.92
C THR A 230 -8.51 18.34 -30.06
N THR A 231 -9.26 19.33 -30.55
CA THR A 231 -10.18 19.09 -31.63
C THR A 231 -9.49 18.93 -32.97
N GLY A 232 -8.22 19.27 -33.07
CA GLY A 232 -7.50 19.08 -34.31
C GLY A 232 -7.72 20.22 -35.29
N SER A 233 -7.35 19.95 -36.54
CA SER A 233 -7.42 20.95 -37.59
C SER A 233 -8.81 21.05 -38.18
N GLU A 234 -8.99 22.01 -39.08
CA GLU A 234 -10.26 22.29 -39.72
C GLU A 234 -10.19 21.95 -41.20
N VAL A 235 -11.24 21.30 -41.70
CA VAL A 235 -11.31 20.87 -43.09
C VAL A 235 -12.23 21.82 -43.85
N THR A 236 -11.68 22.47 -44.87
CA THR A 236 -12.40 23.46 -45.66
C THR A 236 -12.72 22.88 -47.03
N GLY A 237 -13.72 23.47 -47.68
CA GLY A 237 -14.09 23.03 -49.01
C GLY A 237 -15.16 23.89 -49.66
N ALA A 238 -15.00 24.18 -50.94
CA ALA A 238 -15.93 25.02 -51.68
C ALA A 238 -16.38 24.31 -52.94
N LEU A 239 -17.60 24.60 -53.38
CA LEU A 239 -18.15 23.96 -54.56
C LEU A 239 -17.57 24.58 -55.82
N THR A 240 -17.90 23.97 -56.96
CA THR A 240 -17.46 24.47 -58.25
C THR A 240 -18.52 24.10 -59.29
N GLU A 241 -18.49 24.79 -60.43
CA GLU A 241 -19.49 24.59 -61.47
C GLU A 241 -18.83 24.43 -62.84
N ILE A 242 -19.57 23.81 -63.75
CA ILE A 242 -19.16 23.64 -65.14
C ILE A 242 -20.28 24.14 -66.04
N HIS A 243 -20.02 24.19 -67.34
CA HIS A 243 -20.98 24.73 -68.29
C HIS A 243 -21.08 23.87 -69.54
N PHE A 244 -22.25 23.93 -70.17
CA PHE A 244 -22.50 23.24 -71.43
C PHE A 244 -23.05 24.23 -72.45
N SER A 245 -22.86 23.91 -73.73
CA SER A 245 -23.29 24.78 -74.82
C SER A 245 -23.48 23.92 -76.06
N THR A 246 -23.86 24.56 -77.17
CA THR A 246 -24.17 23.83 -78.40
C THR A 246 -23.70 24.64 -79.61
N TYR A 247 -23.66 23.96 -80.76
CA TYR A 247 -23.29 24.57 -82.03
C TYR A 247 -24.38 24.23 -83.04
N LYS A 248 -24.37 24.92 -84.18
CA LYS A 248 -25.43 24.79 -85.17
C LYS A 248 -24.89 24.21 -86.46
N LEU A 249 -25.61 23.24 -87.02
CA LEU A 249 -25.25 22.57 -88.26
C LEU A 249 -26.37 22.80 -89.26
N ALA A 250 -26.02 23.26 -90.46
CA ALA A 250 -27.02 23.59 -91.46
C ALA A 250 -26.49 23.38 -92.86
N ALA A 251 -27.41 23.11 -93.79
CA ALA A 251 -27.10 22.97 -95.20
C ALA A 251 -28.38 23.16 -96.00
N LYS A 252 -28.21 23.63 -97.24
CA LYS A 252 -29.34 23.99 -98.08
C LYS A 252 -29.12 23.52 -99.50
N SER A 253 -30.20 23.44 -100.26
CA SER A 253 -30.13 23.05 -101.67
C SER A 253 -31.35 23.59 -102.40
N PHE A 254 -31.21 23.75 -103.71
CA PHE A 254 -32.26 24.31 -104.55
C PHE A 254 -32.53 23.41 -105.75
N ILE A 255 -33.80 23.36 -106.16
CA ILE A 255 -34.18 22.72 -107.41
C ILE A 255 -35.17 23.64 -108.13
N THR A 256 -34.86 23.99 -109.36
CA THR A 256 -35.68 24.95 -110.08
C THR A 256 -37.00 24.31 -110.50
N ASP A 257 -37.79 25.08 -111.25
CA ASP A 257 -39.05 24.59 -111.78
C ASP A 257 -38.94 23.99 -113.17
N GLU A 258 -37.73 23.97 -113.74
CA GLU A 258 -37.58 23.41 -115.08
C GLU A 258 -36.85 22.07 -115.05
N THR A 259 -35.94 21.86 -114.11
CA THR A 259 -35.18 20.62 -114.11
C THR A 259 -36.07 19.42 -113.85
N GLU A 260 -37.02 19.54 -112.92
CA GLU A 260 -37.84 18.39 -112.57
C GLU A 260 -38.77 18.01 -113.71
N GLU A 261 -39.00 18.92 -114.66
CA GLU A 261 -39.76 18.55 -115.85
C GLU A 261 -38.85 18.21 -117.02
N ASP A 262 -37.62 18.72 -116.99
CA ASP A 262 -36.67 18.52 -118.08
C ASP A 262 -35.80 17.30 -117.84
N ALA A 263 -36.45 16.18 -117.53
CA ALA A 263 -35.76 14.92 -117.32
C ALA A 263 -36.78 13.80 -117.34
N ILE A 264 -36.32 12.58 -117.63
CA ILE A 264 -37.23 11.45 -117.72
C ILE A 264 -37.70 11.03 -116.32
N PHE A 265 -36.78 10.98 -115.36
CA PHE A 265 -37.09 10.50 -114.03
C PHE A 265 -36.91 11.60 -113.01
N SER A 266 -37.66 11.49 -111.92
CA SER A 266 -37.66 12.52 -110.87
C SER A 266 -36.31 12.58 -110.18
N LEU A 267 -35.98 13.78 -109.67
CA LEU A 267 -34.68 14.03 -109.05
C LEU A 267 -34.82 14.45 -107.59
N LEU A 268 -36.04 14.62 -107.10
CA LEU A 268 -36.26 15.08 -105.73
C LEU A 268 -35.77 14.09 -104.67
N PRO A 269 -36.14 12.80 -104.76
CA PRO A 269 -35.75 11.89 -103.67
C PRO A 269 -34.24 11.82 -103.47
N LEU A 270 -33.49 11.85 -104.57
CA LEU A 270 -32.04 11.88 -104.46
C LEU A 270 -31.58 13.11 -103.71
N LEU A 271 -32.18 14.26 -104.01
CA LEU A 271 -31.79 15.49 -103.34
C LEU A 271 -32.02 15.41 -101.84
N ARG A 272 -33.22 14.99 -101.43
CA ARG A 272 -33.52 14.94 -100.00
C ARG A 272 -32.61 13.94 -99.28
N LYS A 273 -32.44 12.75 -99.87
CA LYS A 273 -31.61 11.75 -99.23
C LYS A 273 -30.18 12.24 -99.10
N ARG A 274 -29.68 12.93 -100.13
CA ARG A 274 -28.31 13.44 -100.06
C ARG A 274 -28.19 14.49 -98.97
N LEU A 275 -29.20 15.35 -98.83
CA LEU A 275 -29.17 16.33 -97.74
C LEU A 275 -29.02 15.64 -96.39
N ILE A 276 -29.89 14.68 -96.11
CA ILE A 276 -29.89 14.04 -94.79
C ILE A 276 -28.58 13.31 -94.55
N GLU A 277 -28.12 12.54 -95.53
CA GLU A 277 -26.91 11.74 -95.32
C GLU A 277 -25.68 12.63 -95.23
N ALA A 278 -25.64 13.76 -95.94
CA ALA A 278 -24.53 14.69 -95.76
C ALA A 278 -24.53 15.25 -94.35
N HIS A 279 -25.70 15.55 -93.81
CA HIS A 279 -25.79 16.04 -92.44
C HIS A 279 -25.20 15.02 -91.47
N ALA A 280 -25.63 13.77 -91.61
CA ALA A 280 -25.16 12.70 -90.71
C ALA A 280 -23.65 12.50 -90.84
N VAL A 281 -23.15 12.50 -92.07
CA VAL A 281 -21.71 12.31 -92.28
C VAL A 281 -20.93 13.42 -91.58
N SER A 282 -21.37 14.67 -91.74
CA SER A 282 -20.65 15.78 -91.14
C SER A 282 -20.63 15.65 -89.62
N ILE A 283 -21.78 15.35 -89.01
CA ILE A 283 -21.79 15.28 -87.56
C ILE A 283 -20.91 14.15 -87.05
N GLU A 284 -20.99 12.98 -87.69
CA GLU A 284 -20.18 11.85 -87.23
C GLU A 284 -18.69 12.14 -87.37
N GLU A 285 -18.28 12.72 -88.49
CA GLU A 285 -16.87 13.01 -88.67
C GLU A 285 -16.39 14.03 -87.64
N ALA A 286 -17.21 15.05 -87.37
CA ALA A 286 -16.82 16.05 -86.38
C ALA A 286 -16.68 15.42 -84.99
N PHE A 287 -17.59 14.53 -84.63
CA PHE A 287 -17.48 13.85 -83.35
C PHE A 287 -16.23 12.99 -83.28
N MET A 288 -15.89 12.30 -84.36
CA MET A 288 -14.64 11.57 -84.41
C MET A 288 -13.44 12.49 -84.16
N THR A 289 -13.16 13.40 -85.08
CA THR A 289 -11.91 14.13 -84.97
C THR A 289 -12.05 15.62 -85.23
N GLY A 290 -13.23 16.19 -85.09
CA GLY A 290 -13.37 17.63 -85.27
C GLY A 290 -12.59 18.38 -84.22
N ASP A 291 -12.10 19.55 -84.61
CA ASP A 291 -11.35 20.40 -83.70
C ASP A 291 -12.31 21.07 -82.71
N GLY A 292 -11.78 22.01 -81.93
CA GLY A 292 -12.59 22.74 -80.97
C GLY A 292 -13.05 24.10 -81.44
N SER A 293 -12.61 24.58 -82.60
CA SER A 293 -12.94 25.92 -83.10
C SER A 293 -14.26 25.85 -83.85
N GLY A 294 -15.31 26.35 -83.21
CA GLY A 294 -16.62 26.38 -83.81
C GLY A 294 -17.28 25.04 -83.99
N LYS A 295 -16.58 23.95 -83.71
CA LYS A 295 -17.10 22.61 -83.86
C LYS A 295 -16.81 21.83 -82.58
N PRO A 296 -17.61 20.81 -82.28
CA PRO A 296 -17.34 19.98 -81.11
C PRO A 296 -15.98 19.31 -81.23
N LYS A 297 -15.28 19.21 -80.10
CA LYS A 297 -13.98 18.56 -80.08
C LYS A 297 -14.13 17.06 -80.31
N GLY A 298 -13.34 16.54 -81.22
CA GLY A 298 -13.38 15.12 -81.52
C GLY A 298 -12.77 14.30 -80.41
N LEU A 299 -13.13 13.01 -80.39
CA LEU A 299 -12.60 12.12 -79.36
C LEU A 299 -11.08 12.03 -79.45
N LEU A 300 -10.54 11.97 -80.67
CA LEU A 300 -9.10 11.91 -80.82
C LEU A 300 -8.44 13.17 -80.30
N THR A 301 -9.03 14.34 -80.56
CA THR A 301 -8.49 15.58 -80.03
C THR A 301 -8.59 15.63 -78.51
N LEU A 302 -9.70 15.14 -77.96
CA LEU A 302 -9.82 15.09 -76.50
C LEU A 302 -8.73 14.21 -75.90
N ALA A 303 -8.51 13.04 -76.49
CA ALA A 303 -7.47 12.15 -75.97
C ALA A 303 -6.10 12.79 -76.08
N SER A 304 -5.82 13.46 -77.20
CA SER A 304 -4.51 14.09 -77.37
C SER A 304 -4.32 15.22 -76.36
N GLU A 305 -5.36 16.00 -76.08
CA GLU A 305 -5.20 17.15 -75.22
C GLU A 305 -5.14 16.79 -73.74
N ASP A 306 -5.58 15.59 -73.36
CA ASP A 306 -5.45 15.11 -71.99
C ASP A 306 -4.11 14.44 -71.75
N SER A 307 -3.20 14.50 -72.72
CA SER A 307 -1.93 13.79 -72.68
C SER A 307 -2.12 12.29 -72.53
N ALA A 308 -3.20 11.75 -73.11
CA ALA A 308 -3.50 10.33 -73.07
C ALA A 308 -3.27 9.64 -74.40
N LYS A 309 -2.33 10.14 -75.20
CA LYS A 309 -2.00 9.53 -76.49
C LYS A 309 -0.78 8.65 -76.28
N VAL A 310 -1.01 7.35 -76.21
CA VAL A 310 0.06 6.39 -75.95
C VAL A 310 0.80 6.13 -77.25
N THR A 311 2.12 6.31 -77.22
CA THR A 311 2.94 6.02 -78.40
C THR A 311 3.38 4.57 -78.31
N THR A 312 2.54 3.69 -78.86
CA THR A 312 2.83 2.26 -78.84
C THR A 312 3.96 1.96 -79.82
N GLU A 313 4.42 0.71 -79.79
CA GLU A 313 5.56 0.28 -80.58
C GLU A 313 5.19 -0.18 -81.98
N ALA A 314 3.90 -0.27 -82.30
CA ALA A 314 3.50 -0.70 -83.63
C ALA A 314 3.90 0.36 -84.66
N LYS A 315 4.58 -0.09 -85.72
CA LYS A 315 5.11 0.80 -86.73
C LYS A 315 4.05 1.06 -87.79
N ALA A 316 4.05 2.28 -88.33
CA ALA A 316 3.11 2.61 -89.39
C ALA A 316 3.55 2.02 -90.73
N ASP A 317 4.85 1.85 -90.92
CA ASP A 317 5.35 1.33 -92.19
C ASP A 317 4.94 -0.12 -92.43
N GLY A 318 4.52 -0.84 -91.38
CA GLY A 318 4.08 -2.20 -91.52
C GLY A 318 5.09 -3.25 -91.12
N SER A 319 6.26 -2.86 -90.60
CA SER A 319 7.23 -3.84 -90.15
C SER A 319 6.75 -4.56 -88.90
N VAL A 320 6.28 -3.81 -87.92
CA VAL A 320 5.79 -4.36 -86.66
C VAL A 320 4.28 -4.17 -86.61
N LEU A 321 3.56 -5.26 -86.39
CA LEU A 321 2.11 -5.23 -86.46
C LEU A 321 1.52 -4.70 -85.16
N VAL A 322 0.20 -4.77 -85.06
CA VAL A 322 -0.54 -4.25 -83.90
C VAL A 322 -1.00 -5.47 -83.13
N THR A 323 -0.19 -5.90 -82.17
CA THR A 323 -0.52 -7.09 -81.40
C THR A 323 -1.70 -6.81 -80.48
N ALA A 324 -2.38 -7.89 -80.07
CA ALA A 324 -3.49 -7.76 -79.13
C ALA A 324 -3.00 -7.22 -77.79
N LYS A 325 -1.82 -7.65 -77.35
CA LYS A 325 -1.26 -7.14 -76.11
C LYS A 325 -1.06 -5.64 -76.17
N THR A 326 -0.67 -5.13 -77.33
CA THR A 326 -0.51 -3.68 -77.48
C THR A 326 -1.82 -2.96 -77.25
N ILE A 327 -2.92 -3.49 -77.79
CA ILE A 327 -4.22 -2.89 -77.58
C ILE A 327 -4.62 -2.95 -76.11
N SER A 328 -4.38 -4.08 -75.46
CA SER A 328 -4.78 -4.21 -74.07
C SER A 328 -3.94 -3.35 -73.14
N LYS A 329 -2.69 -3.08 -73.48
CA LYS A 329 -1.84 -2.28 -72.60
C LYS A 329 -2.34 -0.86 -72.44
N LEU A 330 -3.23 -0.39 -73.32
CA LEU A 330 -3.76 0.96 -73.19
C LEU A 330 -4.60 1.12 -71.94
N ARG A 331 -5.15 0.02 -71.41
CA ARG A 331 -6.03 0.11 -70.25
C ARG A 331 -5.34 0.68 -69.03
N ARG A 332 -4.00 0.65 -69.00
CA ARG A 332 -3.29 1.15 -67.84
C ARG A 332 -3.46 2.66 -67.69
N LYS A 333 -3.38 3.40 -68.80
CA LYS A 333 -3.47 4.85 -68.72
C LYS A 333 -4.84 5.31 -68.23
N LEU A 334 -5.86 4.47 -68.35
CA LEU A 334 -7.19 4.83 -67.87
C LEU A 334 -7.27 4.95 -66.36
N GLY A 335 -6.29 4.42 -65.64
CA GLY A 335 -6.27 4.56 -64.19
C GLY A 335 -7.44 3.85 -63.55
N ARG A 336 -8.11 4.54 -62.63
CA ARG A 336 -9.16 3.92 -61.83
C ARG A 336 -10.30 3.38 -62.69
N HIS A 337 -10.57 4.01 -63.83
CA HIS A 337 -11.67 3.57 -64.67
C HIS A 337 -11.34 2.35 -65.51
N GLY A 338 -10.09 1.94 -65.57
CA GLY A 338 -9.70 0.79 -66.35
C GLY A 338 -9.93 -0.55 -65.68
N LEU A 339 -10.46 -0.56 -64.46
CA LEU A 339 -10.66 -1.82 -63.76
C LEU A 339 -11.91 -2.53 -64.26
N LYS A 340 -13.07 -1.92 -64.07
CA LYS A 340 -14.34 -2.50 -64.47
C LYS A 340 -14.38 -2.54 -65.99
N LEU A 341 -14.70 -3.71 -66.55
CA LEU A 341 -14.62 -3.89 -67.99
C LEU A 341 -15.94 -3.62 -68.69
N SER A 342 -17.06 -3.76 -67.98
CA SER A 342 -18.36 -3.63 -68.61
C SER A 342 -18.65 -2.21 -69.09
N LYS A 343 -17.97 -1.21 -68.55
CA LYS A 343 -18.24 0.19 -68.85
C LYS A 343 -17.23 0.77 -69.84
N LEU A 344 -16.80 -0.05 -70.80
CA LEU A 344 -15.81 0.38 -71.76
C LEU A 344 -16.24 0.01 -73.17
N VAL A 345 -15.78 0.79 -74.13
CA VAL A 345 -16.05 0.55 -75.54
C VAL A 345 -14.75 0.74 -76.31
N LEU A 346 -14.46 -0.21 -77.21
CA LEU A 346 -13.22 -0.20 -77.97
C LEU A 346 -13.52 -0.01 -79.45
N ILE A 347 -12.76 0.88 -80.09
CA ILE A 347 -12.91 1.17 -81.51
C ILE A 347 -11.53 1.12 -82.16
N VAL A 348 -11.42 0.40 -83.27
CA VAL A 348 -10.15 0.23 -83.95
C VAL A 348 -10.32 0.56 -85.43
N SER A 349 -9.21 0.91 -86.07
CA SER A 349 -9.24 1.12 -87.50
C SER A 349 -9.25 -0.21 -88.23
N MET A 350 -9.59 -0.17 -89.52
CA MET A 350 -9.65 -1.39 -90.29
C MET A 350 -8.28 -2.06 -90.38
N ASP A 351 -7.24 -1.28 -90.66
CA ASP A 351 -5.91 -1.84 -90.79
C ASP A 351 -5.45 -2.47 -89.49
N ALA A 352 -5.78 -1.85 -88.36
CA ALA A 352 -5.47 -2.46 -87.07
C ALA A 352 -6.20 -3.78 -86.90
N TYR A 353 -7.44 -3.85 -87.37
CA TYR A 353 -8.17 -5.11 -87.30
C TYR A 353 -7.48 -6.20 -88.11
N TYR A 354 -7.04 -5.85 -89.32
CA TYR A 354 -6.35 -6.84 -90.14
C TYR A 354 -5.05 -7.27 -89.48
N ASP A 355 -4.32 -6.34 -88.88
CA ASP A 355 -3.10 -6.71 -88.17
C ASP A 355 -3.42 -7.60 -86.97
N LEU A 356 -4.60 -7.41 -86.38
CA LEU A 356 -5.04 -8.32 -85.32
C LEU A 356 -5.25 -9.71 -85.87
N LEU A 357 -5.79 -9.82 -87.09
CA LEU A 357 -6.11 -11.12 -87.65
C LEU A 357 -4.88 -12.00 -87.85
N GLU A 358 -3.68 -11.42 -87.87
CA GLU A 358 -2.45 -12.19 -88.04
C GLU A 358 -1.65 -12.30 -86.76
N ASP A 359 -2.30 -12.14 -85.60
CA ASP A 359 -1.61 -12.22 -84.33
C ASP A 359 -1.14 -13.65 -84.08
N GLU A 360 0.15 -13.80 -83.80
CA GLU A 360 0.70 -15.13 -83.59
C GLU A 360 0.10 -15.80 -82.37
N GLU A 361 -0.41 -15.01 -81.42
CA GLU A 361 -0.87 -15.53 -80.14
C GLU A 361 -2.33 -15.96 -80.17
N TRP A 362 -2.98 -15.93 -81.32
CA TRP A 362 -4.38 -16.32 -81.40
C TRP A 362 -4.61 -17.37 -82.48
N GLN A 363 -3.60 -18.18 -82.76
CA GLN A 363 -3.68 -19.11 -83.89
C GLN A 363 -4.04 -20.53 -83.48
N ASP A 364 -3.30 -21.13 -82.55
CA ASP A 364 -3.50 -22.53 -82.21
C ASP A 364 -4.74 -22.71 -81.35
N VAL A 365 -5.40 -23.85 -81.53
CA VAL A 365 -6.53 -24.21 -80.66
C VAL A 365 -6.06 -24.34 -79.22
N ALA A 366 -4.92 -25.02 -79.03
CA ALA A 366 -4.38 -25.19 -77.69
C ALA A 366 -4.01 -23.86 -77.04
N GLN A 367 -3.79 -22.82 -77.83
CA GLN A 367 -3.49 -21.52 -77.25
C GLN A 367 -4.74 -20.88 -76.67
N VAL A 368 -5.74 -20.65 -77.51
CA VAL A 368 -6.94 -19.92 -77.12
C VAL A 368 -8.15 -20.77 -77.52
N GLY A 369 -8.60 -21.63 -76.61
CA GLY A 369 -9.87 -22.32 -76.70
C GLY A 369 -10.30 -22.77 -78.08
N ASN A 370 -11.56 -22.52 -78.42
CA ASN A 370 -12.07 -22.79 -79.75
C ASN A 370 -12.15 -21.54 -80.62
N ASP A 371 -11.76 -20.38 -80.10
CA ASP A 371 -11.81 -19.13 -80.84
C ASP A 371 -10.53 -18.86 -81.60
N ALA A 372 -9.76 -19.90 -81.92
CA ALA A 372 -8.52 -19.70 -82.64
C ALA A 372 -8.79 -19.12 -84.02
N VAL A 373 -7.88 -18.26 -84.47
CA VAL A 373 -8.04 -17.66 -85.79
C VAL A 373 -8.03 -18.72 -86.87
N LYS A 374 -7.16 -19.73 -86.73
CA LYS A 374 -7.04 -20.78 -87.72
C LYS A 374 -8.37 -21.46 -88.03
N LEU A 375 -9.21 -21.64 -87.02
CA LEU A 375 -10.49 -22.31 -87.20
C LEU A 375 -11.61 -21.39 -87.66
N GLN A 376 -11.55 -20.11 -87.31
CA GLN A 376 -12.64 -19.19 -87.60
C GLN A 376 -12.25 -18.16 -88.65
N GLY A 377 -11.18 -17.41 -88.43
CA GLY A 377 -10.78 -16.37 -89.35
C GLY A 377 -11.20 -14.98 -88.96
N GLN A 378 -11.89 -14.80 -87.83
CA GLN A 378 -12.25 -13.48 -87.35
C GLN A 378 -12.00 -13.39 -85.86
N VAL A 379 -11.65 -12.19 -85.39
CA VAL A 379 -11.34 -11.97 -83.99
C VAL A 379 -12.56 -11.35 -83.31
N GLY A 380 -13.03 -11.99 -82.24
CA GLY A 380 -14.17 -11.48 -81.51
C GLY A 380 -13.75 -10.69 -80.29
N ARG A 381 -14.05 -11.20 -79.11
CA ARG A 381 -13.60 -10.54 -77.89
C ARG A 381 -12.09 -10.65 -77.77
N ILE A 382 -11.45 -9.53 -77.47
CA ILE A 382 -10.00 -9.45 -77.32
C ILE A 382 -9.71 -9.06 -75.88
N TYR A 383 -9.06 -9.96 -75.14
CA TYR A 383 -8.70 -9.71 -73.74
C TYR A 383 -9.90 -9.27 -72.92
N GLY A 384 -11.06 -9.85 -73.22
CA GLY A 384 -12.28 -9.48 -72.55
C GLY A 384 -12.96 -8.23 -73.08
N LEU A 385 -12.38 -7.58 -74.10
CA LEU A 385 -12.97 -6.39 -74.67
C LEU A 385 -13.63 -6.74 -75.99
N PRO A 386 -14.92 -6.50 -76.18
CA PRO A 386 -15.50 -6.61 -77.52
C PRO A 386 -14.86 -5.60 -78.45
N VAL A 387 -14.70 -6.01 -79.71
CA VAL A 387 -14.00 -5.19 -80.70
C VAL A 387 -15.00 -4.65 -81.72
N VAL A 388 -14.80 -3.40 -82.11
CA VAL A 388 -15.65 -2.73 -83.09
C VAL A 388 -14.75 -1.99 -84.08
N VAL A 389 -15.03 -2.13 -85.37
CA VAL A 389 -14.19 -1.56 -86.42
C VAL A 389 -14.89 -0.34 -87.00
N SER A 390 -14.18 0.78 -87.03
CA SER A 390 -14.67 2.00 -87.63
C SER A 390 -13.61 2.54 -88.59
N GLU A 391 -14.08 3.14 -89.68
CA GLU A 391 -13.19 3.51 -90.78
C GLU A 391 -12.92 5.02 -90.83
N TYR A 392 -13.29 5.76 -89.81
CA TYR A 392 -13.11 7.21 -89.81
C TYR A 392 -11.83 7.64 -89.12
N PHE A 393 -10.93 6.71 -88.84
CA PHE A 393 -9.64 7.06 -88.28
C PHE A 393 -8.78 7.76 -89.32
N PRO A 394 -7.82 8.57 -88.89
CA PRO A 394 -6.88 9.18 -89.85
C PRO A 394 -6.06 8.12 -90.54
N ALA A 395 -5.44 8.52 -91.64
CA ALA A 395 -4.69 7.58 -92.47
C ALA A 395 -3.53 6.99 -91.69
N LYS A 396 -3.24 5.72 -91.97
CA LYS A 396 -2.13 5.02 -91.33
C LYS A 396 -0.83 5.78 -91.60
N ALA A 397 -0.26 6.36 -90.56
CA ALA A 397 0.96 7.16 -90.71
C ALA A 397 1.62 7.28 -89.34
N ALA A 398 2.77 7.93 -89.31
CA ALA A 398 3.51 8.08 -88.06
C ALA A 398 2.75 8.97 -87.09
N GLY A 399 2.69 8.55 -85.83
CA GLY A 399 2.03 9.33 -84.81
C GLY A 399 0.54 9.52 -85.04
N LYS A 400 -0.13 8.52 -85.59
CA LYS A 400 -1.55 8.61 -85.87
C LYS A 400 -2.29 7.47 -85.19
N GLU A 401 -3.48 7.77 -84.70
CA GLU A 401 -4.22 6.85 -83.85
C GLU A 401 -4.76 5.67 -84.63
N PHE A 402 -4.84 4.52 -83.97
CA PHE A 402 -5.51 3.35 -84.54
C PHE A 402 -6.45 2.65 -83.57
N ALA A 403 -6.57 3.12 -82.32
CA ALA A 403 -7.49 2.52 -81.38
C ALA A 403 -7.84 3.55 -80.32
N VAL A 404 -9.08 3.47 -79.83
CA VAL A 404 -9.60 4.42 -78.86
C VAL A 404 -10.45 3.65 -77.87
N ILE A 405 -10.18 3.84 -76.58
CA ILE A 405 -10.97 3.26 -75.50
C ILE A 405 -11.64 4.41 -74.76
N VAL A 406 -12.95 4.29 -74.54
CA VAL A 406 -13.73 5.38 -73.98
C VAL A 406 -14.45 4.90 -72.73
N TYR A 407 -14.47 5.73 -71.70
CA TYR A 407 -15.41 5.53 -70.61
C TYR A 407 -16.77 6.07 -71.04
N LYS A 408 -17.67 5.15 -71.37
CA LYS A 408 -18.89 5.51 -72.09
C LYS A 408 -19.76 6.48 -71.30
N ASP A 409 -19.80 6.32 -69.98
CA ASP A 409 -20.71 7.11 -69.16
C ASP A 409 -20.21 8.52 -68.89
N ASN A 410 -18.99 8.84 -69.29
CA ASN A 410 -18.43 10.16 -69.00
C ASN A 410 -18.87 11.22 -70.00
N PHE A 411 -19.42 10.82 -71.15
CA PHE A 411 -19.70 11.74 -72.23
C PHE A 411 -21.20 11.92 -72.42
N VAL A 412 -21.61 13.15 -72.73
CA VAL A 412 -22.99 13.48 -73.04
C VAL A 412 -23.01 14.27 -74.34
N MET A 413 -24.18 14.33 -74.97
CA MET A 413 -24.37 15.07 -76.21
C MET A 413 -25.53 16.04 -76.02
N PRO A 414 -25.24 17.30 -75.69
CA PRO A 414 -26.32 18.28 -75.57
C PRO A 414 -26.95 18.57 -76.91
N ARG A 415 -28.23 18.96 -76.88
CA ARG A 415 -28.96 19.21 -78.10
C ARG A 415 -30.08 20.22 -77.84
N GLN A 416 -30.23 21.19 -78.73
CA GLN A 416 -31.26 22.21 -78.62
C GLN A 416 -32.46 21.92 -79.51
N ARG A 417 -32.24 21.61 -80.77
CA ARG A 417 -33.32 21.21 -81.66
C ARG A 417 -32.83 20.14 -82.63
N ALA A 418 -33.73 19.24 -82.99
CA ALA A 418 -33.38 18.09 -83.81
C ALA A 418 -33.22 18.53 -85.26
N VAL A 419 -33.12 17.56 -86.16
CA VAL A 419 -32.98 17.85 -87.58
C VAL A 419 -34.32 18.26 -88.14
N THR A 420 -34.47 19.54 -88.47
CA THR A 420 -35.70 20.09 -89.02
C THR A 420 -35.47 20.51 -90.45
N VAL A 421 -36.44 20.21 -91.30
CA VAL A 421 -36.37 20.52 -92.72
C VAL A 421 -37.47 21.53 -93.05
N GLU A 422 -37.09 22.63 -93.68
CA GLU A 422 -38.03 23.68 -94.07
C GLU A 422 -37.98 23.85 -95.58
N ARG A 423 -39.14 23.84 -96.21
CA ARG A 423 -39.28 23.99 -97.64
C ARG A 423 -39.84 25.37 -97.95
N GLU A 424 -39.17 26.09 -98.85
CA GLU A 424 -39.60 27.44 -99.23
C GLU A 424 -39.79 27.49 -100.73
N ARG A 425 -40.83 28.18 -101.16
CA ARG A 425 -41.15 28.36 -102.57
C ARG A 425 -40.82 29.78 -102.98
N GLN A 426 -39.85 29.93 -103.88
CA GLN A 426 -39.38 31.25 -104.31
C GLN A 426 -39.90 31.51 -105.71
N ALA A 427 -41.11 32.07 -105.80
CA ALA A 427 -41.73 32.30 -107.10
C ALA A 427 -40.93 33.27 -107.94
N GLY A 428 -40.24 34.22 -107.32
CA GLY A 428 -39.45 35.17 -108.09
C GLY A 428 -38.34 34.57 -108.89
N LYS A 429 -37.89 33.36 -108.52
CA LYS A 429 -36.87 32.66 -109.28
C LYS A 429 -37.31 31.26 -109.68
N GLN A 430 -38.54 30.86 -109.33
CA GLN A 430 -39.07 29.53 -109.65
C GLN A 430 -38.17 28.42 -109.12
N ARG A 431 -37.67 28.63 -107.90
CA ARG A 431 -36.87 27.62 -107.22
C ARG A 431 -37.62 27.12 -106.00
N ASP A 432 -37.30 25.92 -105.58
CA ASP A 432 -37.81 25.34 -104.34
C ASP A 432 -36.63 25.14 -103.40
N ALA A 433 -36.39 26.11 -102.54
CA ALA A 433 -35.29 26.02 -101.59
C ALA A 433 -35.63 25.05 -100.48
N TYR A 434 -34.66 24.20 -100.12
CA TYR A 434 -34.79 23.28 -99.02
C TYR A 434 -33.70 23.59 -97.99
N TYR A 435 -34.11 23.69 -96.72
CA TYR A 435 -33.21 24.03 -95.63
C TYR A 435 -33.30 22.96 -94.56
N VAL A 436 -32.15 22.53 -94.06
CA VAL A 436 -32.06 21.55 -92.98
C VAL A 436 -31.08 22.07 -91.94
N THR A 437 -31.50 22.02 -90.67
CA THR A 437 -30.73 22.60 -89.58
C THR A 437 -30.78 21.67 -88.37
N GLN A 438 -29.79 21.82 -87.49
CA GLN A 438 -29.79 21.12 -86.22
C GLN A 438 -28.75 21.75 -85.30
N ARG A 439 -28.86 21.45 -84.02
CA ARG A 439 -28.05 22.09 -82.98
C ARG A 439 -27.58 21.03 -82.00
N VAL A 440 -26.28 20.76 -81.95
CA VAL A 440 -25.71 19.74 -81.07
C VAL A 440 -24.31 20.17 -80.64
N ASN A 441 -23.72 19.36 -79.77
CA ASN A 441 -22.34 19.49 -79.32
C ASN A 441 -21.98 18.20 -78.58
N LEU A 442 -20.68 18.01 -78.36
CA LEU A 442 -20.19 16.85 -77.62
C LEU A 442 -19.37 17.33 -76.42
N GLN A 443 -19.89 17.13 -75.23
CA GLN A 443 -19.26 17.60 -74.01
C GLN A 443 -19.14 16.46 -73.02
N ARG A 444 -18.11 16.54 -72.18
CA ARG A 444 -17.85 15.54 -71.17
C ARG A 444 -17.83 16.19 -69.79
N TYR A 445 -18.14 15.41 -68.77
CA TYR A 445 -18.22 15.94 -67.42
C TYR A 445 -16.84 16.33 -66.89
N PHE A 446 -15.93 15.36 -66.80
CA PHE A 446 -14.62 15.57 -66.23
C PHE A 446 -13.55 15.43 -67.31
N GLU A 447 -12.32 15.80 -66.95
CA GLU A 447 -11.22 15.82 -67.90
C GLU A 447 -10.43 14.50 -67.86
N ASN A 448 -11.15 13.41 -68.08
CA ASN A 448 -10.55 12.07 -68.14
C ASN A 448 -11.60 11.12 -68.68
N GLY A 449 -11.18 9.90 -69.01
CA GLY A 449 -12.10 8.88 -69.44
C GLY A 449 -11.89 8.37 -70.86
N VAL A 450 -10.85 8.83 -71.56
CA VAL A 450 -10.58 8.38 -72.91
C VAL A 450 -9.08 8.19 -73.09
N VAL A 451 -8.70 7.13 -73.80
CA VAL A 451 -7.31 6.80 -74.09
C VAL A 451 -7.20 6.37 -75.53
N SER A 452 -6.21 6.92 -76.23
CA SER A 452 -5.97 6.59 -77.63
C SER A 452 -4.51 6.20 -77.81
N GLY A 453 -4.26 5.26 -78.70
CA GLY A 453 -2.92 4.81 -79.02
C GLY A 453 -2.58 5.09 -80.47
N ALA A 454 -1.30 5.37 -80.73
CA ALA A 454 -0.86 5.76 -82.05
C ALA A 454 0.32 4.91 -82.49
N TYR A 455 0.71 5.09 -83.74
CA TYR A 455 1.84 4.36 -84.27
C TYR A 455 3.15 4.92 -83.72
N ALA A 456 4.21 4.14 -83.88
CA ALA A 456 5.50 4.51 -83.31
C ALA A 456 6.09 5.69 -84.07
N ALA A 457 7.09 6.31 -83.47
CA ALA A 457 7.74 7.51 -83.98
C ALA A 457 6.73 8.61 -84.26
N ASN B 162 1.65 -69.58 -131.85
CA ASN B 162 1.46 -70.84 -132.55
C ASN B 162 2.62 -71.12 -133.48
N GLN B 163 2.32 -71.43 -134.74
CA GLN B 163 3.30 -71.82 -135.74
C GLN B 163 4.11 -73.03 -135.28
N SER B 164 3.57 -73.80 -134.34
CA SER B 164 4.24 -74.97 -133.78
C SER B 164 3.52 -76.27 -134.09
N SER B 165 2.20 -76.25 -134.16
CA SER B 165 1.44 -77.44 -134.48
C SER B 165 1.60 -77.78 -135.96
N SER B 166 0.86 -78.79 -136.42
CA SER B 166 0.90 -79.13 -137.84
C SER B 166 0.16 -78.10 -138.67
N VAL B 167 -1.02 -77.67 -138.23
CA VAL B 167 -1.80 -76.67 -138.95
C VAL B 167 -1.53 -75.30 -138.34
N GLU B 168 -1.78 -74.25 -139.12
CA GLU B 168 -1.51 -72.89 -138.68
C GLU B 168 -2.66 -71.95 -139.01
N VAL B 169 -2.42 -70.65 -138.90
CA VAL B 169 -3.40 -69.63 -139.21
C VAL B 169 -2.73 -68.63 -140.16
N SER B 170 -3.54 -67.92 -140.96
CA SER B 170 -3.00 -67.06 -141.99
C SER B 170 -2.09 -65.98 -141.41
N SER B 171 -2.59 -65.24 -140.42
CA SER B 171 -1.80 -64.18 -139.80
C SER B 171 -2.43 -63.81 -138.47
N GLU B 172 -1.74 -62.92 -137.74
CA GLU B 172 -2.16 -62.58 -136.39
C GLU B 172 -3.54 -61.93 -136.34
N SER B 173 -4.01 -61.40 -137.46
CA SER B 173 -5.33 -60.78 -137.47
C SER B 173 -6.43 -61.78 -137.15
N TYR B 174 -6.17 -63.07 -137.35
CA TYR B 174 -7.10 -64.10 -136.91
C TYR B 174 -6.72 -64.70 -135.57
N GLU B 175 -5.72 -64.14 -134.90
CA GLU B 175 -5.38 -64.50 -133.53
C GLU B 175 -5.75 -63.41 -132.54
N THR B 176 -6.46 -62.38 -132.98
CA THR B 176 -6.71 -61.19 -132.18
C THR B 176 -8.19 -60.91 -132.11
N ILE B 177 -8.62 -60.32 -131.00
CA ILE B 177 -9.98 -59.83 -130.83
C ILE B 177 -9.93 -58.32 -130.74
N PHE B 178 -10.61 -57.65 -131.66
CA PHE B 178 -10.67 -56.19 -131.67
C PHE B 178 -11.93 -55.75 -130.95
N SER B 179 -11.74 -55.04 -129.83
CA SER B 179 -12.85 -54.59 -129.00
C SER B 179 -13.19 -53.15 -129.34
N GLN B 180 -14.48 -52.84 -129.34
CA GLN B 180 -14.93 -51.50 -129.67
C GLN B 180 -15.03 -50.58 -128.46
N ARG B 181 -14.77 -51.08 -127.25
CA ARG B 181 -14.91 -50.23 -126.08
C ARG B 181 -13.88 -49.11 -126.09
N ILE B 182 -14.35 -47.93 -125.72
CA ILE B 182 -13.54 -46.71 -125.74
C ILE B 182 -13.29 -46.28 -124.30
N ILE B 183 -12.07 -45.84 -124.02
CA ILE B 183 -11.69 -45.45 -122.66
C ILE B 183 -10.97 -44.12 -122.71
N ARG B 184 -11.01 -43.42 -121.57
CA ARG B 184 -10.37 -42.12 -121.44
C ARG B 184 -9.66 -42.03 -120.12
N ASP B 185 -8.61 -41.21 -120.07
CA ASP B 185 -7.88 -40.98 -118.84
C ASP B 185 -8.66 -40.02 -117.96
N LEU B 186 -8.06 -39.55 -116.87
CA LEU B 186 -8.68 -38.55 -116.02
C LEU B 186 -8.71 -37.22 -116.75
N GLN B 187 -9.71 -36.39 -116.43
CA GLN B 187 -9.89 -35.12 -117.11
C GLN B 187 -9.92 -33.96 -116.11
N LYS B 188 -9.32 -32.85 -116.52
CA LYS B 188 -9.31 -31.66 -115.68
C LYS B 188 -10.72 -31.18 -115.41
N GLU B 189 -10.97 -30.74 -114.18
CA GLU B 189 -12.28 -30.24 -113.82
C GLU B 189 -12.37 -28.74 -114.07
N LEU B 190 -13.59 -28.23 -114.15
CA LEU B 190 -13.85 -26.82 -114.40
C LEU B 190 -14.59 -26.21 -113.22
N VAL B 191 -14.20 -25.01 -112.84
CA VAL B 191 -14.80 -24.34 -111.69
C VAL B 191 -15.35 -22.97 -112.08
N VAL B 192 -14.52 -22.14 -112.69
CA VAL B 192 -14.88 -20.75 -112.93
C VAL B 192 -15.91 -20.61 -114.03
N GLY B 193 -16.18 -21.70 -114.77
CA GLY B 193 -17.06 -21.59 -115.91
C GLY B 193 -18.46 -21.11 -115.55
N ALA B 194 -19.02 -21.66 -114.48
CA ALA B 194 -20.43 -21.44 -114.20
C ALA B 194 -20.65 -21.12 -112.72
N LEU B 195 -19.85 -20.19 -112.19
CA LEU B 195 -20.09 -19.69 -110.84
C LEU B 195 -20.47 -18.22 -110.81
N PHE B 196 -20.28 -17.48 -111.90
CA PHE B 196 -20.71 -16.10 -111.96
C PHE B 196 -22.10 -16.01 -112.59
N GLU B 197 -22.93 -15.17 -112.00
CA GLU B 197 -24.30 -14.99 -112.48
C GLU B 197 -24.31 -14.34 -113.85
N GLU B 198 -25.40 -14.57 -114.58
CA GLU B 198 -25.51 -14.18 -115.98
C GLU B 198 -26.26 -12.86 -116.10
N LEU B 199 -25.84 -12.04 -117.06
CA LEU B 199 -26.53 -10.80 -117.38
C LEU B 199 -27.03 -10.87 -118.80
N PRO B 200 -28.31 -11.18 -119.03
CA PRO B 200 -28.78 -11.38 -120.41
C PRO B 200 -28.99 -10.05 -121.12
N MET B 201 -28.13 -9.77 -122.09
CA MET B 201 -28.25 -8.57 -122.88
C MET B 201 -29.33 -8.72 -123.94
N SER B 202 -29.73 -7.59 -124.52
CA SER B 202 -30.64 -7.58 -125.65
C SER B 202 -30.18 -6.68 -126.79
N SER B 203 -29.23 -5.78 -126.54
CA SER B 203 -28.68 -4.93 -127.58
C SER B 203 -27.16 -4.95 -127.49
N LYS B 204 -26.48 -4.06 -128.21
CA LYS B 204 -25.03 -4.09 -128.22
C LYS B 204 -24.45 -3.67 -126.87
N ILE B 205 -24.99 -2.61 -126.27
CA ILE B 205 -24.44 -2.02 -125.06
C ILE B 205 -25.55 -1.83 -124.04
N LEU B 206 -25.19 -1.92 -122.75
CA LEU B 206 -26.09 -1.65 -121.65
C LEU B 206 -25.45 -0.61 -120.75
N THR B 207 -26.27 0.28 -120.18
CA THR B 207 -25.77 1.37 -119.36
C THR B 207 -26.61 1.50 -118.10
N MET B 208 -25.93 1.63 -116.97
CA MET B 208 -26.54 1.75 -115.66
C MET B 208 -26.23 3.13 -115.08
N LEU B 209 -26.73 3.40 -113.88
CA LEU B 209 -26.54 4.67 -113.22
C LEU B 209 -25.86 4.47 -111.87
N VAL B 210 -24.88 5.31 -111.57
CA VAL B 210 -24.11 5.20 -110.33
C VAL B 210 -24.43 6.41 -109.46
N GLU B 211 -24.92 6.14 -108.26
CA GLU B 211 -25.21 7.22 -107.32
C GLU B 211 -23.91 7.87 -106.87
N PRO B 212 -23.89 9.20 -106.73
CA PRO B 212 -22.64 9.87 -106.36
C PRO B 212 -22.25 9.67 -104.91
N ASP B 213 -21.21 10.35 -104.48
CA ASP B 213 -20.67 10.21 -103.14
C ASP B 213 -21.47 11.08 -102.15
N ALA B 214 -20.92 11.28 -100.96
CA ALA B 214 -21.60 12.03 -99.92
C ALA B 214 -21.03 13.44 -99.77
N GLY B 215 -21.93 14.39 -99.51
CA GLY B 215 -21.54 15.76 -99.24
C GLY B 215 -21.39 16.04 -97.75
N ARG B 216 -21.16 17.31 -97.43
CA ARG B 216 -20.95 17.72 -96.05
C ARG B 216 -21.82 18.92 -95.73
N ALA B 217 -22.22 19.02 -94.46
CA ALA B 217 -22.88 20.21 -93.95
C ALA B 217 -21.81 21.20 -93.50
N THR B 218 -22.22 22.26 -92.81
CA THR B 218 -21.25 23.24 -92.32
C THR B 218 -21.72 23.80 -90.98
N TRP B 219 -20.76 24.23 -90.18
CA TRP B 219 -21.03 24.83 -88.88
C TRP B 219 -21.11 26.34 -89.03
N VAL B 220 -22.30 26.89 -88.81
CA VAL B 220 -22.51 28.33 -88.93
C VAL B 220 -22.12 29.00 -87.63
N ALA B 221 -21.31 30.04 -87.73
CA ALA B 221 -20.90 30.78 -86.55
C ALA B 221 -22.09 31.52 -85.94
N ALA B 222 -21.92 31.94 -84.69
CA ALA B 222 -23.01 32.65 -84.02
C ALA B 222 -23.11 34.10 -84.49
N SER B 223 -22.07 34.60 -85.17
CA SER B 223 -22.08 35.99 -85.62
C SER B 223 -23.16 36.23 -86.67
N ALA B 224 -23.37 35.27 -87.58
CA ALA B 224 -24.26 35.45 -88.71
C ALA B 224 -25.63 34.82 -88.49
N TYR B 225 -26.16 34.87 -87.27
CA TYR B 225 -27.45 34.24 -87.01
C TYR B 225 -28.59 34.94 -87.75
N GLY B 226 -28.58 36.27 -87.80
CA GLY B 226 -29.69 37.00 -88.38
C GLY B 226 -29.61 37.15 -89.87
N SER B 227 -28.42 37.00 -90.44
CA SER B 227 -28.23 37.18 -91.87
C SER B 227 -28.80 35.98 -92.61
N ASP B 228 -28.60 35.95 -93.93
CA ASP B 228 -29.06 34.83 -94.73
C ASP B 228 -28.08 33.66 -94.77
N ASN B 229 -26.91 33.81 -94.12
CA ASN B 229 -25.99 32.69 -94.01
C ASN B 229 -26.32 31.77 -92.86
N THR B 230 -27.43 32.01 -92.16
CA THR B 230 -27.82 31.12 -91.09
C THR B 230 -28.18 29.72 -91.58
N THR B 231 -28.37 29.54 -92.89
CA THR B 231 -28.64 28.22 -93.44
C THR B 231 -27.41 27.56 -94.05
N GLY B 232 -26.26 28.21 -94.01
CA GLY B 232 -25.05 27.54 -94.45
C GLY B 232 -24.90 27.46 -95.96
N SER B 233 -24.07 26.50 -96.38
CA SER B 233 -23.69 26.34 -97.77
C SER B 233 -24.62 25.35 -98.47
N GLU B 234 -24.22 24.95 -99.68
CA GLU B 234 -25.07 24.19 -100.58
C GLU B 234 -24.37 22.90 -101.02
N VAL B 235 -25.15 21.85 -101.27
CA VAL B 235 -24.63 20.56 -101.68
C VAL B 235 -25.08 20.28 -103.11
N THR B 236 -24.14 19.88 -103.95
CA THR B 236 -24.40 19.60 -105.36
C THR B 236 -24.05 18.15 -105.66
N GLY B 237 -24.77 17.53 -106.60
CA GLY B 237 -24.53 16.16 -106.95
C GLY B 237 -24.77 15.92 -108.43
N ALA B 238 -24.14 14.87 -108.94
CA ALA B 238 -24.27 14.46 -110.32
C ALA B 238 -24.28 12.94 -110.39
N LEU B 239 -24.91 12.41 -111.43
CA LEU B 239 -24.99 10.96 -111.62
C LEU B 239 -23.90 10.51 -112.58
N THR B 240 -23.66 9.20 -112.59
CA THR B 240 -22.62 8.62 -113.43
C THR B 240 -23.10 7.27 -113.94
N GLU B 241 -22.39 6.74 -114.94
CA GLU B 241 -22.86 5.58 -115.68
C GLU B 241 -21.72 4.62 -115.97
N ILE B 242 -22.09 3.37 -116.28
CA ILE B 242 -21.16 2.31 -116.62
C ILE B 242 -21.64 1.63 -117.90
N HIS B 243 -20.82 0.71 -118.40
CA HIS B 243 -21.08 0.06 -119.68
C HIS B 243 -20.75 -1.41 -119.62
N PHE B 244 -21.32 -2.17 -120.57
CA PHE B 244 -21.08 -3.60 -120.71
C PHE B 244 -21.01 -3.96 -122.18
N SER B 245 -20.40 -5.10 -122.49
CA SER B 245 -20.22 -5.54 -123.87
C SER B 245 -20.03 -7.05 -123.89
N THR B 246 -19.74 -7.59 -125.07
CA THR B 246 -19.61 -9.03 -125.27
C THR B 246 -18.51 -9.31 -126.28
N TYR B 247 -18.11 -10.57 -126.36
CA TYR B 247 -17.15 -11.05 -127.34
C TYR B 247 -17.66 -12.35 -127.93
N LYS B 248 -17.19 -12.66 -129.13
CA LYS B 248 -17.68 -13.81 -129.88
C LYS B 248 -16.67 -14.94 -129.89
N LEU B 249 -17.14 -16.16 -129.65
CA LEU B 249 -16.31 -17.35 -129.63
C LEU B 249 -16.77 -18.29 -130.74
N ALA B 250 -15.82 -18.87 -131.47
CA ALA B 250 -16.16 -19.69 -132.62
C ALA B 250 -15.34 -20.97 -132.63
N ALA B 251 -15.91 -22.01 -133.23
CA ALA B 251 -15.22 -23.27 -133.45
C ALA B 251 -15.94 -24.05 -134.54
N LYS B 252 -15.15 -24.75 -135.36
CA LYS B 252 -15.71 -25.43 -136.52
C LYS B 252 -14.94 -26.72 -136.78
N SER B 253 -15.58 -27.63 -137.52
CA SER B 253 -14.96 -28.89 -137.88
C SER B 253 -15.63 -29.43 -139.13
N PHE B 254 -14.96 -30.38 -139.79
CA PHE B 254 -15.46 -30.99 -141.00
C PHE B 254 -15.43 -32.52 -140.89
N ILE B 255 -16.34 -33.15 -141.64
CA ILE B 255 -16.36 -34.60 -141.72
C ILE B 255 -16.78 -35.02 -143.12
N THR B 256 -15.86 -35.60 -143.88
CA THR B 256 -16.23 -36.06 -145.20
C THR B 256 -17.14 -37.27 -145.09
N ASP B 257 -17.73 -37.66 -146.22
CA ASP B 257 -18.60 -38.83 -146.22
C ASP B 257 -17.86 -40.10 -146.58
N GLU B 258 -16.75 -39.99 -147.31
CA GLU B 258 -15.99 -41.17 -147.68
C GLU B 258 -15.02 -41.62 -146.60
N THR B 259 -14.98 -40.94 -145.45
CA THR B 259 -14.23 -41.40 -144.30
C THR B 259 -15.13 -41.76 -143.14
N GLU B 260 -16.39 -42.10 -143.42
CA GLU B 260 -17.25 -42.73 -142.44
C GLU B 260 -17.91 -44.00 -142.97
N GLU B 261 -18.01 -44.19 -144.28
CA GLU B 261 -18.49 -45.47 -144.80
C GLU B 261 -17.42 -46.54 -144.64
N ASP B 262 -16.17 -46.20 -144.90
CA ASP B 262 -15.05 -47.13 -144.72
C ASP B 262 -14.51 -47.04 -143.30
N ALA B 263 -15.42 -47.26 -142.36
CA ALA B 263 -15.08 -47.39 -140.95
C ALA B 263 -16.15 -48.26 -140.31
N ILE B 264 -15.74 -49.07 -139.32
CA ILE B 264 -16.67 -50.03 -138.74
C ILE B 264 -17.79 -49.31 -138.00
N PHE B 265 -17.48 -48.19 -137.37
CA PHE B 265 -18.44 -47.44 -136.58
C PHE B 265 -18.43 -45.98 -137.00
N SER B 266 -19.38 -45.22 -136.48
CA SER B 266 -19.51 -43.82 -136.85
C SER B 266 -18.72 -42.94 -135.88
N LEU B 267 -18.36 -41.75 -136.37
CA LEU B 267 -17.53 -40.83 -135.61
C LEU B 267 -18.22 -39.51 -135.30
N LEU B 268 -19.44 -39.30 -135.78
CA LEU B 268 -20.12 -38.03 -135.53
C LEU B 268 -20.31 -37.73 -134.05
N PRO B 269 -20.77 -38.65 -133.20
CA PRO B 269 -20.94 -38.30 -131.79
C PRO B 269 -19.66 -37.80 -131.17
N LEU B 270 -18.53 -38.43 -131.51
CA LEU B 270 -17.25 -37.97 -131.00
C LEU B 270 -16.94 -36.56 -131.49
N LEU B 271 -17.25 -36.26 -132.74
CA LEU B 271 -16.97 -34.94 -133.29
C LEU B 271 -17.76 -33.86 -132.55
N ARG B 272 -19.06 -34.09 -132.36
CA ARG B 272 -19.88 -33.11 -131.65
C ARG B 272 -19.41 -32.95 -130.21
N LYS B 273 -19.09 -34.08 -129.56
CA LYS B 273 -18.58 -34.01 -128.20
C LYS B 273 -17.33 -33.15 -128.11
N ARG B 274 -16.40 -33.36 -129.05
CA ARG B 274 -15.16 -32.59 -129.02
C ARG B 274 -15.43 -31.12 -129.25
N LEU B 275 -16.35 -30.79 -130.15
CA LEU B 275 -16.68 -29.38 -130.38
C LEU B 275 -17.18 -28.72 -129.09
N ILE B 276 -18.16 -29.34 -128.45
CA ILE B 276 -18.76 -28.73 -127.27
C ILE B 276 -17.73 -28.59 -126.16
N GLU B 277 -16.96 -29.64 -125.90
CA GLU B 277 -16.03 -29.58 -124.79
C GLU B 277 -14.86 -28.65 -125.10
N ALA B 278 -14.52 -28.47 -126.37
CA ALA B 278 -13.51 -27.47 -126.71
C ALA B 278 -14.02 -26.07 -126.42
N HIS B 279 -15.30 -25.80 -126.72
CA HIS B 279 -15.87 -24.52 -126.33
C HIS B 279 -15.76 -24.30 -124.83
N ALA B 280 -16.16 -25.30 -124.04
CA ALA B 280 -16.14 -25.15 -122.59
C ALA B 280 -14.72 -24.91 -122.08
N VAL B 281 -13.75 -25.67 -122.58
CA VAL B 281 -12.37 -25.50 -122.13
C VAL B 281 -11.87 -24.10 -122.47
N SER B 282 -12.14 -23.64 -123.69
CA SER B 282 -11.62 -22.34 -124.09
C SER B 282 -12.23 -21.22 -123.25
N ILE B 283 -13.53 -21.28 -123.01
CA ILE B 283 -14.15 -20.20 -122.24
C ILE B 283 -13.64 -20.21 -120.81
N GLU B 284 -13.45 -21.40 -120.23
CA GLU B 284 -12.94 -21.46 -118.86
C GLU B 284 -11.53 -20.90 -118.77
N GLU B 285 -10.67 -21.27 -119.72
CA GLU B 285 -9.30 -20.78 -119.70
C GLU B 285 -9.27 -19.26 -119.88
N ALA B 286 -10.11 -18.73 -120.78
CA ALA B 286 -10.12 -17.29 -120.99
C ALA B 286 -10.62 -16.56 -119.75
N PHE B 287 -11.61 -17.11 -119.07
CA PHE B 287 -12.08 -16.47 -117.84
C PHE B 287 -11.02 -16.47 -116.76
N MET B 288 -10.23 -17.55 -116.67
CA MET B 288 -9.08 -17.51 -115.77
C MET B 288 -8.08 -16.44 -116.16
N THR B 289 -7.44 -16.59 -117.32
CA THR B 289 -6.28 -15.76 -117.65
C THR B 289 -6.39 -15.12 -119.02
N GLY B 290 -7.60 -14.77 -119.45
CA GLY B 290 -7.74 -14.08 -120.71
C GLY B 290 -7.16 -12.68 -120.67
N ASP B 291 -6.63 -12.25 -121.80
CA ASP B 291 -6.09 -10.91 -121.94
C ASP B 291 -7.22 -9.94 -122.28
N GLY B 292 -6.87 -8.73 -122.70
CA GLY B 292 -7.89 -7.75 -123.01
C GLY B 292 -8.11 -7.50 -124.48
N SER B 293 -7.16 -7.89 -125.31
CA SER B 293 -7.24 -7.60 -126.75
C SER B 293 -8.05 -8.70 -127.40
N GLY B 294 -9.33 -8.40 -127.66
CA GLY B 294 -10.20 -9.33 -128.34
C GLY B 294 -10.74 -10.45 -127.49
N LYS B 295 -10.35 -10.52 -126.22
CA LYS B 295 -10.79 -11.58 -125.32
C LYS B 295 -11.17 -10.98 -123.98
N PRO B 296 -12.05 -11.64 -123.23
CA PRO B 296 -12.38 -11.16 -121.89
C PRO B 296 -11.15 -11.10 -121.00
N LYS B 297 -11.10 -10.07 -120.16
CA LYS B 297 -10.00 -9.94 -119.22
C LYS B 297 -10.13 -10.97 -118.11
N GLY B 298 -9.08 -11.76 -117.92
CA GLY B 298 -9.14 -12.79 -116.90
C GLY B 298 -9.05 -12.22 -115.50
N LEU B 299 -9.50 -13.02 -114.53
CA LEU B 299 -9.40 -12.61 -113.14
C LEU B 299 -7.95 -12.30 -112.78
N LEU B 300 -7.02 -13.08 -113.29
CA LEU B 300 -5.61 -12.83 -113.01
C LEU B 300 -5.18 -11.48 -113.58
N THR B 301 -5.60 -11.18 -114.81
CA THR B 301 -5.27 -9.90 -115.41
C THR B 301 -5.98 -8.75 -114.71
N LEU B 302 -7.22 -8.98 -114.28
CA LEU B 302 -7.95 -7.95 -113.54
C LEU B 302 -7.23 -7.60 -112.25
N ALA B 303 -6.80 -8.62 -111.50
CA ALA B 303 -6.06 -8.38 -110.27
C ALA B 303 -4.73 -7.72 -110.57
N SER B 304 -4.10 -8.08 -111.69
CA SER B 304 -2.82 -7.48 -112.05
C SER B 304 -2.97 -6.00 -112.34
N GLU B 305 -4.04 -5.60 -113.05
CA GLU B 305 -4.17 -4.22 -113.45
C GLU B 305 -4.73 -3.31 -112.37
N ASP B 306 -5.16 -3.86 -111.25
CA ASP B 306 -5.53 -3.06 -110.09
C ASP B 306 -4.41 -2.95 -109.07
N SER B 307 -3.22 -3.46 -109.40
CA SER B 307 -2.09 -3.57 -108.48
C SER B 307 -2.41 -4.41 -107.25
N ALA B 308 -3.26 -5.42 -107.40
CA ALA B 308 -3.63 -6.31 -106.31
C ALA B 308 -2.89 -7.63 -106.37
N LYS B 309 -1.82 -7.72 -107.14
CA LYS B 309 -1.01 -8.92 -107.25
C LYS B 309 0.08 -8.85 -106.21
N VAL B 310 -0.12 -9.56 -105.11
CA VAL B 310 0.84 -9.57 -104.00
C VAL B 310 1.97 -10.52 -104.30
N THR B 311 3.21 -10.05 -104.17
CA THR B 311 4.40 -10.87 -104.40
C THR B 311 4.81 -11.48 -103.06
N THR B 312 4.48 -12.74 -102.87
CA THR B 312 4.77 -13.41 -101.60
C THR B 312 6.23 -13.87 -101.59
N GLU B 313 6.55 -14.71 -100.61
CA GLU B 313 7.91 -15.19 -100.43
C GLU B 313 8.15 -16.57 -101.04
N ALA B 314 7.09 -17.28 -101.40
CA ALA B 314 7.26 -18.60 -102.02
C ALA B 314 8.05 -18.47 -103.31
N LYS B 315 8.96 -19.41 -103.52
CA LYS B 315 9.86 -19.37 -104.66
C LYS B 315 9.41 -20.34 -105.73
N ALA B 316 9.74 -20.02 -106.98
CA ALA B 316 9.32 -20.85 -108.10
C ALA B 316 10.01 -22.22 -108.06
N ASP B 317 11.30 -22.24 -107.71
CA ASP B 317 12.03 -23.51 -107.74
C ASP B 317 11.47 -24.49 -106.71
N GLY B 318 11.12 -24.01 -105.53
CA GLY B 318 10.56 -24.86 -104.50
C GLY B 318 11.31 -24.79 -103.19
N SER B 319 12.20 -23.80 -103.06
CA SER B 319 12.94 -23.65 -101.82
C SER B 319 12.02 -23.32 -100.65
N VAL B 320 11.03 -22.47 -100.88
CA VAL B 320 10.06 -22.08 -99.86
C VAL B 320 8.68 -22.49 -100.35
N LEU B 321 7.95 -23.21 -99.50
CA LEU B 321 6.63 -23.70 -99.87
C LEU B 321 5.59 -22.60 -99.66
N VAL B 322 4.38 -22.84 -100.15
CA VAL B 322 3.25 -21.93 -99.95
C VAL B 322 2.54 -22.35 -98.68
N THR B 323 2.39 -21.42 -97.75
CA THR B 323 1.80 -21.70 -96.45
C THR B 323 0.37 -21.20 -96.39
N ALA B 324 -0.35 -21.68 -95.38
CA ALA B 324 -1.72 -21.21 -95.16
C ALA B 324 -1.73 -19.74 -94.77
N LYS B 325 -0.76 -19.32 -93.95
CA LYS B 325 -0.72 -17.94 -93.49
C LYS B 325 -0.58 -16.98 -94.67
N THR B 326 0.23 -17.34 -95.66
CA THR B 326 0.37 -16.49 -96.84
C THR B 326 -0.95 -16.28 -97.53
N ILE B 327 -1.73 -17.35 -97.69
CA ILE B 327 -3.03 -17.23 -98.34
C ILE B 327 -3.97 -16.38 -97.51
N SER B 328 -3.95 -16.54 -96.18
CA SER B 328 -4.82 -15.71 -95.35
C SER B 328 -4.45 -14.24 -95.43
N LYS B 329 -3.16 -13.93 -95.52
CA LYS B 329 -2.72 -12.54 -95.54
C LYS B 329 -3.19 -11.80 -96.79
N LEU B 330 -3.64 -12.52 -97.82
CA LEU B 330 -4.11 -11.85 -99.02
C LEU B 330 -5.38 -11.04 -98.76
N ARG B 331 -6.15 -11.40 -97.74
CA ARG B 331 -7.43 -10.76 -97.51
C ARG B 331 -7.28 -9.29 -97.14
N ARG B 332 -6.08 -8.85 -96.78
CA ARG B 332 -5.91 -7.46 -96.39
C ARG B 332 -6.17 -6.52 -97.56
N LYS B 333 -5.68 -6.85 -98.75
CA LYS B 333 -5.80 -5.93 -99.87
C LYS B 333 -7.22 -5.87 -100.42
N LEU B 334 -8.13 -6.72 -99.95
CA LEU B 334 -9.52 -6.58 -100.35
C LEU B 334 -10.17 -5.37 -99.74
N GLY B 335 -9.59 -4.80 -98.69
CA GLY B 335 -10.14 -3.59 -98.10
C GLY B 335 -11.49 -3.85 -97.44
N ARG B 336 -12.43 -2.93 -97.69
CA ARG B 336 -13.71 -2.98 -97.02
C ARG B 336 -14.50 -4.23 -97.38
N HIS B 337 -14.16 -4.87 -98.50
CA HIS B 337 -14.87 -6.08 -98.91
C HIS B 337 -14.36 -7.33 -98.21
N GLY B 338 -13.20 -7.26 -97.58
CA GLY B 338 -12.63 -8.42 -96.92
C GLY B 338 -13.05 -8.65 -95.50
N LEU B 339 -13.88 -7.78 -94.94
CA LEU B 339 -14.28 -7.95 -93.55
C LEU B 339 -15.28 -9.08 -93.35
N LYS B 340 -15.90 -9.56 -94.42
CA LYS B 340 -16.85 -10.66 -94.35
C LYS B 340 -16.26 -11.90 -95.00
N LEU B 341 -16.62 -13.07 -94.46
CA LEU B 341 -16.11 -14.32 -95.01
C LEU B 341 -17.08 -14.96 -95.99
N SER B 342 -18.38 -14.91 -95.71
CA SER B 342 -19.35 -15.65 -96.51
C SER B 342 -19.46 -15.13 -97.93
N LYS B 343 -18.88 -13.97 -98.24
CA LYS B 343 -18.97 -13.39 -99.56
C LYS B 343 -17.69 -13.58 -100.38
N LEU B 344 -16.81 -14.48 -99.97
CA LEU B 344 -15.57 -14.70 -100.68
C LEU B 344 -15.45 -16.13 -101.18
N VAL B 345 -14.59 -16.31 -102.18
CA VAL B 345 -14.29 -17.61 -102.76
C VAL B 345 -12.79 -17.69 -102.98
N LEU B 346 -12.19 -18.81 -102.58
CA LEU B 346 -10.76 -19.02 -102.72
C LEU B 346 -10.49 -20.12 -103.72
N ILE B 347 -9.52 -19.91 -104.60
CA ILE B 347 -9.16 -20.86 -105.64
C ILE B 347 -7.64 -21.01 -105.63
N VAL B 348 -7.16 -22.25 -105.70
CA VAL B 348 -5.73 -22.53 -105.65
C VAL B 348 -5.36 -23.52 -106.75
N SER B 349 -4.17 -23.31 -107.32
CA SER B 349 -3.61 -24.28 -108.24
C SER B 349 -3.23 -25.54 -107.49
N MET B 350 -3.10 -26.65 -108.23
CA MET B 350 -2.86 -27.93 -107.59
C MET B 350 -1.54 -27.93 -106.82
N ASP B 351 -0.52 -27.25 -107.35
CA ASP B 351 0.77 -27.21 -106.67
C ASP B 351 0.64 -26.57 -105.29
N ALA B 352 -0.11 -25.47 -105.20
CA ALA B 352 -0.31 -24.83 -103.91
C ALA B 352 -1.05 -25.77 -102.97
N TYR B 353 -1.99 -26.56 -103.49
CA TYR B 353 -2.70 -27.50 -102.64
C TYR B 353 -1.75 -28.56 -102.08
N TYR B 354 -0.89 -29.11 -102.94
CA TYR B 354 0.05 -30.12 -102.47
C TYR B 354 1.03 -29.55 -101.47
N ASP B 355 1.39 -28.27 -101.63
CA ASP B 355 2.28 -27.65 -100.65
C ASP B 355 1.54 -27.36 -99.34
N LEU B 356 0.26 -27.00 -99.42
CA LEU B 356 -0.55 -26.83 -98.21
C LEU B 356 -0.66 -28.13 -97.45
N LEU B 357 -0.67 -29.25 -98.15
CA LEU B 357 -0.77 -30.54 -97.47
C LEU B 357 0.39 -30.79 -96.51
N GLU B 358 1.56 -30.18 -96.77
CA GLU B 358 2.75 -30.44 -95.97
C GLU B 358 3.07 -29.31 -95.01
N ASP B 359 2.13 -28.42 -94.75
CA ASP B 359 2.40 -27.30 -93.87
C ASP B 359 2.53 -27.78 -92.43
N GLU B 360 3.58 -27.35 -91.74
CA GLU B 360 3.80 -27.81 -90.37
C GLU B 360 2.78 -27.26 -89.39
N GLU B 361 1.98 -26.27 -89.80
CA GLU B 361 1.03 -25.64 -88.91
C GLU B 361 -0.31 -26.37 -88.85
N TRP B 362 -0.50 -27.38 -89.69
CA TRP B 362 -1.75 -28.12 -89.65
C TRP B 362 -1.52 -29.60 -89.39
N GLN B 363 -0.29 -29.99 -89.02
CA GLN B 363 0.01 -31.38 -88.78
C GLN B 363 -0.53 -31.85 -87.43
N ASP B 364 -0.11 -31.20 -86.36
CA ASP B 364 -0.42 -31.68 -85.02
C ASP B 364 -1.90 -31.60 -84.73
N VAL B 365 -2.39 -32.56 -83.95
CA VAL B 365 -3.78 -32.50 -83.50
C VAL B 365 -3.98 -31.33 -82.54
N ALA B 366 -3.06 -31.16 -81.60
CA ALA B 366 -3.19 -30.09 -80.62
C ALA B 366 -3.13 -28.71 -81.28
N GLN B 367 -2.50 -28.62 -82.45
CA GLN B 367 -2.42 -27.33 -83.13
C GLN B 367 -3.78 -26.91 -83.66
N VAL B 368 -4.39 -27.74 -84.49
CA VAL B 368 -5.64 -27.42 -85.16
C VAL B 368 -6.62 -28.56 -84.87
N GLY B 369 -7.36 -28.44 -83.77
CA GLY B 369 -8.52 -29.27 -83.49
C GLY B 369 -8.47 -30.72 -83.91
N ASN B 370 -9.56 -31.16 -84.53
CA ASN B 370 -9.72 -32.56 -84.92
C ASN B 370 -9.33 -32.81 -86.37
N ASP B 371 -9.31 -31.77 -87.21
CA ASP B 371 -9.06 -31.91 -88.63
C ASP B 371 -7.61 -31.68 -89.01
N ALA B 372 -6.68 -32.11 -88.16
CA ALA B 372 -5.27 -32.01 -88.49
C ALA B 372 -4.93 -32.93 -89.66
N VAL B 373 -3.86 -32.58 -90.38
CA VAL B 373 -3.50 -33.32 -91.59
C VAL B 373 -3.13 -34.76 -91.26
N LYS B 374 -2.42 -34.96 -90.15
CA LYS B 374 -1.92 -36.30 -89.83
C LYS B 374 -3.04 -37.32 -89.70
N LEU B 375 -4.26 -36.87 -89.47
CA LEU B 375 -5.38 -37.78 -89.35
C LEU B 375 -6.28 -37.81 -90.58
N GLN B 376 -6.17 -36.82 -91.46
CA GLN B 376 -7.07 -36.73 -92.60
C GLN B 376 -6.34 -36.81 -93.93
N GLY B 377 -5.24 -36.09 -94.09
CA GLY B 377 -4.60 -36.02 -95.38
C GLY B 377 -5.25 -35.05 -96.33
N GLN B 378 -6.33 -34.39 -95.93
CA GLN B 378 -7.04 -33.43 -96.75
C GLN B 378 -7.18 -32.13 -95.98
N VAL B 379 -7.22 -31.02 -96.71
CA VAL B 379 -7.38 -29.70 -96.12
C VAL B 379 -8.67 -29.10 -96.68
N GLY B 380 -9.61 -28.80 -95.78
CA GLY B 380 -10.85 -28.18 -96.18
C GLY B 380 -10.85 -26.69 -95.93
N ARG B 381 -11.47 -26.28 -94.83
CA ARG B 381 -11.47 -24.87 -94.48
C ARG B 381 -10.08 -24.43 -94.05
N ILE B 382 -9.60 -23.36 -94.66
CA ILE B 382 -8.33 -22.75 -94.30
C ILE B 382 -8.62 -21.33 -93.84
N TYR B 383 -8.41 -21.06 -92.55
CA TYR B 383 -8.71 -19.76 -91.96
C TYR B 383 -10.14 -19.35 -92.23
N GLY B 384 -11.06 -20.32 -92.20
CA GLY B 384 -12.45 -20.04 -92.45
C GLY B 384 -12.86 -19.99 -93.91
N LEU B 385 -11.89 -19.99 -94.83
CA LEU B 385 -12.18 -19.94 -96.25
C LEU B 385 -12.21 -21.35 -96.80
N PRO B 386 -13.33 -21.84 -97.33
CA PRO B 386 -13.29 -23.14 -98.01
C PRO B 386 -12.37 -23.07 -99.21
N VAL B 387 -11.58 -24.12 -99.39
CA VAL B 387 -10.57 -24.14 -100.43
C VAL B 387 -11.08 -24.95 -101.61
N VAL B 388 -10.82 -24.44 -102.81
CA VAL B 388 -11.24 -25.07 -104.05
C VAL B 388 -10.04 -25.14 -104.98
N VAL B 389 -9.81 -26.32 -105.55
CA VAL B 389 -8.63 -26.57 -106.37
C VAL B 389 -9.01 -26.45 -107.83
N SER B 390 -8.16 -25.78 -108.60
CA SER B 390 -8.29 -25.72 -110.04
C SER B 390 -6.93 -25.97 -110.67
N GLU B 391 -6.93 -26.39 -111.92
CA GLU B 391 -5.70 -26.77 -112.61
C GLU B 391 -5.35 -25.84 -113.75
N TYR B 392 -6.06 -24.72 -113.89
CA TYR B 392 -5.89 -23.83 -115.02
C TYR B 392 -5.07 -22.59 -114.70
N PHE B 393 -4.38 -22.57 -113.56
CA PHE B 393 -3.47 -21.49 -113.28
C PHE B 393 -2.26 -21.59 -114.20
N PRO B 394 -1.59 -20.47 -114.45
CA PRO B 394 -0.40 -20.50 -115.31
C PRO B 394 0.68 -21.40 -114.73
N ALA B 395 1.67 -21.68 -115.57
CA ALA B 395 2.74 -22.60 -115.21
C ALA B 395 3.53 -22.06 -114.02
N LYS B 396 4.01 -22.98 -113.19
CA LYS B 396 4.78 -22.62 -112.00
C LYS B 396 6.09 -21.97 -112.40
N ALA B 397 6.20 -20.66 -112.19
CA ALA B 397 7.42 -19.93 -112.52
C ALA B 397 7.44 -18.64 -111.71
N ALA B 398 8.60 -18.00 -111.70
CA ALA B 398 8.74 -16.74 -110.97
C ALA B 398 7.80 -15.69 -111.54
N GLY B 399 7.09 -14.99 -110.66
CA GLY B 399 6.16 -13.97 -111.07
C GLY B 399 4.78 -14.46 -111.43
N LYS B 400 4.54 -15.76 -111.40
CA LYS B 400 3.22 -16.29 -111.70
C LYS B 400 2.44 -16.49 -110.41
N GLU B 401 1.13 -16.68 -110.55
CA GLU B 401 0.23 -16.74 -109.41
C GLU B 401 -0.16 -18.17 -109.09
N PHE B 402 -0.66 -18.36 -107.86
CA PHE B 402 -1.12 -19.66 -107.42
C PHE B 402 -2.42 -19.62 -106.63
N ALA B 403 -2.96 -18.45 -106.29
CA ALA B 403 -4.17 -18.39 -105.51
C ALA B 403 -4.89 -17.07 -105.77
N VAL B 404 -6.21 -17.12 -105.80
CA VAL B 404 -7.03 -15.95 -106.10
C VAL B 404 -8.20 -15.92 -105.13
N ILE B 405 -8.40 -14.77 -104.49
CA ILE B 405 -9.58 -14.52 -103.66
C ILE B 405 -10.41 -13.45 -104.36
N VAL B 406 -11.68 -13.74 -104.56
CA VAL B 406 -12.55 -12.91 -105.39
C VAL B 406 -13.81 -12.58 -104.60
N TYR B 407 -14.24 -11.32 -104.68
CA TYR B 407 -15.55 -10.93 -104.16
C TYR B 407 -16.60 -11.43 -105.13
N LYS B 408 -17.47 -12.33 -104.66
CA LYS B 408 -18.27 -13.13 -105.57
C LYS B 408 -19.27 -12.29 -106.35
N ASP B 409 -20.06 -11.48 -105.66
CA ASP B 409 -21.20 -10.84 -106.30
C ASP B 409 -20.83 -9.57 -107.05
N ASN B 410 -19.55 -9.25 -107.17
CA ASN B 410 -19.10 -8.06 -107.87
C ASN B 410 -18.95 -8.29 -109.36
N PHE B 411 -19.20 -9.50 -109.86
CA PHE B 411 -18.95 -9.85 -111.24
C PHE B 411 -20.22 -10.33 -111.90
N VAL B 412 -20.36 -10.03 -113.19
CA VAL B 412 -21.48 -10.52 -113.99
C VAL B 412 -20.94 -11.07 -115.30
N MET B 413 -21.78 -11.86 -115.97
CA MET B 413 -21.44 -12.52 -117.22
C MET B 413 -22.45 -12.11 -118.27
N PRO B 414 -22.21 -11.02 -118.97
CA PRO B 414 -23.09 -10.64 -120.07
C PRO B 414 -23.09 -11.72 -121.16
N ARG B 415 -24.25 -11.94 -121.77
CA ARG B 415 -24.40 -12.98 -122.77
C ARG B 415 -25.45 -12.55 -123.78
N GLN B 416 -25.04 -12.49 -125.06
CA GLN B 416 -25.93 -12.04 -126.12
C GLN B 416 -26.65 -13.19 -126.79
N ARG B 417 -25.90 -14.20 -127.24
CA ARG B 417 -26.50 -15.41 -127.78
C ARG B 417 -25.78 -16.63 -127.21
N ALA B 418 -26.54 -17.69 -127.03
CA ALA B 418 -26.06 -18.89 -126.36
C ALA B 418 -25.19 -19.71 -127.32
N VAL B 419 -24.92 -20.96 -126.96
CA VAL B 419 -24.16 -21.86 -127.81
C VAL B 419 -25.09 -22.38 -128.90
N THR B 420 -24.74 -22.12 -130.15
CA THR B 420 -25.54 -22.52 -131.30
C THR B 420 -24.67 -23.35 -132.23
N VAL B 421 -25.24 -24.43 -132.78
CA VAL B 421 -24.56 -25.31 -133.70
C VAL B 421 -25.25 -25.22 -135.06
N GLU B 422 -24.46 -25.00 -136.11
CA GLU B 422 -24.97 -24.86 -137.46
C GLU B 422 -24.44 -26.00 -138.31
N ARG B 423 -25.35 -26.79 -138.87
CA ARG B 423 -24.98 -27.92 -139.71
C ARG B 423 -24.99 -27.47 -141.16
N GLU B 424 -23.88 -27.71 -141.85
CA GLU B 424 -23.71 -27.22 -143.20
C GLU B 424 -23.30 -28.38 -144.09
N ARG B 425 -23.57 -28.22 -145.39
CA ARG B 425 -23.28 -29.24 -146.39
C ARG B 425 -22.60 -28.60 -147.58
N GLN B 426 -21.47 -29.15 -148.00
CA GLN B 426 -20.72 -28.67 -149.15
C GLN B 426 -20.70 -29.79 -150.18
N ALA B 427 -21.56 -29.69 -151.19
CA ALA B 427 -21.59 -30.72 -152.22
C ALA B 427 -20.29 -30.76 -152.99
N GLY B 428 -19.68 -29.61 -153.23
CA GLY B 428 -18.45 -29.56 -154.00
C GLY B 428 -17.28 -30.24 -153.34
N LYS B 429 -17.40 -30.59 -152.07
CA LYS B 429 -16.34 -31.27 -151.35
C LYS B 429 -16.79 -32.57 -150.69
N GLN B 430 -18.05 -32.96 -150.83
CA GLN B 430 -18.59 -34.15 -150.18
C GLN B 430 -18.44 -34.09 -148.67
N ARG B 431 -18.33 -32.87 -148.14
CA ARG B 431 -17.99 -32.64 -146.74
C ARG B 431 -19.19 -32.08 -146.00
N ASP B 432 -19.16 -32.22 -144.68
CA ASP B 432 -20.14 -31.63 -143.79
C ASP B 432 -19.41 -30.80 -142.75
N ALA B 433 -19.62 -29.49 -142.78
CA ALA B 433 -19.01 -28.58 -141.84
C ALA B 433 -19.96 -28.34 -140.69
N TYR B 434 -19.42 -28.27 -139.48
CA TYR B 434 -20.19 -27.94 -138.30
C TYR B 434 -19.63 -26.67 -137.69
N TYR B 435 -20.51 -25.71 -137.43
CA TYR B 435 -20.12 -24.41 -136.90
C TYR B 435 -20.80 -24.20 -135.56
N VAL B 436 -20.01 -23.89 -134.53
CA VAL B 436 -20.53 -23.64 -133.19
C VAL B 436 -19.98 -22.31 -132.71
N THR B 437 -20.87 -21.44 -132.22
CA THR B 437 -20.48 -20.10 -131.79
C THR B 437 -21.28 -19.70 -130.56
N GLN B 438 -20.76 -18.71 -129.85
CA GLN B 438 -21.44 -18.11 -128.71
C GLN B 438 -20.82 -16.75 -128.43
N ARG B 439 -21.54 -15.93 -127.67
CA ARG B 439 -21.13 -14.57 -127.36
C ARG B 439 -21.21 -14.34 -125.86
N VAL B 440 -20.09 -14.10 -125.20
CA VAL B 440 -20.04 -13.89 -123.76
C VAL B 440 -18.88 -12.95 -123.42
N ASN B 441 -18.83 -12.54 -122.15
CA ASN B 441 -17.76 -11.71 -121.63
C ASN B 441 -17.83 -11.77 -120.11
N LEU B 442 -16.79 -11.26 -119.47
CA LEU B 442 -16.70 -11.21 -118.01
C LEU B 442 -16.46 -9.78 -117.57
N GLN B 443 -17.47 -9.18 -116.95
CA GLN B 443 -17.40 -7.78 -116.55
C GLN B 443 -17.76 -7.65 -115.07
N ARG B 444 -17.30 -6.57 -114.47
CA ARG B 444 -17.57 -6.28 -113.07
C ARG B 444 -18.20 -4.90 -112.94
N TYR B 445 -18.97 -4.73 -111.86
CA TYR B 445 -19.61 -3.44 -111.63
C TYR B 445 -18.60 -2.35 -111.33
N PHE B 446 -17.69 -2.61 -110.39
CA PHE B 446 -16.74 -1.61 -109.92
C PHE B 446 -15.32 -2.12 -110.04
N GLU B 447 -14.37 -1.20 -109.98
CA GLU B 447 -12.97 -1.50 -110.26
C GLU B 447 -12.24 -1.97 -109.01
N ASN B 448 -12.75 -3.05 -108.41
CA ASN B 448 -12.11 -3.68 -107.26
C ASN B 448 -12.89 -4.93 -106.90
N GLY B 449 -12.31 -5.74 -106.02
CA GLY B 449 -12.94 -6.92 -105.51
C GLY B 449 -12.25 -8.24 -105.83
N VAL B 450 -10.97 -8.23 -106.16
CA VAL B 450 -10.24 -9.45 -106.47
C VAL B 450 -8.79 -9.27 -106.04
N VAL B 451 -8.23 -10.32 -105.45
CA VAL B 451 -6.84 -10.33 -104.99
C VAL B 451 -6.20 -11.63 -105.43
N SER B 452 -4.99 -11.53 -105.98
CA SER B 452 -4.24 -12.69 -106.44
C SER B 452 -2.84 -12.66 -105.85
N GLY B 453 -2.41 -13.79 -105.29
CA GLY B 453 -1.07 -13.94 -104.75
C GLY B 453 -0.18 -14.64 -105.76
N ALA B 454 1.10 -14.28 -105.75
CA ALA B 454 2.03 -14.75 -106.76
C ALA B 454 3.33 -15.21 -106.11
N TYR B 455 4.10 -15.98 -106.87
CA TYR B 455 5.40 -16.44 -106.43
C TYR B 455 6.36 -15.26 -106.35
N ALA B 456 7.58 -15.53 -105.87
CA ALA B 456 8.60 -14.50 -105.76
C ALA B 456 9.13 -14.17 -107.15
N ALA B 457 10.16 -13.35 -107.21
CA ALA B 457 10.74 -12.96 -108.48
C ALA B 457 12.22 -13.31 -108.54
N ASN C 162 22.48 -98.06 -72.99
CA ASN C 162 23.09 -96.99 -72.20
C ASN C 162 24.28 -97.53 -71.40
N GLN C 163 24.49 -98.85 -71.50
CA GLN C 163 25.61 -99.56 -70.90
C GLN C 163 25.97 -99.07 -69.50
N SER C 164 24.95 -98.81 -68.67
CA SER C 164 25.18 -98.51 -67.26
C SER C 164 24.84 -99.68 -66.36
N SER C 165 23.74 -100.38 -66.62
CA SER C 165 23.37 -101.57 -65.88
C SER C 165 24.14 -102.76 -66.43
N SER C 166 23.85 -103.95 -65.92
CA SER C 166 24.48 -105.14 -66.47
C SER C 166 23.97 -105.43 -67.88
N VAL C 167 22.67 -105.32 -68.09
CA VAL C 167 22.04 -105.66 -69.35
C VAL C 167 21.56 -104.39 -70.04
N GLU C 168 21.92 -104.23 -71.31
CA GLU C 168 21.56 -103.04 -72.04
C GLU C 168 21.14 -103.41 -73.45
N VAL C 169 20.38 -102.51 -74.06
CA VAL C 169 19.74 -102.79 -75.35
C VAL C 169 20.77 -102.61 -76.47
N SER C 170 20.47 -103.21 -77.62
CA SER C 170 21.47 -103.34 -78.69
C SER C 170 21.84 -101.99 -79.28
N SER C 171 20.84 -101.20 -79.68
CA SER C 171 21.08 -100.02 -80.50
C SER C 171 20.22 -98.85 -80.03
N GLU C 172 20.66 -97.66 -80.41
CA GLU C 172 19.94 -96.44 -80.04
C GLU C 172 18.53 -96.42 -80.60
N SER C 173 18.29 -97.10 -81.71
CA SER C 173 16.96 -97.07 -82.33
C SER C 173 15.91 -97.66 -81.43
N TYR C 174 16.30 -98.55 -80.51
CA TYR C 174 15.39 -99.07 -79.50
C TYR C 174 15.42 -98.24 -78.22
N GLU C 175 16.14 -97.12 -78.21
CA GLU C 175 16.10 -96.17 -77.12
C GLU C 175 15.29 -94.93 -77.46
N THR C 176 14.97 -94.74 -78.74
CA THR C 176 14.39 -93.51 -79.26
C THR C 176 12.91 -93.70 -79.55
N ILE C 177 12.22 -92.57 -79.73
CA ILE C 177 10.86 -92.56 -80.24
C ILE C 177 10.87 -91.71 -81.50
N PHE C 178 10.39 -92.27 -82.60
CA PHE C 178 10.31 -91.55 -83.86
C PHE C 178 8.86 -91.11 -84.07
N SER C 179 8.62 -89.82 -83.91
CA SER C 179 7.28 -89.27 -84.07
C SER C 179 7.02 -88.95 -85.52
N GLN C 180 5.76 -89.05 -85.92
CA GLN C 180 5.36 -88.70 -87.27
C GLN C 180 4.91 -87.25 -87.39
N ARG C 181 4.96 -86.49 -86.30
CA ARG C 181 4.51 -85.11 -86.34
C ARG C 181 5.45 -84.27 -87.19
N ILE C 182 4.87 -83.50 -88.10
CA ILE C 182 5.62 -82.69 -89.05
C ILE C 182 5.24 -81.23 -88.82
N ILE C 183 6.25 -80.38 -88.62
CA ILE C 183 6.01 -79.00 -88.23
C ILE C 183 6.75 -78.09 -89.21
N ARG C 184 6.38 -76.81 -89.20
CA ARG C 184 6.96 -75.83 -90.10
C ARG C 184 7.04 -74.48 -89.41
N ASP C 185 7.98 -73.65 -89.88
CA ASP C 185 8.19 -72.33 -89.31
C ASP C 185 7.17 -71.33 -89.86
N LEU C 186 7.36 -70.07 -89.50
CA LEU C 186 6.54 -69.00 -90.05
C LEU C 186 6.94 -68.72 -91.49
N GLN C 187 5.95 -68.44 -92.32
CA GLN C 187 6.17 -68.23 -93.75
C GLN C 187 5.77 -66.82 -94.15
N LYS C 188 6.53 -66.27 -95.09
CA LYS C 188 6.24 -64.92 -95.58
C LYS C 188 4.86 -64.88 -96.22
N GLU C 189 4.18 -63.76 -96.03
CA GLU C 189 2.81 -63.60 -96.50
C GLU C 189 2.78 -62.99 -97.89
N LEU C 190 1.77 -63.38 -98.66
CA LEU C 190 1.57 -62.91 -100.02
C LEU C 190 0.49 -61.85 -100.02
N VAL C 191 0.70 -60.78 -100.78
CA VAL C 191 -0.21 -59.63 -100.81
C VAL C 191 -0.67 -59.31 -102.23
N VAL C 192 0.27 -59.16 -103.16
CA VAL C 192 -0.06 -58.68 -104.49
C VAL C 192 -0.61 -59.77 -105.40
N GLY C 193 -0.67 -61.01 -104.92
CA GLY C 193 -1.04 -62.11 -105.79
C GLY C 193 -2.43 -61.96 -106.39
N ALA C 194 -3.41 -61.59 -105.56
CA ALA C 194 -4.80 -61.64 -105.98
C ALA C 194 -5.55 -60.38 -105.53
N LEU C 195 -4.96 -59.21 -105.74
CA LEU C 195 -5.66 -57.97 -105.38
C LEU C 195 -6.11 -57.16 -106.59
N PHE C 196 -5.58 -57.44 -107.78
CA PHE C 196 -6.01 -56.75 -108.99
C PHE C 196 -7.13 -57.51 -109.66
N GLU C 197 -7.99 -56.77 -110.37
CA GLU C 197 -9.10 -57.40 -111.05
C GLU C 197 -8.60 -58.24 -112.23
N GLU C 198 -9.34 -59.29 -112.53
CA GLU C 198 -8.95 -60.29 -113.50
C GLU C 198 -9.61 -59.99 -114.85
N LEU C 199 -8.82 -59.99 -115.90
CA LEU C 199 -9.34 -59.72 -117.24
C LEU C 199 -9.30 -61.00 -118.06
N PRO C 200 -10.42 -61.69 -118.24
CA PRO C 200 -10.41 -62.91 -119.03
C PRO C 200 -10.12 -62.63 -120.49
N MET C 201 -9.49 -63.61 -121.14
CA MET C 201 -9.12 -63.50 -122.54
C MET C 201 -9.64 -64.72 -123.29
N SER C 202 -9.79 -64.57 -124.61
CA SER C 202 -10.24 -65.67 -125.44
C SER C 202 -9.41 -65.80 -126.71
N SER C 203 -8.26 -65.13 -126.73
CA SER C 203 -7.39 -65.21 -127.92
C SER C 203 -5.97 -64.82 -127.50
N LYS C 204 -5.07 -64.79 -128.47
CA LYS C 204 -3.69 -64.48 -128.13
C LYS C 204 -3.54 -63.02 -127.72
N ILE C 205 -4.26 -62.11 -128.37
CA ILE C 205 -4.11 -60.68 -128.16
C ILE C 205 -5.47 -60.05 -127.97
N LEU C 206 -5.47 -58.87 -127.37
CA LEU C 206 -6.67 -58.06 -127.18
C LEU C 206 -6.31 -56.61 -127.44
N THR C 207 -7.20 -55.90 -128.14
CA THR C 207 -6.95 -54.51 -128.49
C THR C 207 -8.16 -53.66 -128.16
N MET C 208 -7.93 -52.52 -127.52
CA MET C 208 -8.97 -51.57 -127.18
C MET C 208 -8.70 -50.26 -127.89
N LEU C 209 -9.52 -49.26 -127.57
CA LEU C 209 -9.44 -47.94 -128.19
C LEU C 209 -9.26 -46.88 -127.10
N VAL C 210 -8.37 -45.94 -127.34
CA VAL C 210 -8.10 -44.85 -126.40
C VAL C 210 -8.52 -43.54 -127.05
N GLU C 211 -9.42 -42.83 -126.40
CA GLU C 211 -9.95 -41.59 -126.94
C GLU C 211 -8.90 -40.48 -126.80
N PRO C 212 -8.83 -39.55 -127.75
CA PRO C 212 -7.79 -38.51 -127.69
C PRO C 212 -8.07 -37.44 -126.64
N ASP C 213 -7.24 -36.40 -126.64
CA ASP C 213 -7.32 -35.34 -125.65
C ASP C 213 -8.33 -34.28 -126.08
N ALA C 214 -8.33 -33.14 -125.40
CA ALA C 214 -9.32 -32.09 -125.60
C ALA C 214 -8.74 -30.94 -126.41
N GLY C 215 -9.62 -30.26 -127.15
CA GLY C 215 -9.24 -29.12 -127.95
C GLY C 215 -9.76 -27.81 -127.37
N ARG C 216 -9.64 -26.76 -128.17
CA ARG C 216 -10.06 -25.43 -127.75
C ARG C 216 -10.58 -24.63 -128.93
N ALA C 217 -11.41 -23.64 -128.63
CA ALA C 217 -11.98 -22.76 -129.65
C ALA C 217 -11.10 -21.54 -129.84
N THR C 218 -11.61 -20.52 -130.53
CA THR C 218 -10.86 -19.29 -130.77
C THR C 218 -11.78 -18.09 -130.62
N TRP C 219 -11.20 -16.99 -130.14
CA TRP C 219 -11.91 -15.73 -130.00
C TRP C 219 -11.74 -14.94 -131.28
N VAL C 220 -12.84 -14.52 -131.89
CA VAL C 220 -12.76 -13.73 -133.11
C VAL C 220 -12.95 -12.26 -132.77
N ALA C 221 -12.26 -11.41 -133.53
CA ALA C 221 -12.34 -9.99 -133.30
C ALA C 221 -13.63 -9.42 -133.88
N ALA C 222 -13.91 -8.16 -133.56
CA ALA C 222 -15.10 -7.51 -134.10
C ALA C 222 -14.91 -7.14 -135.56
N SER C 223 -13.68 -6.87 -135.99
CA SER C 223 -13.45 -6.50 -137.38
C SER C 223 -13.79 -7.64 -138.33
N ALA C 224 -13.44 -8.87 -137.99
CA ALA C 224 -13.65 -9.99 -138.88
C ALA C 224 -15.09 -10.42 -138.96
N TYR C 225 -16.06 -9.65 -138.48
CA TYR C 225 -17.46 -10.05 -138.62
C TYR C 225 -17.88 -10.16 -140.07
N GLY C 226 -17.26 -9.40 -140.96
CA GLY C 226 -17.59 -9.41 -142.37
C GLY C 226 -16.71 -10.24 -143.26
N SER C 227 -15.84 -11.09 -142.71
CA SER C 227 -14.98 -11.95 -143.50
C SER C 227 -15.13 -13.39 -143.02
N ASP C 228 -14.51 -14.30 -143.77
CA ASP C 228 -14.68 -15.73 -143.53
C ASP C 228 -14.05 -16.18 -142.22
N ASN C 229 -13.26 -15.34 -141.56
CA ASN C 229 -12.68 -15.71 -140.28
C ASN C 229 -13.71 -15.74 -139.15
N THR C 230 -14.94 -15.33 -139.40
CA THR C 230 -15.93 -15.26 -138.34
C THR C 230 -16.29 -16.64 -137.80
N THR C 231 -15.92 -17.71 -138.48
CA THR C 231 -16.26 -19.04 -138.00
C THR C 231 -15.14 -19.68 -137.20
N GLY C 232 -14.01 -19.00 -137.02
CA GLY C 232 -12.97 -19.52 -136.17
C GLY C 232 -12.11 -20.59 -136.82
N SER C 233 -11.56 -21.45 -135.98
CA SER C 233 -10.58 -22.43 -136.40
C SER C 233 -11.16 -23.84 -136.35
N GLU C 234 -10.33 -24.85 -136.63
CA GLU C 234 -10.74 -26.23 -136.74
C GLU C 234 -10.20 -27.03 -135.56
N VAL C 235 -10.99 -28.00 -135.11
CA VAL C 235 -10.62 -28.86 -134.00
C VAL C 235 -10.54 -30.30 -134.51
N THR C 236 -9.39 -30.93 -134.31
CA THR C 236 -9.11 -32.26 -134.83
C THR C 236 -8.99 -33.26 -133.68
N GLY C 237 -8.59 -34.48 -134.02
CA GLY C 237 -8.42 -35.53 -133.04
C GLY C 237 -8.39 -36.92 -133.64
N ALA C 238 -7.55 -37.79 -133.11
CA ALA C 238 -7.38 -39.14 -133.62
C ALA C 238 -7.40 -40.14 -132.48
N LEU C 239 -8.09 -41.26 -132.68
CA LEU C 239 -8.17 -42.29 -131.67
C LEU C 239 -6.83 -43.02 -131.57
N THR C 240 -6.67 -43.79 -130.50
CA THR C 240 -5.48 -44.61 -130.30
C THR C 240 -5.89 -45.94 -129.68
N GLU C 241 -4.98 -46.90 -129.73
CA GLU C 241 -5.26 -48.27 -129.29
C GLU C 241 -4.19 -48.77 -128.35
N ILE C 242 -4.54 -49.78 -127.55
CA ILE C 242 -3.62 -50.43 -126.62
C ILE C 242 -3.79 -51.94 -126.75
N HIS C 243 -2.77 -52.66 -126.30
CA HIS C 243 -2.67 -54.09 -126.53
C HIS C 243 -2.53 -54.86 -125.22
N PHE C 244 -2.86 -56.14 -125.26
CA PHE C 244 -2.76 -57.03 -124.11
C PHE C 244 -2.28 -58.41 -124.56
N SER C 245 -1.65 -59.14 -123.65
CA SER C 245 -1.17 -60.49 -123.94
C SER C 245 -0.94 -61.22 -122.62
N THR C 246 -0.44 -62.44 -122.71
CA THR C 246 -0.24 -63.29 -121.54
C THR C 246 1.06 -64.05 -121.66
N TYR C 247 1.37 -64.83 -120.63
CA TYR C 247 2.54 -65.70 -120.60
C TYR C 247 2.11 -67.04 -120.01
N LYS C 248 3.05 -67.96 -119.91
CA LYS C 248 2.76 -69.31 -119.44
C LYS C 248 3.66 -69.67 -118.27
N LEU C 249 3.07 -70.29 -117.26
CA LEU C 249 3.79 -70.76 -116.07
C LEU C 249 3.65 -72.27 -115.98
N ALA C 250 4.76 -72.96 -115.71
CA ALA C 250 4.76 -74.41 -115.74
C ALA C 250 5.67 -74.95 -114.63
N ALA C 251 5.32 -76.15 -114.16
CA ALA C 251 6.12 -76.88 -113.19
C ALA C 251 5.64 -78.32 -113.15
N LYS C 252 6.57 -79.26 -113.01
CA LYS C 252 6.26 -80.68 -113.07
C LYS C 252 6.93 -81.40 -111.91
N SER C 253 6.43 -82.59 -111.61
CA SER C 253 6.99 -83.40 -110.54
C SER C 253 6.64 -84.87 -110.75
N PHE C 254 7.50 -85.75 -110.27
CA PHE C 254 7.37 -87.18 -110.47
C PHE C 254 7.33 -87.92 -109.13
N ILE C 255 6.73 -89.10 -109.15
CA ILE C 255 6.67 -89.97 -107.99
C ILE C 255 6.66 -91.42 -108.45
N THR C 256 7.69 -92.18 -108.08
CA THR C 256 7.85 -93.52 -108.64
C THR C 256 6.92 -94.49 -107.94
N ASP C 257 7.18 -95.78 -108.15
CA ASP C 257 6.40 -96.84 -107.52
C ASP C 257 7.20 -97.67 -106.53
N GLU C 258 8.53 -97.69 -106.64
CA GLU C 258 9.38 -98.30 -105.62
C GLU C 258 9.79 -97.30 -104.55
N THR C 259 8.96 -96.29 -104.29
CA THR C 259 9.21 -95.28 -103.27
C THR C 259 8.06 -95.13 -102.29
N GLU C 260 6.82 -95.18 -102.75
CA GLU C 260 5.71 -94.91 -101.85
C GLU C 260 5.40 -96.10 -100.95
N GLU C 261 5.90 -97.29 -101.29
CA GLU C 261 5.53 -98.48 -100.52
C GLU C 261 6.51 -98.72 -99.37
N ASP C 262 7.80 -98.45 -99.58
CA ASP C 262 8.81 -98.70 -98.57
C ASP C 262 8.99 -97.49 -97.65
N ALA C 263 7.94 -96.72 -97.46
CA ALA C 263 7.89 -95.69 -96.45
C ALA C 263 6.66 -95.93 -95.59
N ILE C 264 6.76 -95.56 -94.31
CA ILE C 264 5.64 -95.81 -93.40
C ILE C 264 4.45 -94.94 -93.77
N PHE C 265 4.69 -93.70 -94.17
CA PHE C 265 3.63 -92.74 -94.42
C PHE C 265 3.68 -92.29 -95.87
N SER C 266 2.52 -91.95 -96.42
CA SER C 266 2.41 -91.56 -97.81
C SER C 266 3.04 -90.19 -98.05
N LEU C 267 3.47 -89.96 -99.29
CA LEU C 267 4.22 -88.78 -99.65
C LEU C 267 3.53 -87.91 -100.69
N LEU C 268 2.40 -88.37 -101.23
CA LEU C 268 1.69 -87.65 -102.27
C LEU C 268 1.18 -86.27 -101.82
N PRO C 269 0.52 -86.16 -100.65
CA PRO C 269 0.03 -84.84 -100.25
C PRO C 269 1.12 -83.79 -100.19
N LEU C 270 2.30 -84.17 -99.69
CA LEU C 270 3.43 -83.25 -99.67
C LEU C 270 3.75 -82.78 -101.08
N LEU C 271 3.78 -83.71 -102.03
CA LEU C 271 4.14 -83.37 -103.40
C LEU C 271 3.16 -82.36 -104.00
N ARG C 272 1.86 -82.67 -103.91
CA ARG C 272 0.88 -81.78 -104.54
C ARG C 272 0.87 -80.40 -103.87
N LYS C 273 0.92 -80.37 -102.54
CA LYS C 273 0.92 -79.09 -101.84
C LYS C 273 2.15 -78.28 -102.21
N ARG C 274 3.31 -78.92 -102.29
CA ARG C 274 4.52 -78.21 -102.65
C ARG C 274 4.43 -77.63 -104.05
N LEU C 275 3.86 -78.39 -104.99
CA LEU C 275 3.70 -77.87 -106.34
C LEU C 275 2.85 -76.61 -106.35
N ILE C 276 1.68 -76.67 -105.71
CA ILE C 276 0.76 -75.52 -105.74
C ILE C 276 1.41 -74.30 -105.12
N GLU C 277 2.04 -74.49 -103.95
CA GLU C 277 2.60 -73.34 -103.26
C GLU C 277 3.81 -72.77 -103.99
N ALA C 278 4.61 -73.61 -104.64
CA ALA C 278 5.70 -73.08 -105.46
C ALA C 278 5.16 -72.24 -106.59
N HIS C 279 4.07 -72.70 -107.22
CA HIS C 279 3.48 -71.96 -108.32
C HIS C 279 3.04 -70.57 -107.86
N ALA C 280 2.31 -70.52 -106.74
CA ALA C 280 1.82 -69.23 -106.23
C ALA C 280 2.97 -68.32 -105.81
N VAL C 281 3.99 -68.87 -105.17
CA VAL C 281 5.13 -68.07 -104.76
C VAL C 281 5.80 -67.43 -105.96
N SER C 282 6.01 -68.22 -107.02
CA SER C 282 6.68 -67.66 -108.19
C SER C 282 5.85 -66.54 -108.82
N ILE C 283 4.54 -66.74 -108.93
CA ILE C 283 3.75 -65.69 -109.59
C ILE C 283 3.77 -64.41 -108.76
N GLU C 284 3.68 -64.52 -107.43
CA GLU C 284 3.68 -63.31 -106.63
C GLU C 284 5.02 -62.59 -106.69
N GLU C 285 6.11 -63.35 -106.67
CA GLU C 285 7.44 -62.74 -106.76
C GLU C 285 7.61 -62.01 -108.09
N ALA C 286 7.16 -62.63 -109.18
CA ALA C 286 7.24 -61.98 -110.49
C ALA C 286 6.39 -60.72 -110.54
N PHE C 287 5.19 -60.78 -109.96
CA PHE C 287 4.32 -59.60 -109.97
C PHE C 287 4.92 -58.45 -109.21
N MET C 288 5.56 -58.73 -108.08
CA MET C 288 6.29 -57.68 -107.37
C MET C 288 7.40 -57.11 -108.23
N THR C 289 8.42 -57.92 -108.53
CA THR C 289 9.59 -57.31 -109.15
C THR C 289 10.07 -58.06 -110.39
N GLY C 290 9.16 -58.66 -111.16
CA GLY C 290 9.58 -59.32 -112.37
C GLY C 290 10.09 -58.35 -113.42
N ASP C 291 11.00 -58.84 -114.25
CA ASP C 291 11.50 -58.06 -115.37
C ASP C 291 10.50 -58.13 -116.51
N GLY C 292 10.90 -57.72 -117.71
CA GLY C 292 10.01 -57.77 -118.84
C GLY C 292 10.37 -58.84 -119.84
N SER C 293 11.54 -59.47 -119.66
CA SER C 293 12.07 -60.41 -120.64
C SER C 293 11.50 -61.80 -120.37
N GLY C 294 10.35 -62.07 -120.99
CA GLY C 294 9.72 -63.36 -120.89
C GLY C 294 8.85 -63.57 -119.68
N LYS C 295 8.83 -62.63 -118.74
CA LYS C 295 7.98 -62.70 -117.57
C LYS C 295 7.31 -61.36 -117.37
N PRO C 296 6.16 -61.33 -116.70
CA PRO C 296 5.42 -60.08 -116.52
C PRO C 296 6.27 -59.02 -115.82
N LYS C 297 6.09 -57.78 -116.25
CA LYS C 297 6.79 -56.66 -115.62
C LYS C 297 6.27 -56.43 -114.21
N GLY C 298 7.18 -56.23 -113.27
CA GLY C 298 6.80 -55.99 -111.91
C GLY C 298 6.48 -54.53 -111.64
N LEU C 299 5.78 -54.29 -110.52
CA LEU C 299 5.41 -52.92 -110.18
C LEU C 299 6.64 -52.05 -110.02
N LEU C 300 7.68 -52.57 -109.38
CA LEU C 300 8.89 -51.79 -109.21
C LEU C 300 9.50 -51.43 -110.55
N THR C 301 9.51 -52.38 -111.49
CA THR C 301 10.04 -52.09 -112.82
C THR C 301 9.22 -51.04 -113.52
N LEU C 302 7.89 -51.13 -113.40
CA LEU C 302 7.03 -50.14 -114.03
C LEU C 302 7.30 -48.75 -113.48
N ALA C 303 7.40 -48.63 -112.15
CA ALA C 303 7.65 -47.34 -111.55
C ALA C 303 9.04 -46.82 -111.93
N SER C 304 10.01 -47.71 -112.06
CA SER C 304 11.34 -47.28 -112.46
C SER C 304 11.35 -46.79 -113.90
N GLU C 305 10.58 -47.41 -114.78
CA GLU C 305 10.60 -47.03 -116.18
C GLU C 305 9.65 -45.87 -116.50
N ASP C 306 8.81 -45.47 -115.56
CA ASP C 306 7.96 -44.29 -115.72
C ASP C 306 8.61 -43.04 -115.16
N SER C 307 9.87 -43.11 -114.75
CA SER C 307 10.56 -42.01 -114.08
C SER C 307 9.84 -41.62 -112.78
N ALA C 308 9.14 -42.57 -112.18
CA ALA C 308 8.43 -42.34 -110.93
C ALA C 308 9.23 -42.80 -109.71
N LYS C 309 10.46 -43.26 -109.91
CA LYS C 309 11.30 -43.70 -108.81
C LYS C 309 11.89 -42.46 -108.14
N VAL C 310 11.29 -42.04 -107.03
CA VAL C 310 11.68 -40.84 -106.32
C VAL C 310 12.81 -41.18 -105.36
N THR C 311 13.96 -40.53 -105.53
CA THR C 311 15.10 -40.75 -104.65
C THR C 311 14.89 -39.90 -103.41
N THR C 312 14.35 -40.53 -102.36
CA THR C 312 14.08 -39.82 -101.11
C THR C 312 15.40 -39.64 -100.35
N GLU C 313 15.32 -38.96 -99.21
CA GLU C 313 16.52 -38.67 -98.43
C GLU C 313 16.87 -39.76 -97.44
N ALA C 314 16.01 -40.76 -97.24
CA ALA C 314 16.32 -41.83 -96.32
C ALA C 314 17.51 -42.64 -96.82
N LYS C 315 18.40 -43.01 -95.90
CA LYS C 315 19.61 -43.72 -96.24
C LYS C 315 19.48 -45.21 -95.95
N ALA C 316 20.30 -46.00 -96.64
CA ALA C 316 20.28 -47.44 -96.44
C ALA C 316 21.04 -47.83 -95.18
N ASP C 317 22.10 -47.09 -94.84
CA ASP C 317 22.95 -47.46 -93.72
C ASP C 317 22.25 -47.29 -92.37
N GLY C 318 21.07 -46.69 -92.33
CA GLY C 318 20.32 -46.56 -91.10
C GLY C 318 20.54 -45.26 -90.36
N SER C 319 21.40 -44.37 -90.86
CA SER C 319 21.59 -43.09 -90.21
C SER C 319 20.30 -42.26 -90.23
N VAL C 320 19.60 -42.26 -91.36
CA VAL C 320 18.35 -41.54 -91.50
C VAL C 320 17.24 -42.54 -91.76
N LEU C 321 16.21 -42.51 -90.92
CA LEU C 321 15.13 -43.47 -91.02
C LEU C 321 14.07 -42.99 -92.02
N VAL C 322 13.26 -43.94 -92.48
CA VAL C 322 12.11 -43.59 -93.29
C VAL C 322 11.05 -42.95 -92.41
N THR C 323 10.61 -41.76 -92.79
CA THR C 323 9.66 -40.99 -92.01
C THR C 323 8.29 -41.02 -92.67
N ALA C 324 7.26 -40.76 -91.87
CA ALA C 324 5.90 -40.70 -92.41
C ALA C 324 5.79 -39.60 -93.46
N LYS C 325 6.42 -38.45 -93.21
CA LYS C 325 6.37 -37.37 -94.17
C LYS C 325 7.00 -37.77 -95.50
N THR C 326 8.07 -38.57 -95.46
CA THR C 326 8.69 -39.02 -96.69
C THR C 326 7.73 -39.87 -97.50
N ILE C 327 7.01 -40.77 -96.84
CA ILE C 327 6.03 -41.59 -97.54
C ILE C 327 4.92 -40.72 -98.13
N SER C 328 4.42 -39.75 -97.36
CA SER C 328 3.32 -38.95 -97.85
C SER C 328 3.74 -38.01 -98.96
N LYS C 329 5.00 -37.59 -98.99
CA LYS C 329 5.44 -36.65 -100.01
C LYS C 329 5.45 -37.28 -101.39
N LEU C 330 5.37 -38.60 -101.47
CA LEU C 330 5.33 -39.26 -102.76
C LEU C 330 4.02 -39.01 -103.49
N ARG C 331 2.97 -38.65 -102.77
CA ARG C 331 1.67 -38.47 -103.39
C ARG C 331 1.68 -37.35 -104.42
N ARG C 332 2.62 -36.40 -104.32
CA ARG C 332 2.66 -35.31 -105.28
C ARG C 332 2.94 -35.81 -106.69
N LYS C 333 3.88 -36.74 -106.83
CA LYS C 333 4.29 -37.17 -108.16
C LYS C 333 3.19 -37.94 -108.87
N LEU C 334 2.23 -38.49 -108.15
CA LEU C 334 1.08 -39.12 -108.81
C LEU C 334 0.28 -38.14 -109.64
N GLY C 335 0.40 -36.85 -109.36
CA GLY C 335 -0.28 -35.86 -110.18
C GLY C 335 -1.76 -35.80 -109.89
N ARG C 336 -2.55 -35.73 -110.96
CA ARG C 336 -3.99 -35.53 -110.81
C ARG C 336 -4.64 -36.67 -110.06
N HIS C 337 -4.05 -37.86 -110.11
CA HIS C 337 -4.65 -39.01 -109.46
C HIS C 337 -4.46 -38.97 -107.95
N GLY C 338 -3.51 -38.18 -107.47
CA GLY C 338 -3.26 -38.12 -106.04
C GLY C 338 -4.29 -37.38 -105.23
N LEU C 339 -5.08 -36.52 -105.86
CA LEU C 339 -6.05 -35.72 -105.11
C LEU C 339 -7.06 -36.60 -104.40
N LYS C 340 -7.59 -37.60 -105.09
CA LYS C 340 -8.45 -38.56 -104.43
C LYS C 340 -7.60 -39.46 -103.54
N LEU C 341 -8.23 -40.05 -102.53
CA LEU C 341 -7.50 -40.86 -101.57
C LEU C 341 -8.04 -42.27 -101.40
N SER C 342 -9.32 -42.51 -101.67
CA SER C 342 -9.84 -43.87 -101.58
C SER C 342 -9.39 -44.73 -102.74
N LYS C 343 -8.75 -44.16 -103.74
CA LYS C 343 -8.34 -44.87 -104.94
C LYS C 343 -6.88 -45.32 -104.88
N LEU C 344 -6.21 -45.15 -103.75
CA LEU C 344 -4.78 -45.43 -103.64
C LEU C 344 -4.54 -46.60 -102.71
N VAL C 345 -3.42 -47.28 -102.92
CA VAL C 345 -3.00 -48.42 -102.10
C VAL C 345 -1.52 -48.25 -101.82
N LEU C 346 -1.12 -48.47 -100.56
CA LEU C 346 0.27 -48.29 -100.14
C LEU C 346 0.82 -49.60 -99.60
N ILE C 347 2.03 -49.94 -100.03
CA ILE C 347 2.71 -51.16 -99.62
C ILE C 347 4.15 -50.83 -99.25
N VAL C 348 4.56 -51.22 -98.05
CA VAL C 348 5.91 -50.95 -97.57
C VAL C 348 6.55 -52.24 -97.09
N SER C 349 7.88 -52.24 -97.11
CA SER C 349 8.62 -53.43 -96.70
C SER C 349 8.58 -53.59 -95.19
N MET C 350 9.25 -54.63 -94.70
CA MET C 350 9.33 -54.84 -93.26
C MET C 350 10.24 -53.80 -92.61
N ASP C 351 11.40 -53.57 -93.21
CA ASP C 351 12.36 -52.62 -92.63
C ASP C 351 11.78 -51.21 -92.60
N ALA C 352 11.10 -50.80 -93.67
CA ALA C 352 10.45 -49.50 -93.66
C ALA C 352 9.36 -49.44 -92.59
N TYR C 353 8.63 -50.53 -92.39
CA TYR C 353 7.60 -50.52 -91.35
C TYR C 353 8.22 -50.36 -89.98
N TYR C 354 9.32 -51.07 -89.71
CA TYR C 354 9.98 -50.93 -88.42
C TYR C 354 10.53 -49.53 -88.23
N ASP C 355 11.02 -48.92 -89.32
CA ASP C 355 11.47 -47.54 -89.23
C ASP C 355 10.31 -46.60 -88.92
N LEU C 356 9.15 -46.83 -89.52
CA LEU C 356 7.97 -46.03 -89.20
C LEU C 356 7.58 -46.19 -87.74
N LEU C 357 7.78 -47.39 -87.19
CA LEU C 357 7.41 -47.64 -85.81
C LEU C 357 8.16 -46.74 -84.83
N GLU C 358 9.28 -46.16 -85.26
CA GLU C 358 10.07 -45.27 -84.41
C GLU C 358 10.01 -43.82 -84.88
N ASP C 359 8.94 -43.43 -85.57
CA ASP C 359 8.83 -42.08 -86.07
C ASP C 359 8.61 -41.11 -84.90
N GLU C 360 9.36 -40.01 -84.90
CA GLU C 360 9.29 -39.07 -83.79
C GLU C 360 7.98 -38.29 -83.81
N GLU C 361 7.32 -38.24 -84.97
CA GLU C 361 6.13 -37.40 -85.10
C GLU C 361 4.85 -38.13 -84.74
N TRP C 362 4.93 -39.38 -84.28
CA TRP C 362 3.76 -40.13 -83.88
C TRP C 362 3.87 -40.65 -82.45
N GLN C 363 4.88 -40.20 -81.73
CA GLN C 363 5.12 -40.69 -80.37
C GLN C 363 4.11 -40.16 -79.37
N ASP C 364 4.08 -38.85 -79.15
CA ASP C 364 3.27 -38.26 -78.11
C ASP C 364 1.79 -38.37 -78.44
N VAL C 365 0.97 -38.50 -77.39
CA VAL C 365 -0.47 -38.57 -77.57
C VAL C 365 -1.00 -37.25 -78.13
N ALA C 366 -0.54 -36.13 -77.57
CA ALA C 366 -0.97 -34.83 -78.08
C ALA C 366 -0.55 -34.62 -79.52
N GLN C 367 0.52 -35.30 -79.96
CA GLN C 367 0.97 -35.15 -81.33
C GLN C 367 -0.05 -35.72 -82.31
N VAL C 368 -0.47 -36.96 -82.08
CA VAL C 368 -1.37 -37.66 -83.00
C VAL C 368 -2.46 -38.31 -82.15
N GLY C 369 -3.57 -37.60 -81.98
CA GLY C 369 -4.79 -38.14 -81.40
C GLY C 369 -4.63 -39.14 -80.26
N ASN C 370 -5.18 -40.33 -80.46
CA ASN C 370 -5.14 -41.38 -79.45
C ASN C 370 -4.28 -42.56 -79.90
N ASP C 371 -4.07 -42.70 -81.20
CA ASP C 371 -3.37 -43.86 -81.75
C ASP C 371 -1.86 -43.69 -81.76
N ALA C 372 -1.33 -42.89 -80.84
CA ALA C 372 0.11 -42.69 -80.77
C ALA C 372 0.83 -44.00 -80.55
N VAL C 373 2.05 -44.09 -81.08
CA VAL C 373 2.81 -45.32 -80.98
C VAL C 373 3.08 -45.69 -79.53
N LYS C 374 3.33 -44.68 -78.69
CA LYS C 374 3.68 -44.91 -77.29
C LYS C 374 2.59 -45.67 -76.54
N LEU C 375 1.36 -45.65 -77.03
CA LEU C 375 0.27 -46.36 -76.38
C LEU C 375 -0.13 -47.63 -77.11
N GLN C 376 0.11 -47.73 -78.41
CA GLN C 376 -0.32 -48.88 -79.19
C GLN C 376 0.84 -49.74 -79.68
N GLY C 377 1.97 -49.14 -80.00
CA GLY C 377 3.10 -49.92 -80.47
C GLY C 377 2.98 -50.40 -81.91
N GLN C 378 2.00 -49.89 -82.65
CA GLN C 378 1.81 -50.32 -84.03
C GLN C 378 1.26 -49.15 -84.83
N VAL C 379 1.70 -49.03 -86.09
CA VAL C 379 1.27 -47.96 -86.97
C VAL C 379 0.15 -48.48 -87.87
N GLY C 380 -1.00 -47.83 -87.83
CA GLY C 380 -2.10 -48.22 -88.68
C GLY C 380 -2.29 -47.26 -89.84
N ARG C 381 -3.26 -46.37 -89.72
CA ARG C 381 -3.46 -45.34 -90.72
C ARG C 381 -2.38 -44.26 -90.59
N ILE C 382 -1.75 -43.95 -91.72
CA ILE C 382 -0.75 -42.90 -91.81
C ILE C 382 -1.20 -41.90 -92.87
N TYR C 383 -1.38 -40.64 -92.47
CA TYR C 383 -1.78 -39.58 -93.40
C TYR C 383 -2.99 -39.99 -94.22
N GLY C 384 -3.93 -40.69 -93.58
CA GLY C 384 -5.09 -41.18 -94.30
C GLY C 384 -4.84 -42.36 -95.20
N LEU C 385 -3.63 -42.93 -95.18
CA LEU C 385 -3.29 -44.08 -96.01
C LEU C 385 -3.12 -45.31 -95.15
N PRO C 386 -3.89 -46.36 -95.34
CA PRO C 386 -3.62 -47.62 -94.64
C PRO C 386 -2.30 -48.22 -95.08
N VAL C 387 -1.67 -48.96 -94.17
CA VAL C 387 -0.37 -49.57 -94.42
C VAL C 387 -0.57 -51.06 -94.63
N VAL C 388 0.02 -51.59 -95.70
CA VAL C 388 0.10 -53.02 -95.94
C VAL C 388 1.56 -53.39 -96.05
N VAL C 389 2.00 -54.32 -95.22
CA VAL C 389 3.40 -54.71 -95.14
C VAL C 389 3.62 -55.94 -96.00
N SER C 390 4.64 -55.89 -96.85
CA SER C 390 5.03 -57.01 -97.68
C SER C 390 6.52 -57.24 -97.53
N GLU C 391 6.92 -58.52 -97.60
CA GLU C 391 8.31 -58.89 -97.37
C GLU C 391 9.06 -59.19 -98.66
N TYR C 392 8.47 -58.89 -99.82
CA TYR C 392 9.05 -59.27 -101.09
C TYR C 392 9.77 -58.12 -101.78
N PHE C 393 10.02 -57.02 -101.09
CA PHE C 393 10.82 -55.96 -101.68
C PHE C 393 12.27 -56.39 -101.76
N PRO C 394 13.05 -55.81 -102.67
CA PRO C 394 14.48 -56.14 -102.73
C PRO C 394 15.20 -55.75 -101.46
N ALA C 395 16.35 -56.38 -101.22
CA ALA C 395 17.09 -56.15 -99.98
C ALA C 395 17.52 -54.69 -99.87
N LYS C 396 17.63 -54.23 -98.63
CA LYS C 396 17.99 -52.84 -98.36
C LYS C 396 19.37 -52.50 -98.92
N ALA C 397 19.44 -51.48 -99.76
CA ALA C 397 20.70 -50.99 -100.29
C ALA C 397 20.43 -49.62 -100.92
N ALA C 398 21.48 -49.02 -101.46
CA ALA C 398 21.32 -47.73 -102.11
C ALA C 398 20.45 -47.86 -103.35
N GLY C 399 19.47 -46.96 -103.47
CA GLY C 399 18.61 -46.94 -104.64
C GLY C 399 17.74 -48.17 -104.78
N LYS C 400 17.18 -48.68 -103.69
CA LYS C 400 16.27 -49.81 -103.74
C LYS C 400 14.95 -49.41 -103.10
N GLU C 401 13.85 -49.84 -103.72
CA GLU C 401 12.53 -49.41 -103.32
C GLU C 401 12.15 -49.95 -101.96
N PHE C 402 11.38 -49.16 -101.21
CA PHE C 402 10.82 -49.59 -99.94
C PHE C 402 9.35 -49.24 -99.76
N ALA C 403 8.74 -48.53 -100.70
CA ALA C 403 7.33 -48.18 -100.59
C ALA C 403 6.82 -47.84 -101.98
N VAL C 404 5.60 -48.29 -102.27
CA VAL C 404 4.99 -48.10 -103.58
C VAL C 404 3.53 -47.71 -103.40
N ILE C 405 3.11 -46.65 -104.07
CA ILE C 405 1.71 -46.24 -104.11
C ILE C 405 1.21 -46.47 -105.52
N VAL C 406 0.08 -47.16 -105.65
CA VAL C 406 -0.45 -47.53 -106.95
C VAL C 406 -1.86 -46.98 -107.08
N TYR C 407 -2.17 -46.42 -108.24
CA TYR C 407 -3.56 -46.16 -108.56
C TYR C 407 -4.24 -47.49 -108.84
N LYS C 408 -5.18 -47.86 -107.97
CA LYS C 408 -5.68 -49.23 -107.97
C LYS C 408 -6.33 -49.61 -109.29
N ASP C 409 -7.18 -48.74 -109.82
CA ASP C 409 -8.02 -49.13 -110.95
C ASP C 409 -7.27 -49.12 -112.27
N ASN C 410 -6.02 -48.68 -112.30
CA ASN C 410 -5.29 -48.61 -113.55
C ASN C 410 -4.72 -49.95 -113.99
N PHE C 411 -4.71 -50.95 -113.13
CA PHE C 411 -4.03 -52.22 -113.39
C PHE C 411 -5.04 -53.35 -113.54
N VAL C 412 -4.77 -54.25 -114.49
CA VAL C 412 -5.57 -55.45 -114.70
C VAL C 412 -4.66 -56.64 -114.85
N MET C 413 -5.24 -57.83 -114.71
CA MET C 413 -4.51 -59.09 -114.72
C MET C 413 -5.10 -59.98 -115.81
N PRO C 414 -4.59 -59.89 -117.03
CA PRO C 414 -5.09 -60.76 -118.09
C PRO C 414 -4.73 -62.21 -117.81
N ARG C 415 -5.69 -63.10 -118.09
CA ARG C 415 -5.48 -64.51 -117.81
C ARG C 415 -6.28 -65.33 -118.82
N GLN C 416 -5.62 -66.28 -119.48
CA GLN C 416 -6.27 -67.12 -120.45
C GLN C 416 -6.86 -68.38 -119.82
N ARG C 417 -6.03 -69.18 -119.18
CA ARG C 417 -6.51 -70.37 -118.49
C ARG C 417 -5.96 -70.40 -117.07
N ALA C 418 -6.74 -70.98 -116.17
CA ALA C 418 -6.38 -71.02 -114.76
C ALA C 418 -5.35 -72.11 -114.49
N VAL C 419 -5.13 -72.43 -113.23
CA VAL C 419 -4.19 -73.49 -112.86
C VAL C 419 -4.84 -74.83 -113.14
N THR C 420 -4.18 -75.64 -113.96
CA THR C 420 -4.65 -76.98 -114.30
C THR C 420 -3.58 -77.99 -113.91
N VAL C 421 -4.00 -79.10 -113.33
CA VAL C 421 -3.11 -80.17 -112.91
C VAL C 421 -3.42 -81.41 -113.73
N GLU C 422 -2.41 -81.94 -114.41
CA GLU C 422 -2.57 -83.06 -115.31
C GLU C 422 -1.73 -84.23 -114.83
N ARG C 423 -2.35 -85.39 -114.66
CA ARG C 423 -1.67 -86.60 -114.21
C ARG C 423 -1.51 -87.57 -115.36
N GLU C 424 -0.30 -88.10 -115.51
CA GLU C 424 0.02 -88.99 -116.62
C GLU C 424 0.71 -90.23 -116.08
N ARG C 425 0.00 -91.35 -116.04
CA ARG C 425 0.61 -92.62 -115.68
C ARG C 425 1.66 -92.98 -116.73
N GLN C 426 2.83 -93.40 -116.27
CA GLN C 426 3.96 -93.65 -117.15
C GLN C 426 4.54 -95.01 -116.78
N ALA C 427 3.95 -96.07 -117.32
CA ALA C 427 4.32 -97.43 -116.95
C ALA C 427 5.66 -97.86 -117.53
N GLY C 428 6.24 -97.07 -118.43
CA GLY C 428 7.54 -97.42 -118.97
C GLY C 428 8.61 -97.51 -117.90
N LYS C 429 8.62 -96.54 -116.99
CA LYS C 429 9.55 -96.55 -115.87
C LYS C 429 8.85 -96.69 -114.53
N GLN C 430 7.58 -97.10 -114.52
CA GLN C 430 6.83 -97.35 -113.29
C GLN C 430 6.80 -96.11 -112.39
N ARG C 431 6.37 -94.99 -112.94
CA ARG C 431 6.30 -93.75 -112.18
C ARG C 431 5.11 -92.93 -112.64
N ASP C 432 4.70 -92.00 -111.80
CA ASP C 432 3.61 -91.08 -112.11
C ASP C 432 4.16 -89.66 -112.25
N ALA C 433 3.67 -88.94 -113.24
CA ALA C 433 4.10 -87.57 -113.49
C ALA C 433 2.95 -86.61 -113.20
N TYR C 434 3.24 -85.53 -112.51
CA TYR C 434 2.26 -84.48 -112.24
C TYR C 434 2.72 -83.18 -112.88
N TYR C 435 1.82 -82.54 -113.62
CA TYR C 435 2.10 -81.28 -114.30
C TYR C 435 1.11 -80.24 -113.82
N VAL C 436 1.61 -79.03 -113.56
CA VAL C 436 0.78 -77.91 -113.16
C VAL C 436 1.17 -76.71 -114.01
N THR C 437 0.17 -76.07 -114.64
CA THR C 437 0.41 -75.00 -115.58
C THR C 437 -0.69 -73.95 -115.48
N GLN C 438 -0.36 -72.73 -115.93
CA GLN C 438 -1.31 -71.63 -115.93
C GLN C 438 -0.78 -70.53 -116.85
N ARG C 439 -1.67 -69.60 -117.20
CA ARG C 439 -1.35 -68.48 -118.08
C ARG C 439 -1.89 -67.19 -117.48
N VAL C 440 -1.00 -66.25 -117.14
CA VAL C 440 -1.36 -64.97 -116.55
C VAL C 440 -0.38 -63.90 -117.01
N ASN C 441 -0.70 -62.65 -116.67
CA ASN C 441 0.16 -61.50 -116.93
C ASN C 441 -0.40 -60.33 -116.13
N LEU C 442 0.43 -59.28 -116.00
CA LEU C 442 0.04 -58.05 -115.30
C LEU C 442 0.18 -56.88 -116.26
N GLN C 443 -0.92 -56.16 -116.48
CA GLN C 443 -0.94 -55.07 -117.45
C GLN C 443 -1.66 -53.88 -116.87
N ARG C 444 -1.36 -52.71 -117.41
CA ARG C 444 -1.98 -51.46 -117.02
C ARG C 444 -2.51 -50.76 -118.25
N TYR C 445 -3.49 -49.88 -118.05
CA TYR C 445 -4.10 -49.18 -119.17
C TYR C 445 -3.22 -48.04 -119.65
N PHE C 446 -2.98 -47.05 -118.80
CA PHE C 446 -2.24 -45.85 -119.17
C PHE C 446 -0.93 -45.79 -118.40
N GLU C 447 0.07 -45.16 -119.02
CA GLU C 447 1.44 -45.21 -118.51
C GLU C 447 1.64 -44.23 -117.34
N ASN C 448 0.82 -44.39 -116.32
CA ASN C 448 0.96 -43.63 -115.08
C ASN C 448 0.11 -44.29 -114.02
N GLY C 449 0.32 -43.90 -112.77
CA GLY C 449 -0.45 -44.42 -111.67
C GLY C 449 0.32 -45.19 -110.63
N VAL C 450 1.65 -45.24 -110.72
CA VAL C 450 2.47 -45.92 -109.73
C VAL C 450 3.64 -45.02 -109.36
N VAL C 451 3.95 -44.96 -108.07
CA VAL C 451 5.06 -44.17 -107.56
C VAL C 451 5.81 -45.00 -106.53
N SER C 452 7.14 -45.05 -106.66
CA SER C 452 7.98 -45.83 -105.78
C SER C 452 9.10 -44.95 -105.25
N GLY C 453 9.40 -45.10 -103.96
CA GLY C 453 10.45 -44.32 -103.32
C GLY C 453 11.58 -45.22 -102.88
N ALA C 454 12.79 -44.87 -103.28
CA ALA C 454 13.97 -45.64 -102.97
C ALA C 454 14.85 -44.87 -101.99
N TYR C 455 15.85 -45.57 -101.46
CA TYR C 455 16.78 -44.94 -100.54
C TYR C 455 17.68 -43.98 -101.31
N ALA C 456 18.48 -43.22 -100.56
CA ALA C 456 19.40 -42.30 -101.19
C ALA C 456 20.56 -43.08 -101.81
N ALA C 457 21.34 -42.39 -102.62
CA ALA C 457 22.49 -43.00 -103.27
C ALA C 457 23.78 -42.65 -102.56
N ASN D 162 22.09 -56.99 -14.23
CA ASN D 162 21.91 -55.59 -13.87
C ASN D 162 23.11 -55.11 -13.08
N GLN D 163 23.45 -55.85 -12.03
CA GLN D 163 24.69 -55.66 -11.28
C GLN D 163 24.78 -54.27 -10.66
N SER D 164 23.67 -53.77 -10.11
CA SER D 164 23.65 -52.46 -9.48
C SER D 164 23.06 -52.52 -8.08
N SER D 165 22.16 -53.46 -7.83
CA SER D 165 21.54 -53.62 -6.52
C SER D 165 22.51 -54.34 -5.60
N SER D 166 22.05 -54.64 -4.38
CA SER D 166 22.84 -55.50 -3.51
C SER D 166 22.73 -56.96 -3.90
N VAL D 167 21.64 -57.35 -4.56
CA VAL D 167 21.41 -58.73 -4.97
C VAL D 167 21.16 -58.73 -6.47
N GLU D 168 21.94 -59.52 -7.20
CA GLU D 168 21.81 -59.59 -8.64
C GLU D 168 21.95 -61.04 -9.09
N VAL D 169 21.82 -61.25 -10.39
CA VAL D 169 21.75 -62.59 -10.95
C VAL D 169 23.13 -62.98 -11.49
N SER D 170 23.31 -64.25 -11.80
CA SER D 170 24.63 -64.82 -12.07
C SER D 170 25.09 -64.53 -13.49
N SER D 171 24.28 -64.91 -14.48
CA SER D 171 24.67 -64.79 -15.87
C SER D 171 23.54 -64.17 -16.69
N GLU D 172 23.91 -63.59 -17.83
CA GLU D 172 22.93 -62.90 -18.66
C GLU D 172 21.81 -63.81 -19.12
N SER D 173 22.02 -65.12 -19.15
CA SER D 173 20.99 -66.02 -19.67
C SER D 173 19.75 -66.01 -18.80
N TYR D 174 19.85 -65.50 -17.57
CA TYR D 174 18.69 -65.30 -16.72
C TYR D 174 18.15 -63.88 -16.79
N GLU D 175 18.73 -63.04 -17.65
CA GLU D 175 18.20 -61.71 -17.93
C GLU D 175 17.66 -61.61 -19.35
N THR D 176 17.63 -62.70 -20.10
CA THR D 176 17.32 -62.69 -21.51
C THR D 176 16.17 -63.63 -21.80
N ILE D 177 15.36 -63.27 -22.79
CA ILE D 177 14.28 -64.11 -23.27
C ILE D 177 14.63 -64.62 -24.65
N PHE D 178 14.78 -65.92 -24.78
CA PHE D 178 15.08 -66.56 -26.05
C PHE D 178 13.77 -66.97 -26.71
N SER D 179 13.59 -66.54 -27.96
CA SER D 179 12.37 -66.80 -28.69
C SER D 179 12.65 -67.72 -29.87
N GLN D 180 11.72 -68.64 -30.11
CA GLN D 180 11.80 -69.54 -31.25
C GLN D 180 11.27 -68.91 -32.53
N ARG D 181 10.80 -67.66 -32.46
CA ARG D 181 10.33 -66.99 -33.66
C ARG D 181 11.44 -66.87 -34.67
N ILE D 182 11.15 -67.25 -35.90
CA ILE D 182 12.13 -67.31 -36.98
C ILE D 182 11.66 -66.39 -38.10
N ILE D 183 12.54 -65.51 -38.57
CA ILE D 183 12.18 -64.51 -39.55
C ILE D 183 13.17 -64.55 -40.72
N ARG D 184 12.70 -64.04 -41.85
CA ARG D 184 13.47 -64.02 -43.09
C ARG D 184 13.26 -62.69 -43.80
N ASP D 185 14.25 -62.27 -44.55
CA ASP D 185 14.16 -61.02 -45.30
C ASP D 185 13.34 -61.23 -46.57
N LEU D 186 13.19 -60.15 -47.34
CA LEU D 186 12.55 -60.26 -48.64
C LEU D 186 13.45 -61.04 -49.60
N GLN D 187 12.88 -62.01 -50.29
CA GLN D 187 13.62 -62.89 -51.16
C GLN D 187 13.31 -62.60 -52.62
N LYS D 188 14.24 -62.97 -53.48
CA LYS D 188 14.05 -62.79 -54.92
C LYS D 188 12.90 -63.63 -55.42
N GLU D 189 12.28 -63.20 -56.51
CA GLU D 189 11.20 -63.95 -57.12
C GLU D 189 11.71 -64.77 -58.30
N LEU D 190 10.92 -65.76 -58.69
CA LEU D 190 11.25 -66.67 -59.78
C LEU D 190 10.28 -66.46 -60.92
N VAL D 191 10.82 -66.27 -62.13
CA VAL D 191 9.97 -65.88 -63.26
C VAL D 191 10.06 -66.89 -64.40
N VAL D 192 11.25 -67.13 -64.94
CA VAL D 192 11.39 -68.00 -66.11
C VAL D 192 11.38 -69.47 -65.74
N GLY D 193 11.17 -69.80 -64.46
CA GLY D 193 11.20 -71.20 -64.07
C GLY D 193 10.07 -72.00 -64.67
N ALA D 194 8.86 -71.45 -64.68
CA ALA D 194 7.69 -72.21 -65.06
C ALA D 194 6.77 -71.39 -65.96
N LEU D 195 7.33 -70.71 -66.95
CA LEU D 195 6.50 -70.00 -67.91
C LEU D 195 6.37 -70.72 -69.25
N PHE D 196 7.24 -71.68 -69.53
CA PHE D 196 7.15 -72.45 -70.77
C PHE D 196 6.27 -73.67 -70.57
N GLU D 197 5.89 -74.30 -71.67
CA GLU D 197 4.97 -75.42 -71.59
C GLU D 197 5.70 -76.75 -71.59
N GLU D 198 5.10 -77.73 -70.93
CA GLU D 198 5.68 -79.03 -70.67
C GLU D 198 5.89 -79.80 -71.97
N LEU D 199 6.76 -80.80 -71.92
CA LEU D 199 6.92 -81.78 -73.01
C LEU D 199 7.35 -83.10 -72.40
N PRO D 200 6.41 -84.00 -72.09
CA PRO D 200 6.78 -85.25 -71.43
C PRO D 200 7.37 -86.25 -72.41
N MET D 201 8.53 -86.80 -72.06
CA MET D 201 9.19 -87.82 -72.85
C MET D 201 9.18 -89.13 -72.08
N SER D 202 8.76 -90.20 -72.73
CA SER D 202 8.78 -91.52 -72.13
C SER D 202 9.96 -92.36 -72.59
N SER D 203 10.94 -91.75 -73.24
CA SER D 203 12.10 -92.47 -73.75
C SER D 203 13.33 -91.60 -73.53
N LYS D 204 14.42 -91.96 -74.22
CA LYS D 204 15.64 -91.19 -74.08
C LYS D 204 15.67 -90.02 -75.04
N ILE D 205 15.18 -90.20 -76.26
CA ILE D 205 15.24 -89.19 -77.31
C ILE D 205 13.89 -89.12 -78.01
N LEU D 206 13.50 -87.92 -78.43
CA LEU D 206 12.33 -87.73 -79.28
C LEU D 206 12.76 -87.00 -80.53
N THR D 207 12.35 -87.53 -81.69
CA THR D 207 12.76 -86.98 -82.98
C THR D 207 11.53 -86.63 -83.81
N MET D 208 11.55 -85.44 -84.39
CA MET D 208 10.41 -84.91 -85.13
C MET D 208 10.82 -84.64 -86.57
N LEU D 209 9.89 -84.10 -87.34
CA LEU D 209 10.10 -83.87 -88.77
C LEU D 209 9.86 -82.41 -89.12
N VAL D 210 10.73 -81.88 -89.99
CA VAL D 210 10.68 -80.48 -90.40
C VAL D 210 10.46 -80.43 -91.91
N GLU D 211 9.44 -79.69 -92.32
CA GLU D 211 9.07 -79.63 -93.72
C GLU D 211 10.02 -78.70 -94.49
N PRO D 212 10.34 -79.00 -95.74
CA PRO D 212 11.32 -78.17 -96.46
C PRO D 212 10.77 -76.83 -96.91
N ASP D 213 11.56 -76.10 -97.70
CA ASP D 213 11.19 -74.77 -98.18
C ASP D 213 10.31 -74.89 -99.42
N ALA D 214 10.08 -73.77 -100.09
CA ALA D 214 9.19 -73.70 -101.23
C ALA D 214 9.99 -73.64 -102.53
N GLY D 215 9.49 -74.33 -103.55
CA GLY D 215 10.11 -74.32 -104.85
C GLY D 215 9.69 -73.12 -105.67
N ARG D 216 10.02 -73.17 -106.96
CA ARG D 216 9.64 -72.13 -107.90
C ARG D 216 9.22 -72.75 -109.22
N ALA D 217 8.16 -72.19 -109.81
CA ALA D 217 7.75 -72.58 -111.15
C ALA D 217 8.66 -71.88 -112.15
N THR D 218 8.42 -72.12 -113.45
CA THR D 218 9.25 -71.51 -114.47
C THR D 218 8.37 -71.00 -115.60
N TRP D 219 8.88 -70.00 -116.30
CA TRP D 219 8.17 -69.37 -117.41
C TRP D 219 8.71 -69.96 -118.71
N VAL D 220 7.88 -70.72 -119.40
CA VAL D 220 8.31 -71.32 -120.66
C VAL D 220 8.40 -70.24 -121.72
N ALA D 221 9.34 -70.41 -122.63
CA ALA D 221 9.49 -69.46 -123.72
C ALA D 221 8.43 -69.70 -124.78
N ALA D 222 8.47 -68.88 -125.83
CA ALA D 222 7.51 -69.05 -126.92
C ALA D 222 7.89 -70.20 -127.84
N SER D 223 9.18 -70.44 -128.04
CA SER D 223 9.61 -71.45 -129.00
C SER D 223 9.27 -72.86 -128.52
N ALA D 224 9.40 -73.11 -127.21
CA ALA D 224 9.24 -74.45 -126.66
C ALA D 224 7.80 -74.77 -126.33
N TYR D 225 6.84 -74.16 -127.02
CA TYR D 225 5.43 -74.43 -126.73
C TYR D 225 5.07 -75.88 -127.05
N GLY D 226 5.60 -76.42 -128.14
CA GLY D 226 5.24 -77.76 -128.54
C GLY D 226 6.18 -78.86 -128.11
N SER D 227 7.38 -78.52 -127.65
CA SER D 227 8.37 -79.53 -127.32
C SER D 227 8.09 -80.10 -125.92
N ASP D 228 9.05 -80.82 -125.38
CA ASP D 228 8.89 -81.41 -124.06
C ASP D 228 9.17 -80.42 -122.93
N ASN D 229 9.65 -79.22 -123.26
CA ASN D 229 9.86 -78.21 -122.24
C ASN D 229 8.60 -77.40 -121.94
N THR D 230 7.49 -77.70 -122.59
CA THR D 230 6.25 -77.00 -122.30
C THR D 230 5.83 -77.20 -120.85
N THR D 231 6.11 -78.36 -120.28
CA THR D 231 5.66 -78.63 -118.92
C THR D 231 6.53 -77.97 -117.87
N GLY D 232 7.70 -77.45 -118.24
CA GLY D 232 8.51 -76.70 -117.31
C GLY D 232 9.60 -77.52 -116.64
N SER D 233 10.02 -77.03 -115.48
CA SER D 233 11.14 -77.61 -114.75
C SER D 233 10.62 -78.44 -113.57
N GLU D 234 11.56 -78.92 -112.77
CA GLU D 234 11.30 -79.91 -111.73
C GLU D 234 11.39 -79.29 -110.35
N VAL D 235 10.58 -79.81 -109.42
CA VAL D 235 10.59 -79.38 -108.02
C VAL D 235 10.94 -80.58 -107.15
N THR D 236 11.95 -80.42 -106.30
CA THR D 236 12.45 -81.49 -105.44
C THR D 236 12.32 -81.06 -103.99
N GLY D 237 12.31 -82.04 -103.08
CA GLY D 237 12.17 -81.73 -101.67
C GLY D 237 12.50 -82.87 -100.74
N ALA D 238 13.26 -82.57 -99.68
CA ALA D 238 13.64 -83.55 -98.68
C ALA D 238 13.23 -83.08 -97.30
N LEU D 239 12.92 -84.04 -96.43
CA LEU D 239 12.54 -83.76 -95.07
C LEU D 239 13.78 -83.78 -94.17
N THR D 240 13.61 -83.33 -92.93
CA THR D 240 14.71 -83.28 -91.97
C THR D 240 14.20 -83.71 -90.60
N GLU D 241 15.07 -83.60 -89.59
CA GLU D 241 14.78 -84.11 -88.25
C GLU D 241 15.31 -83.15 -87.20
N ILE D 242 14.71 -83.23 -86.00
CA ILE D 242 15.18 -82.50 -84.83
C ILE D 242 15.07 -83.43 -83.62
N HIS D 243 15.99 -83.25 -82.68
CA HIS D 243 16.10 -84.15 -81.54
C HIS D 243 15.99 -83.40 -80.22
N PHE D 244 15.45 -84.08 -79.21
CA PHE D 244 15.29 -83.53 -77.87
C PHE D 244 15.87 -84.50 -76.85
N SER D 245 16.32 -83.99 -75.71
CA SER D 245 16.90 -84.80 -74.65
C SER D 245 16.75 -84.09 -73.32
N THR D 246 17.40 -84.63 -72.28
CA THR D 246 17.24 -84.12 -70.92
C THR D 246 18.56 -84.20 -70.17
N TYR D 247 18.57 -83.56 -68.99
CA TYR D 247 19.68 -83.59 -68.06
C TYR D 247 19.14 -83.95 -66.70
N LYS D 248 20.04 -84.22 -65.75
CA LYS D 248 19.64 -84.68 -64.43
C LYS D 248 20.15 -83.73 -63.35
N LEU D 249 19.31 -83.48 -62.35
CA LEU D 249 19.61 -82.58 -61.25
C LEU D 249 19.35 -83.31 -59.94
N ALA D 250 20.25 -83.17 -58.98
CA ALA D 250 20.12 -83.88 -57.71
C ALA D 250 20.86 -83.15 -56.59
N ALA D 251 20.40 -83.38 -55.37
CA ALA D 251 21.06 -82.88 -54.17
C ALA D 251 20.65 -83.75 -53.00
N LYS D 252 21.55 -83.88 -52.02
CA LYS D 252 21.36 -84.77 -50.89
C LYS D 252 21.61 -84.03 -49.59
N SER D 253 21.08 -84.58 -48.50
CA SER D 253 21.31 -84.00 -47.18
C SER D 253 21.18 -85.09 -46.12
N PHE D 254 21.83 -84.85 -44.98
CA PHE D 254 21.87 -85.81 -43.89
C PHE D 254 21.47 -85.14 -42.58
N ILE D 255 20.93 -85.94 -41.67
CA ILE D 255 20.58 -85.47 -40.34
C ILE D 255 20.80 -86.60 -39.33
N THR D 256 21.77 -86.43 -38.45
CA THR D 256 22.10 -87.48 -37.50
C THR D 256 21.00 -87.60 -36.43
N ASP D 257 21.06 -88.70 -35.68
CA ASP D 257 20.03 -88.95 -34.67
C ASP D 257 20.13 -87.96 -33.51
N GLU D 258 21.35 -87.74 -33.00
CA GLU D 258 21.50 -86.97 -31.77
C GLU D 258 21.49 -85.46 -32.02
N THR D 259 21.59 -85.03 -33.27
CA THR D 259 21.37 -83.62 -33.55
C THR D 259 19.91 -83.24 -33.35
N GLU D 260 19.02 -84.23 -33.41
CA GLU D 260 17.61 -83.96 -33.16
C GLU D 260 17.35 -83.73 -31.68
N GLU D 261 17.94 -84.55 -30.81
CA GLU D 261 17.69 -84.43 -29.38
C GLU D 261 18.45 -83.27 -28.76
N ASP D 262 19.63 -82.94 -29.28
CA ASP D 262 20.43 -81.84 -28.75
C ASP D 262 19.93 -80.52 -29.29
N ALA D 263 18.63 -80.27 -29.17
CA ALA D 263 18.01 -79.03 -29.59
C ALA D 263 16.62 -78.99 -28.96
N ILE D 264 16.09 -77.78 -28.82
CA ILE D 264 14.77 -77.62 -28.24
C ILE D 264 13.65 -77.65 -29.27
N PHE D 265 13.98 -77.55 -30.55
CA PHE D 265 12.99 -77.61 -31.61
C PHE D 265 13.49 -78.53 -32.71
N SER D 266 12.55 -79.10 -33.46
CA SER D 266 12.90 -80.03 -34.51
C SER D 266 13.63 -79.31 -35.64
N LEU D 267 14.47 -80.06 -36.35
CA LEU D 267 15.30 -79.49 -37.41
C LEU D 267 15.06 -80.15 -38.76
N LEU D 268 14.01 -80.94 -38.90
CA LEU D 268 13.74 -81.64 -40.15
C LEU D 268 13.05 -80.76 -41.18
N PRO D 269 11.98 -80.03 -40.81
CA PRO D 269 11.31 -79.21 -41.84
C PRO D 269 12.24 -78.23 -42.51
N LEU D 270 13.18 -77.65 -41.76
CA LEU D 270 14.15 -76.76 -42.37
C LEU D 270 14.97 -77.49 -43.42
N LEU D 271 15.39 -78.71 -43.12
CA LEU D 271 16.15 -79.50 -44.08
C LEU D 271 15.38 -79.71 -45.37
N ARG D 272 14.15 -80.21 -45.25
CA ARG D 272 13.38 -80.53 -46.46
C ARG D 272 13.08 -79.27 -47.28
N LYS D 273 12.71 -78.19 -46.61
CA LYS D 273 12.44 -76.95 -47.31
C LYS D 273 13.67 -76.46 -48.04
N ARG D 274 14.84 -76.52 -47.39
CA ARG D 274 16.05 -76.06 -48.04
C ARG D 274 16.36 -76.89 -49.27
N LEU D 275 16.15 -78.21 -49.19
CA LEU D 275 16.39 -79.06 -50.35
C LEU D 275 15.52 -78.64 -51.54
N ILE D 276 14.21 -78.52 -51.31
CA ILE D 276 13.31 -78.22 -52.42
C ILE D 276 13.64 -76.86 -53.02
N GLU D 277 13.85 -75.85 -52.17
CA GLU D 277 14.10 -74.52 -52.70
C GLU D 277 15.46 -74.47 -53.40
N ALA D 278 16.43 -75.27 -52.98
CA ALA D 278 17.69 -75.32 -53.70
C ALA D 278 17.50 -75.85 -55.11
N HIS D 279 16.68 -76.90 -55.27
CA HIS D 279 16.41 -77.38 -56.62
C HIS D 279 15.75 -76.31 -57.47
N ALA D 280 14.73 -75.65 -56.94
CA ALA D 280 14.02 -74.64 -57.74
C ALA D 280 14.96 -73.52 -58.16
N VAL D 281 15.76 -73.02 -57.21
CA VAL D 281 16.66 -71.93 -57.52
C VAL D 281 17.68 -72.36 -58.57
N SER D 282 18.20 -73.57 -58.46
CA SER D 282 19.22 -74.01 -59.42
C SER D 282 18.64 -74.10 -60.83
N ILE D 283 17.45 -74.68 -60.97
CA ILE D 283 16.91 -74.81 -62.32
C ILE D 283 16.61 -73.43 -62.91
N GLU D 284 16.06 -72.52 -62.09
CA GLU D 284 15.75 -71.19 -62.62
C GLU D 284 17.02 -70.46 -63.05
N GLU D 285 18.06 -70.50 -62.20
CA GLU D 285 19.29 -69.81 -62.54
C GLU D 285 19.95 -70.40 -63.78
N ALA D 286 19.90 -71.73 -63.92
CA ALA D 286 20.51 -72.37 -65.10
C ALA D 286 19.73 -72.02 -66.36
N PHE D 287 18.41 -71.98 -66.28
CA PHE D 287 17.62 -71.62 -67.45
C PHE D 287 17.88 -70.20 -67.89
N MET D 288 18.01 -69.27 -66.94
CA MET D 288 18.24 -67.88 -67.32
C MET D 288 19.59 -67.70 -67.99
N THR D 289 20.64 -68.30 -67.43
CA THR D 289 21.99 -68.02 -67.87
C THR D 289 22.80 -69.25 -68.24
N GLY D 290 22.58 -70.38 -67.56
CA GLY D 290 23.39 -71.58 -67.70
C GLY D 290 23.87 -71.93 -69.08
N ASP D 291 25.15 -72.30 -69.17
CA ASP D 291 25.78 -72.67 -70.44
C ASP D 291 25.22 -74.02 -70.91
N GLY D 292 25.75 -74.52 -72.02
CA GLY D 292 25.32 -75.78 -72.57
C GLY D 292 26.27 -76.92 -72.28
N SER D 293 27.27 -76.67 -71.42
CA SER D 293 28.26 -77.68 -71.07
C SER D 293 27.76 -78.53 -69.91
N GLY D 294 27.00 -79.56 -70.27
CA GLY D 294 26.45 -80.47 -69.28
C GLY D 294 25.22 -79.94 -68.57
N LYS D 295 24.79 -78.73 -68.85
CA LYS D 295 23.62 -78.12 -68.27
C LYS D 295 22.80 -77.45 -69.37
N PRO D 296 21.52 -77.22 -69.15
CA PRO D 296 20.69 -76.61 -70.19
C PRO D 296 21.21 -75.26 -70.60
N LYS D 297 21.15 -74.98 -71.90
CA LYS D 297 21.62 -73.70 -72.42
C LYS D 297 20.68 -72.58 -72.01
N GLY D 298 21.23 -71.51 -71.46
CA GLY D 298 20.41 -70.43 -70.98
C GLY D 298 19.88 -69.53 -72.08
N LEU D 299 18.82 -68.79 -71.75
CA LEU D 299 18.23 -67.89 -72.75
C LEU D 299 19.24 -66.86 -73.23
N LEU D 300 20.05 -66.33 -72.31
CA LEU D 300 21.05 -65.35 -72.72
C LEU D 300 22.08 -65.99 -73.64
N THR D 301 22.50 -67.22 -73.35
CA THR D 301 23.43 -67.90 -74.23
C THR D 301 22.80 -68.17 -75.59
N LEU D 302 21.52 -68.56 -75.61
CA LEU D 302 20.84 -68.77 -76.87
C LEU D 302 20.79 -67.50 -77.70
N ALA D 303 20.46 -66.38 -77.07
CA ALA D 303 20.40 -65.11 -77.79
C ALA D 303 21.79 -64.70 -78.28
N SER D 304 22.82 -64.94 -77.46
CA SER D 304 24.16 -64.59 -77.88
C SER D 304 24.61 -65.42 -79.07
N GLU D 305 24.34 -66.72 -79.06
CA GLU D 305 24.80 -67.57 -80.14
C GLU D 305 24.01 -67.35 -81.42
N ASP D 306 22.82 -66.78 -81.32
CA ASP D 306 22.04 -66.38 -82.49
C ASP D 306 22.49 -65.05 -83.07
N SER D 307 23.51 -64.43 -82.46
CA SER D 307 23.96 -63.09 -82.78
C SER D 307 22.88 -62.04 -82.52
N ALA D 308 21.86 -62.39 -81.75
CA ALA D 308 20.79 -61.47 -81.40
C ALA D 308 21.10 -60.66 -80.15
N LYS D 309 22.38 -60.49 -79.83
CA LYS D 309 22.79 -59.67 -78.70
C LYS D 309 23.09 -58.28 -79.22
N VAL D 310 22.12 -57.38 -79.09
CA VAL D 310 22.23 -56.03 -79.63
C VAL D 310 22.93 -55.15 -78.61
N THR D 311 24.02 -54.50 -79.03
CA THR D 311 24.78 -53.62 -78.16
C THR D 311 24.22 -52.21 -78.30
N THR D 312 23.26 -51.87 -77.44
CA THR D 312 22.63 -50.57 -77.51
C THR D 312 23.59 -49.49 -77.01
N GLU D 313 23.11 -48.26 -77.01
CA GLU D 313 23.91 -47.12 -76.58
C GLU D 313 23.83 -46.88 -75.08
N ALA D 314 23.06 -47.68 -74.35
CA ALA D 314 23.03 -47.55 -72.91
C ALA D 314 24.41 -47.84 -72.32
N LYS D 315 24.79 -47.05 -71.33
CA LYS D 315 26.12 -47.10 -70.76
C LYS D 315 26.11 -47.73 -69.38
N ALA D 316 27.18 -48.44 -69.05
CA ALA D 316 27.23 -49.19 -67.81
C ALA D 316 27.47 -48.27 -66.61
N ASP D 317 28.30 -47.24 -66.78
CA ASP D 317 28.62 -46.37 -65.65
C ASP D 317 27.47 -45.46 -65.26
N GLY D 318 26.41 -45.40 -66.07
CA GLY D 318 25.27 -44.57 -65.78
C GLY D 318 25.23 -43.24 -66.49
N SER D 319 26.19 -42.95 -67.36
CA SER D 319 26.19 -41.68 -68.07
C SER D 319 24.97 -41.57 -68.97
N VAL D 320 24.61 -42.65 -69.67
CA VAL D 320 23.45 -42.68 -70.55
C VAL D 320 22.47 -43.69 -69.97
N LEU D 321 21.22 -43.26 -69.82
CA LEU D 321 20.21 -44.10 -69.17
C LEU D 321 19.73 -45.18 -70.13
N VAL D 322 18.67 -45.89 -69.72
CA VAL D 322 18.00 -46.87 -70.55
C VAL D 322 16.59 -46.38 -70.79
N THR D 323 16.25 -46.10 -72.04
CA THR D 323 14.96 -45.54 -72.39
C THR D 323 14.08 -46.60 -73.03
N ALA D 324 12.76 -46.38 -73.00
CA ALA D 324 11.84 -47.33 -73.59
C ALA D 324 12.07 -47.45 -75.09
N LYS D 325 12.58 -46.40 -75.73
CA LYS D 325 12.88 -46.49 -77.16
C LYS D 325 13.99 -47.51 -77.41
N THR D 326 14.99 -47.56 -76.53
CA THR D 326 16.05 -48.53 -76.70
C THR D 326 15.51 -49.94 -76.64
N ILE D 327 14.60 -50.22 -75.70
CA ILE D 327 14.00 -51.54 -75.60
C ILE D 327 13.17 -51.84 -76.83
N SER D 328 12.35 -50.88 -77.27
CA SER D 328 11.49 -51.15 -78.41
C SER D 328 12.28 -51.32 -79.71
N LYS D 329 13.51 -50.80 -79.76
CA LYS D 329 14.31 -50.98 -80.96
C LYS D 329 14.79 -52.41 -81.10
N LEU D 330 14.76 -53.20 -80.01
CA LEU D 330 15.19 -54.59 -80.11
C LEU D 330 14.18 -55.43 -80.86
N ARG D 331 12.97 -54.91 -81.06
CA ARG D 331 11.95 -55.68 -81.76
C ARG D 331 12.30 -55.91 -83.22
N ARG D 332 13.19 -55.09 -83.78
CA ARG D 332 13.52 -55.25 -85.20
C ARG D 332 14.24 -56.56 -85.47
N LYS D 333 15.21 -56.90 -84.61
CA LYS D 333 16.00 -58.11 -84.87
C LYS D 333 15.19 -59.38 -84.74
N LEU D 334 13.96 -59.31 -84.22
CA LEU D 334 13.09 -60.47 -84.17
C LEU D 334 12.43 -60.77 -85.50
N GLY D 335 12.90 -60.16 -86.59
CA GLY D 335 12.50 -60.54 -87.93
C GLY D 335 11.00 -60.64 -88.12
N ARG D 336 10.58 -61.72 -88.75
CA ARG D 336 9.17 -61.92 -89.03
C ARG D 336 8.37 -62.11 -87.75
N HIS D 337 8.95 -62.78 -86.75
CA HIS D 337 8.25 -63.03 -85.51
C HIS D 337 7.92 -61.75 -84.76
N GLY D 338 8.75 -60.72 -84.92
CA GLY D 338 8.56 -59.50 -84.15
C GLY D 338 7.42 -58.63 -84.58
N LEU D 339 6.78 -58.92 -85.71
CA LEU D 339 5.69 -58.07 -86.17
C LEU D 339 4.50 -58.15 -85.22
N LYS D 340 4.05 -59.35 -84.90
CA LYS D 340 2.95 -59.49 -83.96
C LYS D 340 3.42 -59.17 -82.56
N LEU D 341 2.47 -58.81 -81.70
CA LEU D 341 2.78 -58.36 -80.36
C LEU D 341 2.19 -59.22 -79.26
N SER D 342 1.13 -59.95 -79.53
CA SER D 342 0.49 -60.75 -78.48
C SER D 342 1.27 -62.01 -78.15
N LYS D 343 2.30 -62.35 -78.93
CA LYS D 343 3.05 -63.58 -78.73
C LYS D 343 4.42 -63.33 -78.11
N LEU D 344 4.70 -62.10 -77.68
CA LEU D 344 6.01 -61.76 -77.14
C LEU D 344 5.94 -61.60 -75.63
N VAL D 345 7.09 -61.82 -74.99
CA VAL D 345 7.24 -61.63 -73.55
C VAL D 345 8.53 -60.86 -73.30
N LEU D 346 8.44 -59.82 -72.47
CA LEU D 346 9.57 -58.95 -72.18
C LEU D 346 10.01 -59.14 -70.74
N ILE D 347 11.32 -59.24 -70.54
CA ILE D 347 11.90 -59.34 -69.20
C ILE D 347 13.04 -58.33 -69.09
N VAL D 348 13.02 -57.53 -68.04
CA VAL D 348 14.04 -56.53 -67.80
C VAL D 348 14.62 -56.71 -66.41
N SER D 349 15.88 -56.31 -66.25
CA SER D 349 16.49 -56.37 -64.94
C SER D 349 15.95 -55.26 -64.06
N MET D 350 16.25 -55.37 -62.77
CA MET D 350 15.78 -54.36 -61.82
C MET D 350 16.32 -52.98 -62.15
N ASP D 351 17.62 -52.90 -62.45
CA ASP D 351 18.25 -51.61 -62.68
C ASP D 351 17.69 -50.93 -63.91
N ALA D 352 17.43 -51.69 -64.97
CA ALA D 352 16.79 -51.09 -66.14
C ALA D 352 15.40 -50.60 -65.81
N TYR D 353 14.67 -51.32 -64.95
CA TYR D 353 13.34 -50.86 -64.56
C TYR D 353 13.42 -49.53 -63.81
N TYR D 354 14.39 -49.41 -62.90
CA TYR D 354 14.55 -48.13 -62.22
C TYR D 354 14.96 -47.02 -63.19
N ASP D 355 15.77 -47.35 -64.20
CA ASP D 355 16.08 -46.36 -65.23
C ASP D 355 14.83 -45.94 -65.99
N LEU D 356 13.95 -46.90 -66.28
CA LEU D 356 12.70 -46.60 -66.95
C LEU D 356 11.84 -45.65 -66.12
N LEU D 357 11.81 -45.87 -64.81
CA LEU D 357 11.00 -45.02 -63.95
C LEU D 357 11.42 -43.56 -64.04
N GLU D 358 12.68 -43.31 -64.38
CA GLU D 358 13.20 -41.95 -64.51
C GLU D 358 13.29 -41.49 -65.95
N ASP D 359 12.64 -42.19 -66.86
CA ASP D 359 12.73 -41.83 -68.28
C ASP D 359 12.12 -40.44 -68.50
N GLU D 360 12.77 -39.66 -69.36
CA GLU D 360 12.35 -38.28 -69.57
C GLU D 360 11.16 -38.20 -70.52
N GLU D 361 10.87 -39.29 -71.21
CA GLU D 361 9.81 -39.30 -72.21
C GLU D 361 8.51 -39.85 -71.72
N TRP D 362 8.30 -40.09 -70.42
CA TRP D 362 7.02 -40.57 -69.93
C TRP D 362 6.50 -39.75 -68.76
N GLN D 363 7.01 -38.53 -68.58
CA GLN D 363 6.69 -37.74 -67.41
C GLN D 363 5.42 -36.93 -67.56
N ASP D 364 5.33 -36.11 -68.61
CA ASP D 364 4.22 -35.19 -68.75
C ASP D 364 2.92 -35.94 -69.03
N VAL D 365 1.81 -35.31 -68.68
CA VAL D 365 0.51 -35.92 -69.00
C VAL D 365 0.24 -35.86 -70.49
N ALA D 366 0.50 -34.70 -71.11
CA ALA D 366 0.23 -34.56 -72.54
C ALA D 366 1.09 -35.51 -73.37
N GLN D 367 2.26 -35.90 -72.87
CA GLN D 367 3.08 -36.86 -73.59
C GLN D 367 2.36 -38.20 -73.68
N VAL D 368 2.08 -38.82 -72.54
CA VAL D 368 1.51 -40.16 -72.50
C VAL D 368 0.28 -40.11 -71.60
N GLY D 369 -0.88 -39.86 -72.20
CA GLY D 369 -2.18 -40.03 -71.57
C GLY D 369 -2.27 -39.68 -70.10
N ASN D 370 -2.90 -40.56 -69.33
CA ASN D 370 -2.95 -40.45 -67.88
C ASN D 370 -2.00 -41.42 -67.19
N ASP D 371 -1.25 -42.20 -67.94
CA ASP D 371 -0.28 -43.14 -67.39
C ASP D 371 1.08 -42.51 -67.18
N ALA D 372 1.12 -41.20 -67.02
CA ALA D 372 2.38 -40.51 -66.80
C ALA D 372 3.02 -40.98 -65.50
N VAL D 373 4.34 -41.00 -65.48
CA VAL D 373 5.06 -41.41 -64.29
C VAL D 373 4.74 -40.48 -63.13
N LYS D 374 4.59 -39.18 -63.41
CA LYS D 374 4.36 -38.21 -62.35
C LYS D 374 3.11 -38.52 -61.55
N LEU D 375 2.02 -38.86 -62.22
CA LEU D 375 0.78 -39.13 -61.51
C LEU D 375 0.65 -40.57 -61.03
N GLN D 376 1.51 -41.46 -61.50
CA GLN D 376 1.43 -42.87 -61.16
C GLN D 376 2.64 -43.39 -60.40
N GLY D 377 3.84 -43.11 -60.90
CA GLY D 377 5.04 -43.63 -60.27
C GLY D 377 5.41 -45.03 -60.66
N GLN D 378 4.58 -45.71 -61.44
CA GLN D 378 4.85 -47.06 -61.91
C GLN D 378 4.74 -47.10 -63.43
N VAL D 379 5.70 -47.77 -64.06
CA VAL D 379 5.71 -47.96 -65.50
C VAL D 379 5.23 -49.38 -65.77
N GLY D 380 4.10 -49.49 -66.46
CA GLY D 380 3.56 -50.79 -66.79
C GLY D 380 3.79 -51.17 -68.23
N ARG D 381 2.78 -50.97 -69.07
CA ARG D 381 2.89 -51.31 -70.48
C ARG D 381 3.80 -50.34 -71.19
N ILE D 382 4.76 -50.88 -71.95
CA ILE D 382 5.70 -50.09 -72.74
C ILE D 382 5.52 -50.47 -74.20
N TYR D 383 5.12 -49.49 -75.01
CA TYR D 383 4.97 -49.69 -76.46
C TYR D 383 4.09 -50.90 -76.77
N GLY D 384 3.17 -51.21 -75.85
CA GLY D 384 2.37 -52.40 -75.99
C GLY D 384 2.95 -53.64 -75.34
N LEU D 385 4.20 -53.60 -74.91
CA LEU D 385 4.85 -54.72 -74.28
C LEU D 385 4.74 -54.61 -72.77
N PRO D 386 4.11 -55.56 -72.09
CA PRO D 386 4.11 -55.53 -70.63
C PRO D 386 5.53 -55.74 -70.09
N VAL D 387 5.81 -55.13 -68.95
CA VAL D 387 7.14 -55.15 -68.35
C VAL D 387 7.13 -56.11 -67.18
N VAL D 388 8.12 -57.01 -67.15
CA VAL D 388 8.30 -57.97 -66.08
C VAL D 388 9.74 -57.87 -65.60
N VAL D 389 9.93 -57.82 -64.29
CA VAL D 389 11.23 -57.57 -63.69
C VAL D 389 11.77 -58.86 -63.09
N SER D 390 13.05 -59.13 -63.33
CA SER D 390 13.75 -60.26 -62.75
C SER D 390 15.08 -59.80 -62.18
N GLU D 391 15.53 -60.49 -61.14
CA GLU D 391 16.81 -60.20 -60.50
C GLU D 391 17.92 -61.13 -60.95
N TYR D 392 17.61 -62.11 -61.79
CA TYR D 392 18.58 -63.13 -62.15
C TYR D 392 19.38 -62.79 -63.39
N PHE D 393 19.37 -61.54 -63.82
CA PHE D 393 20.27 -61.09 -64.86
C PHE D 393 21.67 -60.97 -64.31
N PRO D 394 22.68 -60.99 -65.18
CA PRO D 394 24.05 -60.75 -64.71
C PRO D 394 24.19 -59.32 -64.20
N ALA D 395 25.16 -59.14 -63.31
CA ALA D 395 25.35 -57.85 -62.65
C ALA D 395 25.66 -56.77 -63.68
N LYS D 396 25.14 -55.57 -63.44
CA LYS D 396 25.26 -54.48 -64.38
C LYS D 396 26.72 -54.08 -64.57
N ALA D 397 27.22 -54.24 -65.79
CA ALA D 397 28.60 -53.91 -66.12
C ALA D 397 28.67 -53.74 -67.64
N ALA D 398 29.88 -53.52 -68.15
CA ALA D 398 30.07 -53.35 -69.58
C ALA D 398 29.79 -54.64 -70.31
N GLY D 399 29.10 -54.53 -71.44
CA GLY D 399 28.80 -55.70 -72.26
C GLY D 399 27.99 -56.76 -71.55
N LYS D 400 26.99 -56.35 -70.78
CA LYS D 400 26.12 -57.26 -70.06
C LYS D 400 24.66 -56.98 -70.40
N GLU D 401 23.90 -58.05 -70.55
CA GLU D 401 22.51 -57.94 -70.98
C GLU D 401 21.64 -57.40 -69.85
N PHE D 402 20.60 -56.65 -70.22
CA PHE D 402 19.65 -56.13 -69.27
C PHE D 402 18.20 -56.39 -69.64
N ALA D 403 17.89 -56.61 -70.91
CA ALA D 403 16.52 -56.87 -71.33
C ALA D 403 16.51 -58.01 -72.33
N VAL D 404 15.46 -58.82 -72.26
CA VAL D 404 15.31 -59.98 -73.13
C VAL D 404 13.87 -60.09 -73.58
N ILE D 405 13.67 -60.28 -74.88
CA ILE D 405 12.36 -60.54 -75.46
C ILE D 405 12.41 -61.92 -76.10
N VAL D 406 11.44 -62.76 -75.77
CA VAL D 406 11.41 -64.12 -76.28
C VAL D 406 10.09 -64.37 -77.01
N TYR D 407 10.16 -65.19 -78.04
CA TYR D 407 8.98 -65.70 -78.73
C TYR D 407 8.53 -66.93 -77.96
N LYS D 408 7.47 -66.79 -77.18
CA LYS D 408 7.14 -67.78 -76.17
C LYS D 408 6.88 -69.15 -76.77
N ASP D 409 6.18 -69.21 -77.88
CA ASP D 409 5.72 -70.49 -78.41
C ASP D 409 6.85 -71.32 -79.01
N ASN D 410 8.04 -70.76 -79.16
CA ASN D 410 9.14 -71.47 -79.80
C ASN D 410 9.93 -72.33 -78.84
N PHE D 411 9.70 -72.23 -77.54
CA PHE D 411 10.48 -72.94 -76.53
C PHE D 411 9.64 -73.99 -75.81
N VAL D 412 10.26 -75.13 -75.49
CA VAL D 412 9.57 -76.23 -74.86
C VAL D 412 10.32 -76.67 -73.60
N MET D 413 9.69 -77.57 -72.86
CA MET D 413 10.16 -78.03 -71.55
C MET D 413 10.20 -79.56 -71.58
N PRO D 414 11.26 -80.14 -72.13
CA PRO D 414 11.39 -81.61 -72.07
C PRO D 414 11.57 -82.06 -70.63
N ARG D 415 10.92 -83.18 -70.30
CA ARG D 415 10.92 -83.66 -68.92
C ARG D 415 10.76 -85.17 -68.90
N GLN D 416 11.66 -85.84 -68.17
CA GLN D 416 11.61 -87.29 -68.04
C GLN D 416 10.95 -87.73 -66.74
N ARG D 417 11.43 -87.24 -65.60
CA ARG D 417 10.80 -87.55 -64.33
C ARG D 417 10.78 -86.30 -63.47
N ALA D 418 9.75 -86.21 -62.63
CA ALA D 418 9.50 -85.02 -61.83
C ALA D 418 10.43 -85.02 -60.62
N VAL D 419 10.15 -84.14 -59.66
CA VAL D 419 10.96 -84.06 -58.45
C VAL D 419 10.49 -85.14 -57.49
N THR D 420 11.39 -86.05 -57.14
CA THR D 420 11.09 -87.15 -56.25
C THR D 420 12.06 -87.11 -55.07
N VAL D 421 11.53 -87.38 -53.88
CA VAL D 421 12.32 -87.38 -52.66
C VAL D 421 12.46 -88.82 -52.18
N GLU D 422 13.70 -89.23 -51.91
CA GLU D 422 14.00 -90.57 -51.44
C GLU D 422 14.62 -90.49 -50.06
N ARG D 423 14.07 -91.27 -49.12
CA ARG D 423 14.55 -91.29 -47.75
C ARG D 423 15.29 -92.59 -47.50
N GLU D 424 16.52 -92.50 -47.01
CA GLU D 424 17.35 -93.65 -46.74
C GLU D 424 17.82 -93.61 -45.30
N ARG D 425 17.85 -94.77 -44.65
CA ARG D 425 18.27 -94.89 -43.25
C ARG D 425 19.57 -95.68 -43.21
N GLN D 426 20.60 -95.09 -42.62
CA GLN D 426 21.90 -95.74 -42.49
C GLN D 426 22.07 -96.13 -41.01
N ALA D 427 21.82 -97.41 -40.71
CA ALA D 427 21.85 -97.84 -39.32
C ALA D 427 23.26 -97.76 -38.74
N GLY D 428 24.26 -98.22 -39.49
CA GLY D 428 25.61 -98.20 -38.98
C GLY D 428 26.20 -96.82 -38.88
N LYS D 429 25.50 -95.82 -39.37
CA LYS D 429 25.94 -94.44 -39.33
C LYS D 429 25.10 -93.60 -38.38
N GLN D 430 23.95 -94.12 -37.95
CA GLN D 430 23.01 -93.40 -37.09
C GLN D 430 22.64 -92.04 -37.66
N ARG D 431 22.26 -92.03 -38.94
CA ARG D 431 21.80 -90.82 -39.59
C ARG D 431 20.87 -91.17 -40.73
N ASP D 432 20.07 -90.21 -41.15
CA ASP D 432 19.12 -90.39 -42.23
C ASP D 432 19.54 -89.52 -43.41
N ALA D 433 19.62 -90.11 -44.59
CA ALA D 433 19.97 -89.37 -45.78
C ALA D 433 18.73 -89.09 -46.61
N TYR D 434 18.68 -87.91 -47.20
CA TYR D 434 17.55 -87.50 -48.04
C TYR D 434 18.08 -87.18 -49.43
N TYR D 435 17.42 -87.73 -50.44
CA TYR D 435 17.83 -87.57 -51.83
C TYR D 435 16.65 -87.02 -52.63
N VAL D 436 16.92 -85.99 -53.42
CA VAL D 436 15.92 -85.40 -54.31
C VAL D 436 16.52 -85.26 -55.69
N THR D 437 15.82 -85.76 -56.71
CA THR D 437 16.33 -85.81 -58.07
C THR D 437 15.25 -85.39 -59.04
N GLN D 438 15.67 -84.88 -60.20
CA GLN D 438 14.74 -84.55 -61.27
C GLN D 438 15.52 -84.46 -62.58
N ARG D 439 14.78 -84.60 -63.69
CA ARG D 439 15.35 -84.59 -65.02
C ARG D 439 14.55 -83.66 -65.91
N VAL D 440 15.15 -82.54 -66.34
CA VAL D 440 14.48 -81.54 -67.17
C VAL D 440 15.51 -80.96 -68.13
N ASN D 441 15.02 -80.12 -69.04
CA ASN D 441 15.87 -79.42 -70.00
C ASN D 441 15.04 -78.31 -70.65
N LEU D 442 15.73 -77.44 -71.38
CA LEU D 442 15.09 -76.34 -72.11
C LEU D 442 15.51 -76.43 -73.57
N GLN D 443 14.52 -76.51 -74.46
CA GLN D 443 14.79 -76.70 -75.88
C GLN D 443 13.89 -75.80 -76.71
N ARG D 444 14.35 -75.48 -77.91
CA ARG D 444 13.57 -74.71 -78.86
C ARG D 444 13.50 -75.45 -80.18
N TYR D 445 12.41 -75.26 -80.91
CA TYR D 445 12.26 -75.90 -82.21
C TYR D 445 13.27 -75.36 -83.22
N PHE D 446 13.33 -74.04 -83.36
CA PHE D 446 14.12 -73.40 -84.42
C PHE D 446 15.13 -72.44 -83.81
N GLU D 447 16.04 -71.97 -84.65
CA GLU D 447 17.14 -71.11 -84.21
C GLU D 447 16.78 -69.64 -84.33
N ASN D 448 15.63 -69.27 -83.77
CA ASN D 448 15.20 -67.88 -83.70
C ASN D 448 14.08 -67.78 -82.67
N GLY D 449 13.72 -66.55 -82.34
CA GLY D 449 12.67 -66.30 -81.38
C GLY D 449 13.13 -65.65 -80.09
N VAL D 450 14.39 -65.24 -80.01
CA VAL D 450 14.93 -64.60 -78.82
C VAL D 450 15.87 -63.48 -79.25
N VAL D 451 15.82 -62.36 -78.54
CA VAL D 451 16.72 -61.24 -78.77
C VAL D 451 17.03 -60.59 -77.44
N SER D 452 18.30 -60.22 -77.24
CA SER D 452 18.76 -59.65 -75.99
C SER D 452 19.60 -58.41 -76.27
N GLY D 453 19.51 -57.43 -75.37
CA GLY D 453 20.28 -56.21 -75.49
C GLY D 453 21.21 -56.02 -74.31
N ALA D 454 22.39 -55.46 -74.58
CA ALA D 454 23.42 -55.29 -73.57
C ALA D 454 23.85 -53.85 -73.50
N TYR D 455 24.64 -53.53 -72.49
CA TYR D 455 25.20 -52.19 -72.36
C TYR D 455 26.37 -52.00 -73.32
N ALA D 456 26.60 -50.75 -73.70
CA ALA D 456 27.68 -50.44 -74.61
C ALA D 456 29.02 -50.62 -73.93
N ALA D 457 30.07 -50.63 -74.75
CA ALA D 457 31.45 -50.76 -74.26
C ALA D 457 31.63 -51.99 -73.39
N ASN E 162 -2.42 10.09 -16.91
CA ASN E 162 -2.84 11.01 -17.98
C ASN E 162 -2.17 12.35 -17.79
N GLN E 163 -2.26 12.88 -16.56
CA GLN E 163 -1.51 14.08 -16.16
C GLN E 163 -1.86 15.28 -17.04
N SER E 164 -3.14 15.43 -17.36
CA SER E 164 -3.58 16.55 -18.20
C SER E 164 -4.67 17.36 -17.52
N SER E 165 -5.52 16.69 -16.75
CA SER E 165 -6.58 17.37 -16.02
C SER E 165 -6.02 17.92 -14.71
N SER E 166 -6.88 18.46 -13.85
CA SER E 166 -6.43 18.95 -12.56
C SER E 166 -6.05 17.80 -11.65
N VAL E 167 -6.86 16.73 -11.64
CA VAL E 167 -6.61 15.58 -10.79
C VAL E 167 -5.95 14.48 -11.62
N GLU E 168 -5.06 13.73 -10.99
CA GLU E 168 -4.31 12.69 -11.66
C GLU E 168 -4.46 11.37 -10.92
N VAL E 169 -3.61 10.41 -11.31
CA VAL E 169 -3.55 9.11 -10.66
C VAL E 169 -2.08 8.82 -10.37
N SER E 170 -1.81 7.91 -9.43
CA SER E 170 -0.45 7.70 -8.95
C SER E 170 0.48 7.18 -10.04
N SER E 171 0.08 6.10 -10.70
CA SER E 171 0.95 5.46 -11.68
C SER E 171 0.10 4.69 -12.68
N GLU E 172 0.76 4.17 -13.72
CA GLU E 172 0.04 3.43 -14.76
C GLU E 172 -0.62 2.17 -14.22
N SER E 173 -0.14 1.64 -13.09
CA SER E 173 -0.73 0.44 -12.53
C SER E 173 -2.21 0.65 -12.21
N TYR E 174 -2.61 1.88 -11.94
CA TYR E 174 -4.01 2.21 -11.75
C TYR E 174 -4.65 2.78 -13.00
N GLU E 175 -3.96 2.72 -14.13
CA GLU E 175 -4.54 3.01 -15.43
C GLU E 175 -4.43 1.84 -16.39
N THR E 176 -4.27 0.62 -15.87
CA THR E 176 -3.99 -0.55 -16.68
C THR E 176 -4.90 -1.70 -16.25
N ILE E 177 -5.10 -2.64 -17.15
CA ILE E 177 -5.84 -3.86 -16.87
C ILE E 177 -4.90 -5.03 -17.10
N PHE E 178 -4.68 -5.82 -16.06
CA PHE E 178 -3.86 -7.03 -16.15
C PHE E 178 -4.77 -8.22 -16.35
N SER E 179 -4.67 -8.85 -17.52
CA SER E 179 -5.53 -9.97 -17.88
C SER E 179 -4.81 -11.27 -17.57
N GLN E 180 -5.56 -12.25 -17.09
CA GLN E 180 -5.02 -13.58 -16.81
C GLN E 180 -5.03 -14.46 -18.05
N ARG E 181 -5.53 -13.96 -19.17
CA ARG E 181 -5.55 -14.75 -20.40
C ARG E 181 -4.14 -14.98 -20.89
N ILE E 182 -3.84 -16.23 -21.24
CA ILE E 182 -2.51 -16.66 -21.63
C ILE E 182 -2.59 -17.23 -23.04
N ILE E 183 -1.70 -16.79 -23.92
CA ILE E 183 -1.73 -17.16 -25.33
C ILE E 183 -0.35 -17.66 -25.74
N ARG E 184 -0.33 -18.50 -26.78
CA ARG E 184 0.89 -19.13 -27.26
C ARG E 184 0.97 -19.03 -28.78
N ASP E 185 2.20 -18.99 -29.28
CA ASP E 185 2.44 -18.91 -30.72
C ASP E 185 2.23 -20.29 -31.36
N LEU E 186 2.55 -20.42 -32.64
CA LEU E 186 2.44 -21.70 -33.33
C LEU E 186 3.55 -22.64 -32.89
N GLN E 187 3.33 -23.93 -33.06
CA GLN E 187 4.26 -24.94 -32.61
C GLN E 187 4.54 -25.97 -33.71
N LYS E 188 5.75 -26.51 -33.68
CA LYS E 188 6.13 -27.54 -34.64
C LYS E 188 5.31 -28.80 -34.43
N GLU E 189 4.92 -29.44 -35.53
CA GLU E 189 4.17 -30.68 -35.44
C GLU E 189 5.13 -31.87 -35.31
N LEU E 190 4.68 -32.88 -34.58
CA LEU E 190 5.46 -34.09 -34.35
C LEU E 190 4.90 -35.21 -35.21
N VAL E 191 5.77 -35.86 -35.98
CA VAL E 191 5.37 -36.86 -36.95
C VAL E 191 6.03 -38.21 -36.68
N VAL E 192 7.35 -38.20 -36.47
CA VAL E 192 8.11 -39.45 -36.48
C VAL E 192 8.01 -40.26 -35.20
N GLY E 193 7.76 -39.62 -34.07
CA GLY E 193 7.78 -40.33 -32.81
C GLY E 193 6.76 -41.46 -32.73
N ALA E 194 5.68 -41.36 -33.50
CA ALA E 194 4.53 -42.23 -33.28
C ALA E 194 3.97 -42.78 -34.59
N LEU E 195 4.84 -43.34 -35.44
CA LEU E 195 4.33 -44.14 -36.55
C LEU E 195 4.91 -45.54 -36.61
N PHE E 196 5.96 -45.83 -35.85
CA PHE E 196 6.59 -47.13 -35.83
C PHE E 196 5.92 -48.03 -34.80
N GLU E 197 5.72 -49.28 -35.17
CA GLU E 197 5.09 -50.24 -34.28
C GLU E 197 5.95 -50.48 -33.05
N GLU E 198 5.30 -50.76 -31.93
CA GLU E 198 5.96 -50.86 -30.64
C GLU E 198 6.07 -52.32 -30.22
N LEU E 199 7.26 -52.71 -29.77
CA LEU E 199 7.56 -54.08 -29.38
C LEU E 199 7.76 -54.15 -27.88
N PRO E 200 6.79 -54.65 -27.12
CA PRO E 200 6.95 -54.71 -25.66
C PRO E 200 7.99 -55.73 -25.27
N MET E 201 8.68 -55.45 -24.16
CA MET E 201 9.69 -56.33 -23.62
C MET E 201 9.43 -56.56 -22.14
N SER E 202 9.99 -57.65 -21.62
CA SER E 202 9.82 -58.01 -20.22
C SER E 202 11.14 -58.44 -19.60
N SER E 203 12.25 -58.15 -20.25
CA SER E 203 13.56 -58.50 -19.74
C SER E 203 14.56 -57.49 -20.28
N LYS E 204 15.83 -57.75 -20.01
CA LYS E 204 16.85 -56.82 -20.47
C LYS E 204 17.09 -56.95 -21.97
N ILE E 205 17.13 -58.19 -22.48
CA ILE E 205 17.43 -58.46 -23.88
C ILE E 205 16.36 -59.38 -24.44
N LEU E 206 16.22 -59.37 -25.76
CA LEU E 206 15.31 -60.26 -26.46
C LEU E 206 15.99 -60.71 -27.74
N THR E 207 15.88 -62.00 -28.05
CA THR E 207 16.59 -62.60 -29.17
C THR E 207 15.64 -63.35 -30.08
N MET E 208 15.81 -63.18 -31.39
CA MET E 208 15.07 -63.93 -32.39
C MET E 208 16.04 -64.58 -33.36
N LEU E 209 15.51 -65.54 -34.13
CA LEU E 209 16.32 -66.33 -35.03
C LEU E 209 16.13 -65.87 -36.47
N VAL E 210 17.23 -65.85 -37.23
CA VAL E 210 17.22 -65.44 -38.63
C VAL E 210 17.59 -66.66 -39.47
N GLU E 211 16.73 -66.98 -40.43
CA GLU E 211 16.92 -68.17 -41.22
C GLU E 211 18.00 -67.94 -42.27
N PRO E 212 18.79 -68.97 -42.61
CA PRO E 212 19.93 -68.75 -43.50
C PRO E 212 19.54 -68.53 -44.95
N ASP E 213 20.54 -68.46 -45.82
CA ASP E 213 20.33 -68.16 -47.23
C ASP E 213 19.94 -69.44 -47.98
N ALA E 214 19.99 -69.40 -49.30
CA ALA E 214 19.55 -70.49 -50.15
C ALA E 214 20.71 -71.39 -50.56
N GLY E 215 20.38 -72.53 -51.15
CA GLY E 215 21.36 -73.47 -51.62
C GLY E 215 21.23 -73.76 -53.11
N ARG E 216 22.11 -74.63 -53.60
CA ARG E 216 22.19 -74.96 -55.02
C ARG E 216 22.24 -76.47 -55.20
N ALA E 217 21.61 -76.94 -56.27
CA ALA E 217 21.69 -78.34 -56.66
C ALA E 217 22.87 -78.51 -57.62
N THR E 218 22.95 -79.67 -58.28
CA THR E 218 24.02 -79.94 -59.21
C THR E 218 23.49 -80.66 -60.44
N TRP E 219 24.17 -80.47 -61.56
CA TRP E 219 23.90 -81.19 -62.80
C TRP E 219 24.90 -82.35 -62.88
N VAL E 220 24.42 -83.57 -62.71
CA VAL E 220 25.29 -84.74 -62.71
C VAL E 220 25.57 -85.12 -64.15
N ALA E 221 26.79 -85.62 -64.39
CA ALA E 221 27.17 -86.02 -65.74
C ALA E 221 26.46 -87.32 -66.12
N ALA E 222 26.58 -87.68 -67.40
CA ALA E 222 25.99 -88.93 -67.87
C ALA E 222 26.91 -90.12 -67.62
N SER E 223 28.17 -89.86 -67.27
CA SER E 223 29.09 -90.96 -67.02
C SER E 223 29.12 -91.37 -65.56
N ALA E 224 28.37 -90.68 -64.71
CA ALA E 224 28.32 -90.97 -63.28
C ALA E 224 27.04 -91.69 -62.87
N TYR E 225 26.37 -92.34 -63.82
CA TYR E 225 25.13 -93.02 -63.48
C TYR E 225 25.38 -94.30 -62.67
N GLY E 226 26.51 -94.96 -62.91
CA GLY E 226 26.88 -96.18 -62.24
C GLY E 226 27.74 -96.01 -61.00
N SER E 227 27.97 -94.78 -60.56
CA SER E 227 28.74 -94.50 -59.36
C SER E 227 27.90 -93.67 -58.39
N ASP E 228 28.45 -93.48 -57.18
CA ASP E 228 27.70 -92.78 -56.15
C ASP E 228 27.58 -91.29 -56.44
N ASN E 229 28.30 -90.79 -57.44
CA ASN E 229 28.18 -89.39 -57.84
C ASN E 229 26.82 -89.09 -58.45
N THR E 230 26.02 -90.11 -58.76
CA THR E 230 24.70 -89.88 -59.32
C THR E 230 23.84 -89.03 -58.40
N THR E 231 24.03 -89.15 -57.09
CA THR E 231 23.14 -88.54 -56.14
C THR E 231 23.42 -87.06 -55.91
N GLY E 232 24.52 -86.52 -56.42
CA GLY E 232 24.74 -85.09 -56.35
C GLY E 232 25.65 -84.62 -55.24
N SER E 233 25.34 -83.45 -54.68
CA SER E 233 26.16 -82.81 -53.66
C SER E 233 25.33 -82.49 -52.42
N GLU E 234 25.94 -81.76 -51.51
CA GLU E 234 25.39 -81.51 -50.17
C GLU E 234 24.88 -80.08 -50.08
N VAL E 235 23.86 -79.87 -49.25
CA VAL E 235 23.33 -78.54 -48.95
C VAL E 235 23.31 -78.37 -47.44
N THR E 236 24.05 -77.38 -46.94
CA THR E 236 24.20 -77.14 -45.52
C THR E 236 23.58 -75.81 -45.13
N GLY E 237 23.18 -75.70 -43.87
CA GLY E 237 22.56 -74.47 -43.40
C GLY E 237 22.74 -74.23 -41.92
N ALA E 238 22.95 -72.97 -41.53
CA ALA E 238 23.15 -72.60 -40.14
C ALA E 238 22.34 -71.36 -39.81
N LEU E 239 21.65 -71.38 -38.69
CA LEU E 239 20.82 -70.27 -38.26
C LEU E 239 21.69 -69.17 -37.64
N THR E 240 21.05 -68.04 -37.32
CA THR E 240 21.71 -66.92 -36.66
C THR E 240 20.71 -66.25 -35.72
N GLU E 241 21.10 -65.12 -35.15
CA GLU E 241 20.29 -64.47 -34.12
C GLU E 241 20.60 -62.99 -34.05
N ILE E 242 19.67 -62.24 -33.45
CA ILE E 242 19.78 -60.81 -33.24
C ILE E 242 19.23 -60.46 -31.86
N HIS E 243 19.64 -59.31 -31.36
CA HIS E 243 19.25 -58.88 -30.02
C HIS E 243 18.73 -57.46 -30.02
N PHE E 244 17.88 -57.14 -29.04
CA PHE E 244 17.31 -55.82 -28.86
C PHE E 244 17.54 -55.35 -27.42
N SER E 245 17.64 -54.04 -27.25
CA SER E 245 17.92 -53.45 -25.94
C SER E 245 17.03 -52.22 -25.76
N THR E 246 17.31 -51.44 -24.73
CA THR E 246 16.49 -50.28 -24.40
C THR E 246 17.39 -49.20 -23.79
N TYR E 247 16.88 -47.98 -23.75
CA TYR E 247 17.58 -46.85 -23.17
C TYR E 247 16.61 -46.07 -22.31
N LYS E 248 17.15 -45.32 -21.34
CA LYS E 248 16.34 -44.64 -20.34
C LYS E 248 16.34 -43.14 -20.57
N LEU E 249 15.16 -42.54 -20.49
CA LEU E 249 14.98 -41.09 -20.64
C LEU E 249 14.31 -40.54 -19.41
N ALA E 250 14.85 -39.47 -18.85
CA ALA E 250 14.38 -38.95 -17.57
C ALA E 250 14.39 -37.42 -17.55
N ALA E 251 13.50 -36.85 -16.76
CA ALA E 251 13.43 -35.41 -16.56
C ALA E 251 12.68 -35.12 -15.27
N LYS E 252 12.97 -33.97 -14.66
CA LYS E 252 12.41 -33.61 -13.37
C LYS E 252 12.20 -32.10 -13.30
N SER E 253 11.40 -31.69 -12.33
CA SER E 253 11.19 -30.27 -12.06
C SER E 253 10.67 -30.10 -10.63
N PHE E 254 11.04 -28.99 -10.00
CA PHE E 254 10.68 -28.70 -8.62
C PHE E 254 9.83 -27.44 -8.54
N ILE E 255 8.96 -27.41 -7.54
CA ILE E 255 8.08 -26.27 -7.31
C ILE E 255 7.96 -26.02 -5.81
N THR E 256 8.61 -24.98 -5.31
CA THR E 256 8.62 -24.72 -3.88
C THR E 256 7.23 -24.34 -3.41
N ASP E 257 6.92 -24.64 -2.15
CA ASP E 257 5.59 -24.41 -1.63
C ASP E 257 5.35 -22.96 -1.24
N GLU E 258 6.24 -22.05 -1.60
CA GLU E 258 5.98 -20.64 -1.34
C GLU E 258 5.72 -19.83 -2.59
N THR E 259 6.28 -20.21 -3.74
CA THR E 259 5.89 -19.53 -4.96
C THR E 259 4.44 -19.81 -5.32
N GLU E 260 3.87 -20.90 -4.82
CA GLU E 260 2.45 -21.15 -5.06
C GLU E 260 1.59 -20.09 -4.39
N GLU E 261 1.92 -19.73 -3.14
CA GLU E 261 1.20 -18.64 -2.49
C GLU E 261 1.64 -17.28 -2.99
N ASP E 262 2.91 -17.14 -3.35
CA ASP E 262 3.48 -15.86 -3.77
C ASP E 262 3.16 -15.54 -5.22
N ALA E 263 1.88 -15.64 -5.57
CA ALA E 263 1.37 -15.34 -6.90
C ALA E 263 -0.14 -15.35 -6.82
N ILE E 264 -0.77 -14.78 -7.86
CA ILE E 264 -2.23 -14.67 -7.84
C ILE E 264 -2.87 -15.92 -8.43
N PHE E 265 -2.24 -16.50 -9.45
CA PHE E 265 -2.77 -17.69 -10.10
C PHE E 265 -1.81 -18.85 -9.92
N SER E 266 -2.33 -20.07 -10.13
CA SER E 266 -1.54 -21.27 -9.92
C SER E 266 -0.49 -21.43 -11.01
N LEU E 267 0.50 -22.27 -10.72
CA LEU E 267 1.60 -22.53 -11.65
C LEU E 267 1.93 -24.02 -11.75
N LEU E 268 1.06 -24.88 -11.26
CA LEU E 268 1.32 -26.32 -11.31
C LEU E 268 0.98 -26.92 -12.67
N PRO E 269 -0.22 -26.69 -13.22
CA PRO E 269 -0.55 -27.31 -14.50
C PRO E 269 0.44 -26.95 -15.60
N LEU E 270 0.93 -25.71 -15.58
CA LEU E 270 1.95 -25.33 -16.54
C LEU E 270 3.19 -26.19 -16.36
N LEU E 271 3.60 -26.42 -15.12
CA LEU E 271 4.77 -27.25 -14.86
C LEU E 271 4.60 -28.65 -15.43
N ARG E 272 3.47 -29.28 -15.13
CA ARG E 272 3.29 -30.66 -15.60
C ARG E 272 3.23 -30.74 -17.12
N LYS E 273 2.50 -29.81 -17.75
CA LYS E 273 2.41 -29.83 -19.20
C LYS E 273 3.76 -29.59 -19.83
N ARG E 274 4.58 -28.71 -19.25
CA ARG E 274 5.91 -28.50 -19.78
C ARG E 274 6.74 -29.77 -19.68
N LEU E 275 6.62 -30.48 -18.55
CA LEU E 275 7.34 -31.74 -18.40
C LEU E 275 7.01 -32.71 -19.52
N ILE E 276 5.71 -32.95 -19.74
CA ILE E 276 5.31 -33.96 -20.72
C ILE E 276 5.73 -33.55 -22.12
N GLU E 277 5.50 -32.28 -22.49
CA GLU E 277 5.82 -31.85 -23.84
C GLU E 277 7.33 -31.85 -24.08
N ALA E 278 8.13 -31.52 -23.06
CA ALA E 278 9.57 -31.63 -23.20
C ALA E 278 9.98 -33.07 -23.44
N HIS E 279 9.34 -34.00 -22.74
CA HIS E 279 9.66 -35.41 -22.92
C HIS E 279 9.40 -35.84 -24.36
N ALA E 280 8.22 -35.48 -24.88
CA ALA E 280 7.87 -35.84 -26.25
C ALA E 280 8.84 -35.20 -27.27
N VAL E 281 9.18 -33.93 -27.06
CA VAL E 281 10.09 -33.28 -27.98
C VAL E 281 11.43 -34.00 -28.01
N SER E 282 11.96 -34.36 -26.83
CA SER E 282 13.26 -35.01 -26.80
C SER E 282 13.22 -36.37 -27.46
N ILE E 283 12.17 -37.15 -27.23
CA ILE E 283 12.13 -38.48 -27.83
C ILE E 283 12.04 -38.37 -29.35
N GLU E 284 11.22 -37.46 -29.86
CA GLU E 284 11.11 -37.33 -31.31
C GLU E 284 12.40 -36.82 -31.94
N GLU E 285 13.06 -35.86 -31.28
CA GLU E 285 14.34 -35.38 -31.79
C GLU E 285 15.37 -36.49 -31.83
N ALA E 286 15.41 -37.32 -30.79
CA ALA E 286 16.37 -38.42 -30.76
C ALA E 286 16.09 -39.43 -31.85
N PHE E 287 14.80 -39.73 -32.09
CA PHE E 287 14.47 -40.65 -33.17
C PHE E 287 14.88 -40.07 -34.51
N MET E 288 14.69 -38.77 -34.71
CA MET E 288 15.19 -38.11 -35.92
C MET E 288 16.67 -38.30 -36.11
N THR E 289 17.48 -37.73 -35.23
CA THR E 289 18.91 -37.75 -35.49
C THR E 289 19.74 -38.02 -34.24
N GLY E 290 19.27 -38.91 -33.38
CA GLY E 290 20.07 -39.31 -32.25
C GLY E 290 21.27 -40.14 -32.68
N ASP E 291 22.39 -39.94 -31.98
CA ASP E 291 23.58 -40.73 -32.20
C ASP E 291 23.44 -42.07 -31.49
N GLY E 292 24.54 -42.80 -31.35
CA GLY E 292 24.52 -44.08 -30.69
C GLY E 292 25.02 -44.11 -29.26
N SER E 293 25.48 -42.99 -28.73
CA SER E 293 26.09 -42.93 -27.39
C SER E 293 24.97 -42.81 -26.36
N GLY E 294 24.51 -43.95 -25.86
CA GLY E 294 23.50 -43.96 -24.83
C GLY E 294 22.12 -43.55 -25.27
N LYS E 295 21.93 -43.23 -26.53
CA LYS E 295 20.65 -42.83 -27.09
C LYS E 295 20.42 -43.57 -28.39
N PRO E 296 19.16 -43.76 -28.78
CA PRO E 296 18.88 -44.52 -30.00
C PRO E 296 19.53 -43.87 -31.21
N LYS E 297 20.01 -44.71 -32.12
CA LYS E 297 20.60 -44.20 -33.35
C LYS E 297 19.51 -43.64 -34.24
N GLY E 298 19.65 -42.37 -34.61
CA GLY E 298 18.61 -41.71 -35.37
C GLY E 298 18.52 -42.24 -36.79
N LEU E 299 17.35 -41.98 -37.40
CA LEU E 299 17.12 -42.47 -38.76
C LEU E 299 18.18 -41.93 -39.72
N LEU E 300 18.50 -40.64 -39.62
CA LEU E 300 19.50 -40.08 -40.51
C LEU E 300 20.86 -40.70 -40.25
N THR E 301 21.17 -40.98 -38.99
CA THR E 301 22.45 -41.64 -38.70
C THR E 301 22.48 -43.04 -39.28
N LEU E 302 21.38 -43.77 -39.19
CA LEU E 302 21.31 -45.10 -39.80
C LEU E 302 21.55 -45.01 -41.29
N ALA E 303 20.89 -44.05 -41.95
CA ALA E 303 21.04 -43.92 -43.39
C ALA E 303 22.47 -43.55 -43.76
N SER E 304 23.10 -42.67 -42.98
CA SER E 304 24.47 -42.28 -43.30
C SER E 304 25.44 -43.45 -43.11
N GLU E 305 25.28 -44.20 -42.01
CA GLU E 305 26.22 -45.28 -41.73
C GLU E 305 25.97 -46.52 -42.57
N ASP E 306 24.86 -46.58 -43.30
CA ASP E 306 24.58 -47.65 -44.24
C ASP E 306 25.01 -47.30 -45.65
N SER E 307 25.69 -46.16 -45.83
CA SER E 307 26.06 -45.62 -47.13
C SER E 307 24.84 -45.39 -48.02
N ALA E 308 23.70 -45.06 -47.42
CA ALA E 308 22.49 -44.72 -48.15
C ALA E 308 22.28 -43.22 -48.23
N LYS E 309 23.33 -42.42 -48.01
CA LYS E 309 23.24 -40.98 -48.08
C LYS E 309 23.55 -40.55 -49.51
N VAL E 310 22.51 -40.38 -50.31
CA VAL E 310 22.66 -39.97 -51.69
C VAL E 310 22.97 -38.48 -51.73
N THR E 311 24.15 -38.13 -52.23
CA THR E 311 24.57 -36.74 -52.33
C THR E 311 24.03 -36.17 -53.64
N THR E 312 22.97 -35.39 -53.56
CA THR E 312 22.35 -34.83 -54.75
C THR E 312 23.07 -33.56 -55.18
N GLU E 313 22.59 -32.94 -56.26
CA GLU E 313 23.22 -31.74 -56.79
C GLU E 313 22.56 -30.46 -56.31
N ALA E 314 21.53 -30.54 -55.47
CA ALA E 314 20.94 -29.34 -54.91
C ALA E 314 21.96 -28.61 -54.05
N LYS E 315 21.92 -27.28 -54.08
CA LYS E 315 22.89 -26.47 -53.38
C LYS E 315 22.28 -25.89 -52.10
N ALA E 316 23.09 -25.80 -51.06
CA ALA E 316 22.60 -25.28 -49.78
C ALA E 316 22.45 -23.77 -49.81
N ASP E 317 23.24 -23.08 -50.62
CA ASP E 317 23.13 -21.63 -50.69
C ASP E 317 21.80 -21.20 -51.30
N GLY E 318 21.35 -21.90 -52.34
CA GLY E 318 20.10 -21.59 -52.98
C GLY E 318 20.20 -21.44 -54.47
N SER E 319 21.38 -21.68 -55.03
CA SER E 319 21.55 -21.59 -56.48
C SER E 319 20.67 -22.60 -57.19
N VAL E 320 20.64 -23.84 -56.71
CA VAL E 320 19.83 -24.90 -57.29
C VAL E 320 18.83 -25.37 -56.24
N LEU E 321 17.58 -25.45 -56.63
CA LEU E 321 16.52 -25.84 -55.71
C LEU E 321 16.48 -27.37 -55.59
N VAL E 322 15.50 -27.89 -54.87
CA VAL E 322 15.28 -29.32 -54.74
C VAL E 322 14.08 -29.69 -55.60
N THR E 323 14.31 -30.48 -56.64
CA THR E 323 13.26 -30.86 -57.58
C THR E 323 12.64 -32.18 -57.17
N ALA E 324 11.39 -32.38 -57.59
CA ALA E 324 10.69 -33.62 -57.27
C ALA E 324 11.36 -34.83 -57.92
N LYS E 325 11.95 -34.64 -59.10
CA LYS E 325 12.69 -35.72 -59.73
C LYS E 325 13.85 -36.18 -58.86
N THR E 326 14.54 -35.23 -58.22
CA THR E 326 15.62 -35.60 -57.32
C THR E 326 15.10 -36.42 -56.16
N ILE E 327 13.96 -36.04 -55.60
CA ILE E 327 13.38 -36.80 -54.49
C ILE E 327 13.03 -38.21 -54.95
N SER E 328 12.44 -38.34 -56.13
CA SER E 328 12.07 -39.66 -56.61
C SER E 328 13.27 -40.50 -57.01
N LYS E 329 14.40 -39.88 -57.33
CA LYS E 329 15.60 -40.65 -57.67
C LYS E 329 16.17 -41.40 -56.49
N LEU E 330 15.79 -41.02 -55.26
CA LEU E 330 16.32 -41.71 -54.09
C LEU E 330 15.78 -43.13 -53.96
N ARG E 331 14.70 -43.45 -54.68
CA ARG E 331 14.10 -44.77 -54.53
C ARG E 331 15.02 -45.88 -55.00
N ARG E 332 15.99 -45.54 -55.85
CA ARG E 332 16.88 -46.56 -56.38
C ARG E 332 17.68 -47.25 -55.30
N LYS E 333 18.22 -46.47 -54.36
CA LYS E 333 19.10 -47.04 -53.35
C LYS E 333 18.36 -47.96 -52.38
N LEU E 334 17.04 -47.87 -52.32
CA LEU E 334 16.26 -48.81 -51.53
C LEU E 334 16.36 -50.23 -52.06
N GLY E 335 16.70 -50.41 -53.33
CA GLY E 335 16.87 -51.75 -53.85
C GLY E 335 15.53 -52.45 -53.96
N ARG E 336 15.53 -53.74 -53.57
CA ARG E 336 14.38 -54.59 -53.79
C ARG E 336 13.13 -54.05 -53.11
N HIS E 337 13.29 -53.31 -52.01
CA HIS E 337 12.13 -52.82 -51.27
C HIS E 337 11.50 -51.60 -51.92
N GLY E 338 12.19 -50.97 -52.87
CA GLY E 338 11.63 -49.80 -53.51
C GLY E 338 10.61 -50.07 -54.58
N LEU E 339 10.44 -51.32 -54.99
CA LEU E 339 9.47 -51.63 -56.03
C LEU E 339 8.05 -51.36 -55.56
N LYS E 340 7.74 -51.72 -54.33
CA LYS E 340 6.40 -51.51 -53.82
C LYS E 340 6.26 -50.11 -53.26
N LEU E 341 5.14 -49.47 -53.58
CA LEU E 341 4.91 -48.08 -53.18
C LEU E 341 4.03 -47.93 -51.97
N SER E 342 3.17 -48.90 -51.67
CA SER E 342 2.29 -48.76 -50.52
C SER E 342 3.03 -48.97 -49.21
N LYS E 343 4.27 -49.44 -49.27
CA LYS E 343 5.06 -49.72 -48.08
C LYS E 343 6.21 -48.75 -47.89
N LEU E 344 6.01 -47.47 -48.22
CA LEU E 344 7.06 -46.47 -48.07
C LEU E 344 6.49 -45.24 -47.41
N VAL E 345 7.38 -44.47 -46.77
CA VAL E 345 7.03 -43.22 -46.12
C VAL E 345 8.02 -42.16 -46.56
N LEU E 346 7.49 -41.02 -46.98
CA LEU E 346 8.32 -39.90 -47.42
C LEU E 346 8.17 -38.75 -46.43
N ILE E 347 9.31 -38.19 -46.02
CA ILE E 347 9.35 -37.06 -45.10
C ILE E 347 10.34 -36.04 -45.63
N VAL E 348 9.91 -34.80 -45.75
CA VAL E 348 10.73 -33.73 -46.30
C VAL E 348 10.78 -32.58 -45.31
N SER E 349 11.86 -31.81 -45.38
CA SER E 349 12.01 -30.67 -44.51
C SER E 349 11.10 -29.54 -44.97
N MET E 350 11.11 -28.44 -44.22
CA MET E 350 10.30 -27.29 -44.59
C MET E 350 10.83 -26.63 -45.85
N ASP E 351 12.13 -26.38 -45.90
CA ASP E 351 12.69 -25.71 -47.05
C ASP E 351 12.58 -26.56 -48.31
N ALA E 352 12.70 -27.87 -48.18
CA ALA E 352 12.47 -28.75 -49.32
C ALA E 352 11.05 -28.59 -49.83
N TYR E 353 10.08 -28.48 -48.93
CA TYR E 353 8.70 -28.28 -49.36
C TYR E 353 8.53 -26.95 -50.06
N TYR E 354 9.16 -25.90 -49.55
CA TYR E 354 9.01 -24.59 -50.18
C TYR E 354 9.70 -24.55 -51.54
N ASP E 355 10.77 -25.32 -51.71
CA ASP E 355 11.39 -25.39 -53.03
C ASP E 355 10.59 -26.28 -53.98
N LEU E 356 9.89 -27.27 -53.42
CA LEU E 356 8.99 -28.08 -54.22
C LEU E 356 7.83 -27.25 -54.76
N LEU E 357 7.35 -26.31 -53.95
CA LEU E 357 6.24 -25.47 -54.39
C LEU E 357 6.58 -24.64 -55.61
N GLU E 358 7.86 -24.44 -55.91
CA GLU E 358 8.30 -23.63 -57.04
C GLU E 358 9.00 -24.49 -58.10
N ASP E 359 8.46 -25.67 -58.36
CA ASP E 359 9.07 -26.58 -59.32
C ASP E 359 8.54 -26.27 -60.72
N GLU E 360 9.44 -26.05 -61.67
CA GLU E 360 9.04 -25.73 -63.03
C GLU E 360 8.30 -26.88 -63.70
N GLU E 361 8.39 -28.09 -63.16
CA GLU E 361 7.79 -29.25 -63.76
C GLU E 361 6.38 -29.52 -63.25
N TRP E 362 5.83 -28.64 -62.43
CA TRP E 362 4.51 -28.85 -61.85
C TRP E 362 3.61 -27.64 -62.01
N GLN E 363 3.99 -26.70 -62.86
CA GLN E 363 3.26 -25.45 -62.98
C GLN E 363 2.04 -25.58 -63.90
N ASP E 364 2.27 -25.92 -65.15
CA ASP E 364 1.22 -25.93 -66.15
C ASP E 364 0.17 -26.98 -65.82
N VAL E 365 -1.06 -26.73 -66.25
CA VAL E 365 -2.10 -27.74 -66.12
C VAL E 365 -1.84 -28.90 -67.06
N ALA E 366 -1.48 -28.60 -68.31
CA ALA E 366 -1.19 -29.65 -69.28
C ALA E 366 0.00 -30.50 -68.86
N GLN E 367 0.91 -29.95 -68.06
CA GLN E 367 2.05 -30.74 -67.60
C GLN E 367 1.61 -31.80 -66.61
N VAL E 368 0.93 -31.40 -65.55
CA VAL E 368 0.50 -32.35 -64.53
C VAL E 368 -0.99 -32.21 -64.27
N GLY E 369 -1.80 -32.90 -65.07
CA GLY E 369 -3.22 -33.06 -64.83
C GLY E 369 -3.94 -31.85 -64.26
N ASN E 370 -4.76 -32.11 -63.24
CA ASN E 370 -5.52 -31.07 -62.56
C ASN E 370 -4.79 -30.53 -61.34
N ASP E 371 -3.75 -31.21 -60.88
CA ASP E 371 -3.04 -30.83 -59.66
C ASP E 371 -1.92 -29.84 -59.93
N ALA E 372 -2.05 -29.01 -60.96
CA ALA E 372 -1.04 -28.00 -61.23
C ALA E 372 -0.93 -27.05 -60.06
N VAL E 373 0.30 -26.60 -59.79
CA VAL E 373 0.53 -25.72 -58.66
C VAL E 373 -0.22 -24.40 -58.84
N LYS E 374 -0.21 -23.86 -60.07
CA LYS E 374 -0.83 -22.57 -60.32
C LYS E 374 -2.30 -22.56 -59.93
N LEU E 375 -2.98 -23.70 -60.03
CA LEU E 375 -4.38 -23.79 -59.67
C LEU E 375 -4.61 -24.10 -58.20
N GLN E 376 -3.63 -24.69 -57.53
CA GLN E 376 -3.79 -25.13 -56.16
C GLN E 376 -2.91 -24.39 -55.16
N GLY E 377 -1.63 -24.24 -55.46
CA GLY E 377 -0.69 -23.70 -54.50
C GLY E 377 -0.20 -24.71 -53.49
N GLN E 378 -0.66 -25.95 -53.56
CA GLN E 378 -0.26 -27.00 -52.64
C GLN E 378 0.23 -28.20 -53.45
N VAL E 379 1.15 -28.96 -52.86
CA VAL E 379 1.68 -30.16 -53.50
C VAL E 379 1.26 -31.36 -52.68
N GLY E 380 0.64 -32.35 -53.34
CA GLY E 380 0.19 -33.54 -52.66
C GLY E 380 1.10 -34.73 -52.88
N ARG E 381 0.73 -35.59 -53.82
CA ARG E 381 1.53 -36.77 -54.13
C ARG E 381 2.64 -36.40 -55.11
N ILE E 382 3.87 -36.78 -54.79
CA ILE E 382 5.01 -36.60 -55.66
C ILE E 382 5.39 -37.96 -56.19
N TYR E 383 5.21 -38.17 -57.50
CA TYR E 383 5.56 -39.44 -58.14
C TYR E 383 4.87 -40.61 -57.47
N GLY E 384 3.69 -40.36 -56.92
CA GLY E 384 2.97 -41.38 -56.20
C GLY E 384 3.29 -41.48 -54.73
N LEU E 385 4.30 -40.75 -54.26
CA LEU E 385 4.68 -40.75 -52.86
C LEU E 385 3.95 -39.63 -52.15
N PRO E 386 3.17 -39.92 -51.11
CA PRO E 386 2.59 -38.84 -50.31
C PRO E 386 3.69 -38.05 -49.63
N VAL E 387 3.45 -36.75 -49.44
CA VAL E 387 4.45 -35.83 -48.93
C VAL E 387 4.05 -35.40 -47.52
N VAL E 388 4.96 -35.58 -46.57
CA VAL E 388 4.78 -35.19 -45.18
C VAL E 388 5.90 -34.24 -44.81
N VAL E 389 5.56 -33.12 -44.20
CA VAL E 389 6.52 -32.08 -43.86
C VAL E 389 6.81 -32.16 -42.38
N SER E 390 8.10 -32.20 -42.04
CA SER E 390 8.56 -32.18 -40.67
C SER E 390 9.64 -31.12 -40.52
N GLU E 391 9.66 -30.46 -39.38
CA GLU E 391 10.60 -29.38 -39.17
C GLU E 391 11.80 -29.77 -38.33
N TYR E 392 11.89 -31.01 -37.89
CA TYR E 392 12.99 -31.44 -37.02
C TYR E 392 14.20 -31.91 -37.78
N PHE E 393 14.32 -31.54 -39.05
CA PHE E 393 15.49 -31.89 -39.82
C PHE E 393 16.68 -31.04 -39.37
N PRO E 394 17.90 -31.49 -39.63
CA PRO E 394 19.06 -30.70 -39.22
C PRO E 394 19.12 -29.34 -39.89
N ALA E 395 20.04 -28.49 -39.44
CA ALA E 395 20.16 -27.16 -40.01
C ALA E 395 20.56 -27.23 -41.47
N LYS E 396 20.01 -26.32 -42.26
CA LYS E 396 20.27 -26.31 -43.70
C LYS E 396 21.69 -25.84 -43.97
N ALA E 397 22.52 -26.74 -44.50
CA ALA E 397 23.91 -26.42 -44.84
C ALA E 397 24.42 -27.48 -45.80
N ALA E 398 25.66 -27.32 -46.24
CA ALA E 398 26.23 -28.24 -47.20
C ALA E 398 26.38 -29.62 -46.60
N GLY E 399 26.03 -30.65 -47.37
CA GLY E 399 26.12 -32.02 -46.90
C GLY E 399 25.19 -32.35 -45.76
N LYS E 400 23.96 -31.83 -45.80
CA LYS E 400 22.97 -32.08 -44.76
C LYS E 400 21.70 -32.66 -45.37
N GLU E 401 21.11 -33.62 -44.68
CA GLU E 401 19.92 -34.29 -45.19
C GLU E 401 18.73 -33.33 -45.26
N PHE E 402 17.90 -33.52 -46.27
CA PHE E 402 16.67 -32.74 -46.40
C PHE E 402 15.46 -33.59 -46.75
N ALA E 403 15.62 -34.90 -46.94
CA ALA E 403 14.50 -35.78 -47.19
C ALA E 403 14.94 -37.22 -46.96
N VAL E 404 14.04 -38.02 -46.42
CA VAL E 404 14.35 -39.41 -46.09
C VAL E 404 13.16 -40.28 -46.48
N ILE E 405 13.46 -41.47 -46.97
CA ILE E 405 12.45 -42.47 -47.30
C ILE E 405 12.79 -43.74 -46.53
N VAL E 406 11.81 -44.31 -45.85
CA VAL E 406 12.04 -45.43 -44.96
C VAL E 406 11.09 -46.56 -45.33
N TYR E 407 11.55 -47.79 -45.11
CA TYR E 407 10.67 -48.96 -45.20
C TYR E 407 9.97 -49.11 -43.86
N LYS E 408 8.67 -48.87 -43.83
CA LYS E 408 7.97 -48.69 -42.56
C LYS E 408 7.97 -49.96 -41.74
N ASP E 409 7.75 -51.11 -42.36
CA ASP E 409 7.57 -52.35 -41.61
C ASP E 409 8.87 -52.93 -41.08
N ASN E 410 10.01 -52.36 -41.45
CA ASN E 410 11.30 -52.89 -41.01
C ASN E 410 11.70 -52.40 -39.61
N PHE E 411 11.04 -51.38 -39.08
CA PHE E 411 11.45 -50.76 -37.84
C PHE E 411 10.46 -51.07 -36.72
N VAL E 412 10.97 -51.27 -35.51
CA VAL E 412 10.15 -51.53 -34.34
C VAL E 412 10.63 -50.63 -33.20
N MET E 413 9.81 -50.57 -32.16
CA MET E 413 10.08 -49.75 -30.98
C MET E 413 10.08 -50.63 -29.74
N PRO E 414 11.24 -51.17 -29.36
CA PRO E 414 11.34 -51.85 -28.07
C PRO E 414 11.06 -50.88 -26.94
N ARG E 415 10.34 -51.35 -25.92
CA ARG E 415 9.91 -50.48 -24.84
C ARG E 415 9.69 -51.30 -23.59
N GLN E 416 10.23 -50.83 -22.47
CA GLN E 416 10.11 -51.52 -21.19
C GLN E 416 8.98 -50.95 -20.34
N ARG E 417 9.05 -49.65 -20.02
CA ARG E 417 8.00 -49.02 -19.24
C ARG E 417 7.64 -47.68 -19.88
N ALA E 418 6.38 -47.31 -19.73
CA ALA E 418 5.85 -46.10 -20.35
C ALA E 418 6.28 -44.89 -19.53
N VAL E 419 5.67 -43.74 -19.82
CA VAL E 419 5.98 -42.52 -19.09
C VAL E 419 5.27 -42.57 -17.73
N THR E 420 6.03 -42.42 -16.66
CA THR E 420 5.50 -42.49 -15.31
C THR E 420 5.86 -41.22 -14.55
N VAL E 421 4.93 -40.75 -13.73
CA VAL E 421 5.09 -39.53 -12.96
C VAL E 421 5.18 -39.90 -11.49
N GLU E 422 6.25 -39.49 -10.83
CA GLU E 422 6.44 -39.74 -9.40
C GLU E 422 6.59 -38.41 -8.67
N ARG E 423 5.92 -38.28 -7.53
CA ARG E 423 5.94 -37.07 -6.74
C ARG E 423 6.62 -37.31 -5.41
N GLU E 424 7.62 -36.50 -5.09
CA GLU E 424 8.34 -36.60 -3.83
C GLU E 424 8.28 -35.27 -3.12
N ARG E 425 8.07 -35.32 -1.80
CA ARG E 425 8.00 -34.11 -0.98
C ARG E 425 9.31 -34.00 -0.19
N GLN E 426 10.04 -32.91 -0.39
CA GLN E 426 11.32 -32.69 0.28
C GLN E 426 11.13 -31.66 1.39
N ALA E 427 10.67 -32.15 2.55
CA ALA E 427 10.36 -31.25 3.65
C ALA E 427 11.59 -30.49 4.12
N GLY E 428 12.78 -31.04 3.91
CA GLY E 428 13.99 -30.38 4.33
C GLY E 428 14.26 -29.09 3.60
N LYS E 429 13.66 -28.91 2.42
CA LYS E 429 13.80 -27.68 1.67
C LYS E 429 12.45 -27.11 1.24
N GLN E 430 11.35 -27.76 1.61
CA GLN E 430 10.01 -27.29 1.30
C GLN E 430 9.83 -27.09 -0.21
N ARG E 431 10.00 -28.17 -0.95
CA ARG E 431 9.76 -28.20 -2.39
C ARG E 431 8.85 -29.36 -2.72
N ASP E 432 8.51 -29.47 -4.00
CA ASP E 432 7.67 -30.55 -4.50
C ASP E 432 8.30 -31.06 -5.79
N ALA E 433 9.22 -32.01 -5.68
CA ALA E 433 9.88 -32.54 -6.85
C ALA E 433 8.94 -33.46 -7.63
N TYR E 434 9.02 -33.38 -8.95
CA TYR E 434 8.30 -34.26 -9.84
C TYR E 434 9.29 -34.96 -10.75
N TYR E 435 9.08 -36.26 -10.97
CA TYR E 435 10.00 -37.05 -11.78
C TYR E 435 9.24 -37.76 -12.88
N VAL E 436 9.79 -37.76 -14.08
CA VAL E 436 9.20 -38.45 -15.22
C VAL E 436 10.29 -39.28 -15.89
N THR E 437 10.02 -40.56 -16.10
CA THR E 437 10.99 -41.48 -16.67
C THR E 437 10.31 -42.41 -17.65
N GLN E 438 11.09 -42.93 -18.59
CA GLN E 438 10.61 -43.93 -19.54
C GLN E 438 11.81 -44.63 -20.14
N ARG E 439 11.55 -45.81 -20.70
CA ARG E 439 12.60 -46.63 -21.31
C ARG E 439 12.12 -47.07 -22.70
N VAL E 440 12.76 -46.55 -23.74
CA VAL E 440 12.43 -46.86 -25.13
C VAL E 440 13.70 -46.95 -25.95
N ASN E 441 13.55 -47.36 -27.20
CA ASN E 441 14.63 -47.40 -28.18
C ASN E 441 14.01 -47.62 -29.55
N LEU E 442 14.78 -47.33 -30.59
CA LEU E 442 14.36 -47.53 -31.97
C LEU E 442 15.27 -48.56 -32.62
N GLN E 443 14.70 -49.70 -32.99
CA GLN E 443 15.48 -50.82 -33.49
C GLN E 443 14.85 -51.35 -34.76
N ARG E 444 15.69 -51.97 -35.58
CA ARG E 444 15.26 -52.52 -36.86
C ARG E 444 15.76 -53.96 -36.97
N TYR E 445 15.08 -54.74 -37.82
CA TYR E 445 15.46 -56.14 -37.99
C TYR E 445 16.75 -56.26 -38.78
N PHE E 446 16.75 -55.83 -40.03
CA PHE E 446 17.87 -56.04 -40.93
C PHE E 446 18.56 -54.73 -41.25
N GLU E 447 19.67 -54.83 -41.99
CA GLU E 447 20.51 -53.67 -42.27
C GLU E 447 20.16 -53.04 -43.63
N ASN E 448 18.89 -52.67 -43.77
CA ASN E 448 18.44 -51.98 -44.98
C ASN E 448 17.04 -51.43 -44.72
N GLY E 449 16.60 -50.55 -45.60
CA GLY E 449 15.26 -50.00 -45.51
C GLY E 449 15.19 -48.52 -45.25
N VAL E 450 16.19 -47.75 -45.63
CA VAL E 450 16.18 -46.30 -45.44
C VAL E 450 17.12 -45.68 -46.45
N VAL E 451 16.75 -44.50 -46.93
CA VAL E 451 17.61 -43.75 -47.84
C VAL E 451 17.37 -42.26 -47.57
N SER E 452 18.46 -41.50 -47.60
CA SER E 452 18.42 -40.09 -47.27
C SER E 452 19.18 -39.29 -48.31
N GLY E 453 18.59 -38.19 -48.75
CA GLY E 453 19.23 -37.30 -49.70
C GLY E 453 19.76 -36.06 -49.00
N ALA E 454 20.86 -35.53 -49.50
CA ALA E 454 21.54 -34.42 -48.87
C ALA E 454 21.91 -33.37 -49.89
N TYR E 455 22.14 -32.15 -49.42
CA TYR E 455 22.62 -31.09 -50.28
C TYR E 455 24.03 -31.40 -50.76
N ALA E 456 24.47 -30.66 -51.77
CA ALA E 456 25.80 -30.89 -52.32
C ALA E 456 26.87 -30.44 -51.33
N ALA E 457 28.06 -30.97 -51.52
CA ALA E 457 29.19 -30.62 -50.67
C ALA E 457 29.75 -29.25 -51.06
N ASN F 162 -29.77 36.74 -77.21
CA ASN F 162 -29.19 36.45 -78.51
C ASN F 162 -28.61 37.70 -79.16
N GLN F 163 -29.16 38.86 -78.78
CA GLN F 163 -28.62 40.15 -79.20
C GLN F 163 -28.61 40.31 -80.71
N SER F 164 -29.57 39.65 -81.37
CA SER F 164 -29.64 39.65 -82.83
C SER F 164 -30.95 40.18 -83.40
N SER F 165 -32.06 39.97 -82.72
CA SER F 165 -33.35 40.43 -83.19
C SER F 165 -33.50 41.93 -82.92
N SER F 166 -34.73 42.44 -83.06
CA SER F 166 -35.00 43.81 -82.65
C SER F 166 -35.15 43.92 -81.14
N VAL F 167 -35.59 42.86 -80.47
CA VAL F 167 -35.81 42.87 -79.03
C VAL F 167 -34.85 41.88 -78.38
N GLU F 168 -34.06 42.36 -77.43
CA GLU F 168 -33.05 41.57 -76.76
C GLU F 168 -33.45 41.32 -75.33
N VAL F 169 -32.54 40.71 -74.58
CA VAL F 169 -32.72 40.44 -73.17
C VAL F 169 -31.65 41.21 -72.41
N SER F 170 -31.88 41.42 -71.11
CA SER F 170 -31.02 42.29 -70.33
C SER F 170 -29.60 41.75 -70.25
N SER F 171 -29.44 40.48 -69.87
CA SER F 171 -28.11 39.93 -69.65
C SER F 171 -28.16 38.42 -69.84
N GLU F 172 -26.97 37.82 -69.90
CA GLU F 172 -26.88 36.39 -70.12
C GLU F 172 -27.51 35.59 -69.00
N SER F 173 -27.74 36.19 -67.83
CA SER F 173 -28.36 35.48 -66.73
C SER F 173 -29.75 34.99 -67.08
N TYR F 174 -30.43 35.65 -68.01
CA TYR F 174 -31.75 35.20 -68.46
C TYR F 174 -31.71 34.31 -69.68
N GLU F 175 -30.53 34.09 -70.26
CA GLU F 175 -30.38 33.07 -71.29
C GLU F 175 -29.83 31.77 -70.73
N THR F 176 -29.59 31.71 -69.43
CA THR F 176 -28.94 30.58 -68.79
C THR F 176 -29.86 29.94 -67.78
N ILE F 177 -29.78 28.61 -67.68
CA ILE F 177 -30.51 27.84 -66.68
C ILE F 177 -29.51 27.25 -65.72
N PHE F 178 -29.69 27.52 -64.43
CA PHE F 178 -28.80 27.01 -63.40
C PHE F 178 -29.40 25.76 -62.78
N SER F 179 -28.61 24.70 -62.82
CA SER F 179 -29.09 23.42 -62.25
C SER F 179 -28.70 23.40 -60.78
N GLN F 180 -29.37 22.55 -60.02
CA GLN F 180 -29.10 22.41 -58.60
C GLN F 180 -28.60 21.02 -58.24
N ARG F 181 -28.19 20.23 -59.23
CA ARG F 181 -27.73 18.88 -58.98
C ARG F 181 -26.20 18.85 -58.99
N ILE F 182 -25.66 17.91 -58.23
CA ILE F 182 -24.24 17.86 -57.89
C ILE F 182 -23.67 16.55 -58.41
N ILE F 183 -22.46 16.60 -58.96
CA ILE F 183 -21.81 15.44 -59.54
C ILE F 183 -20.42 15.30 -58.97
N ARG F 184 -19.99 14.06 -58.74
CA ARG F 184 -18.68 13.77 -58.17
C ARG F 184 -17.99 12.69 -59.00
N ASP F 185 -16.68 12.81 -59.10
CA ASP F 185 -15.87 11.87 -59.85
C ASP F 185 -15.77 10.54 -59.11
N LEU F 186 -15.19 9.54 -59.77
CA LEU F 186 -14.92 8.27 -59.11
C LEU F 186 -13.85 8.47 -58.04
N GLN F 187 -14.07 7.85 -56.88
CA GLN F 187 -13.19 8.01 -55.74
C GLN F 187 -12.53 6.69 -55.38
N LYS F 188 -11.40 6.80 -54.68
CA LYS F 188 -10.69 5.62 -54.20
C LYS F 188 -11.59 4.83 -53.26
N GLU F 189 -11.44 3.51 -53.30
CA GLU F 189 -12.24 2.63 -52.47
C GLU F 189 -11.58 2.42 -51.11
N LEU F 190 -12.37 1.89 -50.18
CA LEU F 190 -11.92 1.59 -48.82
C LEU F 190 -11.66 0.10 -48.70
N VAL F 191 -10.45 -0.27 -48.28
CA VAL F 191 -10.06 -1.68 -48.26
C VAL F 191 -9.56 -2.14 -46.90
N VAL F 192 -8.55 -1.46 -46.35
CA VAL F 192 -7.87 -1.93 -45.14
C VAL F 192 -8.42 -1.31 -43.88
N GLY F 193 -9.41 -0.42 -43.99
CA GLY F 193 -9.92 0.26 -42.81
C GLY F 193 -10.62 -0.67 -41.84
N ALA F 194 -11.44 -1.57 -42.37
CA ALA F 194 -12.38 -2.33 -41.54
C ALA F 194 -12.34 -3.81 -41.88
N LEU F 195 -11.15 -4.40 -41.95
CA LEU F 195 -11.03 -5.82 -42.17
C LEU F 195 -10.59 -6.60 -40.94
N PHE F 196 -9.75 -6.02 -40.09
CA PHE F 196 -9.31 -6.72 -38.88
C PHE F 196 -10.38 -6.66 -37.81
N GLU F 197 -10.40 -7.69 -36.97
CA GLU F 197 -11.30 -7.66 -35.83
C GLU F 197 -10.81 -6.63 -34.81
N GLU F 198 -11.74 -6.16 -33.99
CA GLU F 198 -11.50 -5.01 -33.12
C GLU F 198 -11.57 -5.44 -31.65
N LEU F 199 -10.63 -4.94 -30.86
CA LEU F 199 -10.51 -5.30 -29.46
C LEU F 199 -10.99 -4.14 -28.61
N PRO F 200 -12.18 -4.20 -28.02
CA PRO F 200 -12.64 -3.10 -27.17
C PRO F 200 -11.74 -2.93 -25.96
N MET F 201 -11.55 -1.68 -25.58
CA MET F 201 -10.64 -1.35 -24.50
C MET F 201 -11.34 -0.40 -23.53
N SER F 202 -10.99 -0.51 -22.25
CA SER F 202 -11.56 0.37 -21.25
C SER F 202 -10.53 0.88 -20.24
N SER F 203 -9.32 1.18 -20.71
CA SER F 203 -8.28 1.76 -19.85
C SER F 203 -7.20 2.30 -20.78
N LYS F 204 -6.14 2.83 -20.18
CA LYS F 204 -5.02 3.28 -21.00
C LYS F 204 -4.32 2.10 -21.66
N ILE F 205 -4.05 1.05 -20.91
CA ILE F 205 -3.23 -0.06 -21.37
C ILE F 205 -3.88 -1.37 -20.99
N LEU F 206 -3.84 -2.33 -21.90
CA LEU F 206 -4.28 -3.69 -21.64
C LEU F 206 -3.09 -4.62 -21.82
N THR F 207 -2.87 -5.49 -20.85
CA THR F 207 -1.70 -6.37 -20.82
C THR F 207 -2.14 -7.83 -20.83
N MET F 208 -1.50 -8.64 -21.67
CA MET F 208 -1.76 -10.06 -21.77
C MET F 208 -0.51 -10.83 -21.39
N LEU F 209 -0.57 -12.15 -21.52
CA LEU F 209 0.52 -13.01 -21.12
C LEU F 209 0.95 -13.94 -22.25
N VAL F 210 2.23 -14.30 -22.26
CA VAL F 210 2.81 -15.14 -23.30
C VAL F 210 3.46 -16.34 -22.65
N GLU F 211 3.09 -17.53 -23.11
CA GLU F 211 3.60 -18.78 -22.58
C GLU F 211 4.99 -19.04 -23.15
N PRO F 212 5.89 -19.70 -22.41
CA PRO F 212 7.24 -19.92 -22.92
C PRO F 212 7.30 -21.04 -23.94
N ASP F 213 8.53 -21.39 -24.35
CA ASP F 213 8.77 -22.42 -25.35
C ASP F 213 8.89 -23.78 -24.67
N ALA F 214 9.39 -24.77 -25.41
CA ALA F 214 9.45 -26.15 -24.96
C ALA F 214 10.84 -26.52 -24.45
N GLY F 215 10.90 -27.45 -23.50
CA GLY F 215 12.16 -27.96 -22.99
C GLY F 215 12.55 -29.26 -23.64
N ARG F 216 13.39 -30.03 -22.93
CA ARG F 216 13.78 -31.35 -23.39
C ARG F 216 14.35 -32.15 -22.25
N ALA F 217 14.34 -33.48 -22.41
CA ALA F 217 14.81 -34.41 -21.40
C ALA F 217 16.23 -34.85 -21.70
N THR F 218 16.74 -35.83 -20.96
CA THR F 218 18.08 -36.34 -21.16
C THR F 218 18.09 -37.86 -21.07
N TRP F 219 19.05 -38.47 -21.76
CA TRP F 219 19.23 -39.92 -21.74
C TRP F 219 20.32 -40.24 -20.73
N VAL F 220 19.99 -41.04 -19.72
CA VAL F 220 20.92 -41.37 -18.65
C VAL F 220 21.68 -42.63 -19.04
N ALA F 221 22.92 -42.70 -18.57
CA ALA F 221 23.72 -43.89 -18.82
C ALA F 221 23.32 -45.00 -17.86
N ALA F 222 23.71 -46.23 -18.20
CA ALA F 222 23.41 -47.35 -17.33
C ALA F 222 24.27 -47.34 -16.08
N SER F 223 25.44 -46.71 -16.14
CA SER F 223 26.33 -46.71 -14.98
C SER F 223 25.75 -45.93 -13.82
N ALA F 224 24.87 -44.98 -14.10
CA ALA F 224 24.21 -44.21 -13.06
C ALA F 224 22.82 -44.73 -12.73
N TYR F 225 22.62 -46.04 -12.80
CA TYR F 225 21.30 -46.60 -12.58
C TYR F 225 20.89 -46.62 -11.12
N GLY F 226 21.82 -46.37 -10.20
CA GLY F 226 21.49 -46.41 -8.79
C GLY F 226 21.72 -45.09 -8.09
N SER F 227 22.58 -44.25 -8.66
CA SER F 227 22.95 -43.00 -8.02
C SER F 227 21.83 -41.97 -8.20
N ASP F 228 22.12 -40.72 -7.89
CA ASP F 228 21.14 -39.65 -7.98
C ASP F 228 21.05 -39.01 -9.36
N ASN F 229 21.85 -39.48 -10.32
CA ASN F 229 21.75 -39.00 -11.69
C ASN F 229 20.72 -39.77 -12.50
N THR F 230 20.01 -40.72 -11.89
CA THR F 230 19.04 -41.51 -12.64
C THR F 230 17.82 -40.70 -13.03
N THR F 231 17.68 -39.48 -12.53
CA THR F 231 16.57 -38.62 -12.91
C THR F 231 16.96 -37.55 -13.91
N GLY F 232 18.21 -37.51 -14.33
CA GLY F 232 18.57 -36.62 -15.41
C GLY F 232 18.54 -35.14 -15.02
N SER F 233 18.12 -34.33 -15.99
CA SER F 233 18.18 -32.87 -15.87
C SER F 233 16.82 -32.30 -15.50
N GLU F 234 16.80 -30.96 -15.39
CA GLU F 234 15.62 -30.23 -14.94
C GLU F 234 15.18 -29.25 -16.02
N VAL F 235 13.87 -29.09 -16.17
CA VAL F 235 13.29 -28.22 -17.18
C VAL F 235 12.64 -27.01 -16.51
N THR F 236 12.90 -25.83 -17.04
CA THR F 236 12.47 -24.58 -16.43
C THR F 236 11.83 -23.68 -17.48
N GLY F 237 10.98 -22.75 -17.02
CA GLY F 237 10.34 -21.82 -17.92
C GLY F 237 9.75 -20.60 -17.25
N ALA F 238 9.69 -19.49 -17.98
CA ALA F 238 9.17 -18.23 -17.46
C ALA F 238 8.21 -17.61 -18.47
N LEU F 239 7.24 -16.86 -17.97
CA LEU F 239 6.22 -16.28 -18.82
C LEU F 239 6.64 -14.90 -19.32
N THR F 240 5.80 -14.29 -20.16
CA THR F 240 6.09 -13.00 -20.77
C THR F 240 4.76 -12.27 -21.02
N GLU F 241 4.84 -10.96 -21.26
CA GLU F 241 3.65 -10.13 -21.35
C GLU F 241 3.75 -9.17 -22.52
N ILE F 242 2.60 -8.67 -22.97
CA ILE F 242 2.49 -7.73 -24.07
C ILE F 242 1.55 -6.59 -23.66
N HIS F 243 1.53 -5.54 -24.48
CA HIS F 243 0.81 -4.31 -24.14
C HIS F 243 0.11 -3.73 -25.35
N PHE F 244 -0.96 -2.97 -25.09
CA PHE F 244 -1.76 -2.32 -26.12
C PHE F 244 -2.10 -0.90 -25.68
N SER F 245 -2.36 -0.04 -26.66
CA SER F 245 -2.72 1.36 -26.38
C SER F 245 -3.50 1.91 -27.58
N THR F 246 -3.79 3.21 -27.55
CA THR F 246 -4.60 3.83 -28.58
C THR F 246 -4.10 5.24 -28.84
N TYR F 247 -4.49 5.78 -30.00
CA TYR F 247 -4.18 7.15 -30.40
C TYR F 247 -5.48 7.87 -30.74
N LYS F 248 -5.44 9.19 -30.67
CA LYS F 248 -6.63 10.02 -30.86
C LYS F 248 -6.56 10.76 -32.18
N LEU F 249 -7.68 10.81 -32.89
CA LEU F 249 -7.81 11.48 -34.17
C LEU F 249 -9.03 12.37 -34.17
N ALA F 250 -8.90 13.58 -34.71
CA ALA F 250 -9.97 14.56 -34.58
C ALA F 250 -9.98 15.52 -35.77
N ALA F 251 -11.14 16.11 -36.01
CA ALA F 251 -11.31 17.12 -37.05
C ALA F 251 -12.53 17.97 -36.72
N LYS F 252 -12.54 19.20 -37.25
CA LYS F 252 -13.52 20.19 -36.87
C LYS F 252 -13.88 21.08 -38.05
N SER F 253 -14.99 21.81 -37.90
CA SER F 253 -15.41 22.77 -38.93
C SER F 253 -16.35 23.80 -38.32
N PHE F 254 -16.58 24.89 -39.05
CA PHE F 254 -17.48 25.95 -38.63
C PHE F 254 -18.36 26.37 -39.79
N ILE F 255 -19.59 26.79 -39.47
CA ILE F 255 -20.51 27.32 -40.48
C ILE F 255 -21.25 28.49 -39.87
N THR F 256 -20.95 29.70 -40.35
CA THR F 256 -21.57 30.89 -39.81
C THR F 256 -23.06 30.92 -40.15
N ASP F 257 -23.76 31.88 -39.57
CA ASP F 257 -25.20 31.98 -39.79
C ASP F 257 -25.58 32.88 -40.95
N GLU F 258 -24.62 33.48 -41.64
CA GLU F 258 -24.94 34.23 -42.84
C GLU F 258 -25.24 33.34 -44.04
N THR F 259 -24.53 32.22 -44.19
CA THR F 259 -24.57 31.49 -45.44
C THR F 259 -25.89 30.77 -45.64
N GLU F 260 -26.54 30.30 -44.57
CA GLU F 260 -27.80 29.60 -44.73
C GLU F 260 -28.87 30.52 -45.31
N GLU F 261 -28.94 31.76 -44.85
CA GLU F 261 -29.87 32.70 -45.46
C GLU F 261 -29.32 33.22 -46.78
N ASP F 262 -28.00 33.38 -46.86
CA ASP F 262 -27.37 33.92 -48.07
C ASP F 262 -27.07 32.84 -49.09
N ALA F 263 -28.07 32.02 -49.39
CA ALA F 263 -27.92 30.95 -50.38
C ALA F 263 -29.29 30.40 -50.72
N ILE F 264 -29.37 29.73 -51.87
CA ILE F 264 -30.65 29.19 -52.32
C ILE F 264 -30.88 27.76 -51.81
N PHE F 265 -29.84 27.09 -51.32
CA PHE F 265 -29.97 25.72 -50.86
C PHE F 265 -29.13 25.54 -49.60
N SER F 266 -29.42 24.47 -48.88
CA SER F 266 -28.72 24.20 -47.63
C SER F 266 -27.29 23.75 -47.91
N LEU F 267 -26.41 23.96 -46.93
CA LEU F 267 -25.00 23.61 -47.05
C LEU F 267 -24.56 22.63 -45.99
N LEU F 268 -25.40 22.37 -44.99
CA LEU F 268 -25.04 21.55 -43.84
C LEU F 268 -24.67 20.12 -44.20
N PRO F 269 -25.50 19.39 -44.95
CA PRO F 269 -25.17 17.98 -45.22
C PRO F 269 -23.84 17.81 -45.92
N LEU F 270 -23.51 18.73 -46.82
CA LEU F 270 -22.20 18.70 -47.45
C LEU F 270 -21.10 18.74 -46.39
N LEU F 271 -21.23 19.65 -45.44
CA LEU F 271 -20.22 19.79 -44.39
C LEU F 271 -20.09 18.51 -43.57
N ARG F 272 -21.22 17.96 -43.13
CA ARG F 272 -21.16 16.78 -42.27
C ARG F 272 -20.57 15.58 -43.00
N LYS F 273 -21.01 15.35 -44.23
CA LYS F 273 -20.48 14.20 -44.96
C LYS F 273 -18.99 14.40 -45.28
N ARG F 274 -18.57 15.63 -45.56
CA ARG F 274 -17.15 15.87 -45.78
C ARG F 274 -16.34 15.55 -44.54
N LEU F 275 -16.85 15.94 -43.36
CA LEU F 275 -16.16 15.63 -42.11
C LEU F 275 -15.99 14.12 -41.95
N ILE F 276 -17.09 13.38 -42.07
CA ILE F 276 -17.03 11.93 -41.86
C ILE F 276 -16.06 11.28 -42.83
N GLU F 277 -16.16 11.65 -44.11
CA GLU F 277 -15.33 10.99 -45.10
C GLU F 277 -13.86 11.33 -44.93
N ALA F 278 -13.53 12.57 -44.52
CA ALA F 278 -12.14 12.89 -44.24
C ALA F 278 -11.61 12.05 -43.08
N HIS F 279 -12.45 11.86 -42.06
CA HIS F 279 -12.05 11.04 -40.93
C HIS F 279 -11.69 9.64 -41.37
N ALA F 280 -12.60 9.00 -42.13
CA ALA F 280 -12.37 7.62 -42.56
C ALA F 280 -11.16 7.52 -43.48
N VAL F 281 -10.99 8.47 -44.40
CA VAL F 281 -9.88 8.42 -45.32
C VAL F 281 -8.55 8.48 -44.58
N SER F 282 -8.46 9.38 -43.60
CA SER F 282 -7.22 9.46 -42.84
C SER F 282 -6.96 8.17 -42.07
N ILE F 283 -8.02 7.58 -41.52
CA ILE F 283 -7.84 6.30 -40.82
C ILE F 283 -7.23 5.27 -41.74
N GLU F 284 -7.81 5.11 -42.94
CA GLU F 284 -7.31 4.11 -43.86
C GLU F 284 -5.87 4.38 -44.27
N GLU F 285 -5.55 5.64 -44.59
CA GLU F 285 -4.21 5.95 -45.06
C GLU F 285 -3.18 5.66 -43.99
N ALA F 286 -3.46 6.06 -42.74
CA ALA F 286 -2.50 5.85 -41.68
C ALA F 286 -2.36 4.38 -41.32
N PHE F 287 -3.45 3.62 -41.37
CA PHE F 287 -3.34 2.18 -41.15
C PHE F 287 -2.49 1.53 -42.23
N MET F 288 -2.66 1.97 -43.48
CA MET F 288 -1.99 1.31 -44.60
C MET F 288 -0.50 1.59 -44.56
N THR F 289 -0.11 2.86 -44.41
CA THR F 289 1.32 3.16 -44.49
C THR F 289 1.78 4.18 -43.47
N GLY F 290 1.15 4.22 -42.30
CA GLY F 290 1.51 5.20 -41.31
C GLY F 290 2.85 4.92 -40.66
N ASP F 291 3.36 5.96 -40.02
CA ASP F 291 4.59 5.89 -39.24
C ASP F 291 4.24 5.54 -37.79
N GLY F 292 5.21 5.72 -36.89
CA GLY F 292 4.97 5.42 -35.50
C GLY F 292 4.90 6.64 -34.61
N SER F 293 5.12 7.82 -35.18
CA SER F 293 5.20 9.06 -34.39
C SER F 293 3.79 9.57 -34.15
N GLY F 294 3.16 9.12 -33.07
CA GLY F 294 1.85 9.60 -32.71
C GLY F 294 0.72 9.06 -33.56
N LYS F 295 1.03 8.25 -34.56
CA LYS F 295 0.02 7.64 -35.42
C LYS F 295 0.33 6.15 -35.51
N PRO F 296 -0.68 5.33 -35.73
CA PRO F 296 -0.45 3.87 -35.78
C PRO F 296 0.54 3.49 -36.86
N LYS F 297 1.34 2.46 -36.59
CA LYS F 297 2.35 1.99 -37.52
C LYS F 297 1.69 1.24 -38.66
N GLY F 298 2.06 1.59 -39.89
CA GLY F 298 1.47 0.96 -41.05
C GLY F 298 2.05 -0.41 -41.33
N LEU F 299 1.29 -1.19 -42.09
CA LEU F 299 1.70 -2.55 -42.40
C LEU F 299 3.04 -2.57 -43.13
N LEU F 300 3.26 -1.58 -44.00
CA LEU F 300 4.56 -1.53 -44.67
C LEU F 300 5.68 -1.26 -43.69
N THR F 301 5.45 -0.38 -42.71
CA THR F 301 6.46 -0.14 -41.68
C THR F 301 6.65 -1.37 -40.80
N LEU F 302 5.56 -2.08 -40.50
CA LEU F 302 5.67 -3.31 -39.73
C LEU F 302 6.52 -4.33 -40.47
N ALA F 303 6.30 -4.48 -41.77
CA ALA F 303 7.10 -5.39 -42.56
C ALA F 303 8.56 -4.95 -42.59
N SER F 304 8.80 -3.65 -42.73
CA SER F 304 10.18 -3.17 -42.79
C SER F 304 10.91 -3.42 -41.49
N GLU F 305 10.24 -3.19 -40.35
CA GLU F 305 10.88 -3.36 -39.06
C GLU F 305 11.05 -4.83 -38.67
N ASP F 306 10.31 -5.74 -39.29
CA ASP F 306 10.50 -7.18 -39.07
C ASP F 306 11.55 -7.76 -39.99
N SER F 307 12.18 -6.93 -40.83
CA SER F 307 13.08 -7.39 -41.89
C SER F 307 12.40 -8.36 -42.84
N ALA F 308 11.10 -8.18 -43.07
CA ALA F 308 10.34 -9.00 -44.00
C ALA F 308 10.13 -8.31 -45.33
N LYS F 309 10.79 -7.19 -45.56
CA LYS F 309 10.71 -6.49 -46.85
C LYS F 309 11.61 -7.21 -47.84
N VAL F 310 11.01 -7.92 -48.78
CA VAL F 310 11.75 -8.71 -49.76
C VAL F 310 12.04 -7.84 -50.97
N THR F 311 13.31 -7.58 -51.24
CA THR F 311 13.70 -6.84 -52.42
C THR F 311 13.72 -7.77 -53.62
N THR F 312 12.68 -7.68 -54.43
CA THR F 312 12.54 -8.57 -55.59
C THR F 312 13.29 -7.98 -56.77
N GLU F 313 13.11 -8.58 -57.94
CA GLU F 313 13.82 -8.17 -59.14
C GLU F 313 13.03 -7.22 -60.03
N ALA F 314 11.73 -7.07 -59.78
CA ALA F 314 10.93 -6.18 -60.61
C ALA F 314 11.46 -4.75 -60.51
N LYS F 315 11.74 -4.15 -61.66
CA LYS F 315 12.27 -2.80 -61.69
C LYS F 315 11.17 -1.79 -61.43
N ALA F 316 11.58 -0.58 -61.06
CA ALA F 316 10.65 0.47 -60.70
C ALA F 316 10.20 1.31 -61.88
N ASP F 317 10.68 1.02 -63.09
CA ASP F 317 10.29 1.79 -64.27
C ASP F 317 9.45 0.98 -65.25
N GLY F 318 9.77 -0.29 -65.44
CA GLY F 318 9.04 -1.12 -66.38
C GLY F 318 9.92 -2.01 -67.22
N SER F 319 11.23 -2.00 -66.93
CA SER F 319 12.14 -2.92 -67.61
C SER F 319 11.78 -4.36 -67.31
N VAL F 320 11.41 -4.64 -66.07
CA VAL F 320 10.92 -5.95 -65.66
C VAL F 320 9.59 -5.76 -64.95
N LEU F 321 8.60 -6.55 -65.33
CA LEU F 321 7.27 -6.42 -64.75
C LEU F 321 7.20 -7.13 -63.41
N VAL F 322 6.02 -7.14 -62.80
CA VAL F 322 5.75 -7.90 -61.59
C VAL F 322 4.98 -9.15 -62.00
N THR F 323 5.54 -10.32 -61.71
CA THR F 323 4.97 -11.56 -62.17
C THR F 323 4.47 -12.39 -60.99
N ALA F 324 3.62 -13.37 -61.31
CA ALA F 324 2.98 -14.18 -60.28
C ALA F 324 4.01 -14.91 -59.44
N LYS F 325 5.13 -15.30 -60.03
CA LYS F 325 6.14 -16.02 -59.28
C LYS F 325 6.72 -15.17 -58.17
N THR F 326 6.93 -13.88 -58.43
CA THR F 326 7.43 -12.98 -57.40
C THR F 326 6.48 -12.92 -56.21
N ILE F 327 5.18 -12.83 -56.48
CA ILE F 327 4.21 -12.80 -55.40
C ILE F 327 4.20 -14.13 -54.63
N SER F 328 4.23 -15.24 -55.35
CA SER F 328 4.13 -16.53 -54.67
C SER F 328 5.39 -16.88 -53.90
N LYS F 329 6.54 -16.35 -54.29
CA LYS F 329 7.77 -16.68 -53.59
C LYS F 329 7.84 -16.05 -52.20
N LEU F 330 7.02 -15.05 -51.92
CA LEU F 330 7.08 -14.37 -50.63
C LEU F 330 6.66 -15.28 -49.49
N ARG F 331 5.86 -16.31 -49.76
CA ARG F 331 5.34 -17.15 -48.69
C ARG F 331 6.44 -17.83 -47.90
N ARG F 332 7.63 -17.98 -48.49
CA ARG F 332 8.73 -18.60 -47.76
C ARG F 332 9.12 -17.78 -46.55
N LYS F 333 9.22 -16.47 -46.70
CA LYS F 333 9.64 -15.62 -45.59
C LYS F 333 8.63 -15.55 -44.47
N LEU F 334 7.41 -16.04 -44.68
CA LEU F 334 6.46 -16.19 -43.60
C LEU F 334 6.82 -17.32 -42.65
N GLY F 335 7.72 -18.22 -43.07
CA GLY F 335 8.11 -19.31 -42.20
C GLY F 335 6.97 -20.28 -41.97
N ARG F 336 6.78 -20.64 -40.70
CA ARG F 336 5.79 -21.66 -40.35
C ARG F 336 4.38 -21.21 -40.71
N HIS F 337 4.11 -19.92 -40.65
CA HIS F 337 2.77 -19.41 -40.92
C HIS F 337 2.35 -19.61 -42.37
N GLY F 338 3.29 -19.75 -43.30
CA GLY F 338 2.97 -19.80 -44.70
C GLY F 338 2.48 -21.12 -45.24
N LEU F 339 2.31 -22.13 -44.40
CA LEU F 339 1.91 -23.43 -44.90
C LEU F 339 0.40 -23.57 -45.05
N LYS F 340 -0.38 -22.61 -44.58
CA LYS F 340 -1.84 -22.68 -44.65
C LYS F 340 -2.34 -21.51 -45.47
N LEU F 341 -2.93 -21.82 -46.63
CA LEU F 341 -3.39 -20.75 -47.52
C LEU F 341 -4.69 -20.11 -47.03
N SER F 342 -5.51 -20.85 -46.30
CA SER F 342 -6.80 -20.34 -45.89
C SER F 342 -6.71 -19.21 -44.89
N LYS F 343 -5.54 -18.97 -44.30
CA LYS F 343 -5.35 -17.96 -43.27
C LYS F 343 -4.40 -16.86 -43.73
N LEU F 344 -4.55 -16.42 -44.96
CA LEU F 344 -3.68 -15.39 -45.52
C LEU F 344 -4.51 -14.41 -46.36
N VAL F 345 -3.95 -13.22 -46.54
CA VAL F 345 -4.58 -12.18 -47.34
C VAL F 345 -3.51 -11.51 -48.17
N LEU F 346 -3.78 -11.32 -49.46
CA LEU F 346 -2.85 -10.67 -50.38
C LEU F 346 -3.42 -9.34 -50.83
N ILE F 347 -2.59 -8.31 -50.83
CA ILE F 347 -3.01 -6.96 -51.21
C ILE F 347 -1.98 -6.41 -52.18
N VAL F 348 -2.43 -5.95 -53.35
CA VAL F 348 -1.55 -5.43 -54.38
C VAL F 348 -2.04 -4.08 -54.83
N SER F 349 -1.12 -3.27 -55.34
CA SER F 349 -1.46 -1.91 -55.74
C SER F 349 -2.06 -1.90 -57.13
N MET F 350 -2.29 -0.68 -57.65
CA MET F 350 -2.80 -0.52 -59.00
C MET F 350 -1.81 -1.03 -60.02
N ASP F 351 -0.57 -0.55 -59.94
CA ASP F 351 0.43 -0.90 -60.94
C ASP F 351 0.76 -2.38 -60.90
N ALA F 352 0.79 -2.96 -59.70
CA ALA F 352 1.04 -4.39 -59.59
C ALA F 352 -0.05 -5.20 -60.27
N TYR F 353 -1.31 -4.80 -60.08
CA TYR F 353 -2.41 -5.51 -60.71
C TYR F 353 -2.36 -5.36 -62.23
N TYR F 354 -2.06 -4.16 -62.72
CA TYR F 354 -1.98 -3.99 -64.17
C TYR F 354 -0.79 -4.76 -64.75
N ASP F 355 0.28 -4.92 -63.98
CA ASP F 355 1.40 -5.74 -64.45
C ASP F 355 1.03 -7.21 -64.45
N LEU F 356 0.28 -7.66 -63.44
CA LEU F 356 -0.17 -9.05 -63.41
C LEU F 356 -1.09 -9.33 -64.58
N LEU F 357 -1.87 -8.35 -65.02
CA LEU F 357 -2.76 -8.58 -66.15
C LEU F 357 -2.01 -8.93 -67.42
N GLU F 358 -0.74 -8.53 -67.51
CA GLU F 358 0.09 -8.83 -68.67
C GLU F 358 1.07 -9.96 -68.40
N ASP F 359 0.85 -10.74 -67.34
CA ASP F 359 1.79 -11.79 -66.98
C ASP F 359 1.86 -12.84 -68.07
N GLU F 360 3.08 -13.29 -68.37
CA GLU F 360 3.29 -14.23 -69.46
C GLU F 360 2.83 -15.64 -69.13
N GLU F 361 2.77 -15.99 -67.86
CA GLU F 361 2.46 -17.36 -67.46
C GLU F 361 0.98 -17.59 -67.20
N TRP F 362 0.13 -16.62 -67.51
CA TRP F 362 -1.31 -16.79 -67.33
C TRP F 362 -2.04 -16.48 -68.63
N GLN F 363 -1.38 -16.68 -69.76
CA GLN F 363 -1.90 -16.28 -71.06
C GLN F 363 -2.73 -17.36 -71.74
N ASP F 364 -2.25 -18.59 -71.75
CA ASP F 364 -2.79 -19.63 -72.60
C ASP F 364 -3.78 -20.52 -71.86
N VAL F 365 -4.61 -21.21 -72.63
CA VAL F 365 -5.52 -22.19 -72.04
C VAL F 365 -4.74 -23.40 -71.54
N ALA F 366 -3.75 -23.84 -72.30
CA ALA F 366 -2.96 -25.00 -71.90
C ALA F 366 -2.21 -24.74 -70.60
N GLN F 367 -1.69 -23.53 -70.43
CA GLN F 367 -0.93 -23.21 -69.23
C GLN F 367 -1.81 -23.28 -67.99
N VAL F 368 -2.83 -22.43 -67.92
CA VAL F 368 -3.64 -22.28 -66.72
C VAL F 368 -5.09 -22.52 -67.10
N GLY F 369 -5.52 -23.78 -67.00
CA GLY F 369 -6.91 -24.18 -67.09
C GLY F 369 -7.76 -23.43 -68.10
N ASN F 370 -8.95 -23.05 -67.67
CA ASN F 370 -9.85 -22.24 -68.48
C ASN F 370 -9.73 -20.75 -68.16
N ASP F 371 -9.02 -20.40 -67.10
CA ASP F 371 -8.96 -19.03 -66.61
C ASP F 371 -7.80 -18.25 -67.19
N ALA F 372 -7.43 -18.51 -68.44
CA ALA F 372 -6.39 -17.74 -69.07
C ALA F 372 -6.81 -16.28 -69.18
N VAL F 373 -5.82 -15.39 -69.17
CA VAL F 373 -6.11 -13.96 -69.22
C VAL F 373 -6.79 -13.61 -70.52
N LYS F 374 -6.38 -14.24 -71.62
CA LYS F 374 -6.91 -13.90 -72.94
C LYS F 374 -8.42 -14.09 -73.02
N LEU F 375 -8.99 -14.93 -72.16
CA LEU F 375 -10.41 -15.22 -72.21
C LEU F 375 -11.21 -14.38 -71.24
N GLN F 376 -10.60 -13.90 -70.15
CA GLN F 376 -11.29 -13.15 -69.13
C GLN F 376 -10.84 -11.70 -69.03
N GLY F 377 -9.54 -11.45 -69.08
CA GLY F 377 -9.03 -10.11 -68.98
C GLY F 377 -8.81 -9.61 -67.57
N GLN F 378 -9.17 -10.40 -66.55
CA GLN F 378 -8.89 -10.06 -65.16
C GLN F 378 -8.29 -11.27 -64.45
N VAL F 379 -7.55 -11.01 -63.36
CA VAL F 379 -6.87 -12.05 -62.60
C VAL F 379 -7.61 -12.24 -61.28
N GLY F 380 -8.03 -13.46 -61.01
CA GLY F 380 -8.71 -13.78 -59.76
C GLY F 380 -7.79 -14.49 -58.80
N ARG F 381 -8.02 -15.78 -58.58
CA ARG F 381 -7.13 -16.56 -57.75
C ARG F 381 -5.79 -16.74 -58.44
N ILE F 382 -4.71 -16.44 -57.71
CA ILE F 382 -3.36 -16.59 -58.22
C ILE F 382 -2.59 -17.48 -57.25
N TYR F 383 -2.12 -18.63 -57.74
CA TYR F 383 -1.42 -19.60 -56.89
C TYR F 383 -2.26 -19.96 -55.67
N GLY F 384 -3.57 -19.92 -55.81
CA GLY F 384 -4.47 -20.23 -54.71
C GLY F 384 -4.81 -19.05 -53.82
N LEU F 385 -4.19 -17.90 -54.03
CA LEU F 385 -4.40 -16.71 -53.21
C LEU F 385 -5.36 -15.77 -53.89
N PRO F 386 -6.52 -15.45 -53.30
CA PRO F 386 -7.37 -14.42 -53.88
C PRO F 386 -6.69 -13.07 -53.83
N VAL F 387 -7.02 -12.22 -54.80
CA VAL F 387 -6.37 -10.92 -55.00
C VAL F 387 -7.29 -9.82 -54.53
N VAL F 388 -6.72 -8.88 -53.78
CA VAL F 388 -7.41 -7.66 -53.37
C VAL F 388 -6.57 -6.47 -53.83
N VAL F 389 -7.22 -5.53 -54.49
CA VAL F 389 -6.54 -4.37 -55.05
C VAL F 389 -6.75 -3.17 -54.14
N SER F 390 -5.68 -2.48 -53.81
CA SER F 390 -5.73 -1.27 -52.99
C SER F 390 -4.89 -0.19 -53.63
N GLU F 391 -5.36 1.04 -53.52
CA GLU F 391 -4.73 2.17 -54.20
C GLU F 391 -3.87 3.03 -53.29
N TYR F 392 -3.66 2.63 -52.04
CA TYR F 392 -2.98 3.46 -51.06
C TYR F 392 -1.53 3.08 -50.85
N PHE F 393 -0.96 2.27 -51.72
CA PHE F 393 0.45 2.00 -51.65
C PHE F 393 1.24 3.24 -52.04
N PRO F 394 2.48 3.37 -51.58
CA PRO F 394 3.31 4.49 -52.00
C PRO F 394 3.57 4.47 -53.50
N ALA F 395 4.04 5.60 -54.00
CA ALA F 395 4.25 5.78 -55.43
C ALA F 395 5.32 4.83 -55.94
N LYS F 396 5.12 4.39 -57.19
CA LYS F 396 6.04 3.45 -57.83
C LYS F 396 7.41 4.09 -57.93
N ALA F 397 8.35 3.61 -57.12
CA ALA F 397 9.69 4.18 -57.10
C ALA F 397 10.67 3.12 -56.60
N ALA F 398 11.95 3.39 -56.82
CA ALA F 398 12.98 2.45 -56.43
C ALA F 398 12.94 2.20 -54.93
N GLY F 399 12.93 0.93 -54.54
CA GLY F 399 12.95 0.56 -53.15
C GLY F 399 11.61 0.60 -52.46
N LYS F 400 10.54 0.99 -53.15
CA LYS F 400 9.23 1.04 -52.53
C LYS F 400 8.46 -0.25 -52.79
N GLU F 401 7.36 -0.42 -52.09
CA GLU F 401 6.66 -1.68 -52.03
C GLU F 401 5.45 -1.70 -52.96
N PHE F 402 5.02 -2.91 -53.33
CA PHE F 402 3.86 -3.07 -54.18
C PHE F 402 2.93 -4.20 -53.78
N ALA F 403 3.23 -4.97 -52.75
CA ALA F 403 2.35 -6.05 -52.34
C ALA F 403 2.68 -6.44 -50.90
N VAL F 404 1.70 -7.07 -50.24
CA VAL F 404 1.88 -7.47 -48.86
C VAL F 404 0.98 -8.67 -48.59
N ILE F 405 1.49 -9.60 -47.78
CA ILE F 405 0.74 -10.76 -47.31
C ILE F 405 0.75 -10.72 -45.80
N VAL F 406 -0.42 -10.87 -45.19
CA VAL F 406 -0.56 -10.74 -43.74
C VAL F 406 -1.20 -12.00 -43.19
N TYR F 407 -0.75 -12.43 -42.02
CA TYR F 407 -1.45 -13.45 -41.27
C TYR F 407 -2.64 -12.79 -40.60
N LYS F 408 -3.84 -13.12 -41.07
CA LYS F 408 -5.02 -12.33 -40.71
C LYS F 408 -5.29 -12.36 -39.22
N ASP F 409 -5.21 -13.54 -38.60
CA ASP F 409 -5.61 -13.64 -37.20
C ASP F 409 -4.60 -13.05 -36.23
N ASN F 410 -3.42 -12.67 -36.70
CA ASN F 410 -2.37 -12.15 -35.84
C ASN F 410 -2.54 -10.69 -35.52
N PHE F 411 -3.60 -10.05 -36.01
CA PHE F 411 -3.75 -8.60 -35.93
C PHE F 411 -5.06 -8.24 -35.25
N VAL F 412 -5.02 -7.20 -34.41
CA VAL F 412 -6.20 -6.68 -33.75
C VAL F 412 -6.20 -5.16 -33.88
N MET F 413 -7.38 -4.58 -33.64
CA MET F 413 -7.59 -3.13 -33.78
C MET F 413 -8.20 -2.62 -32.48
N PRO F 414 -7.37 -2.23 -31.51
CA PRO F 414 -7.90 -1.70 -30.26
C PRO F 414 -8.59 -0.37 -30.47
N ARG F 415 -9.57 -0.08 -29.62
CA ARG F 415 -10.38 1.11 -29.75
C ARG F 415 -10.96 1.49 -28.40
N GLN F 416 -10.96 2.79 -28.09
CA GLN F 416 -11.48 3.28 -26.82
C GLN F 416 -12.88 3.87 -26.96
N ARG F 417 -13.09 4.72 -27.97
CA ARG F 417 -14.38 5.31 -28.23
C ARG F 417 -14.68 5.30 -29.72
N ALA F 418 -15.97 5.28 -30.05
CA ALA F 418 -16.40 5.24 -31.43
C ALA F 418 -16.24 6.62 -32.06
N VAL F 419 -16.80 6.80 -33.25
CA VAL F 419 -16.79 8.12 -33.87
C VAL F 419 -17.94 8.94 -33.30
N THR F 420 -17.61 10.06 -32.66
CA THR F 420 -18.59 10.91 -32.01
C THR F 420 -18.53 12.31 -32.59
N VAL F 421 -19.70 12.95 -32.68
CA VAL F 421 -19.82 14.29 -33.22
C VAL F 421 -20.50 15.17 -32.18
N GLU F 422 -19.91 16.33 -31.92
CA GLU F 422 -20.43 17.29 -30.95
C GLU F 422 -20.55 18.65 -31.63
N ARG F 423 -21.64 19.34 -31.36
CA ARG F 423 -21.89 20.66 -31.94
C ARG F 423 -21.88 21.72 -30.85
N GLU F 424 -21.32 22.88 -31.18
CA GLU F 424 -21.20 23.98 -30.25
C GLU F 424 -21.68 25.26 -30.91
N ARG F 425 -22.40 26.08 -30.16
CA ARG F 425 -22.97 27.32 -30.67
C ARG F 425 -22.23 28.50 -30.06
N GLN F 426 -21.55 29.27 -30.91
CA GLN F 426 -20.76 30.42 -30.48
C GLN F 426 -21.55 31.67 -30.85
N ALA F 427 -22.46 32.08 -29.97
CA ALA F 427 -23.34 33.22 -30.28
C ALA F 427 -22.53 34.49 -30.50
N GLY F 428 -21.36 34.60 -29.87
CA GLY F 428 -20.55 35.79 -30.03
C GLY F 428 -20.03 35.97 -31.45
N LYS F 429 -19.96 34.90 -32.22
CA LYS F 429 -19.50 34.96 -33.59
C LYS F 429 -20.56 34.53 -34.59
N GLN F 430 -21.73 34.08 -34.12
CA GLN F 430 -22.78 33.53 -34.97
C GLN F 430 -22.27 32.32 -35.75
N ARG F 431 -21.49 31.48 -35.09
CA ARG F 431 -20.90 30.30 -35.71
C ARG F 431 -21.41 29.04 -35.02
N ASP F 432 -21.48 27.96 -35.80
CA ASP F 432 -21.68 26.62 -35.25
C ASP F 432 -20.44 25.80 -35.53
N ALA F 433 -19.76 25.38 -34.47
CA ALA F 433 -18.59 24.54 -34.57
C ALA F 433 -19.00 23.09 -34.48
N TYR F 434 -18.46 22.26 -35.37
CA TYR F 434 -18.72 20.82 -35.35
C TYR F 434 -17.40 20.10 -35.09
N TYR F 435 -17.43 19.13 -34.19
CA TYR F 435 -16.24 18.39 -33.79
C TYR F 435 -16.48 16.91 -33.95
N VAL F 436 -15.54 16.20 -34.57
CA VAL F 436 -15.60 14.76 -34.73
C VAL F 436 -14.29 14.17 -34.24
N THR F 437 -14.38 13.20 -33.33
CA THR F 437 -13.21 12.63 -32.68
C THR F 437 -13.37 11.12 -32.56
N GLN F 438 -12.23 10.42 -32.50
CA GLN F 438 -12.22 8.99 -32.22
C GLN F 438 -10.81 8.59 -31.81
N ARG F 439 -10.72 7.43 -31.15
CA ARG F 439 -9.45 6.90 -30.65
C ARG F 439 -9.34 5.42 -31.01
N VAL F 440 -8.45 5.10 -31.96
CA VAL F 440 -8.20 3.73 -32.38
C VAL F 440 -6.70 3.55 -32.60
N ASN F 441 -6.31 2.30 -32.86
CA ASN F 441 -4.92 1.94 -33.12
C ASN F 441 -4.89 0.58 -33.78
N LEU F 442 -3.72 0.23 -34.33
CA LEU F 442 -3.50 -1.05 -34.99
C LEU F 442 -2.30 -1.73 -34.34
N GLN F 443 -2.50 -2.92 -33.79
CA GLN F 443 -1.46 -3.64 -33.09
C GLN F 443 -1.56 -5.13 -33.40
N ARG F 444 -0.47 -5.84 -33.20
CA ARG F 444 -0.37 -7.27 -33.44
C ARG F 444 0.05 -7.97 -32.15
N TYR F 445 -0.25 -9.27 -32.08
CA TYR F 445 0.09 -10.09 -30.92
C TYR F 445 1.58 -10.39 -30.86
N PHE F 446 2.11 -11.11 -31.85
CA PHE F 446 3.51 -11.46 -31.89
C PHE F 446 4.19 -10.77 -33.06
N GLU F 447 5.51 -10.72 -33.02
CA GLU F 447 6.28 -9.92 -33.96
C GLU F 447 6.57 -10.67 -35.25
N ASN F 448 5.54 -11.03 -36.00
CA ASN F 448 5.71 -11.67 -37.30
C ASN F 448 4.34 -11.73 -37.99
N GLY F 449 4.33 -12.39 -39.14
CA GLY F 449 3.11 -12.62 -39.87
C GLY F 449 2.86 -11.70 -41.04
N VAL F 450 3.79 -10.81 -41.34
CA VAL F 450 3.64 -9.84 -42.42
C VAL F 450 4.87 -9.87 -43.29
N VAL F 451 4.69 -9.99 -44.60
CA VAL F 451 5.78 -9.95 -45.56
C VAL F 451 5.38 -9.01 -46.70
N SER F 452 6.30 -8.16 -47.12
CA SER F 452 6.05 -7.18 -48.16
C SER F 452 7.15 -7.27 -49.21
N GLY F 453 6.77 -7.16 -50.47
CA GLY F 453 7.74 -7.14 -51.56
C GLY F 453 7.93 -5.73 -52.09
N ALA F 454 9.17 -5.42 -52.44
CA ALA F 454 9.52 -4.09 -52.90
C ALA F 454 10.24 -4.14 -54.25
N TYR F 455 10.10 -3.06 -55.00
CA TYR F 455 10.80 -2.93 -56.27
C TYR F 455 12.31 -2.99 -56.05
N ALA F 456 13.05 -3.20 -57.13
CA ALA F 456 14.48 -3.24 -57.02
C ALA F 456 15.03 -1.85 -56.72
N ALA F 457 16.29 -1.82 -56.27
CA ALA F 457 16.93 -0.55 -55.94
C ALA F 457 17.25 0.23 -57.20
N ASN G 162 -22.35 50.17 -8.95
CA ASN G 162 -21.22 49.30 -9.23
C ASN G 162 -20.35 49.89 -10.32
N GLN G 163 -20.98 50.62 -11.23
CA GLN G 163 -20.29 51.31 -12.33
C GLN G 163 -19.33 50.38 -13.08
N SER G 164 -19.76 49.14 -13.32
CA SER G 164 -18.95 48.19 -14.07
C SER G 164 -19.71 47.55 -15.23
N SER G 165 -21.01 47.31 -15.07
CA SER G 165 -21.80 46.69 -16.11
C SER G 165 -22.18 47.74 -17.16
N SER G 166 -23.11 47.39 -18.03
CA SER G 166 -23.56 48.34 -19.05
C SER G 166 -24.45 49.41 -18.43
N VAL G 167 -25.30 49.04 -17.49
CA VAL G 167 -26.21 49.96 -16.84
C VAL G 167 -25.83 50.07 -15.37
N GLU G 168 -26.21 51.19 -14.75
CA GLU G 168 -25.90 51.41 -13.35
C GLU G 168 -26.88 52.45 -12.80
N VAL G 169 -26.79 52.70 -11.51
CA VAL G 169 -27.73 53.56 -10.82
C VAL G 169 -27.13 54.94 -10.66
N SER G 170 -27.96 55.90 -10.24
CA SER G 170 -27.57 57.30 -10.23
C SER G 170 -26.48 57.58 -9.20
N SER G 171 -26.65 57.08 -7.99
CA SER G 171 -25.73 57.42 -6.92
C SER G 171 -25.74 56.29 -5.88
N GLU G 172 -24.77 56.35 -4.98
CA GLU G 172 -24.63 55.32 -3.95
C GLU G 172 -25.88 55.23 -3.08
N SER G 173 -26.63 56.32 -2.93
CA SER G 173 -27.83 56.29 -2.10
C SER G 173 -28.84 55.28 -2.62
N TYR G 174 -28.79 54.98 -3.92
CA TYR G 174 -29.58 53.90 -4.49
C TYR G 174 -28.81 52.60 -4.56
N GLU G 175 -27.79 52.43 -3.72
CA GLU G 175 -27.07 51.18 -3.61
C GLU G 175 -26.90 50.76 -2.15
N THR G 176 -27.57 51.43 -1.23
CA THR G 176 -27.34 51.25 0.19
C THR G 176 -28.67 51.10 0.90
N ILE G 177 -28.69 50.30 1.96
CA ILE G 177 -29.87 50.15 2.81
C ILE G 177 -29.63 50.94 4.08
N PHE G 178 -30.41 51.99 4.29
CA PHE G 178 -30.30 52.83 5.47
C PHE G 178 -31.18 52.25 6.56
N SER G 179 -30.56 51.90 7.68
CA SER G 179 -31.29 51.31 8.80
C SER G 179 -31.57 52.37 9.85
N GLN G 180 -32.68 52.19 10.57
CA GLN G 180 -33.03 53.05 11.69
C GLN G 180 -32.58 52.48 13.02
N ARG G 181 -31.50 51.70 13.03
CA ARG G 181 -31.01 51.05 14.23
C ARG G 181 -29.88 51.86 14.84
N ILE G 182 -29.97 52.10 16.14
CA ILE G 182 -28.96 52.86 16.87
C ILE G 182 -28.29 51.91 17.86
N ILE G 183 -26.95 51.88 17.84
CA ILE G 183 -26.17 51.03 18.72
C ILE G 183 -25.14 51.90 19.42
N ARG G 184 -24.79 51.51 20.65
CA ARG G 184 -23.86 52.26 21.47
C ARG G 184 -22.87 51.32 22.14
N ASP G 185 -21.65 51.81 22.33
CA ASP G 185 -20.62 51.01 22.96
C ASP G 185 -20.85 50.91 24.48
N LEU G 186 -20.00 50.13 25.14
CA LEU G 186 -20.08 50.01 26.58
C LEU G 186 -19.70 51.34 27.24
N GLN G 187 -20.42 51.69 28.30
CA GLN G 187 -20.23 52.96 28.97
C GLN G 187 -19.71 52.74 30.38
N LYS G 188 -19.01 53.75 30.90
CA LYS G 188 -18.45 53.65 32.24
C LYS G 188 -19.57 53.56 33.27
N GLU G 189 -19.27 52.93 34.39
CA GLU G 189 -20.29 52.65 35.39
C GLU G 189 -20.30 53.70 36.50
N LEU G 190 -21.49 53.99 37.01
CA LEU G 190 -21.69 54.96 38.08
C LEU G 190 -21.84 54.20 39.38
N VAL G 191 -20.99 54.52 40.37
CA VAL G 191 -20.92 53.80 41.63
C VAL G 191 -21.28 54.69 42.81
N VAL G 192 -20.69 55.88 42.88
CA VAL G 192 -20.88 56.73 44.04
C VAL G 192 -22.11 57.61 43.84
N GLY G 193 -22.91 57.28 42.84
CA GLY G 193 -24.12 58.06 42.61
C GLY G 193 -25.11 57.96 43.76
N ALA G 194 -25.36 56.74 44.25
CA ALA G 194 -26.35 56.55 45.29
C ALA G 194 -25.87 55.52 46.32
N LEU G 195 -24.61 55.60 46.73
CA LEU G 195 -24.14 54.73 47.80
C LEU G 195 -24.25 55.37 49.17
N PHE G 196 -24.52 56.67 49.24
CA PHE G 196 -24.66 57.38 50.49
C PHE G 196 -26.12 57.60 50.82
N GLU G 197 -26.45 57.52 52.10
CA GLU G 197 -27.82 57.76 52.53
C GLU G 197 -28.18 59.23 52.38
N GLU G 198 -29.48 59.51 52.46
CA GLU G 198 -30.01 60.81 52.11
C GLU G 198 -30.31 61.63 53.36
N LEU G 199 -30.19 62.95 53.23
CA LEU G 199 -30.51 63.89 54.32
C LEU G 199 -31.42 64.97 53.77
N PRO G 200 -32.72 64.71 53.67
CA PRO G 200 -33.63 65.72 53.14
C PRO G 200 -33.75 66.90 54.09
N MET G 201 -33.77 68.10 53.51
CA MET G 201 -34.04 69.29 54.29
C MET G 201 -35.27 69.98 53.74
N SER G 202 -35.78 70.94 54.51
CA SER G 202 -36.94 71.72 54.12
C SER G 202 -36.70 73.20 54.30
N SER G 203 -35.45 73.63 54.22
CA SER G 203 -35.10 75.03 54.39
C SER G 203 -33.78 75.29 53.70
N LYS G 204 -33.30 76.52 53.83
CA LYS G 204 -32.03 76.88 53.21
C LYS G 204 -30.86 76.23 53.93
N ILE G 205 -30.87 76.27 55.26
CA ILE G 205 -29.75 75.81 56.08
C ILE G 205 -30.29 74.92 57.19
N LEU G 206 -29.48 73.98 57.64
CA LEU G 206 -29.79 73.13 58.78
C LEU G 206 -28.59 73.10 59.71
N THR G 207 -28.84 73.18 61.02
CA THR G 207 -27.78 73.25 62.00
C THR G 207 -27.89 72.10 63.00
N MET G 208 -26.73 71.54 63.35
CA MET G 208 -26.65 70.40 64.25
C MET G 208 -25.75 70.76 65.42
N LEU G 209 -25.84 69.97 66.48
CA LEU G 209 -25.04 70.21 67.68
C LEU G 209 -23.93 69.17 67.80
N VAL G 210 -22.71 69.65 68.02
CA VAL G 210 -21.54 68.80 68.18
C VAL G 210 -21.10 68.88 69.63
N GLU G 211 -21.12 67.73 70.31
CA GLU G 211 -20.70 67.71 71.71
C GLU G 211 -19.18 67.77 71.80
N PRO G 212 -18.64 68.52 72.77
CA PRO G 212 -17.18 68.61 72.90
C PRO G 212 -16.56 67.30 73.36
N ASP G 213 -15.24 67.30 73.48
CA ASP G 213 -14.49 66.10 73.83
C ASP G 213 -14.53 65.86 75.34
N ALA G 214 -13.65 64.97 75.82
CA ALA G 214 -13.66 64.52 77.20
C ALA G 214 -12.65 65.31 78.03
N GLY G 215 -12.94 65.43 79.33
CA GLY G 215 -12.04 66.05 80.28
C GLY G 215 -11.19 65.02 81.00
N ARG G 216 -10.77 65.37 82.21
CA ARG G 216 -10.06 64.42 83.05
C ARG G 216 -10.10 64.90 84.49
N ALA G 217 -10.28 63.96 85.41
CA ALA G 217 -10.26 64.26 86.84
C ALA G 217 -8.82 64.42 87.29
N THR G 218 -8.62 64.64 88.59
CA THR G 218 -7.28 64.82 89.13
C THR G 218 -7.11 63.99 90.38
N TRP G 219 -5.87 63.56 90.61
CA TRP G 219 -5.50 62.80 91.79
C TRP G 219 -5.11 63.78 92.88
N VAL G 220 -5.99 63.97 93.85
CA VAL G 220 -5.74 64.95 94.90
C VAL G 220 -4.62 64.44 95.81
N ALA G 221 -3.91 65.37 96.43
CA ALA G 221 -2.82 65.00 97.30
C ALA G 221 -3.34 64.66 98.69
N ALA G 222 -2.46 64.06 99.50
CA ALA G 222 -2.83 63.70 100.86
C ALA G 222 -2.87 64.91 101.78
N SER G 223 -1.97 65.87 101.60
CA SER G 223 -1.94 67.04 102.46
C SER G 223 -3.16 67.92 102.24
N ALA G 224 -3.62 68.03 101.01
CA ALA G 224 -4.69 68.95 100.68
C ALA G 224 -6.05 68.47 101.15
N TYR G 225 -6.16 67.46 102.01
CA TYR G 225 -7.48 67.05 102.48
C TYR G 225 -8.18 68.16 103.26
N GLY G 226 -7.44 68.94 104.03
CA GLY G 226 -8.00 70.02 104.80
C GLY G 226 -8.12 71.35 104.09
N SER G 227 -7.75 71.41 102.82
CA SER G 227 -7.86 72.61 102.02
C SER G 227 -8.90 72.41 100.92
N ASP G 228 -9.26 73.50 100.26
CA ASP G 228 -10.30 73.46 99.24
C ASP G 228 -9.92 72.62 98.02
N ASN G 229 -8.66 72.26 97.89
CA ASN G 229 -8.23 71.41 96.79
C ASN G 229 -8.60 69.97 97.00
N THR G 230 -9.45 69.66 97.97
CA THR G 230 -9.87 68.29 98.19
C THR G 230 -10.68 67.77 97.01
N THR G 231 -11.48 68.62 96.38
CA THR G 231 -12.31 68.19 95.26
C THR G 231 -11.63 68.36 93.92
N GLY G 232 -10.38 68.80 93.90
CA GLY G 232 -9.67 68.84 92.63
C GLY G 232 -10.14 69.97 91.72
N SER G 233 -10.05 69.71 90.42
CA SER G 233 -10.30 70.72 89.41
C SER G 233 -11.76 70.70 88.95
N GLU G 234 -12.08 71.67 88.10
CA GLU G 234 -13.43 71.85 87.58
C GLU G 234 -13.41 71.63 86.07
N VAL G 235 -14.33 70.80 85.58
CA VAL G 235 -14.38 70.47 84.16
C VAL G 235 -15.36 71.39 83.46
N THR G 236 -14.92 71.96 82.33
CA THR G 236 -15.72 72.92 81.58
C THR G 236 -15.89 72.42 80.16
N GLY G 237 -16.93 72.91 79.49
CA GLY G 237 -17.22 72.51 78.13
C GLY G 237 -18.19 73.46 77.48
N ALA G 238 -18.23 73.42 76.15
CA ALA G 238 -19.10 74.28 75.36
C ALA G 238 -19.44 73.57 74.06
N LEU G 239 -20.73 73.45 73.77
CA LEU G 239 -21.18 72.78 72.57
C LEU G 239 -20.79 73.58 71.33
N THR G 240 -20.90 72.92 70.17
CA THR G 240 -20.58 73.53 68.89
C THR G 240 -21.63 73.14 67.87
N GLU G 241 -21.66 73.88 66.76
CA GLU G 241 -22.67 73.71 65.73
C GLU G 241 -22.01 73.50 64.38
N ILE G 242 -22.73 72.78 63.51
CA ILE G 242 -22.32 72.57 62.13
C ILE G 242 -23.52 72.86 61.24
N HIS G 243 -23.25 73.26 60.00
CA HIS G 243 -24.29 73.70 59.08
C HIS G 243 -24.23 72.90 57.78
N PHE G 244 -25.38 72.75 57.14
CA PHE G 244 -25.51 72.04 55.87
C PHE G 244 -26.18 72.94 54.84
N SER G 245 -25.61 72.99 53.65
CA SER G 245 -26.15 73.81 52.56
C SER G 245 -26.35 72.92 51.34
N THR G 246 -26.69 73.53 50.21
CA THR G 246 -27.01 72.80 48.99
C THR G 246 -26.62 73.66 47.78
N TYR G 247 -26.33 73.01 46.67
CA TYR G 247 -26.02 73.66 45.42
C TYR G 247 -27.04 73.23 44.38
N LYS G 248 -27.20 74.03 43.34
CA LYS G 248 -28.22 73.82 42.31
C LYS G 248 -27.58 73.31 41.04
N LEU G 249 -28.17 72.27 40.45
CA LEU G 249 -27.69 71.69 39.21
C LEU G 249 -28.81 71.76 38.18
N ALA G 250 -28.53 72.31 37.00
CA ALA G 250 -29.56 72.55 36.01
C ALA G 250 -29.00 72.42 34.61
N ALA G 251 -29.89 72.10 33.67
CA ALA G 251 -29.56 72.04 32.26
C ALA G 251 -30.83 72.17 31.45
N LYS G 252 -30.70 72.65 30.21
CA LYS G 252 -31.85 72.93 29.37
C LYS G 252 -31.57 72.50 27.94
N SER G 253 -32.65 72.33 27.18
CA SER G 253 -32.52 71.94 25.78
C SER G 253 -33.78 72.38 25.02
N PHE G 254 -33.62 72.53 23.71
CA PHE G 254 -34.70 73.00 22.84
C PHE G 254 -34.87 72.06 21.65
N ILE G 255 -36.10 72.00 21.15
CA ILE G 255 -36.42 71.21 19.98
C ILE G 255 -37.44 71.99 19.13
N THR G 256 -36.98 72.59 18.05
CA THR G 256 -37.87 73.36 17.19
C THR G 256 -38.88 72.45 16.53
N ASP G 257 -40.12 72.94 16.41
CA ASP G 257 -41.20 72.09 15.93
C ASP G 257 -41.07 71.76 14.46
N GLU G 258 -40.16 72.40 13.73
CA GLU G 258 -39.92 72.07 12.34
C GLU G 258 -38.74 71.13 12.14
N THR G 259 -37.82 71.07 13.10
CA THR G 259 -36.76 70.06 13.01
C THR G 259 -37.33 68.66 13.08
N GLU G 260 -38.33 68.44 13.92
CA GLU G 260 -38.97 67.13 13.94
C GLU G 260 -39.70 66.84 12.64
N GLU G 261 -40.02 67.89 11.86
CA GLU G 261 -40.60 67.66 10.54
C GLU G 261 -39.55 67.18 9.56
N ASP G 262 -38.34 67.74 9.63
CA ASP G 262 -37.29 67.49 8.67
C ASP G 262 -36.50 66.23 8.94
N ALA G 263 -37.06 65.27 9.67
CA ALA G 263 -36.41 63.99 9.87
C ALA G 263 -37.46 62.89 9.77
N ILE G 264 -37.01 61.71 9.33
CA ILE G 264 -37.94 60.61 9.16
C ILE G 264 -38.41 60.08 10.50
N PHE G 265 -37.52 60.01 11.47
CA PHE G 265 -37.81 59.48 12.79
C PHE G 265 -37.71 60.58 13.83
N SER G 266 -38.51 60.45 14.89
CA SER G 266 -38.51 61.46 15.94
C SER G 266 -37.20 61.46 16.70
N LEU G 267 -36.78 62.66 17.10
CA LEU G 267 -35.57 62.82 17.90
C LEU G 267 -35.86 63.22 19.34
N LEU G 268 -37.12 63.26 19.75
CA LEU G 268 -37.45 63.65 21.12
C LEU G 268 -36.93 62.69 22.17
N PRO G 269 -37.14 61.37 22.06
CA PRO G 269 -36.65 60.48 23.14
C PRO G 269 -35.16 60.58 23.36
N LEU G 270 -34.40 60.76 22.28
CA LEU G 270 -32.97 60.99 22.42
C LEU G 270 -32.71 62.24 23.25
N LEU G 271 -33.47 63.31 23.00
CA LEU G 271 -33.30 64.54 23.75
C LEU G 271 -33.51 64.30 25.24
N ARG G 272 -34.63 63.67 25.59
CA ARG G 272 -34.93 63.51 27.01
C ARG G 272 -33.92 62.60 27.71
N LYS G 273 -33.57 61.48 27.08
CA LYS G 273 -32.61 60.59 27.73
C LYS G 273 -31.26 61.26 27.85
N ARG G 274 -30.84 62.05 26.85
CA ARG G 274 -29.56 62.73 26.95
C ARG G 274 -29.58 63.72 28.11
N LEU G 275 -30.69 64.42 28.29
CA LEU G 275 -30.79 65.34 29.43
C LEU G 275 -30.58 64.61 30.74
N ILE G 276 -31.35 63.54 30.96
CA ILE G 276 -31.29 62.85 32.25
C ILE G 276 -29.91 62.27 32.50
N GLU G 277 -29.34 61.61 31.48
CA GLU G 277 -28.07 60.94 31.67
C GLU G 277 -26.93 61.93 31.82
N ALA G 278 -27.01 63.09 31.15
CA ALA G 278 -26.01 64.13 31.38
C ALA G 278 -26.07 64.63 32.80
N HIS G 279 -27.28 64.80 33.33
CA HIS G 279 -27.41 65.27 34.71
C HIS G 279 -26.77 64.27 35.67
N ALA G 280 -27.06 62.99 35.49
CA ALA G 280 -26.49 61.96 36.36
C ALA G 280 -24.97 61.90 36.25
N VAL G 281 -24.44 61.98 35.02
CA VAL G 281 -23.00 61.94 34.85
C VAL G 281 -22.35 63.10 35.57
N SER G 282 -22.90 64.30 35.43
CA SER G 282 -22.29 65.46 36.07
C SER G 282 -22.30 65.32 37.58
N ILE G 283 -23.42 64.89 38.16
CA ILE G 283 -23.46 64.78 39.62
C ILE G 283 -22.46 63.75 40.11
N GLU G 284 -22.38 62.60 39.43
CA GLU G 284 -21.46 61.57 39.89
C GLU G 284 -20.00 62.03 39.77
N GLU G 285 -19.66 62.69 38.66
CA GLU G 285 -18.30 63.16 38.49
C GLU G 285 -17.94 64.21 39.54
N ALA G 286 -18.88 65.10 39.86
CA ALA G 286 -18.62 66.10 40.89
C ALA G 286 -18.42 65.44 42.25
N PHE G 287 -19.26 64.44 42.57
CA PHE G 287 -19.08 63.73 43.83
C PHE G 287 -17.72 63.06 43.89
N MET G 288 -17.28 62.48 42.78
CA MET G 288 -15.97 61.86 42.73
C MET G 288 -14.87 62.87 43.00
N THR G 289 -14.72 63.87 42.12
CA THR G 289 -13.59 64.77 42.29
C THR G 289 -13.98 66.23 42.08
N GLY G 290 -15.12 66.66 42.61
CA GLY G 290 -15.49 68.06 42.48
C GLY G 290 -14.64 68.96 43.33
N ASP G 291 -14.54 70.23 42.94
CA ASP G 291 -13.81 71.20 43.74
C ASP G 291 -14.71 71.72 44.87
N GLY G 292 -14.29 72.82 45.48
CA GLY G 292 -15.08 73.41 46.54
C GLY G 292 -15.89 74.62 46.17
N SER G 293 -15.50 75.35 45.13
CA SER G 293 -16.16 76.59 44.76
C SER G 293 -17.40 76.33 43.94
N GLY G 294 -18.58 76.58 44.52
CA GLY G 294 -19.82 76.39 43.81
C GLY G 294 -20.16 74.95 43.49
N LYS G 295 -19.31 74.02 43.86
CA LYS G 295 -19.48 72.60 43.56
C LYS G 295 -19.25 71.78 44.82
N PRO G 296 -19.96 70.67 44.97
CA PRO G 296 -19.72 69.81 46.13
C PRO G 296 -18.30 69.31 46.13
N LYS G 297 -17.73 69.19 47.32
CA LYS G 297 -16.33 68.79 47.46
C LYS G 297 -16.17 67.32 47.10
N GLY G 298 -15.18 67.02 46.25
CA GLY G 298 -14.96 65.65 45.83
C GLY G 298 -14.19 64.85 46.85
N LEU G 299 -14.38 63.53 46.78
CA LEU G 299 -13.76 62.64 47.75
C LEU G 299 -12.24 62.71 47.67
N LEU G 300 -11.68 62.73 46.46
CA LEU G 300 -10.24 62.81 46.33
C LEU G 300 -9.72 64.11 46.93
N THR G 301 -10.42 65.22 46.67
CA THR G 301 -9.99 66.50 47.24
C THR G 301 -10.10 66.49 48.76
N LEU G 302 -11.15 65.88 49.30
CA LEU G 302 -11.29 65.78 50.74
C LEU G 302 -10.14 65.00 51.35
N ALA G 303 -9.79 63.87 50.73
CA ALA G 303 -8.68 63.07 51.23
C ALA G 303 -7.37 63.83 51.14
N SER G 304 -7.16 64.57 50.05
CA SER G 304 -5.92 65.31 49.91
C SER G 304 -5.81 66.42 50.94
N GLU G 305 -6.90 67.17 51.17
CA GLU G 305 -6.87 68.29 52.09
C GLU G 305 -6.80 67.85 53.55
N ASP G 306 -7.14 66.60 53.84
CA ASP G 306 -7.00 66.05 55.19
C ASP G 306 -5.66 65.36 55.40
N SER G 307 -4.76 65.46 54.43
CA SER G 307 -3.48 64.75 54.46
C SER G 307 -3.66 63.25 54.55
N ALA G 308 -4.74 62.73 53.98
CA ALA G 308 -4.99 61.30 53.90
C ALA G 308 -4.47 60.70 52.60
N LYS G 309 -3.81 61.50 51.77
CA LYS G 309 -3.20 61.02 50.53
C LYS G 309 -1.92 60.29 50.89
N VAL G 310 -1.98 58.97 50.89
CA VAL G 310 -0.85 58.14 51.25
C VAL G 310 -0.02 57.88 49.99
N THR G 311 1.25 58.25 50.03
CA THR G 311 2.14 58.01 48.90
C THR G 311 2.68 56.58 49.01
N THR G 312 2.16 55.69 48.19
CA THR G 312 2.57 54.28 48.22
C THR G 312 3.79 54.08 47.33
N GLU G 313 4.22 52.84 47.19
CA GLU G 313 5.38 52.50 46.38
C GLU G 313 5.03 52.09 44.95
N ALA G 314 3.75 52.09 44.60
CA ALA G 314 3.36 51.74 43.25
C ALA G 314 3.86 52.79 42.27
N LYS G 315 4.41 52.33 41.15
CA LYS G 315 5.01 53.21 40.16
C LYS G 315 4.07 53.38 38.98
N ALA G 316 3.92 54.61 38.51
CA ALA G 316 2.97 54.90 37.44
C ALA G 316 3.41 54.27 36.13
N ASP G 317 4.72 54.16 35.90
CA ASP G 317 5.20 53.63 34.62
C ASP G 317 4.99 52.13 34.51
N GLY G 318 4.59 51.47 35.60
CA GLY G 318 4.34 50.05 35.60
C GLY G 318 5.49 49.20 36.08
N SER G 319 6.59 49.80 36.55
CA SER G 319 7.71 49.02 37.05
C SER G 319 7.31 48.19 38.26
N VAL G 320 6.55 48.77 39.18
CA VAL G 320 6.07 48.08 40.37
C VAL G 320 4.55 48.11 40.36
N LEU G 321 3.93 46.95 40.51
CA LEU G 321 2.48 46.85 40.45
C LEU G 321 1.88 47.25 41.79
N VAL G 322 0.57 47.11 41.90
CA VAL G 322 -0.18 47.42 43.11
C VAL G 322 -0.65 46.09 43.69
N THR G 323 -0.19 45.79 44.90
CA THR G 323 -0.51 44.53 45.56
C THR G 323 -1.63 44.75 46.56
N ALA G 324 -2.33 43.66 46.89
CA ALA G 324 -3.38 43.73 47.89
C ALA G 324 -2.82 44.17 49.23
N LYS G 325 -1.55 43.87 49.50
CA LYS G 325 -0.92 44.33 50.73
C LYS G 325 -0.85 45.85 50.76
N THR G 326 -0.54 46.47 49.61
CA THR G 326 -0.51 47.92 49.55
C THR G 326 -1.90 48.50 49.82
N ILE G 327 -2.94 47.88 49.27
CA ILE G 327 -4.30 48.35 49.52
C ILE G 327 -4.63 48.24 51.00
N SER G 328 -4.31 47.11 51.61
CA SER G 328 -4.63 46.92 53.02
C SER G 328 -3.83 47.83 53.94
N LYS G 329 -2.59 48.17 53.58
CA LYS G 329 -1.81 49.08 54.40
C LYS G 329 -2.43 50.46 54.51
N LEU G 330 -3.29 50.84 53.57
CA LEU G 330 -3.94 52.14 53.66
C LEU G 330 -4.87 52.22 54.86
N ARG G 331 -5.28 51.07 55.40
CA ARG G 331 -6.17 51.06 56.54
C ARG G 331 -5.53 51.66 57.79
N ARG G 332 -4.19 51.69 57.85
CA ARG G 332 -3.53 52.19 59.05
C ARG G 332 -3.80 53.68 59.25
N LYS G 333 -3.67 54.47 58.18
CA LYS G 333 -3.90 55.90 58.31
C LYS G 333 -5.35 56.22 58.66
N LEU G 334 -6.28 55.31 58.40
CA LEU G 334 -7.65 55.50 58.85
C LEU G 334 -7.75 55.57 60.36
N GLY G 335 -6.75 55.08 61.06
CA GLY G 335 -6.71 55.25 62.51
C GLY G 335 -7.77 54.45 63.20
N ARG G 336 -8.43 55.10 64.17
CA ARG G 336 -9.38 54.42 65.04
C ARG G 336 -10.51 53.78 64.24
N HIS G 337 -10.93 54.43 63.15
CA HIS G 337 -12.03 53.90 62.37
C HIS G 337 -11.64 52.67 61.56
N GLY G 338 -10.35 52.42 61.36
CA GLY G 338 -9.94 51.30 60.55
C GLY G 338 -10.02 49.96 61.24
N LEU G 339 -10.28 49.94 62.54
CA LEU G 339 -10.37 48.66 63.24
C LEU G 339 -11.58 47.87 62.79
N LYS G 340 -12.70 48.54 62.58
CA LYS G 340 -13.94 47.88 62.18
C LYS G 340 -13.90 47.61 60.68
N LEU G 341 -14.31 46.40 60.29
CA LEU G 341 -14.14 46.00 58.90
C LEU G 341 -15.46 46.07 58.14
N SER G 342 -16.59 45.97 58.85
CA SER G 342 -17.88 45.95 58.17
C SER G 342 -18.41 47.34 57.87
N LYS G 343 -17.67 48.39 58.21
CA LYS G 343 -18.13 49.76 58.05
C LYS G 343 -17.27 50.54 57.05
N LEU G 344 -16.59 49.85 56.15
CA LEU G 344 -15.75 50.49 55.17
C LEU G 344 -16.16 50.07 53.77
N VAL G 345 -15.85 50.92 52.79
CA VAL G 345 -16.12 50.65 51.39
C VAL G 345 -14.85 50.94 50.60
N LEU G 346 -14.44 49.99 49.78
CA LEU G 346 -13.21 50.10 49.00
C LEU G 346 -13.55 50.27 47.54
N ILE G 347 -12.93 51.26 46.90
CA ILE G 347 -13.13 51.55 45.49
C ILE G 347 -11.77 51.66 44.83
N VAL G 348 -11.59 50.94 43.73
CA VAL G 348 -10.29 50.89 43.05
C VAL G 348 -10.47 51.26 41.59
N SER G 349 -9.38 51.73 40.99
CA SER G 349 -9.41 52.15 39.61
C SER G 349 -9.42 50.95 38.67
N MET G 350 -9.32 51.26 37.37
CA MET G 350 -9.22 50.21 36.37
C MET G 350 -7.88 49.48 36.47
N ASP G 351 -6.80 50.23 36.24
CA ASP G 351 -5.48 49.60 36.20
C ASP G 351 -5.10 49.04 37.56
N ALA G 352 -5.64 49.61 38.64
CA ALA G 352 -5.41 49.02 39.95
C ALA G 352 -6.02 47.62 40.03
N TYR G 353 -7.23 47.45 39.52
CA TYR G 353 -7.82 46.11 39.50
C TYR G 353 -7.01 45.16 38.65
N TYR G 354 -6.58 45.63 37.47
CA TYR G 354 -5.82 44.74 36.61
C TYR G 354 -4.45 44.41 37.21
N ASP G 355 -3.97 45.26 38.12
CA ASP G 355 -2.74 44.93 38.85
C ASP G 355 -3.03 43.94 39.96
N LEU G 356 -4.20 44.04 40.59
CA LEU G 356 -4.58 43.06 41.59
C LEU G 356 -4.72 41.68 40.97
N LEU G 357 -5.13 41.62 39.70
CA LEU G 357 -5.26 40.32 39.05
C LEU G 357 -3.91 39.61 38.96
N GLU G 358 -2.84 40.35 38.67
CA GLU G 358 -1.51 39.76 38.55
C GLU G 358 -0.79 39.67 39.88
N ASP G 359 -1.51 39.68 40.98
CA ASP G 359 -0.88 39.60 42.29
C ASP G 359 -0.22 38.24 42.47
N GLU G 360 1.01 38.23 42.99
CA GLU G 360 1.77 36.99 43.09
C GLU G 360 1.39 36.19 44.32
N GLU G 361 0.70 36.78 45.29
CA GLU G 361 0.37 36.11 46.53
C GLU G 361 -1.01 35.47 46.52
N TRP G 362 -1.77 35.60 45.44
CA TRP G 362 -3.16 35.16 45.43
C TRP G 362 -3.41 34.08 44.38
N GLN G 363 -2.35 33.45 43.90
CA GLN G 363 -2.45 32.58 42.74
C GLN G 363 -2.51 31.10 43.06
N ASP G 364 -1.91 30.66 44.15
CA ASP G 364 -1.88 29.24 44.49
C ASP G 364 -3.14 28.85 45.23
N VAL G 365 -3.50 27.57 45.12
CA VAL G 365 -4.57 27.03 45.96
C VAL G 365 -4.12 26.94 47.40
N ALA G 366 -2.89 26.46 47.62
CA ALA G 366 -2.37 26.34 48.97
C ALA G 366 -2.09 27.70 49.60
N GLN G 367 -2.13 28.77 48.82
CA GLN G 367 -1.94 30.10 49.38
C GLN G 367 -3.24 30.69 49.87
N VAL G 368 -4.24 30.79 49.00
CA VAL G 368 -5.51 31.46 49.32
C VAL G 368 -6.63 30.49 48.95
N GLY G 369 -7.04 29.68 49.91
CA GLY G 369 -8.20 28.81 49.78
C GLY G 369 -8.39 28.16 48.43
N ASN G 370 -9.64 28.06 48.00
CA ASN G 370 -9.95 27.68 46.63
C ASN G 370 -10.22 28.89 45.75
N ASP G 371 -10.07 30.10 46.29
CA ASP G 371 -10.32 31.33 45.55
C ASP G 371 -9.08 31.83 44.83
N ALA G 372 -8.16 30.94 44.50
CA ALA G 372 -6.94 31.34 43.81
C ALA G 372 -7.27 31.92 42.45
N VAL G 373 -6.44 32.85 42.00
CA VAL G 373 -6.64 33.44 40.68
C VAL G 373 -6.54 32.39 39.60
N LYS G 374 -5.63 31.43 39.77
CA LYS G 374 -5.42 30.41 38.74
C LYS G 374 -6.70 29.66 38.43
N LEU G 375 -7.50 29.33 39.44
CA LEU G 375 -8.73 28.59 39.23
C LEU G 375 -9.91 29.48 38.87
N GLN G 376 -9.90 30.74 39.29
CA GLN G 376 -11.03 31.63 39.11
C GLN G 376 -10.77 32.77 38.15
N GLY G 377 -9.67 33.49 38.31
CA GLY G 377 -9.38 34.63 37.47
C GLY G 377 -10.10 35.89 37.85
N GLN G 378 -10.92 35.85 38.90
CA GLN G 378 -11.62 37.04 39.39
C GLN G 378 -11.29 37.23 40.86
N VAL G 379 -10.87 38.43 41.22
CA VAL G 379 -10.52 38.77 42.59
C VAL G 379 -11.70 39.48 43.21
N GLY G 380 -12.24 38.91 44.27
CA GLY G 380 -13.36 39.52 44.97
C GLY G 380 -12.91 40.20 46.25
N ARG G 381 -13.09 39.53 47.37
CA ARG G 381 -12.68 40.08 48.65
C ARG G 381 -11.16 40.14 48.75
N ILE G 382 -10.67 41.25 49.28
CA ILE G 382 -9.23 41.47 49.48
C ILE G 382 -9.01 41.74 50.96
N TYR G 383 -8.30 40.85 51.63
CA TYR G 383 -8.07 40.97 53.07
C TYR G 383 -9.37 41.25 53.81
N GLY G 384 -10.45 40.61 53.36
CA GLY G 384 -11.75 40.82 53.95
C GLY G 384 -12.47 42.07 53.48
N LEU G 385 -11.87 42.84 52.57
CA LEU G 385 -12.49 44.03 52.04
C LEU G 385 -13.05 43.75 50.65
N PRO G 386 -14.36 43.86 50.43
CA PRO G 386 -14.89 43.69 49.08
C PRO G 386 -14.36 44.76 48.16
N VAL G 387 -14.17 44.38 46.89
CA VAL G 387 -13.53 45.23 45.90
C VAL G 387 -14.58 45.69 44.90
N VAL G 388 -14.61 47.00 44.64
CA VAL G 388 -15.51 47.60 43.67
C VAL G 388 -14.67 48.45 42.72
N VAL G 389 -14.92 48.30 41.41
CA VAL G 389 -14.13 48.96 40.38
C VAL G 389 -14.88 50.18 39.89
N SER G 390 -14.17 51.29 39.78
CA SER G 390 -14.72 52.53 39.24
C SER G 390 -13.72 53.13 38.27
N GLU G 391 -14.21 53.67 37.16
CA GLU G 391 -13.35 54.20 36.12
C GLU G 391 -13.23 55.71 36.14
N TYR G 392 -13.79 56.38 37.15
CA TYR G 392 -13.77 57.83 37.20
C TYR G 392 -12.56 58.39 37.94
N PHE G 393 -11.62 57.55 38.31
CA PHE G 393 -10.39 58.02 38.90
C PHE G 393 -9.60 58.82 37.87
N PRO G 394 -8.71 59.70 38.31
CA PRO G 394 -7.89 60.46 37.36
C PRO G 394 -7.00 59.56 36.53
N ALA G 395 -6.39 60.11 35.48
CA ALA G 395 -5.53 59.33 34.61
C ALA G 395 -4.33 58.80 35.37
N LYS G 396 -3.91 57.59 35.02
CA LYS G 396 -2.79 56.93 35.70
C LYS G 396 -1.51 57.70 35.44
N ALA G 397 -1.02 58.40 36.46
CA ALA G 397 0.20 59.20 36.35
C ALA G 397 0.83 59.30 37.72
N ALA G 398 2.00 59.91 37.77
CA ALA G 398 2.73 60.01 39.03
C ALA G 398 1.97 60.87 40.03
N GLY G 399 1.89 60.39 41.27
CA GLY G 399 1.22 61.14 42.31
C GLY G 399 -0.28 61.25 42.16
N LYS G 400 -0.92 60.28 41.52
CA LYS G 400 -2.36 60.29 41.34
C LYS G 400 -2.98 59.09 42.04
N GLU G 401 -4.22 59.26 42.49
CA GLU G 401 -4.86 58.29 43.35
C GLU G 401 -5.42 57.12 42.55
N PHE G 402 -5.30 55.93 43.11
CA PHE G 402 -5.87 54.75 42.46
C PHE G 402 -6.86 53.97 43.30
N ALA G 403 -6.97 54.24 44.60
CA ALA G 403 -7.91 53.50 45.44
C ALA G 403 -8.32 54.38 46.60
N VAL G 404 -9.59 54.28 46.98
CA VAL G 404 -10.16 55.11 48.04
C VAL G 404 -10.90 54.21 49.00
N ILE G 405 -10.65 54.38 50.30
CA ILE G 405 -11.41 53.72 51.34
C ILE G 405 -12.16 54.79 52.12
N VAL G 406 -13.46 54.60 52.27
CA VAL G 406 -14.33 55.63 52.85
C VAL G 406 -15.12 55.03 54.01
N TYR G 407 -15.10 55.72 55.14
CA TYR G 407 -15.98 55.37 56.25
C TYR G 407 -17.40 55.73 55.85
N LYS G 408 -18.25 54.72 55.69
CA LYS G 408 -19.53 54.93 55.01
C LYS G 408 -20.43 55.89 55.78
N ASP G 409 -20.54 55.72 57.10
CA ASP G 409 -21.52 56.45 57.87
C ASP G 409 -21.15 57.90 58.10
N ASN G 410 -19.93 58.32 57.77
CA ASN G 410 -19.48 59.67 58.04
C ASN G 410 -19.91 60.66 56.97
N PHE G 411 -20.51 60.21 55.88
CA PHE G 411 -20.84 61.07 54.76
C PHE G 411 -22.35 61.08 54.53
N VAL G 412 -22.89 62.28 54.34
CA VAL G 412 -24.31 62.47 54.04
C VAL G 412 -24.42 63.30 52.77
N MET G 413 -25.58 63.20 52.13
CA MET G 413 -25.89 64.00 50.96
C MET G 413 -27.21 64.73 51.20
N PRO G 414 -27.15 66.02 51.50
CA PRO G 414 -28.38 66.79 51.65
C PRO G 414 -29.02 67.06 50.30
N ARG G 415 -30.36 67.09 50.29
CA ARG G 415 -31.08 67.32 49.06
C ARG G 415 -32.34 68.10 49.34
N GLN G 416 -32.56 69.18 48.58
CA GLN G 416 -33.72 70.04 48.76
C GLN G 416 -34.85 69.66 47.80
N ARG G 417 -34.58 69.58 46.51
CA ARG G 417 -35.56 69.17 45.53
C ARG G 417 -34.96 68.10 44.61
N ALA G 418 -35.82 67.18 44.17
CA ALA G 418 -35.38 66.07 43.33
C ALA G 418 -35.26 66.54 41.88
N VAL G 419 -35.03 65.61 40.97
CA VAL G 419 -34.90 65.95 39.56
C VAL G 419 -36.28 66.23 38.99
N THR G 420 -36.52 67.48 38.60
CA THR G 420 -37.81 67.91 38.07
C THR G 420 -37.64 68.40 36.64
N VAL G 421 -38.55 67.96 35.78
CA VAL G 421 -38.54 68.34 34.37
C VAL G 421 -39.67 69.34 34.15
N GLU G 422 -39.34 70.43 33.47
CA GLU G 422 -40.31 71.49 33.19
C GLU G 422 -40.32 71.74 31.69
N ARG G 423 -41.44 71.43 31.05
CA ARG G 423 -41.62 71.64 29.62
C ARG G 423 -42.35 72.96 29.41
N GLU G 424 -41.79 73.81 28.57
CA GLU G 424 -42.37 75.11 28.26
C GLU G 424 -42.49 75.26 26.76
N ARG G 425 -43.61 75.80 26.30
CA ARG G 425 -43.82 76.09 24.89
C ARG G 425 -43.64 77.59 24.66
N GLN G 426 -42.68 77.95 23.82
CA GLN G 426 -42.42 79.34 23.45
C GLN G 426 -43.01 79.54 22.07
N ALA G 427 -44.27 79.97 22.02
CA ALA G 427 -44.93 80.18 20.74
C ALA G 427 -44.21 81.22 19.89
N GLY G 428 -43.55 82.19 20.51
CA GLY G 428 -42.87 83.23 19.78
C GLY G 428 -41.76 82.73 18.87
N LYS G 429 -41.03 81.70 19.29
CA LYS G 429 -40.04 81.09 18.43
C LYS G 429 -40.47 79.74 17.90
N GLN G 430 -41.65 79.25 18.28
CA GLN G 430 -42.17 77.96 17.85
C GLN G 430 -41.23 76.84 18.25
N ARG G 431 -40.53 77.01 19.37
CA ARG G 431 -39.71 75.94 19.92
C ARG G 431 -40.29 75.47 21.25
N ASP G 432 -39.84 74.30 21.68
CA ASP G 432 -40.21 73.77 22.99
C ASP G 432 -38.95 73.63 23.81
N ALA G 433 -38.94 74.25 24.98
CA ALA G 433 -37.78 74.18 25.86
C ALA G 433 -38.03 73.16 26.96
N TYR G 434 -36.99 72.39 27.28
CA TYR G 434 -37.03 71.43 28.36
C TYR G 434 -36.05 71.85 29.44
N TYR G 435 -36.53 71.92 30.67
CA TYR G 435 -35.70 72.33 31.80
C TYR G 435 -35.64 71.21 32.83
N VAL G 436 -34.43 70.86 33.25
CA VAL G 436 -34.21 69.85 34.26
C VAL G 436 -33.32 70.45 35.35
N THR G 437 -33.81 70.46 36.58
CA THR G 437 -33.11 71.07 37.70
C THR G 437 -33.17 70.14 38.90
N GLN G 438 -32.12 70.20 39.72
CA GLN G 438 -32.10 69.49 40.99
C GLN G 438 -31.12 70.19 41.92
N ARG G 439 -31.26 69.90 43.21
CA ARG G 439 -30.50 70.55 44.26
C ARG G 439 -29.92 69.47 45.18
N VAL G 440 -28.59 69.36 45.23
CA VAL G 440 -27.94 68.35 46.04
C VAL G 440 -26.63 68.90 46.58
N ASN G 441 -25.98 68.11 47.43
CA ASN G 441 -24.67 68.40 47.98
C ASN G 441 -24.17 67.16 48.69
N LEU G 442 -22.89 67.17 49.05
CA LEU G 442 -22.26 66.08 49.79
C LEU G 442 -21.44 66.66 50.93
N GLN G 443 -21.78 66.29 52.16
CA GLN G 443 -21.10 66.80 53.33
C GLN G 443 -20.78 65.67 54.28
N ARG G 444 -19.76 65.88 55.09
CA ARG G 444 -19.36 64.93 56.11
C ARG G 444 -19.46 65.57 57.48
N TYR G 445 -19.77 64.75 58.48
CA TYR G 445 -19.93 65.24 59.84
C TYR G 445 -18.63 65.77 60.41
N PHE G 446 -17.55 65.00 60.26
CA PHE G 446 -16.27 65.33 60.87
C PHE G 446 -15.16 65.29 59.83
N GLU G 447 -13.98 65.72 60.24
CA GLU G 447 -12.83 65.83 59.34
C GLU G 447 -11.99 64.56 59.31
N ASN G 448 -12.63 63.43 59.02
CA ASN G 448 -11.92 62.17 58.88
C ASN G 448 -12.87 61.16 58.26
N GLY G 449 -12.36 59.96 58.04
CA GLY G 449 -13.17 58.88 57.51
C GLY G 449 -12.90 58.49 56.07
N VAL G 450 -11.92 59.11 55.42
CA VAL G 450 -11.58 58.78 54.04
C VAL G 450 -10.06 58.72 53.92
N VAL G 451 -9.56 57.70 53.24
CA VAL G 451 -8.14 57.55 52.97
C VAL G 451 -7.97 57.10 51.53
N SER G 452 -7.08 57.76 50.81
CA SER G 452 -6.79 57.44 49.42
C SER G 452 -5.29 57.32 49.23
N GLY G 453 -4.88 56.32 48.47
CA GLY G 453 -3.47 56.09 48.16
C GLY G 453 -3.17 56.52 46.74
N ALA G 454 -1.93 56.92 46.51
CA ALA G 454 -1.52 57.43 45.21
C ALA G 454 -0.27 56.72 44.73
N TYR G 455 0.01 56.89 43.43
CA TYR G 455 1.24 56.35 42.86
C TYR G 455 2.44 57.09 43.42
N ALA G 456 3.61 56.48 43.28
CA ALA G 456 4.82 57.08 43.80
C ALA G 456 5.15 58.36 43.04
N ALA G 457 5.88 59.24 43.71
CA ALA G 457 6.25 60.53 43.14
C ALA G 457 7.16 60.35 41.93
N ASN H 162 8.62 -14.90 -8.04
CA ASN H 162 9.54 -15.06 -6.91
C ASN H 162 10.86 -15.61 -7.43
N GLN H 163 10.81 -16.13 -8.65
CA GLN H 163 11.97 -16.56 -9.42
C GLN H 163 12.98 -17.35 -8.58
N SER H 164 12.48 -18.39 -7.93
CA SER H 164 13.32 -19.36 -7.22
C SER H 164 13.14 -20.77 -7.74
N SER H 165 11.90 -21.21 -7.95
CA SER H 165 11.60 -22.55 -8.38
C SER H 165 11.83 -22.69 -9.89
N SER H 166 11.35 -23.77 -10.47
CA SER H 166 11.54 -24.00 -11.90
C SER H 166 10.75 -22.99 -12.72
N VAL H 167 9.47 -22.82 -12.42
CA VAL H 167 8.60 -21.90 -13.15
C VAL H 167 8.67 -20.53 -12.49
N GLU H 168 8.30 -19.49 -13.23
CA GLU H 168 8.35 -18.12 -12.75
C GLU H 168 7.07 -17.38 -13.16
N VAL H 169 7.09 -16.06 -12.96
CA VAL H 169 6.01 -15.17 -13.38
C VAL H 169 6.65 -14.02 -14.14
N SER H 170 5.83 -13.35 -14.96
CA SER H 170 6.37 -12.38 -15.90
C SER H 170 7.08 -11.24 -15.20
N SER H 171 6.41 -10.59 -14.25
CA SER H 171 6.99 -9.44 -13.55
C SER H 171 6.23 -9.21 -12.26
N GLU H 172 6.71 -8.25 -11.48
CA GLU H 172 6.15 -8.02 -10.15
C GLU H 172 4.70 -7.60 -10.22
N SER H 173 4.28 -6.98 -11.33
CA SER H 173 2.89 -6.58 -11.45
C SER H 173 1.94 -7.76 -11.38
N TYR H 174 2.40 -8.95 -11.77
CA TYR H 174 1.63 -10.16 -11.60
C TYR H 174 1.98 -10.89 -10.31
N GLU H 175 2.42 -10.16 -9.29
CA GLU H 175 2.57 -10.68 -7.95
C GLU H 175 1.90 -9.82 -6.90
N THR H 176 1.19 -8.78 -7.29
CA THR H 176 0.64 -7.79 -6.38
C THR H 176 -0.88 -7.84 -6.39
N ILE H 177 -1.47 -7.31 -5.34
CA ILE H 177 -2.91 -7.12 -5.25
C ILE H 177 -3.16 -5.63 -5.16
N PHE H 178 -3.77 -5.07 -6.20
CA PHE H 178 -3.96 -3.62 -6.28
C PHE H 178 -5.32 -3.30 -5.67
N SER H 179 -5.30 -2.73 -4.47
CA SER H 179 -6.54 -2.36 -3.82
C SER H 179 -6.94 -0.94 -4.21
N GLN H 180 -8.24 -0.67 -4.15
CA GLN H 180 -8.78 0.65 -4.41
C GLN H 180 -9.00 1.45 -3.14
N ARG H 181 -8.63 0.91 -1.98
CA ARG H 181 -8.85 1.60 -0.74
C ARG H 181 -7.98 2.85 -0.67
N ILE H 182 -8.58 3.95 -0.20
CA ILE H 182 -7.95 5.25 -0.19
C ILE H 182 -7.94 5.77 1.24
N ILE H 183 -6.78 6.21 1.71
CA ILE H 183 -6.63 6.63 3.09
C ILE H 183 -6.07 8.04 3.14
N ARG H 184 -6.28 8.72 4.26
CA ARG H 184 -5.83 10.08 4.46
C ARG H 184 -5.20 10.20 5.83
N ASP H 185 -4.25 11.13 5.96
CA ASP H 185 -3.55 11.35 7.22
C ASP H 185 -4.45 12.13 8.17
N LEU H 186 -3.89 12.63 9.26
CA LEU H 186 -4.64 13.49 10.17
C LEU H 186 -4.64 14.92 9.64
N GLN H 187 -5.82 15.48 9.48
CA GLN H 187 -5.99 16.81 8.90
C GLN H 187 -6.18 17.85 10.00
N LYS H 188 -5.74 19.07 9.70
CA LYS H 188 -5.88 20.17 10.65
C LYS H 188 -7.35 20.52 10.86
N GLU H 189 -7.66 21.07 12.02
CA GLU H 189 -9.03 21.46 12.33
C GLU H 189 -9.23 22.95 12.08
N LEU H 190 -10.49 23.35 11.98
CA LEU H 190 -10.86 24.74 11.72
C LEU H 190 -11.68 25.27 12.88
N VAL H 191 -11.39 26.50 13.31
CA VAL H 191 -12.03 27.09 14.47
C VAL H 191 -12.65 28.44 14.16
N VAL H 192 -11.86 29.38 13.61
CA VAL H 192 -12.33 30.75 13.48
C VAL H 192 -13.25 30.94 12.30
N GLY H 193 -13.33 29.95 11.41
CA GLY H 193 -14.11 30.11 10.20
C GLY H 193 -15.57 30.40 10.46
N ALA H 194 -16.14 29.77 11.48
CA ALA H 194 -17.58 29.85 11.71
C ALA H 194 -17.91 29.95 13.19
N LEU H 195 -17.23 30.83 13.92
CA LEU H 195 -17.62 31.10 15.30
C LEU H 195 -18.33 32.43 15.46
N PHE H 196 -18.42 33.23 14.40
CA PHE H 196 -19.11 34.52 14.43
C PHE H 196 -20.49 34.38 13.81
N GLU H 197 -21.40 35.25 14.23
CA GLU H 197 -22.76 35.18 13.73
C GLU H 197 -22.89 35.93 12.41
N GLU H 198 -23.87 35.53 11.62
CA GLU H 198 -24.05 36.00 10.25
C GLU H 198 -24.81 37.31 10.21
N LEU H 199 -24.46 38.16 9.26
CA LEU H 199 -25.18 39.40 8.98
C LEU H 199 -25.56 39.41 7.51
N PRO H 200 -26.76 38.96 7.15
CA PRO H 200 -27.15 38.93 5.73
C PRO H 200 -27.24 40.34 5.17
N MET H 201 -26.94 40.45 3.87
CA MET H 201 -26.90 41.73 3.19
C MET H 201 -27.80 41.67 1.97
N SER H 202 -28.12 42.85 1.44
CA SER H 202 -28.93 42.94 0.23
C SER H 202 -28.47 44.05 -0.71
N SER H 203 -27.37 44.72 -0.42
CA SER H 203 -26.84 45.77 -1.28
C SER H 203 -25.34 45.84 -1.07
N LYS H 204 -24.72 46.88 -1.64
CA LYS H 204 -23.29 47.05 -1.42
C LYS H 204 -22.98 47.39 0.03
N ILE H 205 -23.68 48.37 0.57
CA ILE H 205 -23.34 48.93 1.88
C ILE H 205 -24.56 48.86 2.78
N LEU H 206 -24.31 48.69 4.07
CA LEU H 206 -25.35 48.76 5.10
C LEU H 206 -24.90 49.80 6.11
N THR H 207 -25.83 50.63 6.56
CA THR H 207 -25.48 51.75 7.42
C THR H 207 -26.35 51.76 8.67
N MET H 208 -25.70 51.90 9.83
CA MET H 208 -26.37 52.04 11.11
C MET H 208 -26.12 53.42 11.68
N LEU H 209 -26.68 53.66 12.86
CA LEU H 209 -26.54 54.92 13.56
C LEU H 209 -25.84 54.69 14.89
N VAL H 210 -24.87 55.52 15.21
CA VAL H 210 -24.12 55.42 16.45
C VAL H 210 -24.55 56.57 17.36
N GLU H 211 -25.06 56.22 18.54
CA GLU H 211 -25.46 57.22 19.51
C GLU H 211 -24.23 57.98 20.01
N PRO H 212 -24.35 59.28 20.27
CA PRO H 212 -23.19 60.06 20.73
C PRO H 212 -22.86 59.81 22.19
N ASP H 213 -21.87 60.52 22.70
CA ASP H 213 -21.44 60.38 24.08
C ASP H 213 -22.31 61.24 25.00
N ALA H 214 -21.90 61.42 26.24
CA ALA H 214 -22.72 62.08 27.24
C ALA H 214 -22.33 63.54 27.43
N GLY H 215 -23.30 64.34 27.83
CA GLY H 215 -23.08 65.73 28.19
C GLY H 215 -22.90 65.90 29.68
N ARG H 216 -23.22 67.10 30.17
CA ARG H 216 -23.13 67.38 31.59
C ARG H 216 -23.78 68.73 31.88
N ALA H 217 -24.38 68.82 33.07
CA ALA H 217 -25.10 70.00 33.50
C ALA H 217 -24.13 71.06 34.02
N THR H 218 -24.68 72.09 34.67
CA THR H 218 -23.88 73.16 35.24
C THR H 218 -24.34 73.46 36.66
N TRP H 219 -23.37 73.86 37.49
CA TRP H 219 -23.65 74.28 38.86
C TRP H 219 -23.89 75.78 38.86
N VAL H 220 -25.16 76.18 38.82
CA VAL H 220 -25.49 77.59 38.77
C VAL H 220 -25.14 78.25 40.10
N ALA H 221 -24.99 79.57 40.06
CA ALA H 221 -24.69 80.30 41.27
C ALA H 221 -25.98 80.82 41.91
N ALA H 222 -25.89 81.18 43.18
CA ALA H 222 -27.07 81.64 43.90
C ALA H 222 -27.48 83.05 43.52
N SER H 223 -26.54 83.88 43.06
CA SER H 223 -26.87 85.25 42.71
C SER H 223 -27.80 85.31 41.51
N ALA H 224 -27.69 84.35 40.60
CA ALA H 224 -28.46 84.34 39.37
C ALA H 224 -29.78 83.61 39.50
N TYR H 225 -30.39 83.61 40.69
CA TYR H 225 -31.62 82.86 40.90
C TYR H 225 -32.80 83.44 40.15
N GLY H 226 -32.96 84.75 40.13
CA GLY H 226 -34.14 85.34 39.52
C GLY H 226 -33.95 85.68 38.06
N SER H 227 -32.69 85.71 37.61
CA SER H 227 -32.39 86.12 36.25
C SER H 227 -32.67 84.95 35.29
N ASP H 228 -32.19 85.07 34.06
CA ASP H 228 -32.46 84.07 33.05
C ASP H 228 -31.38 83.00 32.95
N ASN H 229 -30.33 83.09 33.77
CA ASN H 229 -29.30 82.06 33.80
C ASN H 229 -29.60 80.94 34.78
N THR H 230 -30.80 80.93 35.37
CA THR H 230 -31.12 79.93 36.36
C THR H 230 -31.03 78.52 35.80
N THR H 231 -31.56 78.30 34.59
CA THR H 231 -31.61 76.95 34.05
C THR H 231 -30.25 76.46 33.56
N GLY H 232 -29.29 77.37 33.39
CA GLY H 232 -27.94 76.94 33.09
C GLY H 232 -27.59 76.92 31.62
N SER H 233 -27.02 75.81 31.15
CA SER H 233 -26.52 75.72 29.78
C SER H 233 -27.29 74.67 29.01
N GLU H 234 -27.01 74.59 27.72
CA GLU H 234 -27.70 73.70 26.81
C GLU H 234 -26.85 72.49 26.48
N VAL H 235 -27.49 71.34 26.30
CA VAL H 235 -26.82 70.09 25.98
C VAL H 235 -27.15 69.72 24.55
N THR H 236 -26.11 69.62 23.71
CA THR H 236 -26.26 69.35 22.29
C THR H 236 -25.63 68.01 21.95
N GLY H 237 -26.08 67.42 20.85
CA GLY H 237 -25.52 66.17 20.40
C GLY H 237 -25.95 65.77 19.00
N ALA H 238 -25.11 65.01 18.31
CA ALA H 238 -25.39 64.57 16.95
C ALA H 238 -25.06 63.10 16.82
N LEU H 239 -25.79 62.41 15.96
CA LEU H 239 -25.56 60.98 15.74
C LEU H 239 -24.39 60.76 14.79
N THR H 240 -24.08 59.49 14.54
CA THR H 240 -22.97 59.09 13.69
C THR H 240 -23.32 57.77 13.03
N GLU H 241 -22.64 57.45 11.93
CA GLU H 241 -22.98 56.29 11.11
C GLU H 241 -21.77 55.38 10.94
N ILE H 242 -22.05 54.15 10.51
CA ILE H 242 -21.02 53.15 10.22
C ILE H 242 -21.39 52.45 8.92
N HIS H 243 -20.41 51.76 8.33
CA HIS H 243 -20.59 51.13 7.03
C HIS H 243 -20.02 49.72 7.01
N PHE H 244 -20.59 48.88 6.16
CA PHE H 244 -20.16 47.50 5.97
C PHE H 244 -20.06 47.19 4.49
N SER H 245 -19.27 46.17 4.15
CA SER H 245 -19.13 45.75 2.77
C SER H 245 -18.70 44.28 2.74
N THR H 246 -18.41 43.78 1.54
CA THR H 246 -18.08 42.38 1.33
C THR H 246 -16.98 42.25 0.29
N TYR H 247 -16.39 41.06 0.23
CA TYR H 247 -15.34 40.74 -0.73
C TYR H 247 -15.67 39.41 -1.39
N LYS H 248 -15.04 39.14 -2.53
CA LYS H 248 -15.37 37.97 -3.34
C LYS H 248 -14.27 36.92 -3.25
N LEU H 249 -14.67 35.68 -3.05
CA LEU H 249 -13.77 34.54 -3.01
C LEU H 249 -14.23 33.51 -4.04
N ALA H 250 -13.29 32.93 -4.77
CA ALA H 250 -13.66 31.99 -5.83
C ALA H 250 -12.49 31.08 -6.17
N ALA H 251 -12.83 29.96 -6.81
CA ALA H 251 -11.84 29.00 -7.28
C ALA H 251 -12.48 28.14 -8.36
N LYS H 252 -11.63 27.47 -9.14
CA LYS H 252 -12.09 26.72 -10.31
C LYS H 252 -11.19 25.53 -10.57
N SER H 253 -11.71 24.57 -11.34
CA SER H 253 -10.92 23.42 -11.75
C SER H 253 -11.50 22.82 -13.01
N PHE H 254 -10.70 21.97 -13.67
CA PHE H 254 -11.05 21.37 -14.94
C PHE H 254 -10.84 19.86 -14.89
N ILE H 255 -11.65 19.14 -15.65
CA ILE H 255 -11.52 17.69 -15.76
C ILE H 255 -11.79 17.28 -17.20
N THR H 256 -10.73 16.97 -17.95
CA THR H 256 -10.87 16.72 -19.37
C THR H 256 -11.65 15.43 -19.61
N ASP H 257 -12.27 15.35 -20.79
CA ASP H 257 -13.08 14.19 -21.15
C ASP H 257 -12.26 12.91 -21.23
N GLU H 258 -11.06 12.97 -21.78
CA GLU H 258 -10.25 11.79 -22.01
C GLU H 258 -9.41 11.41 -20.80
N THR H 259 -9.81 11.81 -19.62
CA THR H 259 -9.23 11.31 -18.38
C THR H 259 -10.20 10.48 -17.57
N GLU H 260 -11.50 10.80 -17.64
CA GLU H 260 -12.49 9.98 -16.96
C GLU H 260 -12.52 8.57 -17.52
N GLU H 261 -12.49 8.44 -18.85
CA GLU H 261 -12.43 7.11 -19.44
C GLU H 261 -11.08 6.46 -19.24
N ASP H 262 -10.02 7.27 -19.19
CA ASP H 262 -8.65 6.79 -19.10
C ASP H 262 -8.23 6.53 -17.66
N ALA H 263 -9.06 5.78 -16.93
CA ALA H 263 -8.80 5.45 -15.53
C ALA H 263 -9.72 4.31 -15.14
N ILE H 264 -9.41 3.70 -13.99
CA ILE H 264 -10.19 2.54 -13.55
C ILE H 264 -11.32 2.97 -12.63
N PHE H 265 -11.12 4.02 -11.85
CA PHE H 265 -12.16 4.53 -10.97
C PHE H 265 -12.48 5.97 -11.36
N SER H 266 -13.54 6.50 -10.73
CA SER H 266 -13.94 7.86 -11.01
C SER H 266 -13.00 8.86 -10.35
N LEU H 267 -13.09 10.12 -10.79
CA LEU H 267 -12.20 11.17 -10.29
C LEU H 267 -12.95 12.46 -10.00
N LEU H 268 -14.27 12.46 -10.09
CA LEU H 268 -15.06 13.66 -9.84
C LEU H 268 -15.24 13.94 -8.35
N PRO H 269 -15.64 12.96 -7.53
CA PRO H 269 -15.86 13.27 -6.11
C PRO H 269 -14.63 13.86 -5.46
N LEU H 270 -13.45 13.39 -5.84
CA LEU H 270 -12.22 13.98 -5.34
C LEU H 270 -12.13 15.45 -5.73
N LEU H 271 -12.48 15.77 -6.98
CA LEU H 271 -12.42 17.15 -7.42
C LEU H 271 -13.33 18.04 -6.58
N ARG H 272 -14.59 17.62 -6.42
CA ARG H 272 -15.54 18.46 -5.70
C ARG H 272 -15.14 18.62 -4.24
N LYS H 273 -14.68 17.53 -3.61
CA LYS H 273 -14.23 17.63 -2.22
C LYS H 273 -13.08 18.59 -2.09
N ARG H 274 -12.10 18.50 -2.99
CA ARG H 274 -10.96 19.39 -2.91
C ARG H 274 -11.37 20.83 -3.09
N LEU H 275 -12.32 21.10 -3.98
CA LEU H 275 -12.80 22.47 -4.17
C LEU H 275 -13.41 23.03 -2.90
N ILE H 276 -14.36 22.29 -2.32
CA ILE H 276 -15.08 22.80 -1.15
C ILE H 276 -14.11 23.02 0.01
N GLU H 277 -13.25 22.04 0.26
CA GLU H 277 -12.33 22.18 1.39
C GLU H 277 -11.30 23.26 1.13
N ALA H 278 -10.93 23.50 -0.12
CA ALA H 278 -10.04 24.61 -0.42
C ALA H 278 -10.71 25.94 -0.08
N HIS H 279 -12.00 26.06 -0.40
CA HIS H 279 -12.73 27.26 0.00
C HIS H 279 -12.70 27.45 1.50
N ALA H 280 -13.01 26.39 2.25
CA ALA H 280 -13.04 26.51 3.71
C ALA H 280 -11.67 26.90 4.26
N VAL H 281 -10.61 26.28 3.75
CA VAL H 281 -9.27 26.58 4.23
C VAL H 281 -8.92 28.04 3.95
N SER H 282 -9.23 28.51 2.73
CA SER H 282 -8.84 29.87 2.38
C SER H 282 -9.59 30.88 3.24
N ILE H 283 -10.90 30.68 3.43
CA ILE H 283 -11.64 31.65 4.23
C ILE H 283 -11.14 31.64 5.68
N GLU H 284 -10.87 30.46 6.23
CA GLU H 284 -10.37 30.38 7.59
C GLU H 284 -9.03 31.09 7.75
N GLU H 285 -8.10 30.83 6.83
CA GLU H 285 -6.79 31.47 6.93
C GLU H 285 -6.90 32.97 6.76
N ALA H 286 -7.75 33.43 5.84
CA ALA H 286 -7.89 34.86 5.61
C ALA H 286 -8.48 35.55 6.84
N PHE H 287 -9.46 34.92 7.49
CA PHE H 287 -10.00 35.52 8.69
C PHE H 287 -8.99 35.54 9.83
N MET H 288 -8.19 34.48 9.96
CA MET H 288 -7.17 34.47 11.01
C MET H 288 -6.15 35.58 10.79
N THR H 289 -5.54 35.64 9.61
CA THR H 289 -4.43 36.56 9.46
C THR H 289 -4.41 37.25 8.11
N GLY H 290 -5.56 37.36 7.45
CA GLY H 290 -5.59 38.03 6.17
C GLY H 290 -5.23 39.48 6.25
N ASP H 291 -4.65 40.02 5.18
CA ASP H 291 -4.31 41.42 5.11
C ASP H 291 -5.56 42.27 4.87
N GLY H 292 -5.36 43.53 4.53
CA GLY H 292 -6.49 44.40 4.24
C GLY H 292 -6.77 44.67 2.78
N SER H 293 -5.78 44.46 1.91
CA SER H 293 -5.91 44.81 0.50
C SER H 293 -6.70 43.71 -0.22
N GLY H 294 -7.92 44.04 -0.64
CA GLY H 294 -8.74 43.09 -1.34
C GLY H 294 -9.17 41.88 -0.53
N LYS H 295 -8.72 41.76 0.71
CA LYS H 295 -9.06 40.64 1.59
C LYS H 295 -9.50 41.18 2.94
N PRO H 296 -10.38 40.47 3.63
CA PRO H 296 -10.78 40.91 4.96
C PRO H 296 -9.59 40.97 5.91
N LYS H 297 -9.60 41.95 6.78
CA LYS H 297 -8.52 42.13 7.74
C LYS H 297 -8.51 40.96 8.73
N GLY H 298 -7.34 40.39 8.94
CA GLY H 298 -7.22 39.31 9.90
C GLY H 298 -7.16 39.82 11.33
N LEU H 299 -7.53 38.95 12.27
CA LEU H 299 -7.53 39.33 13.67
C LEU H 299 -6.14 39.76 14.12
N LEU H 300 -5.11 39.03 13.69
CA LEU H 300 -3.75 39.41 14.06
C LEU H 300 -3.39 40.78 13.48
N THR H 301 -3.77 41.01 12.22
CA THR H 301 -3.51 42.32 11.62
C THR H 301 -4.29 43.42 12.32
N LEU H 302 -5.54 43.15 12.68
CA LEU H 302 -6.32 44.14 13.40
C LEU H 302 -5.68 44.48 14.74
N ALA H 303 -5.25 43.46 15.49
CA ALA H 303 -4.62 43.71 16.77
C ALA H 303 -3.30 44.46 16.61
N SER H 304 -2.56 44.18 15.55
CA SER H 304 -1.32 44.91 15.31
C SER H 304 -1.58 46.37 15.00
N GLU H 305 -2.56 46.62 14.13
CA GLU H 305 -2.78 48.00 13.69
C GLU H 305 -3.46 48.84 14.75
N ASP H 306 -4.07 48.19 15.75
CA ASP H 306 -4.67 48.91 16.86
C ASP H 306 -3.70 49.11 18.02
N SER H 307 -2.43 48.75 17.84
CA SER H 307 -1.42 48.78 18.89
C SER H 307 -1.74 47.84 20.04
N ALA H 308 -2.51 46.79 19.78
CA ALA H 308 -2.88 45.81 20.80
C ALA H 308 -1.98 44.58 20.77
N LYS H 309 -0.91 44.61 19.99
CA LYS H 309 0.02 43.50 19.88
C LYS H 309 1.06 43.64 20.98
N VAL H 310 0.95 42.81 22.00
CA VAL H 310 1.82 42.91 23.17
C VAL H 310 3.04 42.04 22.95
N THR H 311 4.22 42.64 23.02
CA THR H 311 5.48 41.91 22.85
C THR H 311 5.90 41.40 24.22
N THR H 312 5.65 40.12 24.48
CA THR H 312 5.99 39.53 25.75
C THR H 312 7.48 39.22 25.79
N GLU H 313 7.89 38.52 26.85
CA GLU H 313 9.28 38.11 27.02
C GLU H 313 9.51 36.67 26.58
N ALA H 314 8.50 36.00 26.03
CA ALA H 314 8.71 34.67 25.47
C ALA H 314 9.60 34.74 24.25
N LYS H 315 10.43 33.72 24.07
CA LYS H 315 11.42 33.72 23.00
C LYS H 315 11.06 32.71 21.92
N ALA H 316 11.39 33.05 20.68
CA ALA H 316 11.17 32.13 19.56
C ALA H 316 12.21 31.02 19.50
N ASP H 317 13.42 31.27 20.01
CA ASP H 317 14.45 30.23 19.98
C ASP H 317 14.11 29.09 20.91
N GLY H 318 13.33 29.35 21.96
CA GLY H 318 12.97 28.32 22.91
C GLY H 318 13.71 28.45 24.22
N SER H 319 14.51 29.50 24.35
CA SER H 319 15.23 29.74 25.60
C SER H 319 14.26 29.97 26.75
N VAL H 320 13.22 30.77 26.52
CA VAL H 320 12.16 31.01 27.50
C VAL H 320 10.86 30.52 26.90
N LEU H 321 10.12 29.72 27.65
CA LEU H 321 8.89 29.15 27.17
C LEU H 321 7.76 30.17 27.26
N VAL H 322 6.53 29.71 27.05
CA VAL H 322 5.34 30.54 27.14
C VAL H 322 4.57 30.13 28.39
N THR H 323 4.46 31.03 29.34
CA THR H 323 3.82 30.72 30.61
C THR H 323 2.34 31.07 30.56
N ALA H 324 1.60 30.51 31.51
CA ALA H 324 0.19 30.87 31.65
C ALA H 324 0.03 32.33 32.04
N LYS H 325 0.93 32.82 32.90
CA LYS H 325 0.84 34.21 33.35
C LYS H 325 1.02 35.17 32.18
N THR H 326 1.92 34.85 31.25
CA THR H 326 2.14 35.71 30.10
C THR H 326 0.87 35.86 29.29
N ILE H 327 0.14 34.76 29.09
CA ILE H 327 -1.10 34.82 28.35
C ILE H 327 -2.15 35.60 29.12
N SER H 328 -2.28 35.36 30.43
CA SER H 328 -3.32 36.04 31.18
C SER H 328 -3.04 37.53 31.32
N LYS H 329 -1.78 37.95 31.21
CA LYS H 329 -1.47 39.37 31.30
C LYS H 329 -2.04 40.15 30.12
N LEU H 330 -2.43 39.47 29.04
CA LEU H 330 -2.96 40.17 27.89
C LEU H 330 -4.27 40.87 28.20
N ARG H 331 -5.00 40.40 29.20
CA ARG H 331 -6.33 40.92 29.45
C ARG H 331 -6.32 42.38 29.85
N ARG H 332 -5.18 42.92 30.26
CA ARG H 332 -5.13 44.32 30.63
C ARG H 332 -5.40 45.22 29.44
N LYS H 333 -4.84 44.87 28.28
CA LYS H 333 -4.94 45.75 27.11
C LYS H 333 -6.33 45.73 26.50
N LEU H 334 -7.20 44.82 26.91
CA LEU H 334 -8.55 44.80 26.40
C LEU H 334 -9.40 45.94 26.96
N GLY H 335 -8.99 46.52 28.09
CA GLY H 335 -9.70 47.65 28.64
C GLY H 335 -11.00 47.24 29.31
N ARG H 336 -12.02 48.06 29.10
CA ARG H 336 -13.33 47.83 29.71
C ARG H 336 -13.92 46.49 29.32
N HIS H 337 -13.66 46.02 28.10
CA HIS H 337 -14.25 44.78 27.66
C HIS H 337 -13.58 43.55 28.28
N GLY H 338 -12.46 43.75 28.95
CA GLY H 338 -11.72 42.63 29.51
C GLY H 338 -12.15 42.16 30.88
N LEU H 339 -13.09 42.85 31.52
CA LEU H 339 -13.48 42.45 32.87
C LEU H 339 -14.28 41.16 32.87
N LYS H 340 -15.26 41.05 31.99
CA LYS H 340 -16.09 39.86 32.00
C LYS H 340 -15.32 38.68 31.43
N LEU H 341 -15.65 37.49 31.92
CA LEU H 341 -15.00 36.26 31.47
C LEU H 341 -15.89 35.40 30.59
N SER H 342 -17.19 35.69 30.53
CA SER H 342 -18.09 34.88 29.72
C SER H 342 -18.22 35.38 28.30
N LYS H 343 -17.51 36.44 27.93
CA LYS H 343 -17.61 37.04 26.60
C LYS H 343 -16.25 37.10 25.92
N LEU H 344 -15.34 36.21 26.28
CA LEU H 344 -14.01 36.17 25.69
C LEU H 344 -13.73 34.81 25.12
N VAL H 345 -12.89 34.78 24.08
CA VAL H 345 -12.49 33.55 23.40
C VAL H 345 -10.98 33.56 23.27
N LEU H 346 -10.34 32.50 23.76
CA LEU H 346 -8.89 32.40 23.77
C LEU H 346 -8.44 31.37 22.75
N ILE H 347 -7.44 31.71 21.95
CA ILE H 347 -6.91 30.82 20.92
C ILE H 347 -5.38 30.81 21.02
N VAL H 348 -4.79 29.62 20.96
CA VAL H 348 -3.35 29.48 20.99
C VAL H 348 -2.91 28.51 19.90
N SER H 349 -1.64 28.62 19.52
CA SER H 349 -1.07 27.70 18.55
C SER H 349 -0.69 26.40 19.23
N MET H 350 -0.40 25.38 18.41
CA MET H 350 -0.01 24.08 18.97
C MET H 350 1.28 24.22 19.76
N ASP H 351 2.23 24.98 19.24
CA ASP H 351 3.49 25.15 19.94
C ASP H 351 3.29 25.80 21.30
N ALA H 352 2.43 26.82 21.37
CA ALA H 352 2.13 27.44 22.64
C ALA H 352 1.44 26.44 23.57
N TYR H 353 0.60 25.57 23.02
CA TYR H 353 -0.07 24.58 23.86
C TYR H 353 0.94 23.63 24.48
N TYR H 354 1.88 23.14 23.67
CA TYR H 354 2.88 22.21 24.21
C TYR H 354 3.82 22.91 25.18
N ASP H 355 4.04 24.20 25.00
CA ASP H 355 4.86 24.94 25.96
C ASP H 355 4.09 25.22 27.24
N LEU H 356 2.78 25.33 27.14
CA LEU H 356 1.94 25.43 28.34
C LEU H 356 1.97 24.14 29.13
N LEU H 357 1.98 23.00 28.42
CA LEU H 357 1.97 21.72 29.12
C LEU H 357 3.18 21.57 30.04
N GLU H 358 4.32 22.14 29.67
CA GLU H 358 5.54 22.04 30.45
C GLU H 358 5.67 23.15 31.47
N ASP H 359 4.58 23.83 31.81
CA ASP H 359 4.65 24.95 32.74
C ASP H 359 4.97 24.47 34.14
N GLU H 360 5.87 25.18 34.81
CA GLU H 360 6.24 24.83 36.18
C GLU H 360 5.09 25.06 37.15
N GLU H 361 4.18 25.98 36.85
CA GLU H 361 3.19 26.45 37.81
C GLU H 361 1.93 25.62 37.82
N TRP H 362 1.85 24.55 37.03
CA TRP H 362 0.65 23.74 36.96
C TRP H 362 0.96 22.26 37.17
N GLN H 363 1.93 21.95 38.01
CA GLN H 363 2.37 20.57 38.19
C GLN H 363 1.85 19.94 39.48
N ASP H 364 2.08 20.55 40.62
CA ASP H 364 1.72 19.93 41.89
C ASP H 364 0.23 20.08 42.16
N VAL H 365 -0.31 19.15 42.94
CA VAL H 365 -1.70 19.26 43.38
C VAL H 365 -1.88 20.49 44.25
N ALA H 366 -0.94 20.73 45.16
CA ALA H 366 -1.03 21.91 46.01
C ALA H 366 -0.89 23.20 45.23
N GLN H 367 -0.34 23.14 44.02
CA GLN H 367 -0.22 24.35 43.20
C GLN H 367 -1.55 24.69 42.54
N VAL H 368 -2.09 23.76 41.74
CA VAL H 368 -3.38 24.00 41.10
C VAL H 368 -4.33 22.86 41.39
N GLY H 369 -4.99 22.93 42.54
CA GLY H 369 -6.09 22.04 42.87
C GLY H 369 -5.94 20.61 42.42
N ASN H 370 -6.91 20.14 41.64
CA ASN H 370 -6.88 18.80 41.07
C ASN H 370 -6.48 18.81 39.61
N ASP H 371 -6.47 19.98 38.97
CA ASP H 371 -6.23 20.08 37.53
C ASP H 371 -4.74 20.08 37.21
N ALA H 372 -3.93 19.56 38.13
CA ALA H 372 -2.50 19.50 37.91
C ALA H 372 -2.18 18.67 36.68
N VAL H 373 -1.14 19.08 35.96
CA VAL H 373 -0.75 18.36 34.76
C VAL H 373 -0.33 16.93 35.10
N LYS H 374 0.38 16.77 36.21
CA LYS H 374 0.96 15.47 36.55
C LYS H 374 -0.10 14.39 36.68
N LEU H 375 -1.36 14.79 36.90
CA LEU H 375 -2.43 13.81 37.01
C LEU H 375 -3.26 13.72 35.74
N GLN H 376 -3.33 14.80 34.97
CA GLN H 376 -4.15 14.83 33.76
C GLN H 376 -3.33 14.88 32.49
N GLY H 377 -2.28 15.68 32.46
CA GLY H 377 -1.43 15.76 31.29
C GLY H 377 -1.90 16.72 30.23
N GLN H 378 -3.07 17.33 30.39
CA GLN H 378 -3.57 18.29 29.42
C GLN H 378 -4.18 19.48 30.14
N VAL H 379 -3.93 20.66 29.60
CA VAL H 379 -4.33 21.92 30.21
C VAL H 379 -5.71 22.29 29.70
N GLY H 380 -6.65 22.50 30.61
CA GLY H 380 -8.01 22.85 30.25
C GLY H 380 -8.32 24.32 30.46
N ARG H 381 -8.96 24.65 31.56
CA ARG H 381 -9.27 26.04 31.86
C ARG H 381 -8.08 26.74 32.50
N ILE H 382 -7.60 27.79 31.85
CA ILE H 382 -6.46 28.56 32.34
C ILE H 382 -6.96 29.93 32.77
N TYR H 383 -6.70 30.28 34.03
CA TYR H 383 -7.05 31.60 34.56
C TYR H 383 -8.50 31.97 34.28
N GLY H 384 -9.36 30.96 34.15
CA GLY H 384 -10.75 31.18 33.83
C GLY H 384 -11.09 31.17 32.35
N LEU H 385 -10.10 31.29 31.47
CA LEU H 385 -10.33 31.29 30.03
C LEU H 385 -10.18 29.87 29.50
N PRO H 386 -11.20 29.29 28.89
CA PRO H 386 -11.01 27.99 28.24
C PRO H 386 -10.06 28.12 27.06
N VAL H 387 -9.32 27.05 26.79
CA VAL H 387 -8.29 27.05 25.75
C VAL H 387 -8.83 26.38 24.50
N VAL H 388 -8.58 27.01 23.35
CA VAL H 388 -8.83 26.42 22.05
C VAL H 388 -7.52 26.49 21.28
N VAL H 389 -7.15 25.38 20.64
CA VAL H 389 -5.88 25.29 19.92
C VAL H 389 -6.15 25.47 18.44
N SER H 390 -5.32 26.27 17.78
CA SER H 390 -5.36 26.43 16.35
C SER H 390 -4.06 25.95 15.75
N GLU H 391 -3.97 26.02 14.43
CA GLU H 391 -2.76 25.63 13.71
C GLU H 391 -2.37 26.65 12.65
N TYR H 392 -3.21 27.64 12.41
CA TYR H 392 -3.04 28.56 11.30
C TYR H 392 -2.33 29.84 11.71
N PHE H 393 -1.76 29.86 12.91
CA PHE H 393 -0.94 30.98 13.32
C PHE H 393 0.33 31.00 12.47
N PRO H 394 0.95 32.16 12.32
CA PRO H 394 2.18 32.25 11.53
C PRO H 394 3.29 31.41 12.14
N ALA H 395 4.36 31.26 11.36
CA ALA H 395 5.47 30.42 11.78
C ALA H 395 6.15 30.98 13.02
N LYS H 396 6.65 30.08 13.85
CA LYS H 396 7.32 30.47 15.10
C LYS H 396 8.59 31.23 14.76
N ALA H 397 8.57 32.54 14.96
CA ALA H 397 9.73 33.37 14.68
C ALA H 397 9.63 34.63 15.52
N ALA H 398 10.76 35.34 15.62
CA ALA H 398 10.78 36.57 16.39
C ALA H 398 9.80 37.58 15.79
N GLY H 399 9.04 38.23 16.67
CA GLY H 399 8.07 39.21 16.24
C GLY H 399 6.75 38.64 15.77
N LYS H 400 6.56 37.33 15.85
CA LYS H 400 5.31 36.73 15.42
C LYS H 400 4.41 36.45 16.62
N GLU H 401 3.16 36.11 16.34
CA GLU H 401 2.14 35.96 17.36
C GLU H 401 1.89 34.49 17.64
N PHE H 402 1.43 34.20 18.86
CA PHE H 402 1.08 32.85 19.26
C PHE H 402 -0.22 32.73 20.01
N ALA H 403 -0.85 33.83 20.40
CA ALA H 403 -2.11 33.77 21.14
C ALA H 403 -2.91 35.02 20.85
N VAL H 404 -4.22 34.84 20.72
CA VAL H 404 -5.14 35.95 20.50
C VAL H 404 -6.32 35.78 21.44
N ILE H 405 -6.83 36.89 21.95
CA ILE H 405 -7.97 36.91 22.85
C ILE H 405 -8.92 38.01 22.37
N VAL H 406 -10.17 37.64 22.10
CA VAL H 406 -11.07 38.53 21.40
C VAL H 406 -12.37 38.69 22.19
N TYR H 407 -13.07 39.79 21.90
CA TYR H 407 -14.42 40.01 22.39
C TYR H 407 -15.39 39.46 21.35
N LYS H 408 -16.13 38.42 21.72
CA LYS H 408 -16.82 37.62 20.72
C LYS H 408 -17.94 38.39 20.04
N ASP H 409 -18.70 39.18 20.78
CA ASP H 409 -19.90 39.77 20.21
C ASP H 409 -19.63 41.09 19.52
N ASN H 410 -18.37 41.50 19.40
CA ASN H 410 -18.05 42.73 18.70
C ASN H 410 -17.83 42.53 17.21
N PHE H 411 -17.89 41.30 16.71
CA PHE H 411 -17.59 40.99 15.32
C PHE H 411 -18.80 40.40 14.64
N VAL H 412 -18.91 40.61 13.33
CA VAL H 412 -20.03 40.12 12.54
C VAL H 412 -19.51 39.51 11.25
N MET H 413 -20.42 38.87 10.52
CA MET H 413 -20.10 38.08 9.33
C MET H 413 -20.99 38.57 8.19
N PRO H 414 -20.69 39.75 7.62
CA PRO H 414 -21.46 40.20 6.47
C PRO H 414 -21.27 39.26 5.29
N ARG H 415 -22.35 39.06 4.53
CA ARG H 415 -22.31 38.09 3.44
C ARG H 415 -23.38 38.44 2.42
N GLN H 416 -23.02 38.37 1.14
CA GLN H 416 -23.95 38.67 0.06
C GLN H 416 -24.53 37.40 -0.55
N ARG H 417 -23.68 36.45 -0.92
CA ARG H 417 -24.14 35.18 -1.46
C ARG H 417 -23.34 34.03 -0.85
N ALA H 418 -23.98 32.87 -0.80
CA ALA H 418 -23.40 31.69 -0.18
C ALA H 418 -22.41 31.03 -1.13
N VAL H 419 -22.03 29.80 -0.82
CA VAL H 419 -21.18 29.01 -1.70
C VAL H 419 -22.06 28.41 -2.80
N THR H 420 -21.73 28.70 -4.05
CA THR H 420 -22.48 28.20 -5.19
C THR H 420 -21.54 27.50 -6.17
N VAL H 421 -21.95 26.33 -6.64
CA VAL H 421 -21.22 25.60 -7.66
C VAL H 421 -21.84 25.91 -9.02
N GLU H 422 -20.99 25.89 -10.04
CA GLU H 422 -21.44 26.22 -11.39
C GLU H 422 -20.50 25.56 -12.39
N ARG H 423 -21.03 24.56 -13.10
CA ARG H 423 -20.25 23.80 -14.06
C ARG H 423 -20.50 24.35 -15.47
N GLU H 424 -19.47 24.32 -16.30
CA GLU H 424 -19.56 24.79 -17.67
C GLU H 424 -18.88 23.78 -18.57
N ARG H 425 -19.41 23.62 -19.78
CA ARG H 425 -18.84 22.70 -20.75
C ARG H 425 -18.05 23.50 -21.78
N GLN H 426 -16.82 23.07 -22.06
CA GLN H 426 -15.95 23.72 -23.03
C GLN H 426 -15.69 22.72 -24.14
N ALA H 427 -16.59 22.70 -25.13
CA ALA H 427 -16.48 21.72 -26.20
C ALA H 427 -15.20 21.89 -27.00
N GLY H 428 -14.62 23.09 -26.99
CA GLY H 428 -13.39 23.31 -27.73
C GLY H 428 -12.21 22.55 -27.20
N LYS H 429 -12.27 22.13 -25.94
CA LYS H 429 -11.22 21.32 -25.34
C LYS H 429 -11.76 20.07 -24.65
N GLN H 430 -13.07 19.87 -24.66
CA GLN H 430 -13.74 18.73 -24.05
C GLN H 430 -13.52 18.65 -22.55
N ARG H 431 -12.95 19.68 -21.95
CA ARG H 431 -12.90 19.75 -20.49
C ARG H 431 -14.24 20.23 -19.97
N ASP H 432 -14.50 19.95 -18.70
CA ASP H 432 -15.73 20.40 -18.03
C ASP H 432 -15.33 21.28 -16.85
N ALA H 433 -15.24 22.58 -17.09
CA ALA H 433 -14.82 23.51 -16.06
C ALA H 433 -15.85 23.59 -14.95
N TYR H 434 -15.36 23.68 -13.71
CA TYR H 434 -16.19 23.85 -12.54
C TYR H 434 -15.80 25.14 -11.83
N TYR H 435 -16.80 25.92 -11.42
CA TYR H 435 -16.56 27.18 -10.72
C TYR H 435 -17.33 27.19 -9.41
N VAL H 436 -16.67 27.66 -8.35
CA VAL H 436 -17.30 27.89 -7.06
C VAL H 436 -16.86 29.25 -6.54
N THR H 437 -17.83 30.09 -6.20
CA THR H 437 -17.55 31.44 -5.72
C THR H 437 -18.42 31.72 -4.51
N GLN H 438 -17.97 32.67 -3.69
CA GLN H 438 -18.78 33.15 -2.58
C GLN H 438 -18.28 34.52 -2.17
N ARG H 439 -19.15 35.26 -1.48
CA ARG H 439 -18.88 36.63 -1.07
C ARG H 439 -19.11 36.76 0.43
N VAL H 440 -18.06 37.07 1.17
CA VAL H 440 -18.10 37.20 2.62
C VAL H 440 -17.13 38.30 3.04
N ASN H 441 -17.10 38.57 4.34
CA ASN H 441 -16.17 39.53 4.93
C ASN H 441 -16.28 39.43 6.44
N LEU H 442 -15.30 40.02 7.12
CA LEU H 442 -15.26 40.06 8.58
C LEU H 442 -15.18 41.51 9.02
N GLN H 443 -16.15 41.97 9.79
CA GLN H 443 -16.20 43.36 10.21
C GLN H 443 -16.53 43.43 11.70
N ARG H 444 -16.10 44.52 12.32
CA ARG H 444 -16.36 44.77 13.72
C ARG H 444 -17.04 46.13 13.88
N TYR H 445 -17.88 46.23 14.90
CA TYR H 445 -18.63 47.46 15.11
C TYR H 445 -17.71 48.61 15.49
N PHE H 446 -16.82 48.40 16.45
CA PHE H 446 -16.00 49.47 17.00
C PHE H 446 -14.52 49.08 16.95
N GLU H 447 -13.68 50.10 17.01
CA GLU H 447 -12.22 49.91 16.88
C GLU H 447 -11.58 49.44 18.19
N ASN H 448 -12.09 48.35 18.74
CA ASN H 448 -11.51 47.77 19.95
C ASN H 448 -12.10 46.38 20.14
N GLY H 449 -11.43 45.60 20.97
CA GLY H 449 -11.91 44.28 21.31
C GLY H 449 -11.07 43.12 20.84
N VAL H 450 -9.76 43.30 20.66
CA VAL H 450 -8.88 42.20 20.31
C VAL H 450 -7.49 42.50 20.84
N VAL H 451 -6.83 41.46 21.36
CA VAL H 451 -5.47 41.55 21.85
C VAL H 451 -4.71 40.32 21.41
N SER H 452 -3.47 40.51 20.94
CA SER H 452 -2.64 39.39 20.54
C SER H 452 -1.26 39.54 21.16
N GLY H 453 -0.71 38.42 21.63
CA GLY H 453 0.63 38.38 22.18
C GLY H 453 1.63 38.12 21.07
N ALA H 454 2.91 38.18 21.41
CA ALA H 454 3.96 37.97 20.43
C ALA H 454 5.24 37.49 21.09
N TYR H 455 6.06 36.79 20.32
CA TYR H 455 7.38 36.42 20.77
C TYR H 455 8.24 37.66 20.88
N ALA H 456 9.34 37.55 21.62
CA ALA H 456 10.23 38.68 21.75
C ALA H 456 10.90 38.98 20.41
N ALA H 457 10.98 40.25 20.09
CA ALA H 457 11.56 40.68 18.83
C ALA H 457 13.06 40.42 18.81
N ASN I 162 26.43 -44.04 54.57
CA ASN I 162 26.09 -44.00 55.99
C ASN I 162 27.00 -44.92 56.81
N GLN I 163 26.75 -46.22 56.70
CA GLN I 163 27.50 -47.29 57.37
C GLN I 163 27.88 -46.91 58.80
N SER I 164 26.87 -46.69 59.61
CA SER I 164 27.09 -46.50 61.03
C SER I 164 26.57 -47.66 61.87
N SER I 165 25.41 -48.20 61.53
CA SER I 165 24.83 -49.33 62.25
C SER I 165 25.52 -50.62 61.81
N SER I 166 24.94 -51.76 62.19
CA SER I 166 25.50 -53.03 61.78
C SER I 166 25.19 -53.32 60.31
N VAL I 167 23.91 -53.43 59.98
CA VAL I 167 23.50 -53.65 58.59
C VAL I 167 23.72 -52.36 57.82
N GLU I 168 23.63 -52.44 56.50
CA GLU I 168 24.02 -51.33 55.64
C GLU I 168 23.16 -51.35 54.39
N VAL I 169 23.49 -50.46 53.47
CA VAL I 169 22.85 -50.42 52.16
C VAL I 169 23.94 -50.50 51.10
N SER I 170 23.52 -50.71 49.85
CA SER I 170 24.49 -50.98 48.78
C SER I 170 25.30 -49.74 48.45
N SER I 171 24.65 -48.69 47.96
CA SER I 171 25.33 -47.49 47.51
C SER I 171 24.54 -46.26 47.92
N GLU I 172 25.24 -45.13 47.99
CA GLU I 172 24.63 -43.90 48.48
C GLU I 172 23.54 -43.40 47.56
N SER I 173 23.41 -43.97 46.36
CA SER I 173 22.35 -43.63 45.44
C SER I 173 21.12 -44.51 45.61
N TYR I 174 21.09 -45.41 46.58
CA TYR I 174 19.99 -46.33 46.70
C TYR I 174 19.06 -45.97 47.85
N GLU I 175 19.28 -44.82 48.49
CA GLU I 175 18.37 -44.30 49.50
C GLU I 175 17.83 -42.93 49.09
N THR I 176 18.19 -42.48 47.90
CA THR I 176 17.76 -41.20 47.37
C THR I 176 16.43 -41.36 46.64
N ILE I 177 15.56 -40.37 46.77
CA ILE I 177 14.32 -40.32 46.03
C ILE I 177 14.51 -39.39 44.84
N PHE I 178 14.26 -39.90 43.64
CA PHE I 178 14.35 -39.12 42.43
C PHE I 178 12.95 -38.68 42.03
N SER I 179 12.75 -37.37 41.91
CA SER I 179 11.46 -36.81 41.54
C SER I 179 11.49 -36.40 40.08
N GLN I 180 10.37 -36.61 39.40
CA GLN I 180 10.26 -36.19 38.02
C GLN I 180 9.56 -34.84 37.88
N ARG I 181 9.31 -34.15 38.98
CA ARG I 181 8.79 -32.79 38.92
C ARG I 181 9.83 -31.87 38.29
N ILE I 182 9.36 -30.99 37.42
CA ILE I 182 10.24 -30.11 36.65
C ILE I 182 9.85 -28.67 36.95
N ILE I 183 10.83 -27.85 37.30
CA ILE I 183 10.58 -26.48 37.72
C ILE I 183 11.36 -25.54 36.82
N ARG I 184 10.78 -24.35 36.61
CA ARG I 184 11.35 -23.34 35.73
C ARG I 184 11.37 -22.00 36.43
N ASP I 185 12.41 -21.22 36.16
CA ASP I 185 12.58 -19.90 36.74
C ASP I 185 11.61 -18.91 36.10
N LEU I 186 11.66 -17.66 36.57
CA LEU I 186 10.81 -16.62 36.01
C LEU I 186 11.29 -16.24 34.62
N GLN I 187 10.34 -15.99 33.72
CA GLN I 187 10.65 -15.63 32.34
C GLN I 187 10.09 -14.25 32.03
N LYS I 188 10.78 -13.54 31.14
CA LYS I 188 10.34 -12.20 30.78
C LYS I 188 8.99 -12.25 30.11
N GLU I 189 8.18 -11.22 30.34
CA GLU I 189 6.88 -11.11 29.71
C GLU I 189 7.05 -10.55 28.30
N LEU I 190 6.03 -10.76 27.47
CA LEU I 190 6.02 -10.30 26.09
C LEU I 190 4.91 -9.27 25.91
N VAL I 191 5.24 -8.14 25.30
CA VAL I 191 4.33 -7.02 25.17
C VAL I 191 4.11 -6.62 23.71
N VAL I 192 5.19 -6.35 22.97
CA VAL I 192 5.05 -5.82 21.62
C VAL I 192 4.69 -6.89 20.61
N GLY I 193 4.87 -8.16 20.95
CA GLY I 193 4.69 -9.22 19.97
C GLY I 193 3.29 -9.26 19.38
N ALA I 194 2.28 -9.10 20.22
CA ALA I 194 0.91 -9.31 19.78
C ALA I 194 -0.02 -8.22 20.30
N LEU I 195 0.37 -6.95 20.13
CA LEU I 195 -0.55 -5.86 20.44
C LEU I 195 -0.96 -5.06 19.22
N PHE I 196 -0.32 -5.25 18.08
CA PHE I 196 -0.70 -4.54 16.87
C PHE I 196 -1.71 -5.33 16.06
N GLU I 197 -2.53 -4.60 15.30
CA GLU I 197 -3.53 -5.23 14.46
C GLU I 197 -2.88 -5.97 13.29
N GLU I 198 -3.51 -7.07 12.90
CA GLU I 198 -2.95 -7.99 11.92
C GLU I 198 -3.57 -7.75 10.56
N LEU I 199 -2.75 -7.78 9.52
CA LEU I 199 -3.21 -7.55 8.16
C LEU I 199 -2.95 -8.78 7.31
N PRO I 200 -3.96 -9.58 6.98
CA PRO I 200 -3.72 -10.74 6.12
C PRO I 200 -3.32 -10.31 4.73
N MET I 201 -2.45 -11.10 4.09
CA MET I 201 -2.01 -10.84 2.73
C MET I 201 -2.02 -12.15 1.96
N SER I 202 -2.45 -12.09 0.69
CA SER I 202 -2.52 -13.26 -0.16
C SER I 202 -1.68 -13.11 -1.42
N SER I 203 -0.64 -12.27 -1.37
CA SER I 203 0.25 -12.08 -2.49
C SER I 203 1.60 -11.64 -1.95
N LYS I 204 2.50 -11.27 -2.85
CA LYS I 204 3.81 -10.80 -2.41
C LYS I 204 3.72 -9.38 -1.86
N ILE I 205 2.96 -8.52 -2.53
CA ILE I 205 2.89 -7.11 -2.17
C ILE I 205 1.43 -6.68 -2.13
N LEU I 206 1.15 -5.64 -1.34
CA LEU I 206 -0.16 -5.02 -1.28
C LEU I 206 0.03 -3.52 -1.45
N THR I 207 -0.89 -2.89 -2.17
CA THR I 207 -0.78 -1.46 -2.46
C THR I 207 -2.12 -0.78 -2.31
N MET I 208 -2.13 0.33 -1.57
CA MET I 208 -3.31 1.17 -1.44
C MET I 208 -2.97 2.58 -1.91
N LEU I 209 -3.93 3.48 -1.78
CA LEU I 209 -3.82 4.85 -2.26
C LEU I 209 -3.87 5.83 -1.11
N VAL I 210 -3.13 6.92 -1.25
CA VAL I 210 -3.07 7.98 -0.25
C VAL I 210 -3.63 9.25 -0.86
N GLU I 211 -4.61 9.83 -0.20
CA GLU I 211 -5.29 11.01 -0.70
C GLU I 211 -4.40 12.24 -0.50
N PRO I 212 -4.35 13.14 -1.47
CA PRO I 212 -3.37 14.23 -1.40
C PRO I 212 -3.71 15.30 -0.38
N ASP I 213 -2.93 16.37 -0.39
CA ASP I 213 -3.05 17.45 0.58
C ASP I 213 -4.18 18.41 0.18
N ALA I 214 -4.22 19.58 0.79
CA ALA I 214 -5.28 20.55 0.61
C ALA I 214 -4.80 21.79 -0.13
N GLY I 215 -5.66 22.30 -1.01
CA GLY I 215 -5.41 23.51 -1.75
C GLY I 215 -6.03 24.73 -1.09
N ARG I 216 -6.31 25.74 -1.91
CA ARG I 216 -6.96 26.96 -1.43
C ARG I 216 -7.49 27.77 -2.60
N ALA I 217 -8.47 28.63 -2.32
CA ALA I 217 -9.03 29.53 -3.31
C ALA I 217 -8.26 30.86 -3.29
N THR I 218 -8.77 31.86 -4.00
CA THR I 218 -8.11 33.16 -4.08
C THR I 218 -9.14 34.28 -4.00
N TRP I 219 -8.69 35.42 -3.49
CA TRP I 219 -9.53 36.61 -3.38
C TRP I 219 -9.36 37.43 -4.64
N VAL I 220 -10.46 37.74 -5.31
CA VAL I 220 -10.41 38.57 -6.51
C VAL I 220 -10.82 39.97 -6.14
N ALA I 221 -10.16 40.95 -6.74
CA ALA I 221 -10.58 42.33 -6.56
C ALA I 221 -11.91 42.55 -7.26
N ALA I 222 -12.81 43.28 -6.60
CA ALA I 222 -14.11 43.54 -7.19
C ALA I 222 -14.02 44.38 -8.44
N SER I 223 -12.88 45.04 -8.67
CA SER I 223 -12.67 45.79 -9.91
C SER I 223 -12.72 44.87 -11.12
N ALA I 224 -12.08 43.70 -11.03
CA ALA I 224 -11.95 42.80 -12.16
C ALA I 224 -13.17 41.94 -12.36
N TYR I 225 -14.34 42.38 -11.89
CA TYR I 225 -15.52 41.53 -11.94
C TYR I 225 -16.00 41.30 -13.37
N GLY I 226 -15.86 42.30 -14.24
CA GLY I 226 -16.27 42.12 -15.62
C GLY I 226 -15.42 41.11 -16.36
N SER I 227 -14.12 41.08 -16.07
CA SER I 227 -13.16 40.34 -16.87
C SER I 227 -13.28 38.84 -16.60
N ASP I 228 -12.31 38.08 -17.09
CA ASP I 228 -12.26 36.64 -16.88
C ASP I 228 -11.46 36.25 -15.64
N ASN I 229 -10.96 37.21 -14.88
CA ASN I 229 -10.32 36.88 -13.62
C ASN I 229 -11.33 36.68 -12.50
N THR I 230 -12.62 36.80 -12.80
CA THR I 230 -13.63 36.64 -11.77
C THR I 230 -13.60 35.26 -11.14
N THR I 231 -13.40 34.21 -11.95
CA THR I 231 -13.42 32.86 -11.42
C THR I 231 -12.25 32.61 -10.47
N GLY I 232 -11.11 33.24 -10.72
CA GLY I 232 -10.01 33.16 -9.78
C GLY I 232 -8.89 32.23 -10.18
N SER I 233 -8.49 31.35 -9.27
CA SER I 233 -7.35 30.46 -9.48
C SER I 233 -7.80 29.01 -9.52
N GLU I 234 -6.84 28.12 -9.73
CA GLU I 234 -7.10 26.71 -9.98
C GLU I 234 -6.45 25.86 -8.90
N VAL I 235 -7.10 24.74 -8.57
CA VAL I 235 -6.61 23.80 -7.56
C VAL I 235 -6.26 22.49 -8.24
N THR I 236 -5.16 21.88 -7.83
CA THR I 236 -4.65 20.68 -8.47
C THR I 236 -4.14 19.70 -7.42
N GLY I 237 -4.09 18.43 -7.80
CA GLY I 237 -3.59 17.41 -6.88
C GLY I 237 -3.58 16.01 -7.46
N ALA I 238 -2.67 15.17 -6.99
CA ALA I 238 -2.51 13.80 -7.48
C ALA I 238 -2.35 12.86 -6.31
N LEU I 239 -2.70 11.59 -6.51
CA LEU I 239 -2.65 10.61 -5.46
C LEU I 239 -1.25 10.01 -5.35
N THR I 240 -1.10 9.09 -4.39
CA THR I 240 0.14 8.35 -4.19
C THR I 240 -0.22 6.92 -3.77
N GLU I 241 0.79 6.18 -3.31
CA GLU I 241 0.60 4.79 -2.96
C GLU I 241 1.64 4.33 -1.93
N ILE I 242 1.34 3.21 -1.29
CA ILE I 242 2.22 2.58 -0.31
C ILE I 242 2.21 1.08 -0.55
N HIS I 243 3.26 0.41 -0.06
CA HIS I 243 3.44 -1.01 -0.31
C HIS I 243 3.78 -1.75 0.97
N PHE I 244 3.46 -3.04 1.00
CA PHE I 244 3.73 -3.92 2.12
C PHE I 244 4.37 -5.22 1.64
N SER I 245 5.09 -5.87 2.55
CA SER I 245 5.80 -7.11 2.24
C SER I 245 6.05 -7.86 3.55
N THR I 246 6.51 -9.11 3.44
CA THR I 246 6.70 -9.95 4.62
C THR I 246 8.09 -10.56 4.61
N TYR I 247 8.41 -11.24 5.71
CA TYR I 247 9.68 -11.91 5.95
C TYR I 247 9.40 -13.29 6.52
N LYS I 248 10.39 -14.18 6.42
CA LYS I 248 10.20 -15.57 6.79
C LYS I 248 11.03 -15.90 8.03
N LEU I 249 10.45 -16.71 8.91
CA LEU I 249 11.08 -17.14 10.14
C LEU I 249 10.88 -18.63 10.31
N ALA I 250 11.95 -19.36 10.65
CA ALA I 250 11.86 -20.80 10.77
C ALA I 250 12.89 -21.32 11.76
N ALA I 251 12.59 -22.49 12.33
CA ALA I 251 13.51 -23.20 13.21
C ALA I 251 13.20 -24.68 13.16
N LYS I 252 14.20 -25.51 13.47
CA LYS I 252 14.08 -26.95 13.32
C LYS I 252 14.79 -27.66 14.47
N SER I 253 14.37 -28.89 14.73
CA SER I 253 14.99 -29.69 15.78
C SER I 253 14.76 -31.17 15.50
N PHE I 254 15.66 -32.01 16.02
CA PHE I 254 15.64 -33.44 15.76
C PHE I 254 15.60 -34.22 17.06
N ILE I 255 14.79 -35.29 17.08
CA ILE I 255 14.74 -36.23 18.19
C ILE I 255 14.86 -37.63 17.63
N THR I 256 15.84 -38.38 18.12
CA THR I 256 16.15 -39.68 17.54
C THR I 256 15.24 -40.76 18.12
N ASP I 257 15.55 -42.01 17.81
CA ASP I 257 14.82 -43.16 18.31
C ASP I 257 15.51 -43.87 19.44
N GLU I 258 16.71 -43.43 19.83
CA GLU I 258 17.46 -44.05 20.92
C GLU I 258 17.73 -43.08 22.06
N THR I 259 17.01 -41.97 22.13
CA THR I 259 17.05 -41.09 23.29
C THR I 259 15.69 -40.92 23.93
N GLU I 260 14.62 -41.39 23.29
CA GLU I 260 13.33 -41.38 23.95
C GLU I 260 12.97 -42.75 24.52
N GLU I 261 13.61 -43.81 24.04
CA GLU I 261 13.31 -45.13 24.56
C GLU I 261 14.03 -45.39 25.87
N ASP I 262 15.28 -44.97 25.99
CA ASP I 262 16.09 -45.18 27.18
C ASP I 262 16.05 -43.98 28.10
N ALA I 263 14.90 -43.32 28.17
CA ALA I 263 14.61 -42.35 29.21
C ALA I 263 13.35 -42.77 29.92
N ILE I 264 13.30 -42.54 31.24
CA ILE I 264 12.15 -42.98 32.01
C ILE I 264 10.89 -42.22 31.60
N PHE I 265 11.06 -40.99 31.14
CA PHE I 265 9.95 -40.12 30.79
C PHE I 265 10.13 -39.57 29.39
N SER I 266 9.02 -39.17 28.77
CA SER I 266 9.07 -38.67 27.41
C SER I 266 9.75 -37.30 27.35
N LEU I 267 10.19 -36.93 26.15
CA LEU I 267 10.83 -35.64 25.93
C LEU I 267 10.21 -34.89 24.75
N LEU I 268 9.09 -35.35 24.23
CA LEU I 268 8.48 -34.72 23.06
C LEU I 268 7.82 -33.39 23.40
N PRO I 269 6.97 -33.32 24.44
CA PRO I 269 6.34 -32.03 24.74
C PRO I 269 7.34 -30.94 25.02
N LEU I 270 8.48 -31.31 25.62
CA LEU I 270 9.56 -30.36 25.77
C LEU I 270 9.98 -29.78 24.43
N LEU I 271 10.18 -30.64 23.43
CA LEU I 271 10.60 -30.16 22.12
C LEU I 271 9.57 -29.23 21.51
N ARG I 272 8.29 -29.63 21.56
CA ARG I 272 7.25 -28.81 20.96
C ARG I 272 7.18 -27.44 21.62
N LYS I 273 7.10 -27.42 22.95
CA LYS I 273 6.95 -26.14 23.64
C LYS I 273 8.17 -25.26 23.44
N ARG I 274 9.37 -25.86 23.42
CA ARG I 274 10.56 -25.05 23.24
C ARG I 274 10.59 -24.43 21.85
N LEU I 275 10.18 -25.19 20.83
CA LEU I 275 10.12 -24.62 19.48
C LEU I 275 9.17 -23.44 19.42
N ILE I 276 7.96 -23.61 19.95
CA ILE I 276 6.97 -22.54 19.86
C ILE I 276 7.44 -21.30 20.60
N GLU I 277 7.94 -21.47 21.82
CA GLU I 277 8.33 -20.30 22.58
C GLU I 277 9.58 -19.65 22.02
N ALA I 278 10.46 -20.41 21.36
CA ALA I 278 11.58 -19.78 20.67
C ALA I 278 11.10 -18.90 19.53
N HIS I 279 10.10 -19.38 18.78
CA HIS I 279 9.52 -18.53 17.75
C HIS I 279 8.99 -17.23 18.33
N ALA I 280 8.23 -17.33 19.42
CA ALA I 280 7.65 -16.13 20.02
C ALA I 280 8.74 -15.16 20.49
N VAL I 281 9.77 -15.68 21.15
CA VAL I 281 10.84 -14.81 21.64
C VAL I 281 11.52 -14.09 20.49
N SER I 282 11.84 -14.82 19.43
CA SER I 282 12.58 -14.20 18.33
C SER I 282 11.74 -13.14 17.64
N ILE I 283 10.45 -13.42 17.40
CA ILE I 283 9.65 -12.43 16.72
C ILE I 283 9.49 -11.19 17.58
N GLU I 284 9.31 -11.35 18.89
CA GLU I 284 9.17 -10.19 19.75
C GLU I 284 10.45 -9.36 19.77
N GLU I 285 11.61 -10.03 19.84
CA GLU I 285 12.88 -9.31 19.83
C GLU I 285 13.05 -8.51 18.54
N ALA I 286 12.73 -9.13 17.40
CA ALA I 286 12.88 -8.42 16.14
C ALA I 286 11.91 -7.25 16.04
N PHE I 287 10.67 -7.43 16.50
CA PHE I 287 9.70 -6.35 16.45
C PHE I 287 10.16 -5.18 17.32
N MET I 288 10.69 -5.47 18.51
CA MET I 288 11.28 -4.41 19.33
C MET I 288 12.40 -3.69 18.60
N THR I 289 13.50 -4.39 18.34
CA THR I 289 14.65 -3.65 17.82
C THR I 289 15.33 -4.37 16.66
N GLY I 290 14.58 -5.11 15.87
CA GLY I 290 15.14 -5.69 14.68
C GLY I 290 15.48 -4.63 13.65
N ASP I 291 16.51 -4.90 12.87
CA ASP I 291 16.96 -3.98 11.85
C ASP I 291 16.20 -4.26 10.55
N GLY I 292 16.68 -3.71 9.45
CA GLY I 292 16.05 -3.88 8.16
C GLY I 292 16.75 -4.82 7.20
N SER I 293 17.93 -5.34 7.57
CA SER I 293 18.71 -6.19 6.67
C SER I 293 18.13 -7.60 6.71
N GLY I 294 17.06 -7.79 5.97
CA GLY I 294 16.42 -9.09 5.89
C GLY I 294 15.55 -9.44 7.07
N LYS I 295 15.39 -8.53 8.02
CA LYS I 295 14.54 -8.72 9.18
C LYS I 295 13.58 -7.55 9.30
N PRO I 296 12.43 -7.75 9.93
CA PRO I 296 11.51 -6.63 10.14
C PRO I 296 12.18 -5.51 10.90
N LYS I 297 11.92 -4.28 10.47
CA LYS I 297 12.49 -3.12 11.14
C LYS I 297 11.81 -2.89 12.47
N GLY I 298 12.60 -2.72 13.52
CA GLY I 298 12.06 -2.54 14.85
C GLY I 298 11.61 -1.11 15.10
N LEU I 299 10.89 -0.95 16.22
CA LEU I 299 10.40 0.37 16.58
C LEU I 299 11.54 1.33 16.85
N LEU I 300 12.59 0.86 17.53
CA LEU I 300 13.72 1.73 17.81
C LEU I 300 14.35 2.23 16.52
N THR I 301 14.54 1.35 15.54
CA THR I 301 15.15 1.77 14.29
C THR I 301 14.25 2.74 13.53
N LEU I 302 12.94 2.48 13.54
CA LEU I 302 12.01 3.38 12.86
C LEU I 302 12.06 4.77 13.48
N ALA I 303 12.09 4.85 14.81
CA ALA I 303 12.20 6.15 15.46
C ALA I 303 13.52 6.81 15.13
N SER I 304 14.60 6.03 15.06
CA SER I 304 15.90 6.60 14.77
C SER I 304 15.96 7.18 13.36
N GLU I 305 15.41 6.47 12.37
CA GLU I 305 15.54 6.91 11.00
C GLU I 305 14.67 8.11 10.68
N ASP I 306 13.66 8.38 11.49
CA ASP I 306 12.79 9.54 11.32
C ASP I 306 13.35 10.78 11.98
N SER I 307 14.56 10.71 12.53
CA SER I 307 15.13 11.76 13.36
C SER I 307 14.22 12.08 14.54
N ALA I 308 13.54 11.05 15.06
CA ALA I 308 12.69 11.17 16.23
C ALA I 308 13.35 10.68 17.50
N LYS I 309 14.64 10.32 17.43
CA LYS I 309 15.36 9.85 18.61
C LYS I 309 15.92 11.07 19.32
N VAL I 310 15.30 11.43 20.44
CA VAL I 310 15.67 12.61 21.19
C VAL I 310 16.74 12.24 22.20
N THR I 311 17.86 12.95 22.16
CA THR I 311 18.97 12.68 23.09
C THR I 311 18.76 13.53 24.33
N THR I 312 18.20 12.93 25.37
CA THR I 312 17.91 13.65 26.60
C THR I 312 19.17 13.80 27.43
N GLU I 313 19.02 14.27 28.67
CA GLU I 313 20.15 14.44 29.57
C GLU I 313 20.40 13.23 30.45
N ALA I 314 19.52 12.24 30.41
CA ALA I 314 19.70 11.05 31.24
C ALA I 314 20.94 10.29 30.79
N LYS I 315 21.93 10.19 31.66
CA LYS I 315 23.20 9.57 31.33
C LYS I 315 23.15 8.09 31.64
N ALA I 316 23.85 7.30 30.82
CA ALA I 316 23.87 5.86 31.00
C ALA I 316 24.76 5.44 32.17
N ASP I 317 25.71 6.27 32.58
CA ASP I 317 26.58 5.89 33.69
C ASP I 317 25.80 5.75 34.99
N GLY I 318 24.91 6.70 35.26
CA GLY I 318 24.16 6.70 36.50
C GLY I 318 24.21 8.03 37.21
N SER I 319 24.98 8.97 36.67
CA SER I 319 25.06 10.30 37.29
C SER I 319 23.72 11.02 37.24
N VAL I 320 23.03 10.95 36.11
CA VAL I 320 21.76 11.62 35.93
C VAL I 320 20.69 10.57 35.65
N LEU I 321 19.64 10.57 36.45
CA LEU I 321 18.59 9.58 36.36
C LEU I 321 17.56 9.98 35.31
N VAL I 322 16.74 9.02 34.93
CA VAL I 322 15.60 9.26 34.05
C VAL I 322 14.49 9.90 34.87
N THR I 323 13.99 11.04 34.39
CA THR I 323 12.95 11.78 35.09
C THR I 323 11.63 11.67 34.33
N ALA I 324 10.54 11.82 35.08
CA ALA I 324 9.22 11.77 34.46
C ALA I 324 9.03 12.90 33.46
N LYS I 325 9.52 14.09 33.80
CA LYS I 325 9.41 15.23 32.88
C LYS I 325 10.08 14.92 31.54
N THR I 326 11.21 14.22 31.59
CA THR I 326 11.89 13.86 30.36
C THR I 326 11.01 12.99 29.47
N ILE I 327 10.31 12.03 30.08
CA ILE I 327 9.42 11.17 29.31
C ILE I 327 8.24 11.96 28.77
N SER I 328 7.75 12.94 29.54
CA SER I 328 6.60 13.70 29.05
C SER I 328 6.98 14.64 27.92
N LYS I 329 8.20 15.19 27.95
CA LYS I 329 8.60 16.16 26.95
C LYS I 329 8.65 15.57 25.54
N LEU I 330 8.70 14.24 25.42
CA LEU I 330 8.80 13.62 24.10
C LEU I 330 7.52 13.76 23.30
N ARG I 331 6.39 14.07 23.94
CA ARG I 331 5.14 14.17 23.20
C ARG I 331 5.18 15.27 22.16
N ARG I 332 6.03 16.28 22.38
CA ARG I 332 6.05 17.42 21.47
C ARG I 332 6.47 17.01 20.07
N LYS I 333 7.40 16.07 19.95
CA LYS I 333 7.89 15.68 18.63
C LYS I 333 6.86 14.92 17.82
N LEU I 334 5.86 14.30 18.47
CA LEU I 334 4.78 13.68 17.72
C LEU I 334 3.94 14.69 16.96
N GLY I 335 4.03 15.97 17.31
CA GLY I 335 3.28 16.97 16.58
C GLY I 335 1.79 16.81 16.77
N ARG I 336 1.07 16.86 15.65
CA ARG I 336 -0.39 16.86 15.70
C ARG I 336 -0.94 15.61 16.37
N HIS I 337 -0.22 14.50 16.29
CA HIS I 337 -0.73 13.25 16.84
C HIS I 337 -0.68 13.24 18.36
N GLY I 338 0.25 14.00 18.94
CA GLY I 338 0.43 13.97 20.38
C GLY I 338 -0.60 14.73 21.18
N LEU I 339 -1.49 15.46 20.52
CA LEU I 339 -2.49 16.24 21.26
C LEU I 339 -3.44 15.33 22.01
N LYS I 340 -3.87 14.25 21.41
CA LYS I 340 -4.78 13.30 22.04
C LYS I 340 -3.96 12.36 22.91
N LEU I 341 -4.56 11.89 24.01
CA LEU I 341 -3.85 10.99 24.92
C LEU I 341 -4.45 9.61 25.00
N SER I 342 -5.59 9.36 24.36
CA SER I 342 -6.13 8.01 24.35
C SER I 342 -5.62 7.20 23.17
N LYS I 343 -4.70 7.77 22.37
CA LYS I 343 -4.15 7.09 21.20
C LYS I 343 -2.65 6.92 21.30
N LEU I 344 -2.10 6.82 22.50
CA LEU I 344 -0.66 6.64 22.68
C LEU I 344 -0.37 5.44 23.56
N VAL I 345 0.83 4.90 23.40
CA VAL I 345 1.33 3.78 24.18
C VAL I 345 2.75 4.10 24.60
N LEU I 346 3.06 3.91 25.88
CA LEU I 346 4.38 4.19 26.41
C LEU I 346 5.04 2.90 26.88
N ILE I 347 6.27 2.68 26.46
CA ILE I 347 7.03 1.49 26.80
C ILE I 347 8.41 1.91 27.27
N VAL I 348 8.82 1.45 28.45
CA VAL I 348 10.10 1.80 29.03
C VAL I 348 10.82 0.55 29.48
N SER I 349 12.14 0.60 29.47
CA SER I 349 12.95 -0.51 29.93
C SER I 349 12.85 -0.65 31.44
N MET I 350 13.30 -1.81 31.94
CA MET I 350 13.21 -2.07 33.37
C MET I 350 14.05 -1.08 34.16
N ASP I 351 15.26 -0.78 33.69
CA ASP I 351 16.12 0.15 34.40
C ASP I 351 15.51 1.54 34.44
N ALA I 352 14.88 1.96 33.34
CA ALA I 352 14.19 3.25 33.36
C ALA I 352 13.04 3.25 34.35
N TYR I 353 12.34 2.12 34.48
CA TYR I 353 11.27 2.04 35.46
C TYR I 353 11.81 2.16 36.87
N TYR I 354 12.91 1.47 37.16
CA TYR I 354 13.49 1.58 38.49
C TYR I 354 14.01 2.99 38.75
N ASP I 355 14.44 3.70 37.71
CA ASP I 355 14.86 5.08 37.89
C ASP I 355 13.66 6.01 38.10
N LEU I 356 12.54 5.71 37.46
CA LEU I 356 11.32 6.45 37.73
C LEU I 356 10.87 6.25 39.17
N LEU I 357 11.09 5.05 39.71
CA LEU I 357 10.71 4.78 41.08
C LEU I 357 11.41 5.70 42.08
N GLU I 358 12.56 6.27 41.70
CA GLU I 358 13.31 7.16 42.57
C GLU I 358 13.16 8.62 42.18
N ASP I 359 12.11 8.95 41.42
CA ASP I 359 11.98 10.30 40.90
C ASP I 359 11.76 11.29 42.04
N GLU I 360 12.52 12.39 42.00
CA GLU I 360 12.44 13.38 43.06
C GLU I 360 11.11 14.12 43.04
N GLU I 361 10.45 14.16 41.89
CA GLU I 361 9.24 14.96 41.72
C GLU I 361 7.95 14.19 41.96
N TRP I 362 8.01 12.90 42.25
CA TRP I 362 6.79 12.12 42.43
C TRP I 362 6.70 11.49 43.81
N GLN I 363 7.44 12.01 44.79
CA GLN I 363 7.49 11.37 46.09
C GLN I 363 6.38 11.85 47.03
N ASP I 364 6.34 13.14 47.30
CA ASP I 364 5.48 13.64 48.36
C ASP I 364 4.01 13.48 48.00
N VAL I 365 3.17 13.39 49.04
CA VAL I 365 1.73 13.40 48.83
C VAL I 365 1.28 14.74 48.30
N ALA I 366 1.89 15.83 48.78
CA ALA I 366 1.51 17.16 48.32
C ALA I 366 1.77 17.33 46.83
N GLN I 367 2.88 16.78 46.33
CA GLN I 367 3.19 16.91 44.92
C GLN I 367 2.18 16.15 44.07
N VAL I 368 2.07 14.84 44.26
CA VAL I 368 1.24 14.04 43.39
C VAL I 368 0.12 13.39 44.16
N GLY I 369 -0.99 14.10 44.34
CA GLY I 369 -2.24 13.55 44.83
C GLY I 369 -2.11 12.50 45.90
N ASN I 370 -2.70 11.33 45.65
CA ASN I 370 -2.54 10.18 46.52
C ASN I 370 -1.61 9.13 45.93
N ASP I 371 -1.27 9.26 44.66
CA ASP I 371 -0.41 8.33 43.95
C ASP I 371 1.06 8.49 44.31
N ALA I 372 1.35 9.16 45.43
CA ALA I 372 2.71 9.38 45.86
C ALA I 372 3.46 8.07 46.01
N VAL I 373 4.71 8.05 45.56
CA VAL I 373 5.50 6.82 45.58
C VAL I 373 5.76 6.38 47.01
N LYS I 374 5.98 7.33 47.91
CA LYS I 374 6.32 6.99 49.29
C LYS I 374 5.26 6.13 49.96
N LEU I 375 4.02 6.21 49.49
CA LEU I 375 2.95 5.39 50.03
C LEU I 375 2.68 4.14 49.20
N GLN I 376 3.01 4.16 47.91
CA GLN I 376 2.70 3.05 47.02
C GLN I 376 3.90 2.22 46.63
N GLY I 377 5.03 2.83 46.30
CA GLY I 377 6.19 2.07 45.90
C GLY I 377 6.20 1.61 44.47
N GLN I 378 5.15 1.91 43.70
CA GLN I 378 5.12 1.58 42.29
C GLN I 378 4.50 2.73 41.52
N VAL I 379 4.86 2.84 40.25
CA VAL I 379 4.42 3.93 39.38
C VAL I 379 3.40 3.38 38.40
N GLY I 380 2.20 3.95 38.44
CA GLY I 380 1.15 3.55 37.51
C GLY I 380 1.09 4.47 36.32
N ARG I 381 0.09 5.34 36.27
CA ARG I 381 0.04 6.34 35.22
C ARG I 381 1.11 7.40 35.44
N ILE I 382 1.44 8.11 34.38
CA ILE I 382 2.40 9.20 34.43
C ILE I 382 2.00 10.24 33.40
N TYR I 383 1.79 11.48 33.84
CA TYR I 383 1.40 12.57 32.95
C TYR I 383 0.19 12.21 32.09
N GLY I 384 -0.62 11.28 32.57
CA GLY I 384 -1.72 10.77 31.81
C GLY I 384 -1.43 9.55 30.96
N LEU I 385 -0.16 9.16 30.86
CA LEU I 385 0.23 8.01 30.05
C LEU I 385 0.38 6.79 30.93
N PRO I 386 -0.30 5.69 30.63
CA PRO I 386 0.00 4.43 31.33
C PRO I 386 1.40 3.94 30.97
N VAL I 387 2.02 3.23 31.91
CA VAL I 387 3.38 2.72 31.74
C VAL I 387 3.34 1.22 31.54
N VAL I 388 4.01 0.75 30.50
CA VAL I 388 4.20 -0.67 30.25
C VAL I 388 5.70 -0.94 30.20
N VAL I 389 6.16 -1.88 31.01
CA VAL I 389 7.58 -2.17 31.13
C VAL I 389 7.92 -3.36 30.25
N SER I 390 8.92 -3.18 29.39
CA SER I 390 9.43 -4.25 28.55
C SER I 390 10.92 -4.39 28.77
N GLU I 391 11.39 -5.63 28.88
CA GLU I 391 12.78 -5.91 29.15
C GLU I 391 13.60 -6.17 27.90
N TYR I 392 12.97 -6.11 26.72
CA TYR I 392 13.65 -6.39 25.47
C TYR I 392 14.30 -5.15 24.88
N PHE I 393 14.44 -4.09 25.66
CA PHE I 393 15.14 -2.91 25.21
C PHE I 393 16.63 -3.21 25.03
N PRO I 394 17.33 -2.45 24.22
CA PRO I 394 18.77 -2.65 24.08
C PRO I 394 19.48 -2.38 25.39
N ALA I 395 20.68 -2.95 25.51
CA ALA I 395 21.44 -2.85 26.75
C ALA I 395 21.74 -1.40 27.09
N LYS I 396 21.63 -1.07 28.37
CA LYS I 396 21.87 0.29 28.84
C LYS I 396 23.30 0.71 28.53
N ALA I 397 23.44 1.69 27.65
CA ALA I 397 24.75 2.19 27.26
C ALA I 397 24.58 3.58 26.68
N ALA I 398 25.71 4.19 26.33
CA ALA I 398 25.69 5.55 25.81
C ALA I 398 24.92 5.62 24.50
N GLY I 399 24.06 6.62 24.39
CA GLY I 399 23.32 6.86 23.16
C GLY I 399 22.38 5.74 22.77
N LYS I 400 21.73 5.11 23.74
CA LYS I 400 20.75 4.07 23.47
C LYS I 400 19.39 4.50 24.01
N GLU I 401 18.35 3.96 23.42
CA GLU I 401 16.99 4.37 23.74
C GLU I 401 16.49 3.62 24.96
N PHE I 402 15.62 4.29 25.72
CA PHE I 402 15.03 3.69 26.92
C PHE I 402 13.53 3.91 27.04
N ALA I 403 12.92 4.69 26.16
CA ALA I 403 11.49 4.90 26.19
C ALA I 403 11.00 5.14 24.77
N VAL I 404 9.84 4.58 24.46
CA VAL I 404 9.26 4.68 23.12
C VAL I 404 7.78 4.97 23.25
N ILE I 405 7.31 5.97 22.52
CA ILE I 405 5.90 6.32 22.45
C ILE I 405 5.44 6.16 21.01
N VAL I 406 4.35 5.44 20.81
CA VAL I 406 3.87 5.11 19.48
C VAL I 406 2.44 5.59 19.31
N TYR I 407 2.12 6.07 18.11
CA TYR I 407 0.73 6.23 17.70
C TYR I 407 0.23 4.86 17.26
N LYS I 408 -0.62 4.24 18.09
CA LYS I 408 -0.86 2.81 17.96
C LYS I 408 -1.46 2.44 16.62
N ASP I 409 -2.41 3.25 16.13
CA ASP I 409 -3.12 2.86 14.91
C ASP I 409 -2.33 3.11 13.64
N ASN I 410 -1.16 3.72 13.73
CA ASN I 410 -0.34 3.96 12.55
C ASN I 410 0.41 2.73 12.08
N PHE I 411 0.39 1.64 12.84
CA PHE I 411 1.16 0.44 12.53
C PHE I 411 0.22 -0.73 12.27
N VAL I 412 0.65 -1.63 11.39
CA VAL I 412 -0.05 -2.89 11.14
C VAL I 412 0.98 -4.00 11.08
N MET I 413 0.47 -5.24 11.11
CA MET I 413 1.30 -6.43 11.08
C MET I 413 0.84 -7.30 9.92
N PRO I 414 1.49 -7.19 8.77
CA PRO I 414 1.13 -8.06 7.64
C PRO I 414 1.51 -9.50 7.94
N ARG I 415 0.79 -10.44 7.33
CA ARG I 415 1.05 -11.85 7.58
C ARG I 415 0.63 -12.68 6.38
N GLN I 416 1.54 -13.53 5.91
CA GLN I 416 1.23 -14.42 4.80
C GLN I 416 0.69 -15.76 5.27
N ARG I 417 1.46 -16.48 6.11
CA ARG I 417 0.99 -17.73 6.68
C ARG I 417 1.26 -17.75 8.17
N ALA I 418 0.45 -18.52 8.89
CA ALA I 418 0.55 -18.60 10.35
C ALA I 418 1.71 -19.50 10.72
N VAL I 419 1.77 -19.88 12.00
CA VAL I 419 2.81 -20.78 12.48
C VAL I 419 2.39 -22.22 12.16
N THR I 420 3.16 -22.89 11.31
CA THR I 420 2.88 -24.25 10.91
C THR I 420 4.02 -25.15 11.32
N VAL I 421 3.69 -26.33 11.85
CA VAL I 421 4.68 -27.32 12.24
C VAL I 421 4.59 -28.48 11.25
N GLU I 422 5.74 -28.97 10.83
CA GLU I 422 5.82 -30.04 9.83
C GLU I 422 6.84 -31.06 10.29
N ARG I 423 6.46 -32.34 10.27
CA ARG I 423 7.31 -33.42 10.75
C ARG I 423 7.78 -34.25 9.58
N GLU I 424 9.09 -34.53 9.54
CA GLU I 424 9.67 -35.41 8.54
C GLU I 424 10.35 -36.57 9.24
N ARG I 425 10.05 -37.78 8.79
CA ARG I 425 10.63 -38.99 9.36
C ARG I 425 11.81 -39.43 8.51
N GLN I 426 13.00 -39.38 9.07
CA GLN I 426 14.22 -39.74 8.38
C GLN I 426 14.56 -41.16 8.78
N ALA I 427 14.18 -42.12 7.93
CA ALA I 427 14.42 -43.52 8.25
C ALA I 427 15.92 -43.82 8.25
N GLY I 428 16.68 -43.10 7.44
CA GLY I 428 18.10 -43.39 7.31
C GLY I 428 18.91 -43.14 8.57
N LYS I 429 18.39 -42.34 9.49
CA LYS I 429 19.11 -42.00 10.72
C LYS I 429 18.35 -42.36 11.97
N GLN I 430 17.17 -42.99 11.83
CA GLN I 430 16.28 -43.25 12.96
C GLN I 430 15.98 -41.97 13.73
N ARG I 431 15.71 -40.90 13.00
CA ARG I 431 15.43 -39.59 13.59
C ARG I 431 14.09 -39.09 13.10
N ASP I 432 13.52 -38.15 13.84
CA ASP I 432 12.39 -37.35 13.41
C ASP I 432 12.82 -35.90 13.43
N ALA I 433 12.39 -35.13 12.44
CA ALA I 433 12.67 -33.71 12.40
C ALA I 433 11.37 -32.93 12.53
N TYR I 434 11.45 -31.72 13.07
CA TYR I 434 10.30 -30.85 13.22
C TYR I 434 10.63 -29.47 12.68
N TYR I 435 9.83 -29.00 11.73
CA TYR I 435 10.05 -27.70 11.10
C TYR I 435 8.87 -26.79 11.41
N VAL I 436 9.18 -25.58 11.88
CA VAL I 436 8.16 -24.59 12.23
C VAL I 436 8.47 -23.30 11.49
N THR I 437 7.48 -22.76 10.78
CA THR I 437 7.68 -21.62 9.91
C THR I 437 6.54 -20.62 10.06
N GLN I 438 6.83 -19.36 9.73
CA GLN I 438 5.80 -18.32 9.69
C GLN I 438 6.33 -17.13 8.90
N ARG I 439 5.39 -16.29 8.45
CA ARG I 439 5.70 -15.12 7.65
C ARG I 439 5.01 -13.90 8.26
N VAL I 440 5.79 -12.95 8.79
CA VAL I 440 5.25 -11.75 9.41
C VAL I 440 6.17 -10.57 9.15
N ASN I 441 5.67 -9.38 9.46
CA ASN I 441 6.42 -8.15 9.35
C ASN I 441 5.70 -7.08 10.15
N LEU I 442 6.39 -5.94 10.34
CA LEU I 442 5.81 -4.79 11.03
C LEU I 442 5.96 -3.57 10.15
N GLN I 443 4.85 -3.06 9.64
CA GLN I 443 4.88 -1.95 8.69
C GLN I 443 3.88 -0.90 9.11
N ARG I 444 4.23 0.35 8.85
CA ARG I 444 3.40 1.49 9.22
C ARG I 444 2.86 2.17 7.98
N TYR I 445 1.81 2.97 8.17
CA TYR I 445 1.18 3.66 7.05
C TYR I 445 2.00 4.86 6.61
N PHE I 446 2.16 5.84 7.49
CA PHE I 446 2.86 7.08 7.18
C PHE I 446 4.12 7.19 8.01
N GLU I 447 5.06 8.01 7.54
CA GLU I 447 6.37 8.11 8.16
C GLU I 447 6.35 9.00 9.39
N ASN I 448 5.44 8.73 10.33
CA ASN I 448 5.38 9.46 11.57
C ASN I 448 4.51 8.69 12.55
N GLY I 449 4.64 9.03 13.82
CA GLY I 449 3.84 8.39 14.85
C GLY I 449 4.65 7.58 15.83
N VAL I 450 5.95 7.83 15.89
CA VAL I 450 6.79 7.13 16.86
C VAL I 450 7.93 8.04 17.29
N VAL I 451 8.27 7.99 18.58
CA VAL I 451 9.35 8.78 19.15
C VAL I 451 10.03 7.97 20.24
N SER I 452 11.35 7.92 20.22
CA SER I 452 12.14 7.19 21.20
C SER I 452 13.04 8.15 21.94
N GLY I 453 13.08 8.02 23.27
CA GLY I 453 13.98 8.81 24.08
C GLY I 453 15.25 8.03 24.34
N ALA I 454 16.38 8.68 24.09
CA ALA I 454 17.67 8.02 24.19
C ALA I 454 18.48 8.58 25.34
N TYR I 455 19.48 7.82 25.75
CA TYR I 455 20.41 8.27 26.77
C TYR I 455 21.31 9.35 26.19
N ALA I 456 22.12 9.97 27.04
CA ALA I 456 23.05 10.97 26.56
C ALA I 456 24.15 10.31 25.75
N ALA I 457 24.90 11.14 25.02
CA ALA I 457 25.98 10.64 24.20
C ALA I 457 27.33 10.95 24.84
N ASN J 162 17.08 -6.48 113.50
CA ASN J 162 17.27 -5.15 114.06
C ASN J 162 18.53 -5.10 114.91
N GLN J 163 18.67 -6.09 115.79
CA GLN J 163 19.89 -6.28 116.58
C GLN J 163 20.19 -5.06 117.44
N SER J 164 19.15 -4.39 117.93
CA SER J 164 19.32 -3.20 118.74
C SER J 164 18.53 -3.22 120.05
N SER J 165 17.37 -3.86 120.11
CA SER J 165 16.54 -3.84 121.30
C SER J 165 17.09 -4.81 122.33
N SER J 166 16.32 -5.09 123.38
CA SER J 166 16.73 -6.10 124.34
C SER J 166 16.66 -7.51 123.74
N VAL J 167 15.60 -7.82 123.01
CA VAL J 167 15.44 -9.14 122.42
C VAL J 167 15.55 -9.03 120.90
N GLU J 168 15.91 -10.14 120.28
CA GLU J 168 16.13 -10.18 118.85
C GLU J 168 15.98 -11.62 118.38
N VAL J 169 16.31 -11.88 117.12
CA VAL J 169 16.11 -13.18 116.51
C VAL J 169 17.47 -13.81 116.25
N SER J 170 17.43 -15.07 115.78
CA SER J 170 18.65 -15.86 115.68
C SER J 170 19.57 -15.35 114.59
N SER J 171 19.04 -15.11 113.39
CA SER J 171 19.86 -14.71 112.26
C SER J 171 19.00 -13.97 111.25
N GLU J 172 19.66 -13.32 110.29
CA GLU J 172 18.95 -12.51 109.31
C GLU J 172 17.94 -13.32 108.53
N SER J 173 18.15 -14.63 108.42
CA SER J 173 17.21 -15.47 107.68
C SER J 173 15.83 -15.48 108.31
N TYR J 174 15.74 -15.26 109.61
CA TYR J 174 14.46 -15.05 110.28
C TYR J 174 14.04 -13.59 110.27
N GLU J 175 14.55 -12.80 109.32
CA GLU J 175 14.11 -11.43 109.09
C GLU J 175 13.87 -11.18 107.61
N THR J 176 13.75 -12.22 106.81
CA THR J 176 13.64 -12.10 105.37
C THR J 176 12.47 -12.95 104.90
N ILE J 177 11.93 -12.58 103.74
CA ILE J 177 10.87 -13.34 103.09
C ILE J 177 11.41 -13.86 101.78
N PHE J 178 11.42 -15.18 101.62
CA PHE J 178 11.88 -15.81 100.39
C PHE J 178 10.66 -16.12 99.53
N SER J 179 10.66 -15.60 98.32
CA SER J 179 9.56 -15.80 97.39
C SER J 179 9.97 -16.81 96.34
N GLN J 180 9.01 -17.63 95.90
CA GLN J 180 9.24 -18.57 94.82
C GLN J 180 9.06 -17.94 93.46
N ARG J 181 8.67 -16.67 93.41
CA ARG J 181 8.38 -15.98 92.17
C ARG J 181 9.64 -15.89 91.31
N ILE J 182 9.49 -16.20 90.03
CA ILE J 182 10.61 -16.26 89.11
C ILE J 182 10.38 -15.21 88.02
N ILE J 183 11.41 -14.42 87.75
CA ILE J 183 11.29 -13.31 86.82
C ILE J 183 12.36 -13.45 85.73
N ARG J 184 12.10 -12.82 84.59
CA ARG J 184 13.02 -12.84 83.47
C ARG J 184 12.97 -11.51 82.75
N ASP J 185 14.08 -11.15 82.12
CA ASP J 185 14.18 -9.90 81.38
C ASP J 185 13.51 -10.03 80.02
N LEU J 186 13.73 -9.03 79.17
CA LEU J 186 13.20 -9.05 77.81
C LEU J 186 14.06 -9.95 76.93
N GLN J 187 13.42 -10.80 76.15
CA GLN J 187 14.13 -11.72 75.28
C GLN J 187 14.00 -11.31 73.83
N LYS J 188 15.08 -11.46 73.09
CA LYS J 188 15.08 -11.09 71.68
C LYS J 188 14.09 -11.96 70.91
N GLU J 189 13.25 -11.32 70.11
CA GLU J 189 12.21 -12.01 69.37
C GLU J 189 12.82 -12.89 68.28
N LEU J 190 12.13 -13.99 67.99
CA LEU J 190 12.54 -14.91 66.94
C LEU J 190 11.57 -14.75 65.77
N VAL J 191 12.10 -14.43 64.59
CA VAL J 191 11.28 -14.11 63.42
C VAL J 191 11.58 -15.04 62.25
N VAL J 192 12.86 -15.21 61.91
CA VAL J 192 13.22 -15.98 60.73
C VAL J 192 13.05 -17.47 60.94
N GLY J 193 12.82 -17.91 62.18
CA GLY J 193 12.80 -19.33 62.46
C GLY J 193 11.75 -20.09 61.68
N ALA J 194 10.56 -19.51 61.54
CA ALA J 194 9.44 -20.23 60.96
C ALA J 194 8.63 -19.36 60.03
N LEU J 195 9.30 -18.62 59.15
CA LEU J 195 8.59 -17.88 58.10
C LEU J 195 8.63 -18.57 56.75
N PHE J 196 9.64 -19.37 56.47
CA PHE J 196 9.68 -20.15 55.24
C PHE J 196 8.88 -21.43 55.40
N GLU J 197 8.21 -21.84 54.32
CA GLU J 197 7.42 -23.04 54.41
C GLU J 197 8.30 -24.28 54.33
N GLU J 198 7.75 -25.41 54.77
CA GLU J 198 8.50 -26.62 54.99
C GLU J 198 8.49 -27.51 53.75
N LEU J 199 9.50 -28.36 53.65
CA LEU J 199 9.58 -29.39 52.60
C LEU J 199 9.79 -30.73 53.27
N PRO J 200 8.75 -31.57 53.35
CA PRO J 200 8.92 -32.88 53.99
C PRO J 200 9.84 -33.77 53.18
N MET J 201 10.79 -34.39 53.88
CA MET J 201 11.76 -35.28 53.25
C MET J 201 11.75 -36.62 53.97
N SER J 202 11.70 -37.70 53.19
CA SER J 202 11.67 -39.05 53.74
C SER J 202 12.83 -39.89 53.22
N SER J 203 14.00 -39.27 53.05
CA SER J 203 15.17 -39.96 52.55
C SER J 203 16.39 -39.09 52.81
N LYS J 204 17.55 -39.59 52.41
CA LYS J 204 18.77 -38.82 52.63
C LYS J 204 18.88 -37.66 51.67
N ILE J 205 18.49 -37.86 50.41
CA ILE J 205 18.65 -36.86 49.37
C ILE J 205 17.37 -36.80 48.52
N LEU J 206 16.98 -35.60 48.13
CA LEU J 206 15.88 -35.39 47.20
C LEU J 206 16.37 -34.59 46.00
N THR J 207 15.99 -35.03 44.81
CA THR J 207 16.47 -34.44 43.57
C THR J 207 15.31 -34.15 42.63
N MET J 208 15.27 -32.91 42.12
CA MET J 208 14.26 -32.47 41.16
C MET J 208 14.97 -32.06 39.89
N LEU J 209 14.18 -31.64 38.89
CA LEU J 209 14.70 -31.30 37.57
C LEU J 209 14.49 -29.82 37.29
N VAL J 210 15.47 -29.21 36.61
CA VAL J 210 15.43 -27.80 36.26
C VAL J 210 15.38 -27.68 34.74
N GLU J 211 14.41 -26.93 34.25
CA GLU J 211 14.23 -26.79 32.81
C GLU J 211 15.26 -25.81 32.25
N PRO J 212 15.70 -26.00 31.01
CA PRO J 212 16.69 -25.07 30.44
C PRO J 212 16.08 -23.76 29.97
N ASP J 213 16.90 -22.93 29.33
CA ASP J 213 16.50 -21.60 28.92
C ASP J 213 15.96 -21.60 27.49
N ALA J 214 15.30 -20.50 27.12
CA ALA J 214 14.67 -20.39 25.82
C ALA J 214 15.70 -20.24 24.70
N GLY J 215 15.27 -20.62 23.49
CA GLY J 215 16.08 -20.46 22.29
C GLY J 215 15.57 -19.34 21.41
N ARG J 216 15.94 -19.41 20.13
CA ARG J 216 15.50 -18.38 19.18
C ARG J 216 15.64 -18.91 17.77
N ALA J 217 14.68 -18.54 16.93
CA ALA J 217 14.68 -18.95 15.53
C ALA J 217 15.54 -17.98 14.72
N THR J 218 15.48 -18.09 13.40
CA THR J 218 16.28 -17.25 12.53
C THR J 218 15.45 -16.76 11.35
N TRP J 219 15.86 -15.62 10.80
CA TRP J 219 15.21 -15.05 9.63
C TRP J 219 15.96 -15.53 8.40
N VAL J 220 15.31 -16.33 7.57
CA VAL J 220 15.94 -16.81 6.35
C VAL J 220 15.81 -15.75 5.26
N ALA J 221 16.86 -15.61 4.46
CA ALA J 221 16.83 -14.64 3.39
C ALA J 221 15.97 -15.14 2.23
N ALA J 222 15.69 -14.24 1.29
CA ALA J 222 14.90 -14.61 0.14
C ALA J 222 15.69 -15.46 -0.85
N SER J 223 17.02 -15.27 -0.88
CA SER J 223 17.84 -16.03 -1.83
C SER J 223 17.79 -17.52 -1.54
N ALA J 224 17.80 -17.89 -0.26
CA ALA J 224 17.85 -19.28 0.15
C ALA J 224 16.48 -19.91 0.30
N TYR J 225 15.48 -19.41 -0.44
CA TYR J 225 14.13 -19.92 -0.28
C TYR J 225 14.02 -21.39 -0.70
N GLY J 226 14.71 -21.78 -1.76
CA GLY J 226 14.64 -23.15 -2.20
C GLY J 226 15.75 -24.05 -1.74
N SER J 227 16.81 -23.49 -1.17
CA SER J 227 17.98 -24.27 -0.79
C SER J 227 17.72 -24.96 0.56
N ASP J 228 18.78 -25.48 1.17
CA ASP J 228 18.66 -26.22 2.42
C ASP J 228 18.61 -25.34 3.65
N ASN J 229 18.78 -24.03 3.50
CA ASN J 229 18.68 -23.12 4.63
C ASN J 229 17.28 -22.53 4.78
N THR J 230 16.31 -23.02 4.02
CA THR J 230 14.94 -22.55 4.18
C THR J 230 14.41 -22.83 5.57
N THR J 231 14.79 -23.96 6.16
CA THR J 231 14.26 -24.35 7.46
C THR J 231 14.94 -23.65 8.62
N GLY J 232 16.01 -22.91 8.38
CA GLY J 232 16.61 -22.12 9.44
C GLY J 232 17.61 -22.91 10.27
N SER J 233 17.74 -22.47 11.53
CA SER J 233 18.75 -23.00 12.42
C SER J 233 18.18 -24.08 13.33
N GLU J 234 18.97 -24.48 14.31
CA GLU J 234 18.65 -25.61 15.18
C GLU J 234 18.60 -25.12 16.62
N VAL J 235 17.61 -25.60 17.38
CA VAL J 235 17.42 -25.21 18.77
C VAL J 235 17.53 -26.44 19.65
N THR J 236 18.39 -26.36 20.68
CA THR J 236 18.68 -27.49 21.55
C THR J 236 18.67 -27.04 23.00
N GLY J 237 18.43 -27.98 23.90
CA GLY J 237 18.43 -27.69 25.33
C GLY J 237 18.61 -28.95 26.14
N ALA J 238 19.25 -28.80 27.30
CA ALA J 238 19.56 -29.93 28.17
C ALA J 238 19.10 -29.61 29.58
N LEU J 239 18.51 -30.61 30.24
CA LEU J 239 17.98 -30.43 31.58
C LEU J 239 19.12 -30.43 32.60
N THR J 240 18.76 -30.11 33.85
CA THR J 240 19.66 -30.16 34.99
C THR J 240 18.88 -30.63 36.22
N GLU J 241 19.55 -30.60 37.38
CA GLU J 241 18.93 -31.12 38.59
C GLU J 241 19.51 -30.43 39.83
N ILE J 242 18.83 -30.62 40.96
CA ILE J 242 19.19 -30.00 42.23
C ILE J 242 19.17 -31.06 43.32
N HIS J 243 19.78 -30.73 44.45
CA HIS J 243 19.92 -31.68 45.55
C HIS J 243 19.58 -31.03 46.89
N PHE J 244 18.85 -31.78 47.72
CA PHE J 244 18.47 -31.34 49.05
C PHE J 244 18.89 -32.37 50.09
N SER J 245 19.26 -31.90 51.27
CA SER J 245 19.79 -32.76 52.32
C SER J 245 19.28 -32.25 53.67
N THR J 246 19.91 -32.72 54.74
CA THR J 246 19.46 -32.37 56.08
C THR J 246 20.65 -32.39 57.04
N TYR J 247 20.49 -31.69 58.16
CA TYR J 247 21.46 -31.68 59.24
C TYR J 247 20.73 -32.00 60.54
N LYS J 248 21.49 -32.47 61.53
CA LYS J 248 20.91 -32.93 62.79
C LYS J 248 21.32 -32.01 63.93
N LEU J 249 20.35 -31.66 64.78
CA LEU J 249 20.57 -30.83 65.95
C LEU J 249 20.05 -31.57 67.17
N ALA J 250 20.84 -31.60 68.25
CA ALA J 250 20.44 -32.34 69.43
C ALA J 250 21.04 -31.72 70.69
N ALA J 251 20.35 -31.93 71.80
CA ALA J 251 20.82 -31.50 73.12
C ALA J 251 20.22 -32.43 74.16
N LYS J 252 20.85 -32.45 75.34
CA LYS J 252 20.43 -33.37 76.40
C LYS J 252 20.68 -32.75 77.76
N SER J 253 19.99 -33.31 78.76
CA SER J 253 20.16 -32.86 80.14
C SER J 253 19.82 -34.01 81.08
N PHE J 254 20.40 -33.95 82.29
CA PHE J 254 20.18 -34.95 83.33
C PHE J 254 19.68 -34.30 84.61
N ILE J 255 18.74 -34.98 85.27
CA ILE J 255 18.24 -34.56 86.56
C ILE J 255 18.30 -35.77 87.49
N THR J 256 18.85 -35.57 88.69
CA THR J 256 19.01 -36.69 89.61
C THR J 256 17.72 -36.94 90.38
N ASP J 257 17.76 -37.97 91.22
CA ASP J 257 16.65 -38.30 92.10
C ASP J 257 16.78 -37.70 93.49
N GLU J 258 17.90 -37.06 93.79
CA GLU J 258 18.13 -36.51 95.13
C GLU J 258 18.40 -35.00 95.06
N THR J 259 17.84 -34.34 94.07
CA THR J 259 17.82 -32.88 94.03
C THR J 259 16.42 -32.33 93.80
N GLU J 260 15.60 -33.01 93.00
CA GLU J 260 14.21 -32.59 92.86
C GLU J 260 13.43 -32.85 94.15
N GLU J 261 13.91 -33.77 94.99
CA GLU J 261 13.31 -33.95 96.30
C GLU J 261 14.02 -33.12 97.36
N ASP J 262 15.28 -32.78 97.12
CA ASP J 262 16.09 -32.05 98.08
C ASP J 262 16.01 -30.54 97.86
N ALA J 263 14.79 -30.05 97.74
CA ALA J 263 14.56 -28.64 97.46
C ALA J 263 13.08 -28.35 97.70
N ILE J 264 12.77 -27.06 97.91
CA ILE J 264 11.42 -26.68 98.27
C ILE J 264 10.47 -26.83 97.07
N PHE J 265 10.92 -26.43 95.88
CA PHE J 265 10.07 -26.42 94.70
C PHE J 265 10.68 -27.27 93.61
N SER J 266 9.81 -27.77 92.73
CA SER J 266 10.23 -28.68 91.68
C SER J 266 11.10 -27.96 90.65
N LEU J 267 11.97 -28.74 90.00
CA LEU J 267 12.93 -28.20 89.04
C LEU J 267 12.85 -28.85 87.68
N LEU J 268 11.80 -29.60 87.38
CA LEU J 268 11.68 -30.26 86.09
C LEU J 268 11.22 -29.32 84.98
N PRO J 269 10.14 -28.54 85.17
CA PRO J 269 9.68 -27.69 84.06
C PRO J 269 10.72 -26.70 83.61
N LEU J 270 11.53 -26.18 84.54
CA LEU J 270 12.63 -25.31 84.15
C LEU J 270 13.56 -26.02 83.18
N LEU J 271 13.90 -27.27 83.50
CA LEU J 271 14.78 -28.05 82.64
C LEU J 271 14.20 -28.22 81.25
N ARG J 272 12.94 -28.66 81.19
CA ARG J 272 12.34 -28.94 79.88
C ARG J 272 12.22 -27.67 79.04
N LYS J 273 11.75 -26.58 79.64
CA LYS J 273 11.57 -25.37 78.86
C LYS J 273 12.91 -24.76 78.44
N ARG J 274 13.94 -24.87 79.28
CA ARG J 274 15.25 -24.40 78.87
C ARG J 274 15.78 -25.21 77.69
N LEU J 275 15.57 -26.52 77.72
CA LEU J 275 15.96 -27.36 76.59
C LEU J 275 15.31 -26.88 75.30
N ILE J 276 13.98 -26.74 75.31
CA ILE J 276 13.27 -26.39 74.09
C ILE J 276 13.71 -25.02 73.59
N GLU J 277 13.80 -24.04 74.48
CA GLU J 277 14.11 -22.69 74.02
C GLU J 277 15.55 -22.58 73.53
N ALA J 278 16.49 -23.30 74.16
CA ALA J 278 17.85 -23.31 73.63
C ALA J 278 17.88 -23.92 72.23
N HIS J 279 17.11 -24.98 72.04
CA HIS J 279 17.03 -25.61 70.73
C HIS J 279 16.58 -24.60 69.68
N ALA J 280 15.49 -23.88 69.97
CA ALA J 280 14.96 -22.89 69.03
C ALA J 280 15.93 -21.74 68.80
N VAL J 281 16.61 -21.29 69.86
CA VAL J 281 17.56 -20.20 69.69
C VAL J 281 18.66 -20.59 68.73
N SER J 282 19.20 -21.80 68.90
CA SER J 282 20.29 -22.22 68.02
C SER J 282 19.80 -22.34 66.58
N ILE J 283 18.62 -22.91 66.38
CA ILE J 283 18.16 -23.10 65.01
C ILE J 283 17.95 -21.74 64.34
N GLU J 284 17.39 -20.78 65.06
CA GLU J 284 17.18 -19.46 64.47
C GLU J 284 18.51 -18.78 64.15
N GLU J 285 19.47 -18.86 65.06
CA GLU J 285 20.76 -18.22 64.82
C GLU J 285 21.44 -18.81 63.60
N ALA J 286 21.42 -20.13 63.47
CA ALA J 286 22.06 -20.78 62.34
C ALA J 286 21.33 -20.49 61.04
N PHE J 287 20.01 -20.36 61.10
CA PHE J 287 19.27 -20.00 59.90
C PHE J 287 19.62 -18.58 59.45
N MET J 288 19.79 -17.67 60.39
CA MET J 288 20.04 -16.28 60.00
C MET J 288 21.47 -16.09 59.50
N THR J 289 22.47 -16.37 60.34
CA THR J 289 23.85 -16.11 59.91
C THR J 289 24.72 -17.36 59.94
N GLY J 290 24.11 -18.55 59.91
CA GLY J 290 24.89 -19.76 59.99
C GLY J 290 25.79 -19.95 58.79
N ASP J 291 26.92 -20.61 59.01
CA ASP J 291 27.88 -20.89 57.98
C ASP J 291 27.44 -22.10 57.16
N GLY J 292 28.33 -22.64 56.34
CA GLY J 292 27.97 -23.78 55.51
C GLY J 292 28.70 -25.05 55.89
N SER J 293 29.40 -25.04 57.03
CA SER J 293 30.20 -26.19 57.45
C SER J 293 29.44 -26.96 58.51
N GLY J 294 28.62 -27.91 58.08
CA GLY J 294 27.87 -28.76 58.98
C GLY J 294 26.59 -28.16 59.50
N LYS J 295 26.36 -26.88 59.31
CA LYS J 295 25.15 -26.20 59.74
C LYS J 295 24.56 -25.47 58.54
N PRO J 296 23.26 -25.23 58.53
CA PRO J 296 22.62 -24.62 57.36
C PRO J 296 23.22 -23.26 57.04
N LYS J 297 23.34 -22.98 55.74
CA LYS J 297 23.88 -21.72 55.29
C LYS J 297 22.91 -20.59 55.61
N GLY J 298 23.42 -19.57 56.31
CA GLY J 298 22.57 -18.45 56.69
C GLY J 298 22.24 -17.56 55.52
N LEU J 299 21.18 -16.75 55.71
CA LEU J 299 20.74 -15.86 54.65
C LEU J 299 21.83 -14.88 54.26
N LEU J 300 22.54 -14.34 55.25
CA LEU J 300 23.60 -13.39 54.95
C LEU J 300 24.71 -14.05 54.13
N THR J 301 25.09 -15.28 54.49
CA THR J 301 26.11 -15.98 53.72
C THR J 301 25.64 -16.24 52.29
N LEU J 302 24.40 -16.66 52.13
CA LEU J 302 23.84 -16.86 50.79
C LEU J 302 23.92 -15.58 49.97
N ALA J 303 23.44 -14.48 50.54
CA ALA J 303 23.44 -13.22 49.81
C ALA J 303 24.85 -12.76 49.47
N SER J 304 25.79 -12.95 50.39
CA SER J 304 27.17 -12.55 50.10
C SER J 304 27.77 -13.38 48.97
N GLU J 305 27.50 -14.70 48.96
CA GLU J 305 28.10 -15.53 47.94
C GLU J 305 27.50 -15.31 46.56
N ASP J 306 26.34 -14.67 46.48
CA ASP J 306 25.72 -14.34 45.19
C ASP J 306 26.14 -12.97 44.67
N SER J 307 27.08 -12.30 45.34
CA SER J 307 27.47 -10.94 45.01
C SER J 307 26.27 -9.99 45.10
N ALA J 308 25.36 -10.29 46.02
CA ALA J 308 24.20 -9.44 46.28
C ALA J 308 24.39 -8.56 47.50
N LYS J 309 25.60 -8.46 48.02
CA LYS J 309 25.88 -7.61 49.17
C LYS J 309 26.16 -6.21 48.65
N VAL J 310 25.13 -5.37 48.67
CA VAL J 310 25.25 -4.01 48.17
C VAL J 310 26.00 -3.16 49.19
N THR J 311 27.03 -2.46 48.76
CA THR J 311 27.77 -1.55 49.62
C THR J 311 27.20 -0.14 49.43
N THR J 312 26.40 0.30 50.39
CA THR J 312 25.74 1.59 50.30
C THR J 312 26.68 2.67 50.85
N GLU J 313 26.14 3.87 51.06
CA GLU J 313 26.88 4.99 51.61
C GLU J 313 26.65 5.18 53.09
N ALA J 314 25.83 4.34 53.72
CA ALA J 314 25.49 4.52 55.13
C ALA J 314 26.70 4.17 55.99
N LYS J 315 27.44 5.19 56.40
CA LYS J 315 28.60 4.95 57.25
C LYS J 315 28.19 4.32 58.57
N ALA J 316 29.02 3.38 59.03
CA ALA J 316 28.67 2.65 60.25
C ALA J 316 29.03 3.43 61.50
N ASP J 317 29.93 4.40 61.40
CA ASP J 317 30.34 5.15 62.58
C ASP J 317 29.18 5.94 63.18
N GLY J 318 28.36 6.54 62.31
CA GLY J 318 27.22 7.30 62.78
C GLY J 318 27.07 8.65 62.12
N SER J 319 28.00 8.98 61.21
CA SER J 319 27.94 10.27 60.55
C SER J 319 26.76 10.35 59.59
N VAL J 320 26.53 9.29 58.81
CA VAL J 320 25.43 9.24 57.87
C VAL J 320 24.53 8.09 58.25
N LEU J 321 23.22 8.36 58.32
CA LEU J 321 22.25 7.37 58.77
C LEU J 321 21.68 6.59 57.59
N VAL J 322 21.08 5.46 57.91
CA VAL J 322 20.35 4.68 56.93
C VAL J 322 19.02 5.38 56.64
N THR J 323 18.76 5.68 55.37
CA THR J 323 17.55 6.37 54.98
C THR J 323 16.59 5.40 54.33
N ALA J 324 15.35 5.84 54.14
CA ALA J 324 14.36 5.03 53.45
C ALA J 324 14.78 4.77 52.01
N LYS J 325 15.32 5.79 51.34
CA LYS J 325 15.67 5.65 49.94
C LYS J 325 16.76 4.61 49.74
N THR J 326 17.73 4.56 50.65
CA THR J 326 18.78 3.54 50.54
C THR J 326 18.19 2.15 50.60
N ILE J 327 17.25 1.92 51.51
CA ILE J 327 16.62 0.61 51.61
C ILE J 327 15.84 0.30 50.34
N SER J 328 15.09 1.28 49.83
CA SER J 328 14.27 1.00 48.65
C SER J 328 15.12 0.78 47.40
N LYS J 329 16.31 1.38 47.34
CA LYS J 329 17.16 1.19 46.17
C LYS J 329 17.71 -0.22 46.07
N LEU J 330 17.64 -0.99 47.15
CA LEU J 330 18.09 -2.38 47.07
C LEU J 330 17.20 -3.23 46.19
N ARG J 331 15.99 -2.77 45.90
CA ARG J 331 15.10 -3.56 45.04
C ARG J 331 15.63 -3.69 43.63
N ARG J 332 16.60 -2.86 43.24
CA ARG J 332 17.12 -2.93 41.88
C ARG J 332 17.95 -4.20 41.67
N LYS J 333 18.88 -4.49 42.58
CA LYS J 333 19.75 -5.65 42.38
C LYS J 333 18.97 -6.96 42.44
N LEU J 334 17.77 -6.95 42.99
CA LEU J 334 16.93 -8.14 42.93
C LEU J 334 16.46 -8.42 41.51
N GLY J 335 16.64 -7.49 40.58
CA GLY J 335 16.42 -7.80 39.18
C GLY J 335 14.96 -8.00 38.86
N ARG J 336 14.68 -8.98 38.00
CA ARG J 336 13.31 -9.22 37.54
C ARG J 336 12.38 -9.56 38.70
N HIS J 337 12.93 -10.07 39.80
CA HIS J 337 12.10 -10.44 40.93
C HIS J 337 11.60 -9.23 41.72
N GLY J 338 12.29 -8.09 41.62
CA GLY J 338 11.91 -6.91 42.37
C GLY J 338 10.77 -6.13 41.78
N LEU J 339 10.23 -6.55 40.63
CA LEU J 339 9.15 -5.79 40.01
C LEU J 339 7.86 -5.93 40.81
N LYS J 340 7.73 -6.97 41.61
CA LYS J 340 6.51 -7.25 42.35
C LYS J 340 6.74 -7.03 43.83
N LEU J 341 5.81 -6.35 44.50
CA LEU J 341 5.97 -6.08 45.93
C LEU J 341 5.37 -7.18 46.78
N SER J 342 4.34 -7.86 46.29
CA SER J 342 3.60 -8.82 47.10
C SER J 342 4.36 -10.11 47.34
N LYS J 343 5.63 -10.20 46.93
CA LYS J 343 6.41 -11.41 47.12
C LYS J 343 7.67 -11.19 47.94
N LEU J 344 8.04 -9.96 48.25
CA LEU J 344 9.27 -9.69 48.98
C LEU J 344 8.98 -9.59 50.47
N VAL J 345 10.04 -9.76 51.25
CA VAL J 345 10.00 -9.59 52.69
C VAL J 345 11.23 -8.80 53.10
N LEU J 346 11.04 -7.76 53.90
CA LEU J 346 12.13 -6.89 54.33
C LEU J 346 12.38 -7.08 55.82
N ILE J 347 13.63 -7.36 56.18
CA ILE J 347 14.04 -7.56 57.56
C ILE J 347 15.19 -6.61 57.84
N VAL J 348 15.09 -5.83 58.92
CA VAL J 348 16.09 -4.83 59.25
C VAL J 348 16.52 -5.01 60.70
N SER J 349 17.74 -4.56 60.98
CA SER J 349 18.26 -4.59 62.33
C SER J 349 17.63 -3.49 63.17
N MET J 350 17.76 -3.62 64.48
CA MET J 350 17.20 -2.62 65.38
C MET J 350 17.83 -1.26 65.14
N ASP J 351 19.15 -1.22 64.96
CA ASP J 351 19.83 0.04 64.67
C ASP J 351 19.34 0.65 63.37
N ALA J 352 19.10 -0.18 62.35
CA ALA J 352 18.53 0.35 61.12
C ALA J 352 17.14 0.92 61.36
N TYR J 353 16.35 0.28 62.21
CA TYR J 353 15.02 0.79 62.52
C TYR J 353 15.11 2.15 63.20
N TYR J 354 16.03 2.29 64.15
CA TYR J 354 16.18 3.58 64.80
C TYR J 354 16.70 4.65 63.85
N ASP J 355 17.55 4.28 62.90
CA ASP J 355 18.00 5.26 61.91
C ASP J 355 16.86 5.65 60.98
N LEU J 356 15.96 4.72 60.67
CA LEU J 356 14.78 5.06 59.91
C LEU J 356 13.89 6.04 60.67
N LEU J 357 13.77 5.86 61.98
CA LEU J 357 12.88 6.70 62.77
C LEU J 357 13.27 8.17 62.75
N GLU J 358 14.48 8.51 62.34
CA GLU J 358 14.92 9.90 62.24
C GLU J 358 15.00 10.39 60.80
N ASP J 359 14.30 9.73 59.88
CA ASP J 359 14.35 10.13 58.48
C ASP J 359 13.64 11.46 58.29
N GLU J 360 14.22 12.32 57.45
CA GLU J 360 13.59 13.59 57.13
C GLU J 360 12.43 13.45 56.16
N GLU J 361 12.37 12.38 55.38
CA GLU J 361 11.38 12.24 54.33
C GLU J 361 10.10 11.60 54.82
N TRP J 362 9.98 11.29 56.11
CA TRP J 362 8.79 10.63 56.63
C TRP J 362 8.24 11.34 57.85
N GLN J 363 8.64 12.59 58.08
CA GLN J 363 8.33 13.24 59.35
C GLN J 363 7.21 14.28 59.26
N ASP J 364 6.86 14.73 58.06
CA ASP J 364 5.87 15.80 57.94
C ASP J 364 4.58 15.28 57.34
N VAL J 365 3.46 15.84 57.81
CA VAL J 365 2.15 15.43 57.31
C VAL J 365 2.02 15.75 55.82
N ALA J 366 2.46 16.94 55.42
CA ALA J 366 2.41 17.29 54.01
C ALA J 366 3.28 16.40 53.15
N GLN J 367 4.25 15.71 53.76
CA GLN J 367 5.10 14.80 53.00
C GLN J 367 4.42 13.46 52.80
N VAL J 368 4.07 12.79 53.90
CA VAL J 368 3.59 11.41 53.86
C VAL J 368 2.27 11.37 54.63
N GLY J 369 1.16 11.56 53.92
CA GLY J 369 -0.17 11.37 54.46
C GLY J 369 -0.36 11.84 55.89
N ASN J 370 -1.00 11.02 56.71
CA ASN J 370 -1.05 11.25 58.14
C ASN J 370 -0.10 10.33 58.91
N ASP J 371 0.72 9.56 58.20
CA ASP J 371 1.63 8.61 58.82
C ASP J 371 2.98 9.20 59.15
N ALA J 372 3.06 10.51 59.31
CA ALA J 372 4.34 11.13 59.62
C ALA J 372 4.86 10.66 60.97
N VAL J 373 6.17 10.60 61.10
CA VAL J 373 6.78 10.18 62.35
C VAL J 373 6.42 11.16 63.46
N LYS J 374 6.29 12.44 63.13
CA LYS J 374 5.98 13.45 64.14
C LYS J 374 4.68 13.15 64.85
N LEU J 375 3.67 12.68 64.13
CA LEU J 375 2.38 12.39 64.73
C LEU J 375 2.28 10.98 65.30
N GLN J 376 3.05 10.03 64.76
CA GLN J 376 2.94 8.64 65.17
C GLN J 376 4.16 8.13 65.92
N GLY J 377 5.37 8.43 65.45
CA GLY J 377 6.56 7.98 66.14
C GLY J 377 7.01 6.58 65.80
N GLN J 378 6.24 5.85 64.98
CA GLN J 378 6.62 4.51 64.56
C GLN J 378 6.48 4.38 63.06
N VAL J 379 7.47 3.77 62.43
CA VAL J 379 7.48 3.52 60.99
C VAL J 379 7.02 2.10 60.76
N GLY J 380 5.96 1.95 59.97
CA GLY J 380 5.45 0.63 59.64
C GLY J 380 5.77 0.25 58.21
N ARG J 381 4.78 0.36 57.34
CA ARG J 381 4.95 0.06 55.92
C ARG J 381 5.73 1.19 55.27
N ILE J 382 6.84 0.85 54.62
CA ILE J 382 7.73 1.81 53.97
C ILE J 382 7.83 1.45 52.50
N TYR J 383 7.59 2.43 51.63
CA TYR J 383 7.68 2.22 50.17
C TYR J 383 6.90 0.99 49.73
N GLY J 384 5.82 0.67 50.43
CA GLY J 384 5.06 -0.51 50.15
C GLY J 384 5.59 -1.79 50.76
N LEU J 385 6.73 -1.73 51.44
CA LEU J 385 7.32 -2.90 52.09
C LEU J 385 7.09 -2.82 53.58
N PRO J 386 6.35 -3.75 54.18
CA PRO J 386 6.28 -3.77 55.65
C PRO J 386 7.65 -4.04 56.25
N VAL J 387 7.92 -3.40 57.37
CA VAL J 387 9.21 -3.50 58.05
C VAL J 387 9.10 -4.52 59.17
N VAL J 388 10.01 -5.49 59.17
CA VAL J 388 10.10 -6.49 60.21
C VAL J 388 11.46 -6.34 60.88
N VAL J 389 11.45 -6.12 62.19
CA VAL J 389 12.66 -5.87 62.96
C VAL J 389 13.18 -7.19 63.50
N SER J 390 14.46 -7.45 63.29
CA SER J 390 15.12 -8.62 63.84
C SER J 390 16.40 -8.17 64.53
N GLU J 391 16.73 -8.85 65.62
CA GLU J 391 17.89 -8.47 66.43
C GLU J 391 19.06 -9.43 66.25
N TYR J 392 19.01 -10.33 65.29
CA TYR J 392 20.06 -11.30 65.07
C TYR J 392 21.00 -10.90 63.94
N PHE J 393 20.92 -9.67 63.47
CA PHE J 393 21.87 -9.18 62.50
C PHE J 393 23.25 -9.06 63.15
N PRO J 394 24.31 -9.18 62.36
CA PRO J 394 25.65 -9.04 62.93
C PRO J 394 25.88 -7.64 63.47
N ALA J 395 26.89 -7.53 64.34
CA ALA J 395 27.15 -6.28 65.04
C ALA J 395 27.45 -5.15 64.07
N LYS J 396 27.01 -3.94 64.44
CA LYS J 396 27.22 -2.78 63.60
C LYS J 396 28.70 -2.48 63.40
N ALA J 397 29.18 -2.62 62.18
CA ALA J 397 30.57 -2.34 61.85
C ALA J 397 30.66 -2.10 60.35
N ALA J 398 31.79 -1.55 59.92
CA ALA J 398 31.99 -1.30 58.50
C ALA J 398 31.93 -2.60 57.73
N GLY J 399 31.25 -2.57 56.58
CA GLY J 399 31.13 -3.78 55.77
C GLY J 399 30.33 -4.87 56.42
N LYS J 400 29.29 -4.52 57.17
CA LYS J 400 28.38 -5.49 57.77
C LYS J 400 26.96 -5.18 57.35
N GLU J 401 26.11 -6.20 57.37
CA GLU J 401 24.77 -6.08 56.83
C GLU J 401 23.83 -5.43 57.84
N PHE J 402 22.82 -4.74 57.32
CA PHE J 402 21.79 -4.15 58.15
C PHE J 402 20.38 -4.29 57.60
N ALA J 403 20.20 -4.91 56.44
CA ALA J 403 18.87 -5.14 55.91
C ALA J 403 18.93 -6.28 54.90
N VAL J 404 17.86 -7.05 54.85
CA VAL J 404 17.81 -8.21 53.97
C VAL J 404 16.43 -8.28 53.34
N ILE J 405 16.41 -8.42 52.01
CA ILE J 405 15.18 -8.60 51.25
C ILE J 405 15.27 -9.94 50.55
N VAL J 406 14.23 -10.76 50.69
CA VAL J 406 14.24 -12.12 50.18
C VAL J 406 13.02 -12.33 49.31
N TYR J 407 13.19 -13.09 48.23
CA TYR J 407 12.05 -13.62 47.49
C TYR J 407 11.46 -14.78 48.28
N LYS J 408 10.21 -14.63 48.70
CA LYS J 408 9.67 -15.54 49.71
C LYS J 408 9.58 -16.96 49.19
N ASP J 409 9.12 -17.14 47.96
CA ASP J 409 8.84 -18.48 47.48
C ASP J 409 10.07 -19.23 46.97
N ASN J 410 11.23 -18.59 46.98
CA ASN J 410 12.44 -19.26 46.51
C ASN J 410 13.12 -20.06 47.60
N PHE J 411 12.63 -20.01 48.84
CA PHE J 411 13.27 -20.67 49.96
C PHE J 411 12.36 -21.72 50.55
N VAL J 412 12.95 -22.85 50.97
CA VAL J 412 12.21 -23.94 51.59
C VAL J 412 12.97 -24.39 52.83
N MET J 413 12.28 -25.19 53.65
CA MET J 413 12.84 -25.75 54.88
C MET J 413 12.70 -27.26 54.85
N PRO J 414 13.66 -27.96 54.24
CA PRO J 414 13.64 -29.43 54.29
C PRO J 414 13.74 -29.91 55.73
N ARG J 415 13.01 -30.97 56.05
CA ARG J 415 12.96 -31.50 57.40
C ARG J 415 12.69 -33.00 57.36
N GLN J 416 13.47 -33.76 58.12
CA GLN J 416 13.30 -35.21 58.16
C GLN J 416 12.40 -35.63 59.31
N ARG J 417 12.79 -35.33 60.54
CA ARG J 417 12.00 -35.67 61.71
C ARG J 417 11.89 -34.45 62.60
N ALA J 418 10.72 -34.30 63.21
CA ALA J 418 10.42 -33.11 64.01
C ALA J 418 11.15 -33.17 65.34
N VAL J 419 10.84 -32.24 66.22
CA VAL J 419 11.44 -32.23 67.55
C VAL J 419 10.81 -33.33 68.39
N THR J 420 11.63 -34.23 68.91
CA THR J 420 11.17 -35.35 69.72
C THR J 420 11.97 -35.38 71.01
N VAL J 421 11.31 -35.77 72.09
CA VAL J 421 11.95 -35.86 73.40
C VAL J 421 11.89 -37.32 73.86
N GLU J 422 12.99 -37.80 74.43
CA GLU J 422 13.10 -39.15 74.93
C GLU J 422 13.56 -39.11 76.39
N ARG J 423 12.88 -39.84 77.25
CA ARG J 423 13.15 -39.84 78.68
C ARG J 423 13.68 -41.21 79.07
N GLU J 424 14.94 -41.27 79.46
CA GLU J 424 15.59 -42.52 79.85
C GLU J 424 15.82 -42.51 81.35
N ARG J 425 15.43 -43.60 82.02
CA ARG J 425 15.62 -43.72 83.46
C ARG J 425 16.86 -44.56 83.73
N GLN J 426 17.86 -43.94 84.35
CA GLN J 426 19.10 -44.62 84.70
C GLN J 426 19.01 -45.02 86.16
N ALA J 427 18.33 -46.14 86.43
CA ALA J 427 18.14 -46.56 87.80
C ALA J 427 19.47 -46.84 88.50
N GLY J 428 20.48 -47.25 87.74
CA GLY J 428 21.78 -47.50 88.33
C GLY J 428 22.46 -46.28 88.87
N LYS J 429 22.08 -45.10 88.40
CA LYS J 429 22.63 -43.85 88.89
C LYS J 429 21.61 -42.95 89.56
N GLN J 430 20.35 -43.38 89.66
CA GLN J 430 19.30 -42.57 90.24
C GLN J 430 19.21 -41.21 89.55
N ARG J 431 19.32 -41.22 88.22
CA ARG J 431 19.19 -40.02 87.42
C ARG J 431 18.02 -40.15 86.46
N ASP J 432 17.91 -39.19 85.57
CA ASP J 432 16.86 -39.17 84.55
C ASP J 432 17.38 -38.33 83.39
N ALA J 433 17.59 -38.97 82.25
CA ALA J 433 18.18 -38.29 81.10
C ALA J 433 17.09 -37.89 80.12
N TYR J 434 17.13 -36.64 79.68
CA TYR J 434 16.24 -36.13 78.65
C TYR J 434 17.05 -35.80 77.41
N TYR J 435 16.57 -36.23 76.25
CA TYR J 435 17.23 -35.97 74.98
C TYR J 435 16.24 -35.31 74.03
N VAL J 436 16.69 -34.25 73.35
CA VAL J 436 15.87 -33.56 72.37
C VAL J 436 16.65 -33.50 71.06
N THR J 437 16.02 -33.95 69.97
CA THR J 437 16.68 -34.04 68.68
C THR J 437 15.74 -33.57 67.58
N GLN J 438 16.33 -33.12 66.48
CA GLN J 438 15.59 -32.79 65.27
C GLN J 438 16.57 -32.73 64.11
N ARG J 439 16.00 -32.71 62.90
CA ARG J 439 16.79 -32.74 61.65
C ARG J 439 16.20 -31.75 60.66
N VAL J 440 16.92 -30.65 60.39
CA VAL J 440 16.45 -29.60 59.48
C VAL J 440 17.63 -29.02 58.71
N ASN J 441 17.29 -28.20 57.72
CA ASN J 441 18.24 -27.44 56.91
C ASN J 441 17.47 -26.37 56.17
N LEU J 442 18.20 -25.40 55.62
CA LEU J 442 17.62 -24.30 54.87
C LEU J 442 18.20 -24.29 53.47
N GLN J 443 17.33 -24.46 52.47
CA GLN J 443 17.76 -24.58 51.08
C GLN J 443 16.89 -23.70 50.20
N ARG J 444 17.44 -23.34 49.04
CA ARG J 444 16.74 -22.54 48.06
C ARG J 444 16.77 -23.25 46.72
N TYR J 445 15.79 -22.95 45.87
CA TYR J 445 15.68 -23.60 44.58
C TYR J 445 16.76 -23.09 43.63
N PHE J 446 16.72 -21.81 43.28
CA PHE J 446 17.67 -21.22 42.35
C PHE J 446 18.58 -20.25 43.07
N GLU J 447 19.70 -19.93 42.43
CA GLU J 447 20.72 -19.06 43.02
C GLU J 447 20.43 -17.59 42.75
N ASN J 448 19.29 -17.14 43.29
CA ASN J 448 18.88 -15.75 43.19
C ASN J 448 17.78 -15.53 44.22
N GLY J 449 17.33 -14.28 44.36
CA GLY J 449 16.19 -13.99 45.20
C GLY J 449 16.51 -13.44 46.57
N VAL J 450 17.75 -13.07 46.84
CA VAL J 450 18.11 -12.46 48.12
C VAL J 450 19.07 -11.31 47.87
N VAL J 451 18.87 -10.21 48.60
CA VAL J 451 19.73 -9.04 48.54
C VAL J 451 19.92 -8.52 49.95
N SER J 452 21.16 -8.20 50.30
CA SER J 452 21.48 -7.69 51.62
C SER J 452 22.30 -6.42 51.50
N GLY J 453 21.85 -5.36 52.16
CA GLY J 453 22.53 -4.09 52.17
C GLY J 453 23.54 -4.04 53.29
N ALA J 454 24.69 -3.45 53.01
CA ALA J 454 25.77 -3.37 53.99
C ALA J 454 26.20 -1.93 54.18
N TYR J 455 26.90 -1.69 55.29
CA TYR J 455 27.39 -0.36 55.61
C TYR J 455 28.51 0.04 54.64
N ALA J 456 29.00 1.25 54.84
CA ALA J 456 30.01 1.81 53.95
C ALA J 456 31.38 1.21 54.25
N ALA J 457 32.32 1.48 53.36
CA ALA J 457 33.71 1.05 53.50
C ALA J 457 33.83 -0.46 53.70
N ASN K 162 -3.70 60.71 109.99
CA ASN K 162 -4.02 61.48 108.80
C ASN K 162 -3.56 62.92 108.97
N GLN K 163 -3.63 63.40 110.21
CA GLN K 163 -3.06 64.68 110.60
C GLN K 163 -3.65 65.84 109.81
N SER K 164 -4.98 65.82 109.65
CA SER K 164 -5.68 66.87 108.91
C SER K 164 -6.61 67.68 109.79
N SER K 165 -7.58 67.05 110.42
CA SER K 165 -8.59 67.77 111.20
C SER K 165 -8.15 67.89 112.65
N SER K 166 -9.08 68.25 113.52
CA SER K 166 -8.76 68.45 114.92
C SER K 166 -8.25 67.17 115.57
N VAL K 167 -9.01 66.08 115.45
CA VAL K 167 -8.61 64.83 116.07
C VAL K 167 -7.60 64.12 115.17
N GLU K 168 -6.64 63.46 115.81
CA GLU K 168 -5.55 62.82 115.08
C GLU K 168 -5.14 61.55 115.83
N VAL K 169 -5.07 60.45 115.09
CA VAL K 169 -4.78 59.15 115.69
C VAL K 169 -3.32 59.11 116.13
N SER K 170 -3.04 58.29 117.13
CA SER K 170 -1.73 58.25 117.75
C SER K 170 -0.64 57.85 116.76
N SER K 171 -0.89 56.82 115.97
CA SER K 171 0.10 56.30 115.03
C SER K 171 -0.61 55.52 113.93
N GLU K 172 0.16 55.17 112.89
CA GLU K 172 -0.41 54.49 111.74
C GLU K 172 -0.89 53.09 112.05
N SER K 173 -0.55 52.56 113.23
CA SER K 173 -1.00 51.21 113.57
C SER K 173 -2.52 51.14 113.66
N TYR K 174 -3.15 52.18 114.22
CA TYR K 174 -4.60 52.15 114.37
C TYR K 174 -5.34 52.37 113.07
N GLU K 175 -4.66 52.81 112.01
CA GLU K 175 -5.28 52.98 110.71
C GLU K 175 -5.24 51.71 109.86
N THR K 176 -4.70 50.63 110.40
CA THR K 176 -4.43 49.42 109.64
C THR K 176 -5.30 48.29 110.14
N ILE K 177 -5.76 47.45 109.22
CA ILE K 177 -6.46 46.22 109.55
C ILE K 177 -5.53 45.06 109.25
N PHE K 178 -5.13 44.35 110.30
CA PHE K 178 -4.22 43.21 110.15
C PHE K 178 -5.05 41.96 109.91
N SER K 179 -5.32 41.68 108.64
CA SER K 179 -6.07 40.50 108.27
C SER K 179 -5.27 39.25 108.60
N GLN K 180 -5.97 38.21 109.04
CA GLN K 180 -5.32 36.94 109.33
C GLN K 180 -5.29 36.00 108.14
N ARG K 181 -5.92 36.37 107.03
CA ARG K 181 -5.98 35.46 105.89
C ARG K 181 -4.59 35.26 105.31
N ILE K 182 -4.27 34.01 104.98
CA ILE K 182 -2.92 33.60 104.62
C ILE K 182 -2.96 33.04 103.21
N ILE K 183 -2.02 33.49 102.37
CA ILE K 183 -1.97 33.10 100.97
C ILE K 183 -0.60 32.51 100.67
N ARG K 184 -0.54 31.74 99.58
CA ARG K 184 0.69 31.13 99.12
C ARG K 184 0.82 31.34 97.62
N ASP K 185 2.07 31.48 97.17
CA ASP K 185 2.36 31.67 95.75
C ASP K 185 2.20 30.35 95.01
N LEU K 186 2.64 30.32 93.75
CA LEU K 186 2.66 29.07 93.01
C LEU K 186 3.78 28.18 93.51
N GLN K 187 3.52 26.87 93.52
CA GLN K 187 4.48 25.89 94.02
C GLN K 187 4.76 24.84 92.95
N LYS K 188 5.98 24.34 92.96
CA LYS K 188 6.41 23.37 91.96
C LYS K 188 5.57 22.11 92.06
N GLU K 189 5.32 21.50 90.90
CA GLU K 189 4.48 20.31 90.86
C GLU K 189 5.30 19.06 91.13
N LEU K 190 4.65 18.08 91.75
CA LEU K 190 5.26 16.80 92.09
C LEU K 190 4.75 15.75 91.12
N VAL K 191 5.67 15.04 90.46
CA VAL K 191 5.31 14.06 89.45
C VAL K 191 5.90 12.69 89.74
N VAL K 192 7.22 12.60 89.86
CA VAL K 192 7.89 11.30 89.97
C VAL K 192 7.58 10.61 91.30
N GLY K 193 7.20 11.35 92.33
CA GLY K 193 7.05 10.74 93.64
C GLY K 193 6.02 9.63 93.68
N ALA K 194 4.97 9.74 92.88
CA ALA K 194 3.83 8.84 92.99
C ALA K 194 3.35 8.35 91.63
N LEU K 195 4.28 7.87 90.81
CA LEU K 195 3.89 7.25 89.55
C LEU K 195 4.39 5.82 89.38
N PHE K 196 5.30 5.37 90.24
CA PHE K 196 5.81 4.00 90.19
C PHE K 196 4.95 3.09 91.04
N GLU K 197 4.67 1.90 90.52
CA GLU K 197 3.85 0.95 91.26
C GLU K 197 4.59 0.49 92.52
N GLU K 198 3.81 0.12 93.53
CA GLU K 198 4.34 -0.06 94.88
C GLU K 198 4.51 -1.53 95.20
N LEU K 199 5.62 -1.85 95.85
CA LEU K 199 5.90 -3.21 96.31
C LEU K 199 5.85 -3.23 97.84
N PRO K 200 4.80 -3.77 98.44
CA PRO K 200 4.71 -3.76 99.91
C PRO K 200 5.52 -4.90 100.51
N MET K 201 6.40 -4.55 101.43
CA MET K 201 7.20 -5.52 102.17
C MET K 201 6.73 -5.59 103.60
N SER K 202 6.92 -6.74 104.23
CA SER K 202 6.57 -6.94 105.63
C SER K 202 7.73 -7.60 106.37
N SER K 203 8.95 -7.19 106.05
CA SER K 203 10.14 -7.75 106.65
C SER K 203 11.28 -6.78 106.42
N LYS K 204 12.51 -7.26 106.67
CA LYS K 204 13.67 -6.43 106.41
C LYS K 204 14.06 -6.47 104.93
N ILE K 205 14.19 -7.67 104.37
CA ILE K 205 14.65 -7.86 103.00
C ILE K 205 13.66 -8.75 102.28
N LEU K 206 13.62 -8.61 100.96
CA LEU K 206 12.78 -9.44 100.11
C LEU K 206 13.65 -10.02 99.01
N THR K 207 13.58 -11.33 98.82
CA THR K 207 14.44 -12.01 97.87
C THR K 207 13.61 -12.61 96.75
N MET K 208 13.99 -12.34 95.50
CA MET K 208 13.30 -12.80 94.32
C MET K 208 14.25 -13.61 93.48
N LEU K 209 13.71 -14.53 92.69
CA LEU K 209 14.53 -15.42 91.87
C LEU K 209 14.58 -14.94 90.44
N VAL K 210 15.79 -14.86 89.89
CA VAL K 210 16.02 -14.42 88.52
C VAL K 210 16.42 -15.63 87.70
N GLU K 211 15.64 -15.94 86.69
CA GLU K 211 15.92 -17.10 85.85
C GLU K 211 17.15 -16.83 84.98
N PRO K 212 17.98 -17.84 84.72
CA PRO K 212 19.19 -17.61 83.94
C PRO K 212 18.92 -17.36 82.47
N ASP K 213 19.99 -17.23 81.69
CA ASP K 213 19.91 -16.96 80.27
C ASP K 213 19.64 -18.25 79.50
N ALA K 214 19.81 -18.21 78.18
CA ALA K 214 19.51 -19.34 77.31
C ALA K 214 20.78 -20.06 76.88
N GLY K 215 20.64 -21.34 76.59
CA GLY K 215 21.72 -22.14 76.04
C GLY K 215 21.58 -22.30 74.53
N ARG K 216 22.13 -23.40 74.03
CA ARG K 216 22.02 -23.75 72.63
C ARG K 216 22.48 -25.18 72.41
N ALA K 217 21.84 -25.86 71.46
CA ALA K 217 22.19 -27.23 71.13
C ALA K 217 23.43 -27.23 70.23
N THR K 218 23.82 -28.40 69.74
CA THR K 218 24.98 -28.52 68.87
C THR K 218 24.63 -29.34 67.64
N TRP K 219 25.28 -29.00 66.53
CA TRP K 219 25.05 -29.68 65.26
C TRP K 219 25.97 -30.90 65.22
N VAL K 220 25.39 -32.07 65.31
CA VAL K 220 26.18 -33.30 65.31
C VAL K 220 26.46 -33.70 63.88
N ALA K 221 27.71 -34.08 63.62
CA ALA K 221 28.11 -34.54 62.30
C ALA K 221 27.58 -35.94 62.06
N ALA K 222 27.63 -36.39 60.80
CA ALA K 222 27.12 -37.71 60.48
C ALA K 222 28.02 -38.81 61.01
N SER K 223 29.30 -38.51 61.25
CA SER K 223 30.23 -39.52 61.72
C SER K 223 29.88 -40.06 63.10
N ALA K 224 29.43 -39.20 64.01
CA ALA K 224 29.20 -39.59 65.39
C ALA K 224 27.81 -40.17 65.63
N TYR K 225 27.18 -40.74 64.60
CA TYR K 225 25.87 -41.36 64.81
C TYR K 225 25.98 -42.60 65.69
N GLY K 226 27.02 -43.40 65.51
CA GLY K 226 27.20 -44.60 66.28
C GLY K 226 27.96 -44.44 67.58
N SER K 227 28.31 -43.22 67.96
CA SER K 227 29.04 -42.96 69.18
C SER K 227 28.19 -42.18 70.15
N ASP K 228 28.68 -42.04 71.38
CA ASP K 228 27.90 -41.42 72.43
C ASP K 228 27.60 -39.95 72.17
N ASN K 229 28.36 -39.31 71.29
CA ASN K 229 28.09 -37.91 70.98
C ASN K 229 26.92 -37.72 70.09
N THR K 230 26.13 -38.76 69.85
CA THR K 230 24.96 -38.62 68.97
C THR K 230 23.97 -37.61 69.51
N THR K 231 23.73 -37.60 70.82
CA THR K 231 22.75 -36.72 71.41
C THR K 231 23.30 -35.34 71.72
N GLY K 232 24.58 -35.09 71.48
CA GLY K 232 25.08 -33.74 71.57
C GLY K 232 25.39 -33.30 72.98
N SER K 233 25.66 -32.01 73.14
CA SER K 233 26.14 -31.44 74.38
C SER K 233 25.01 -31.21 75.38
N GLU K 234 25.40 -30.93 76.62
CA GLU K 234 24.49 -30.76 77.74
C GLU K 234 24.29 -29.29 78.07
N VAL K 235 23.07 -28.96 78.49
CA VAL K 235 22.71 -27.59 78.86
C VAL K 235 22.46 -27.55 80.36
N THR K 236 23.13 -26.63 81.04
CA THR K 236 23.06 -26.51 82.50
C THR K 236 22.55 -25.13 82.86
N GLY K 237 21.79 -25.04 83.95
CA GLY K 237 21.22 -23.78 84.36
C GLY K 237 21.28 -23.52 85.85
N ALA K 238 21.77 -22.35 86.24
CA ALA K 238 21.88 -21.95 87.63
C ALA K 238 21.02 -20.72 87.87
N LEU K 239 20.23 -20.74 88.93
CA LEU K 239 19.39 -19.61 89.24
C LEU K 239 20.16 -18.57 90.05
N THR K 240 19.59 -17.37 90.14
CA THR K 240 20.15 -16.28 90.92
C THR K 240 19.05 -15.61 91.72
N GLU K 241 19.43 -14.70 92.59
CA GLU K 241 18.46 -14.02 93.44
C GLU K 241 18.84 -12.55 93.62
N ILE K 242 17.83 -11.72 93.86
CA ILE K 242 17.99 -10.29 94.06
C ILE K 242 17.23 -9.88 95.32
N HIS K 243 17.65 -8.77 95.92
CA HIS K 243 17.18 -8.37 97.22
C HIS K 243 16.69 -6.92 97.20
N PHE K 244 15.70 -6.64 98.04
CA PHE K 244 15.12 -5.32 98.17
C PHE K 244 15.18 -4.86 99.62
N SER K 245 15.60 -3.63 99.84
CA SER K 245 15.71 -3.08 101.18
C SER K 245 14.95 -1.75 101.23
N THR K 246 14.94 -1.13 102.41
CA THR K 246 14.17 0.08 102.62
C THR K 246 14.98 1.06 103.45
N TYR K 247 14.70 2.34 103.27
CA TYR K 247 15.32 3.40 104.05
C TYR K 247 14.24 4.18 104.78
N LYS K 248 14.62 4.81 105.88
CA LYS K 248 13.68 5.53 106.74
C LYS K 248 13.86 7.03 106.57
N LEU K 249 12.74 7.73 106.42
CA LEU K 249 12.71 9.18 106.30
C LEU K 249 11.91 9.74 107.47
N ALA K 250 12.46 10.76 108.14
CA ALA K 250 11.83 11.28 109.34
C ALA K 250 12.06 12.78 109.46
N ALA K 251 11.12 13.47 110.11
CA ALA K 251 11.23 14.88 110.39
C ALA K 251 10.42 15.20 111.63
N LYS K 252 10.79 16.30 112.30
CA LYS K 252 10.17 16.67 113.56
C LYS K 252 10.08 18.17 113.67
N SER K 253 9.17 18.63 114.53
CA SER K 253 9.02 20.05 114.79
C SER K 253 8.46 20.26 116.19
N PHE K 254 8.58 21.49 116.68
CA PHE K 254 8.17 21.83 118.04
C PHE K 254 7.24 23.03 118.01
N ILE K 255 6.33 23.07 118.98
CA ILE K 255 5.54 24.27 119.21
C ILE K 255 5.32 24.46 120.71
N THR K 256 6.02 25.42 121.30
CA THR K 256 5.88 25.65 122.72
C THR K 256 4.53 26.27 123.01
N ASP K 257 4.01 26.02 124.21
CA ASP K 257 2.71 26.57 124.55
C ASP K 257 2.77 28.07 124.81
N GLU K 258 3.94 28.60 125.14
CA GLU K 258 4.02 30.03 125.37
C GLU K 258 4.21 30.83 124.11
N THR K 259 4.24 30.23 122.92
CA THR K 259 4.04 30.97 121.69
C THR K 259 2.71 30.66 121.03
N GLU K 260 2.08 29.54 121.37
CA GLU K 260 0.74 29.26 120.90
C GLU K 260 -0.26 30.24 121.48
N GLU K 261 -0.26 30.42 122.80
CA GLU K 261 -1.15 31.40 123.41
C GLU K 261 -0.69 32.81 123.11
N ASP K 262 0.60 33.00 122.89
CA ASP K 262 1.16 34.29 122.52
C ASP K 262 1.03 34.52 121.03
N ALA K 263 -0.18 34.39 120.49
CA ALA K 263 -0.44 34.57 119.07
C ALA K 263 -1.92 34.80 118.87
N ILE K 264 -2.24 35.68 117.93
CA ILE K 264 -3.64 35.99 117.65
C ILE K 264 -4.34 34.80 117.03
N PHE K 265 -3.64 34.06 116.17
CA PHE K 265 -4.21 32.95 115.44
C PHE K 265 -3.40 31.69 115.72
N SER K 266 -4.07 30.55 115.67
CA SER K 266 -3.41 29.29 115.95
C SER K 266 -2.43 28.93 114.84
N LEU K 267 -1.35 28.26 115.22
CA LEU K 267 -0.29 27.90 114.28
C LEU K 267 -0.19 26.41 114.02
N LEU K 268 -0.99 25.59 114.71
CA LEU K 268 -0.86 24.14 114.55
C LEU K 268 -1.14 23.66 113.14
N PRO K 269 -2.23 24.06 112.47
CA PRO K 269 -2.48 23.53 111.12
C PRO K 269 -1.36 23.84 110.15
N LEU K 270 -0.79 25.04 110.23
CA LEU K 270 0.34 25.38 109.37
C LEU K 270 1.51 24.45 109.64
N LEU K 271 1.76 24.15 110.91
CA LEU K 271 2.88 23.27 111.27
C LEU K 271 2.70 21.88 110.66
N ARG K 272 1.50 21.31 110.81
CA ARG K 272 1.25 19.98 110.27
C ARG K 272 1.39 19.97 108.75
N LYS K 273 0.81 20.97 108.09
CA LYS K 273 0.90 21.04 106.63
C LYS K 273 2.35 21.16 106.18
N ARG K 274 3.14 21.99 106.87
CA ARG K 274 4.53 22.15 106.50
C ARG K 274 5.30 20.85 106.68
N LEU K 275 5.02 20.11 107.75
CA LEU K 275 5.71 18.83 107.95
C LEU K 275 5.43 17.86 106.82
N ILE K 276 4.15 17.70 106.47
CA ILE K 276 3.79 16.74 105.42
C ILE K 276 4.42 17.14 104.10
N GLU K 277 4.32 18.42 103.74
CA GLU K 277 4.84 18.85 102.46
C GLU K 277 6.36 18.78 102.42
N ALA K 278 7.03 18.97 103.56
CA ALA K 278 8.48 18.78 103.58
C ALA K 278 8.84 17.33 103.33
N HIS K 279 8.06 16.39 103.88
CA HIS K 279 8.31 14.99 103.58
C HIS K 279 8.18 14.72 102.09
N ALA K 280 7.11 15.23 101.47
CA ALA K 280 6.90 15.01 100.04
C ALA K 280 8.03 15.61 99.21
N VAL K 281 8.45 16.84 99.55
CA VAL K 281 9.53 17.47 98.81
C VAL K 281 10.80 16.66 98.92
N SER K 282 11.13 16.20 100.13
CA SER K 282 12.37 15.45 100.32
C SER K 282 12.38 14.18 99.50
N ILE K 283 11.28 13.41 99.54
CA ILE K 283 11.27 12.16 98.79
C ILE K 283 11.36 12.42 97.31
N GLU K 284 10.62 13.42 96.81
CA GLU K 284 10.62 13.69 95.37
C GLU K 284 12.00 14.12 94.90
N GLU K 285 12.66 15.01 95.65
CA GLU K 285 13.98 15.47 95.23
C GLU K 285 15.00 14.35 95.30
N ALA K 286 14.93 13.50 96.32
CA ALA K 286 15.85 12.37 96.40
C ALA K 286 15.65 11.43 95.23
N PHE K 287 14.40 11.22 94.80
CA PHE K 287 14.16 10.36 93.65
C PHE K 287 14.71 10.98 92.38
N MET K 288 14.55 12.30 92.23
CA MET K 288 15.03 12.97 91.03
C MET K 288 16.55 12.90 90.93
N THR K 289 17.26 13.30 91.99
CA THR K 289 18.71 13.38 91.86
C THR K 289 19.45 12.90 93.10
N GLY K 290 18.90 11.95 93.84
CA GLY K 290 19.55 11.50 95.05
C GLY K 290 20.78 10.67 94.77
N ASP K 291 21.70 10.66 95.72
CA ASP K 291 22.87 9.81 95.66
C ASP K 291 22.52 8.43 96.18
N GLY K 292 23.54 7.61 96.46
CA GLY K 292 23.33 6.30 97.03
C GLY K 292 23.68 6.17 98.50
N SER K 293 24.28 7.19 99.12
CA SER K 293 24.74 7.09 100.49
C SER K 293 23.55 7.23 101.44
N GLY K 294 22.98 6.09 101.79
CA GLY K 294 21.90 6.05 102.75
C GLY K 294 20.58 6.58 102.26
N LYS K 295 20.50 7.01 101.00
CA LYS K 295 19.26 7.49 100.42
C LYS K 295 19.08 6.80 99.07
N PRO K 296 17.84 6.70 98.59
CA PRO K 296 17.61 5.98 97.34
C PRO K 296 18.39 6.56 96.18
N LYS K 297 18.85 5.69 95.30
CA LYS K 297 19.54 6.13 94.09
C LYS K 297 18.60 6.90 93.20
N GLY K 298 19.02 8.10 92.81
CA GLY K 298 18.18 8.92 91.96
C GLY K 298 18.16 8.43 90.53
N LEU K 299 17.10 8.79 89.82
CA LEU K 299 16.98 8.38 88.42
C LEU K 299 18.12 8.95 87.59
N LEU K 300 18.46 10.21 87.82
CA LEU K 300 19.56 10.81 87.07
C LEU K 300 20.88 10.12 87.38
N THR K 301 21.10 9.76 88.65
CA THR K 301 22.32 9.03 89.00
C THR K 301 22.33 7.64 88.39
N LEU K 302 21.16 6.99 88.34
CA LEU K 302 21.09 5.70 87.67
C LEU K 302 21.45 5.81 86.20
N ALA K 303 20.94 6.84 85.53
CA ALA K 303 21.27 7.05 84.13
C ALA K 303 22.75 7.32 83.96
N SER K 304 23.33 8.12 84.86
CA SER K 304 24.76 8.42 84.77
C SER K 304 25.61 7.16 84.96
N GLU K 305 25.26 6.33 85.93
CA GLU K 305 26.05 5.14 86.22
C GLU K 305 25.79 4.01 85.23
N ASP K 306 24.72 4.08 84.45
CA ASP K 306 24.48 3.12 83.38
C ASP K 306 25.08 3.57 82.05
N SER K 307 25.86 4.65 82.06
CA SER K 307 26.45 5.24 80.87
C SER K 307 25.39 5.66 79.85
N ALA K 308 24.24 6.11 80.32
CA ALA K 308 23.16 6.56 79.45
C ALA K 308 22.97 8.07 79.46
N LYS K 309 23.89 8.82 80.07
CA LYS K 309 23.80 10.28 80.05
C LYS K 309 24.25 10.75 78.68
N VAL K 310 23.29 10.86 77.77
CA VAL K 310 23.60 11.22 76.39
C VAL K 310 23.83 12.73 76.32
N THR K 311 25.03 13.12 75.91
CA THR K 311 25.39 14.53 75.80
C THR K 311 25.00 15.02 74.41
N THR K 312 23.81 15.59 74.29
CA THR K 312 23.34 16.08 73.01
C THR K 312 23.99 17.42 72.70
N GLU K 313 23.73 17.92 71.49
CA GLU K 313 24.37 19.13 71.02
C GLU K 313 23.68 20.41 71.47
N ALA K 314 22.56 20.30 72.17
CA ALA K 314 21.84 21.48 72.61
C ALA K 314 22.65 22.24 73.66
N LYS K 315 23.24 23.35 73.26
CA LYS K 315 24.10 24.11 74.17
C LYS K 315 23.29 24.71 75.30
N ALA K 316 23.95 24.90 76.44
CA ALA K 316 23.30 25.43 77.62
C ALA K 316 23.36 26.95 77.71
N ASP K 317 24.10 27.61 76.82
CA ASP K 317 24.18 29.07 76.85
C ASP K 317 23.06 29.73 76.05
N GLY K 318 22.16 28.94 75.48
CA GLY K 318 21.05 29.47 74.70
C GLY K 318 21.35 29.70 73.24
N SER K 319 22.59 29.49 72.80
CA SER K 319 22.92 29.68 71.39
C SER K 319 22.14 28.69 70.52
N VAL K 320 22.06 27.44 70.95
CA VAL K 320 21.29 26.41 70.24
C VAL K 320 20.15 25.97 71.14
N LEU K 321 18.96 25.92 70.57
CA LEU K 321 17.77 25.54 71.32
C LEU K 321 17.70 24.01 71.44
N VAL K 322 16.55 23.52 71.88
CA VAL K 322 16.30 22.10 72.02
C VAL K 322 15.14 21.73 71.10
N THR K 323 15.34 20.73 70.26
CA THR K 323 14.33 20.33 69.29
C THR K 323 13.73 19.00 69.69
N ALA K 324 12.53 18.74 69.17
CA ALA K 324 11.88 17.45 69.40
C ALA K 324 12.71 16.31 68.81
N LYS K 325 13.48 16.60 67.76
CA LYS K 325 14.37 15.59 67.21
C LYS K 325 15.40 15.15 68.24
N THR K 326 15.99 16.10 68.96
CA THR K 326 16.97 15.77 69.98
C THR K 326 16.35 14.94 71.09
N ILE K 327 15.14 15.30 71.51
CA ILE K 327 14.48 14.55 72.58
C ILE K 327 14.19 13.13 72.13
N SER K 328 13.68 12.97 70.90
CA SER K 328 13.31 11.64 70.44
C SER K 328 14.52 10.80 70.07
N LYS K 329 15.68 11.41 69.82
CA LYS K 329 16.87 10.61 69.52
C LYS K 329 17.31 9.78 70.72
N LEU K 330 16.89 10.17 71.93
CA LEU K 330 17.30 9.43 73.11
C LEU K 330 16.71 8.03 73.15
N ARG K 331 15.64 7.78 72.39
CA ARG K 331 15.03 6.46 72.38
C ARG K 331 15.97 5.39 71.85
N ARG K 332 17.04 5.79 71.16
CA ARG K 332 17.97 4.81 70.60
C ARG K 332 18.71 4.07 71.70
N LYS K 333 19.24 4.80 72.69
CA LYS K 333 20.06 4.15 73.71
C LYS K 333 19.25 3.28 74.64
N LEU K 334 17.93 3.38 74.63
CA LEU K 334 17.11 2.50 75.44
C LEU K 334 17.21 1.05 74.99
N GLY K 335 17.72 0.80 73.79
CA GLY K 335 17.93 -0.57 73.36
C GLY K 335 16.62 -1.26 73.03
N ARG K 336 16.53 -2.52 73.43
CA ARG K 336 15.37 -3.35 73.07
C ARG K 336 14.07 -2.78 73.59
N HIS K 337 14.11 -2.04 74.70
CA HIS K 337 12.90 -1.53 75.32
C HIS K 337 12.32 -0.32 74.60
N GLY K 338 13.10 0.35 73.77
CA GLY K 338 12.63 1.56 73.13
C GLY K 338 11.65 1.31 72.01
N LEU K 339 11.58 0.07 71.53
CA LEU K 339 10.71 -0.24 70.41
C LEU K 339 9.24 -0.06 70.79
N LYS K 340 8.87 -0.42 72.01
CA LYS K 340 7.50 -0.27 72.44
C LYS K 340 7.26 1.14 72.97
N LEU K 341 6.21 1.80 72.47
CA LEU K 341 5.97 3.19 72.81
C LEU K 341 4.94 3.39 73.91
N SER K 342 4.11 2.39 74.19
CA SER K 342 3.11 2.56 75.24
C SER K 342 3.68 2.36 76.64
N LYS K 343 4.90 1.86 76.76
CA LYS K 343 5.50 1.52 78.05
C LYS K 343 6.54 2.55 78.49
N LEU K 344 6.62 3.69 77.83
CA LEU K 344 7.62 4.69 78.12
C LEU K 344 7.00 5.89 78.82
N VAL K 345 7.84 6.66 79.50
CA VAL K 345 7.45 7.88 80.17
C VAL K 345 8.51 8.93 79.91
N LEU K 346 8.08 10.12 79.49
CA LEU K 346 8.99 11.22 79.18
C LEU K 346 8.78 12.36 80.16
N ILE K 347 9.88 12.90 80.68
CA ILE K 347 9.85 14.04 81.59
C ILE K 347 10.90 15.02 81.14
N VAL K 348 10.52 16.29 80.99
CA VAL K 348 11.44 17.33 80.57
C VAL K 348 11.36 18.49 81.57
N SER K 349 12.44 19.26 81.62
CA SER K 349 12.49 20.38 82.53
C SER K 349 11.71 21.56 81.97
N MET K 350 11.72 22.67 82.72
CA MET K 350 10.99 23.85 82.31
C MET K 350 11.58 24.46 81.04
N ASP K 351 12.89 24.70 81.04
CA ASP K 351 13.51 25.36 79.91
C ASP K 351 13.39 24.54 78.65
N ALA K 352 13.45 23.21 78.77
CA ALA K 352 13.22 22.36 77.61
C ALA K 352 11.84 22.59 77.04
N TYR K 353 10.83 22.70 77.91
CA TYR K 353 9.47 22.91 77.43
C TYR K 353 9.34 24.26 76.73
N TYR K 354 9.91 25.30 77.32
CA TYR K 354 9.82 26.61 76.70
C TYR K 354 10.61 26.67 75.40
N ASP K 355 11.62 25.82 75.24
CA ASP K 355 12.30 25.75 73.96
C ASP K 355 11.48 24.96 72.94
N LEU K 356 10.78 23.92 73.40
CA LEU K 356 9.92 23.18 72.48
C LEU K 356 8.79 24.05 71.97
N LEU K 357 8.30 24.99 72.77
CA LEU K 357 7.23 25.85 72.29
C LEU K 357 7.69 26.73 71.13
N GLU K 358 8.98 27.05 71.07
CA GLU K 358 9.52 27.88 70.00
C GLU K 358 10.07 27.05 68.85
N ASP K 359 9.86 25.73 68.86
CA ASP K 359 10.46 24.86 67.86
C ASP K 359 9.94 25.18 66.47
N GLU K 360 10.87 25.29 65.51
CA GLU K 360 10.50 25.68 64.16
C GLU K 360 9.72 24.57 63.46
N GLU K 361 9.94 23.32 63.86
CA GLU K 361 9.35 22.19 63.16
C GLU K 361 7.93 21.87 63.62
N TRP K 362 7.36 22.64 64.55
CA TRP K 362 6.03 22.36 65.04
C TRP K 362 5.11 23.56 64.84
N GLN K 363 5.49 24.45 63.92
CA GLN K 363 4.80 25.73 63.77
C GLN K 363 3.65 25.68 62.78
N ASP K 364 3.92 25.33 61.52
CA ASP K 364 2.93 25.41 60.46
C ASP K 364 1.92 24.27 60.59
N VAL K 365 0.69 24.54 60.14
CA VAL K 365 -0.34 23.51 60.16
C VAL K 365 0.02 22.38 59.22
N ALA K 366 0.49 22.72 58.01
CA ALA K 366 0.82 21.69 57.03
C ALA K 366 1.96 20.80 57.51
N GLN K 367 2.76 21.26 58.47
CA GLN K 367 3.82 20.43 59.00
C GLN K 367 3.25 19.33 59.89
N VAL K 368 2.57 19.71 60.97
CA VAL K 368 2.12 18.77 61.98
C VAL K 368 0.62 18.98 62.17
N GLY K 369 -0.19 18.25 61.41
CA GLY K 369 -1.62 18.17 61.61
C GLY K 369 -2.30 19.47 61.99
N ASN K 370 -3.21 19.39 62.95
CA ASN K 370 -3.81 20.58 63.54
C ASN K 370 -3.23 20.89 64.91
N ASP K 371 -2.22 20.14 65.35
CA ASP K 371 -1.57 20.37 66.63
C ASP K 371 -0.44 21.37 66.52
N ALA K 372 -0.49 22.23 65.52
CA ALA K 372 0.55 23.22 65.35
C ALA K 372 0.55 24.19 66.52
N VAL K 373 1.74 24.71 66.86
CA VAL K 373 1.84 25.66 67.94
C VAL K 373 1.06 26.93 67.62
N LYS K 374 1.13 27.39 66.37
CA LYS K 374 0.49 28.64 66.00
C LYS K 374 -1.01 28.60 66.26
N LEU K 375 -1.61 27.43 66.20
CA LEU K 375 -3.04 27.31 66.46
C LEU K 375 -3.34 26.90 67.91
N GLN K 376 -2.37 26.35 68.63
CA GLN K 376 -2.59 25.91 69.99
C GLN K 376 -1.76 26.67 71.01
N GLY K 377 -0.47 26.86 70.75
CA GLY K 377 0.40 27.47 71.73
C GLY K 377 0.80 26.52 72.83
N GLN K 378 0.39 25.27 72.75
CA GLN K 378 0.62 24.31 73.83
C GLN K 378 1.04 22.98 73.18
N VAL K 379 2.16 22.44 73.63
CA VAL K 379 2.70 21.22 73.05
C VAL K 379 2.19 20.01 73.81
N GLY K 380 1.55 19.09 73.10
CA GLY K 380 1.05 17.88 73.71
C GLY K 380 2.04 16.74 73.63
N ARG K 381 1.73 15.73 72.83
CA ARG K 381 2.64 14.61 72.65
C ARG K 381 3.72 14.94 71.64
N ILE K 382 4.93 14.48 71.90
CA ILE K 382 6.08 14.71 71.04
C ILE K 382 6.53 13.38 70.46
N TYR K 383 6.46 13.25 69.14
CA TYR K 383 6.87 12.04 68.45
C TYR K 383 6.17 10.81 69.03
N GLY K 384 4.91 10.99 69.44
CA GLY K 384 4.16 9.93 70.06
C GLY K 384 4.34 9.80 71.55
N LEU K 385 5.29 10.51 72.16
CA LEU K 385 5.54 10.44 73.58
C LEU K 385 4.83 11.59 74.27
N PRO K 386 3.92 11.33 75.21
CA PRO K 386 3.35 12.43 76.00
C PRO K 386 4.43 13.11 76.82
N VAL K 387 4.29 14.43 76.97
CA VAL K 387 5.29 15.27 77.62
C VAL K 387 4.76 15.73 78.95
N VAL K 388 5.57 15.55 80.00
CA VAL K 388 5.24 15.98 81.35
C VAL K 388 6.39 16.83 81.85
N VAL K 389 6.06 18.01 82.37
CA VAL K 389 7.06 18.98 82.80
C VAL K 389 7.30 18.82 84.29
N SER K 390 8.57 18.79 84.68
CA SER K 390 8.97 18.81 86.07
C SER K 390 10.00 19.90 86.26
N GLU K 391 10.06 20.45 87.46
CA GLU K 391 10.96 21.54 87.76
C GLU K 391 12.14 21.14 88.63
N TYR K 392 12.16 19.90 89.12
CA TYR K 392 13.17 19.45 90.06
C TYR K 392 14.44 18.95 89.39
N PHE K 393 14.66 19.32 88.14
CA PHE K 393 15.91 19.03 87.48
C PHE K 393 17.01 19.94 88.01
N PRO K 394 18.27 19.56 87.85
CA PRO K 394 19.36 20.46 88.23
C PRO K 394 19.34 21.72 87.39
N ALA K 395 19.97 22.76 87.91
CA ALA K 395 19.94 24.07 87.27
C ALA K 395 20.58 24.00 85.89
N LYS K 396 19.99 24.75 84.95
CA LYS K 396 20.47 24.77 83.57
C LYS K 396 21.91 25.23 83.48
N ALA K 397 22.81 24.34 83.08
CA ALA K 397 24.22 24.66 82.94
C ALA K 397 24.86 23.62 82.04
N ALA K 398 26.18 23.71 81.91
CA ALA K 398 26.92 22.77 81.08
C ALA K 398 26.91 21.38 81.72
N GLY K 399 26.73 20.36 80.89
CA GLY K 399 26.76 19.00 81.38
C GLY K 399 25.67 18.67 82.38
N LYS K 400 24.50 19.26 82.21
CA LYS K 400 23.37 19.02 83.10
C LYS K 400 22.20 18.50 82.29
N GLU K 401 21.44 17.59 82.89
CA GLU K 401 20.37 16.92 82.19
C GLU K 401 19.15 17.80 82.06
N PHE K 402 18.36 17.55 81.02
CA PHE K 402 17.11 18.26 80.81
C PHE K 402 15.96 17.37 80.35
N ALA K 403 16.15 16.06 80.27
CA ALA K 403 15.08 15.17 79.86
C ALA K 403 15.41 13.76 80.30
N VAL K 404 14.39 13.03 80.75
CA VAL K 404 14.57 11.67 81.22
C VAL K 404 13.45 10.80 80.66
N ILE K 405 13.82 9.67 80.06
CA ILE K 405 12.87 8.66 79.61
C ILE K 405 13.16 7.39 80.39
N VAL K 406 12.12 6.78 80.93
CA VAL K 406 12.26 5.61 81.79
C VAL K 406 11.30 4.53 81.33
N TYR K 407 11.77 3.29 81.33
CA TYR K 407 10.88 2.14 81.19
C TYR K 407 10.02 2.06 82.44
N LYS K 408 8.72 2.29 82.30
CA LYS K 408 7.88 2.55 83.46
C LYS K 408 7.78 1.35 84.38
N ASP K 409 7.50 0.17 83.84
CA ASP K 409 7.22 -0.97 84.68
C ASP K 409 8.47 -1.74 85.09
N ASN K 410 9.62 -1.08 85.12
CA ASN K 410 10.83 -1.73 85.60
C ASN K 410 11.23 -1.29 87.01
N PHE K 411 10.48 -0.39 87.62
CA PHE K 411 10.82 0.19 88.91
C PHE K 411 9.76 -0.14 89.94
N VAL K 412 10.12 -0.05 91.22
CA VAL K 412 9.24 -0.46 92.31
C VAL K 412 9.32 0.52 93.47
N MET K 413 8.46 0.28 94.46
CA MET K 413 8.32 1.09 95.67
C MET K 413 8.36 0.19 96.89
N PRO K 414 9.53 -0.30 97.27
CA PRO K 414 9.61 -1.09 98.50
C PRO K 414 9.32 -0.23 99.72
N ARG K 415 8.21 -0.51 100.40
CA ARG K 415 7.74 0.32 101.50
C ARG K 415 7.38 -0.56 102.68
N GLN K 416 7.96 -0.24 103.85
CA GLN K 416 7.67 -0.99 105.07
C GLN K 416 6.52 -0.37 105.85
N ARG K 417 6.60 0.93 106.13
CA ARG K 417 5.52 1.65 106.79
C ARG K 417 5.26 2.95 106.07
N ALA K 418 4.01 3.39 106.09
CA ALA K 418 3.59 4.58 105.36
C ALA K 418 3.94 5.84 106.13
N VAL K 419 3.38 6.97 105.71
CA VAL K 419 3.60 8.24 106.40
C VAL K 419 2.72 8.28 107.64
N THR K 420 3.34 8.38 108.81
CA THR K 420 2.64 8.40 110.08
C THR K 420 3.05 9.62 110.88
N VAL K 421 2.07 10.28 111.49
CA VAL K 421 2.30 11.45 112.32
C VAL K 421 2.17 11.01 113.78
N GLU K 422 2.90 11.66 114.67
CA GLU K 422 2.89 11.33 116.09
C GLU K 422 3.00 12.60 116.90
N ARG K 423 2.26 12.65 118.01
CA ARG K 423 2.20 13.82 118.88
C ARG K 423 2.68 13.43 120.27
N GLU K 424 3.60 14.22 120.82
CA GLU K 424 4.13 13.98 122.15
C GLU K 424 4.16 15.30 122.92
N ARG K 425 3.72 15.26 124.17
CA ARG K 425 3.69 16.44 125.02
C ARG K 425 4.86 16.36 125.99
N GLN K 426 5.90 17.16 125.75
CA GLN K 426 7.07 17.23 126.61
C GLN K 426 6.79 18.27 127.69
N ALA K 427 5.92 17.90 128.65
CA ALA K 427 5.47 18.83 129.66
C ALA K 427 6.61 19.43 130.47
N GLY K 428 7.69 18.69 130.68
CA GLY K 428 8.83 19.26 131.37
C GLY K 428 9.43 20.42 130.62
N LYS K 429 9.28 20.42 129.30
CA LYS K 429 9.75 21.49 128.44
C LYS K 429 8.61 22.40 127.98
N GLN K 430 7.36 21.98 128.17
CA GLN K 430 6.19 22.69 127.67
C GLN K 430 6.26 22.91 126.17
N ARG K 431 6.44 21.83 125.43
CA ARG K 431 6.33 21.86 123.98
C ARG K 431 5.28 20.85 123.53
N ASP K 432 5.14 20.73 122.22
CA ASP K 432 4.34 19.68 121.62
C ASP K 432 5.08 19.20 120.37
N ALA K 433 5.97 18.24 120.54
CA ALA K 433 6.76 17.75 119.42
C ALA K 433 5.90 16.94 118.48
N TYR K 434 6.12 17.11 117.19
CA TYR K 434 5.41 16.38 116.16
C TYR K 434 6.41 15.60 115.33
N TYR K 435 6.19 14.30 115.18
CA TYR K 435 7.09 13.43 114.46
C TYR K 435 6.37 12.78 113.29
N VAL K 436 7.00 12.80 112.13
CA VAL K 436 6.49 12.15 110.94
C VAL K 436 7.56 11.21 110.41
N THR K 437 7.20 9.97 110.14
CA THR K 437 8.15 8.96 109.71
C THR K 437 7.55 8.12 108.59
N GLN K 438 8.43 7.57 107.76
CA GLN K 438 8.04 6.65 106.70
C GLN K 438 9.27 5.89 106.25
N ARG K 439 9.03 4.79 105.55
CA ARG K 439 10.10 3.93 105.06
C ARG K 439 9.83 3.56 103.61
N VAL K 440 10.66 4.06 102.69
CA VAL K 440 10.52 3.78 101.26
C VAL K 440 11.90 3.75 100.62
N ASN K 441 11.93 3.24 99.39
CA ASN K 441 13.15 3.16 98.59
C ASN K 441 12.74 3.03 97.14
N LEU K 442 13.72 3.19 96.25
CA LEU K 442 13.48 3.08 94.82
C LEU K 442 14.43 2.06 94.22
N GLN K 443 13.88 0.96 93.73
CA GLN K 443 14.67 -0.12 93.18
C GLN K 443 14.14 -0.50 91.81
N ARG K 444 14.95 -1.23 91.06
CA ARG K 444 14.53 -1.74 89.76
C ARG K 444 14.87 -3.21 89.66
N TYR K 445 14.02 -3.95 88.94
CA TYR K 445 14.26 -5.37 88.76
C TYR K 445 15.60 -5.63 88.08
N PHE K 446 15.87 -4.92 86.99
CA PHE K 446 17.06 -5.19 86.17
C PHE K 446 17.86 -3.93 85.97
N GLU K 447 19.10 -4.10 85.53
CA GLU K 447 20.09 -3.02 85.51
C GLU K 447 20.09 -2.31 84.16
N ASN K 448 18.91 -1.84 83.76
CA ASN K 448 18.75 -1.08 82.51
C ASN K 448 17.37 -0.43 82.55
N GLY K 449 17.05 0.31 81.50
CA GLY K 449 15.73 0.90 81.36
C GLY K 449 15.63 2.39 81.60
N VAL K 450 16.75 3.12 81.61
CA VAL K 450 16.73 4.55 81.84
C VAL K 450 17.70 5.23 80.88
N VAL K 451 17.32 6.43 80.44
CA VAL K 451 18.15 7.24 79.57
C VAL K 451 17.84 8.70 79.85
N SER K 452 18.88 9.53 79.87
CA SER K 452 18.73 10.95 80.16
C SER K 452 19.65 11.75 79.27
N GLY K 453 19.12 12.83 78.70
CA GLY K 453 19.91 13.71 77.85
C GLY K 453 20.40 14.92 78.60
N ALA K 454 21.60 15.39 78.27
CA ALA K 454 22.21 16.51 78.97
C ALA K 454 22.64 17.58 77.99
N TYR K 455 22.86 18.78 78.53
CA TYR K 455 23.33 19.89 77.74
C TYR K 455 24.73 19.62 77.21
N ALA K 456 25.11 20.35 76.18
CA ALA K 456 26.38 20.11 75.50
C ALA K 456 27.55 20.48 76.40
N ALA K 457 28.75 20.19 75.94
CA ALA K 457 29.99 20.45 76.65
C ALA K 457 29.98 19.79 78.02
N ASN L 162 -34.10 84.56 48.64
CA ASN L 162 -33.68 85.55 49.63
C ASN L 162 -33.10 86.77 48.92
N GLN L 163 -33.74 87.92 49.12
CA GLN L 163 -33.32 89.19 48.53
C GLN L 163 -33.37 89.14 47.00
N SER L 164 -34.22 88.29 46.46
CA SER L 164 -34.36 88.17 45.00
C SER L 164 -35.77 88.45 44.52
N SER L 165 -36.79 88.00 45.23
CA SER L 165 -38.16 88.27 44.86
C SER L 165 -38.59 89.63 45.39
N SER L 166 -39.88 89.95 45.20
CA SER L 166 -40.41 91.18 45.76
C SER L 166 -40.64 91.07 47.26
N VAL L 167 -41.16 89.96 47.74
CA VAL L 167 -41.49 89.75 49.14
C VAL L 167 -40.54 88.72 49.71
N GLU L 168 -39.77 89.11 50.73
CA GLU L 168 -38.76 88.21 51.28
C GLU L 168 -38.70 88.34 52.80
N VAL L 169 -37.95 87.43 53.40
CA VAL L 169 -37.93 87.21 54.85
C VAL L 169 -36.96 88.19 55.50
N SER L 170 -37.23 88.53 56.77
CA SER L 170 -36.47 89.56 57.47
C SER L 170 -35.03 89.15 57.70
N SER L 171 -34.80 87.97 58.27
CA SER L 171 -33.47 87.61 58.72
C SER L 171 -33.24 86.12 58.54
N GLU L 172 -31.95 85.74 58.53
CA GLU L 172 -31.56 84.38 58.22
C GLU L 172 -32.08 83.37 59.24
N SER L 173 -32.30 83.80 60.49
CA SER L 173 -32.78 82.85 61.49
C SER L 173 -34.14 82.28 61.13
N TYR L 174 -34.93 83.02 60.36
CA TYR L 174 -36.21 82.54 59.87
C TYR L 174 -36.07 81.73 58.59
N GLU L 175 -34.85 81.30 58.26
CA GLU L 175 -34.60 80.43 57.12
C GLU L 175 -33.93 79.12 57.51
N THR L 176 -33.57 78.95 58.77
CA THR L 176 -32.84 77.78 59.23
C THR L 176 -33.67 77.03 60.26
N ILE L 177 -33.65 75.71 60.19
CA ILE L 177 -34.25 74.87 61.21
C ILE L 177 -33.17 74.35 62.12
N PHE L 178 -33.10 74.88 63.33
CA PHE L 178 -32.12 74.46 64.33
C PHE L 178 -32.59 73.14 64.91
N SER L 179 -31.73 72.14 64.82
CA SER L 179 -32.02 70.82 65.36
C SER L 179 -31.37 70.67 66.71
N GLN L 180 -32.13 70.14 67.67
CA GLN L 180 -31.63 69.86 69.00
C GLN L 180 -30.68 68.66 69.02
N ARG L 181 -30.59 67.93 67.92
CA ARG L 181 -29.87 66.67 67.88
C ARG L 181 -28.38 66.90 68.11
N ILE L 182 -27.76 66.04 68.91
CA ILE L 182 -26.35 66.13 69.25
C ILE L 182 -25.67 64.85 68.79
N ILE L 183 -24.51 65.00 68.16
CA ILE L 183 -23.75 63.87 67.68
C ILE L 183 -22.32 63.95 68.22
N ARG L 184 -21.67 62.78 68.29
CA ARG L 184 -20.34 62.70 68.84
C ARG L 184 -19.50 61.75 67.99
N ASP L 185 -18.22 62.08 67.87
CA ASP L 185 -17.28 61.29 67.09
C ASP L 185 -16.91 60.02 67.87
N LEU L 186 -16.17 59.13 67.20
CA LEU L 186 -15.76 57.89 67.85
C LEU L 186 -14.78 58.18 68.98
N GLN L 187 -14.97 57.50 70.10
CA GLN L 187 -14.13 57.68 71.27
C GLN L 187 -13.38 56.40 71.57
N LYS L 188 -12.18 56.54 72.13
CA LYS L 188 -11.36 55.39 72.47
C LYS L 188 -12.09 54.53 73.49
N GLU L 189 -12.20 53.24 73.19
CA GLU L 189 -12.95 52.33 74.04
C GLU L 189 -12.18 52.02 75.32
N LEU L 190 -12.94 51.70 76.37
CA LEU L 190 -12.41 51.42 77.69
C LEU L 190 -12.11 49.93 77.76
N VAL L 191 -10.88 49.57 78.13
CA VAL L 191 -10.47 48.17 78.19
C VAL L 191 -9.89 47.79 79.55
N VAL L 192 -8.98 48.60 80.11
CA VAL L 192 -8.26 48.19 81.31
C VAL L 192 -8.97 48.62 82.59
N GLY L 193 -10.03 49.41 82.48
CA GLY L 193 -10.65 49.96 83.68
C GLY L 193 -11.23 48.92 84.61
N ALA L 194 -11.97 47.95 84.07
CA ALA L 194 -12.85 47.13 84.89
C ALA L 194 -12.75 45.66 84.52
N LEU L 195 -11.53 45.12 84.43
CA LEU L 195 -11.37 43.68 84.29
C LEU L 195 -10.77 43.03 85.52
N PHE L 196 -9.96 43.75 86.29
CA PHE L 196 -9.29 43.18 87.45
C PHE L 196 -10.27 42.97 88.59
N GLU L 197 -9.93 42.05 89.47
CA GLU L 197 -10.73 41.83 90.67
C GLU L 197 -10.57 43.01 91.62
N GLU L 198 -11.62 43.27 92.38
CA GLU L 198 -11.67 44.41 93.29
C GLU L 198 -11.52 43.93 94.73
N LEU L 199 -10.65 44.60 95.48
CA LEU L 199 -10.42 44.27 96.88
C LEU L 199 -11.11 45.30 97.76
N PRO L 200 -12.16 44.95 98.49
CA PRO L 200 -12.86 45.95 99.30
C PRO L 200 -12.09 46.26 100.57
N MET L 201 -11.72 47.53 100.73
CA MET L 201 -10.99 47.98 101.89
C MET L 201 -11.93 48.56 102.93
N SER L 202 -11.42 48.68 104.16
CA SER L 202 -12.19 49.31 105.23
C SER L 202 -11.33 50.20 106.12
N SER L 203 -10.06 50.39 105.80
CA SER L 203 -9.18 51.25 106.58
C SER L 203 -8.15 51.84 105.64
N LYS L 204 -7.25 52.63 106.20
CA LYS L 204 -6.23 53.26 105.36
C LYS L 204 -5.30 52.22 104.75
N ILE L 205 -4.89 51.23 105.53
CA ILE L 205 -3.91 50.24 105.10
C ILE L 205 -4.45 48.86 105.44
N LEU L 206 -4.32 47.92 104.51
CA LEU L 206 -4.67 46.53 104.73
C LEU L 206 -3.42 45.68 104.61
N THR L 207 -3.19 44.80 105.57
CA THR L 207 -2.01 43.96 105.61
C THR L 207 -2.42 42.50 105.60
N MET L 208 -1.77 41.71 104.75
CA MET L 208 -2.06 40.30 104.58
C MET L 208 -0.85 39.48 105.02
N LEU L 209 -0.94 38.16 104.84
CA LEU L 209 0.10 37.24 105.28
C LEU L 209 0.54 36.33 104.14
N VAL L 210 1.84 36.09 104.06
CA VAL L 210 2.43 35.24 103.02
C VAL L 210 3.11 34.05 103.69
N GLU L 211 2.73 32.86 103.24
CA GLU L 211 3.27 31.64 103.83
C GLU L 211 4.67 31.36 103.27
N PRO L 212 5.60 30.88 104.09
CA PRO L 212 6.97 30.68 103.61
C PRO L 212 7.13 29.49 102.68
N ASP L 213 8.38 29.18 102.35
CA ASP L 213 8.71 28.16 101.38
C ASP L 213 8.64 26.77 102.01
N ALA L 214 9.11 25.78 101.25
CA ALA L 214 9.03 24.38 101.66
C ALA L 214 10.20 24.00 102.55
N GLY L 215 10.00 22.93 103.31
CA GLY L 215 11.01 22.37 104.19
C GLY L 215 11.79 21.25 103.55
N ARG L 216 12.36 20.39 104.38
CA ARG L 216 13.17 19.28 103.91
C ARG L 216 13.36 18.27 105.03
N ALA L 217 13.00 17.02 104.78
CA ALA L 217 13.18 15.97 105.77
C ALA L 217 14.63 15.50 105.76
N THR L 218 14.91 14.38 106.42
CA THR L 218 16.26 13.83 106.43
C THR L 218 16.20 12.32 106.56
N TRP L 219 17.24 11.67 106.09
CA TRP L 219 17.32 10.21 106.06
C TRP L 219 18.15 9.74 107.25
N VAL L 220 17.54 8.92 108.10
CA VAL L 220 18.22 8.42 109.28
C VAL L 220 18.91 7.11 108.93
N ALA L 221 20.12 6.95 109.44
CA ALA L 221 20.87 5.72 109.22
C ALA L 221 20.29 4.59 110.06
N ALA L 222 20.65 3.36 109.72
CA ALA L 222 20.23 2.22 110.52
C ALA L 222 21.01 2.15 111.83
N SER L 223 22.14 2.84 111.91
CA SER L 223 22.96 2.79 113.11
C SER L 223 22.23 3.38 114.31
N ALA L 224 21.52 4.49 114.11
CA ALA L 224 20.88 5.22 115.19
C ALA L 224 19.40 4.91 115.32
N TYR L 225 19.00 3.66 115.07
CA TYR L 225 17.58 3.32 115.10
C TYR L 225 16.98 3.50 116.50
N GLY L 226 17.73 3.13 117.53
CA GLY L 226 17.19 3.18 118.88
C GLY L 226 17.50 4.45 119.66
N SER L 227 18.44 5.25 119.17
CA SER L 227 18.85 6.44 119.89
C SER L 227 17.85 7.57 119.64
N ASP L 228 18.23 8.80 120.00
CA ASP L 228 17.33 9.94 119.84
C ASP L 228 17.33 10.51 118.43
N ASN L 229 18.31 10.16 117.61
CA ASN L 229 18.36 10.65 116.24
C ASN L 229 17.35 9.94 115.34
N THR L 230 16.54 9.06 115.89
CA THR L 230 15.58 8.33 115.06
C THR L 230 14.58 9.26 114.41
N THR L 231 14.21 10.34 115.10
CA THR L 231 13.24 11.27 114.54
C THR L 231 13.85 12.23 113.53
N GLY L 232 15.17 12.37 113.51
CA GLY L 232 15.79 13.18 112.49
C GLY L 232 15.92 14.65 112.86
N SER L 233 15.87 15.49 111.83
CA SER L 233 16.10 16.92 112.01
C SER L 233 14.79 17.68 112.08
N GLU L 234 14.91 19.00 112.14
CA GLU L 234 13.80 19.90 112.42
C GLU L 234 13.59 20.87 111.27
N VAL L 235 12.32 21.12 110.94
CA VAL L 235 11.94 22.05 109.89
C VAL L 235 11.38 23.32 110.52
N THR L 236 11.87 24.47 110.06
CA THR L 236 11.49 25.76 110.61
C THR L 236 10.98 26.66 109.49
N GLY L 237 10.04 27.54 109.85
CA GLY L 237 9.46 28.44 108.88
C GLY L 237 8.85 29.68 109.50
N ALA L 238 9.00 30.82 108.85
CA ALA L 238 8.51 32.10 109.36
C ALA L 238 7.57 32.73 108.34
N LEU L 239 6.46 33.26 108.82
CA LEU L 239 5.49 33.90 107.94
C LEU L 239 5.99 35.28 107.54
N THR L 240 5.30 35.88 106.58
CA THR L 240 5.63 37.23 106.11
C THR L 240 4.35 37.93 105.67
N GLU L 241 4.42 39.25 105.57
CA GLU L 241 3.25 40.09 105.37
C GLU L 241 3.43 41.01 104.16
N ILE L 242 2.28 41.44 103.61
CA ILE L 242 2.24 42.38 102.49
C ILE L 242 1.25 43.48 102.84
N HIS L 243 1.38 44.62 102.16
CA HIS L 243 0.60 45.80 102.47
C HIS L 243 -0.13 46.32 101.24
N PHE L 244 -1.22 47.04 101.49
CA PHE L 244 -2.03 47.65 100.44
C PHE L 244 -2.44 49.05 100.87
N SER L 245 -2.80 49.89 99.89
CA SER L 245 -3.26 51.24 100.17
C SER L 245 -4.00 51.77 98.94
N THR L 246 -4.50 53.00 99.04
CA THR L 246 -5.31 53.59 97.98
C THR L 246 -5.00 55.07 97.82
N TYR L 247 -5.37 55.60 96.67
CA TYR L 247 -5.30 57.02 96.34
C TYR L 247 -6.70 57.54 96.05
N LYS L 248 -6.82 58.87 95.92
CA LYS L 248 -8.11 59.53 95.78
C LYS L 248 -8.18 60.29 94.48
N LEU L 249 -9.32 60.21 93.81
CA LEU L 249 -9.56 60.89 92.54
C LEU L 249 -10.82 61.74 92.68
N ALA L 250 -10.80 62.95 92.11
CA ALA L 250 -11.88 63.89 92.32
C ALA L 250 -12.08 64.80 91.12
N ALA L 251 -13.31 65.30 90.98
CA ALA L 251 -13.66 66.29 89.98
C ALA L 251 -14.95 66.98 90.41
N LYS L 252 -15.18 68.19 89.90
CA LYS L 252 -16.29 69.01 90.34
C LYS L 252 -16.78 69.88 89.20
N SER L 253 -18.00 70.38 89.33
CA SER L 253 -18.58 71.26 88.32
C SER L 253 -19.69 72.08 88.94
N PHE L 254 -20.08 73.15 88.25
CA PHE L 254 -21.10 74.07 88.72
C PHE L 254 -22.10 74.38 87.63
N ILE L 255 -23.36 74.49 88.01
CA ILE L 255 -24.42 74.94 87.10
C ILE L 255 -25.30 75.93 87.85
N THR L 256 -25.64 77.03 87.21
CA THR L 256 -26.45 78.03 87.89
C THR L 256 -27.91 77.83 87.57
N ASP L 257 -28.73 78.78 88.03
CA ASP L 257 -30.17 78.72 87.81
C ASP L 257 -30.63 79.54 86.62
N GLU L 258 -29.69 80.12 85.85
CA GLU L 258 -30.03 80.89 84.67
C GLU L 258 -29.76 80.13 83.39
N THR L 259 -29.60 78.83 83.44
CA THR L 259 -29.31 78.10 82.21
C THR L 259 -30.28 76.97 81.95
N GLU L 260 -30.95 76.45 82.99
CA GLU L 260 -31.94 75.42 82.75
C GLU L 260 -33.18 76.00 82.07
N GLU L 261 -33.44 77.28 82.29
CA GLU L 261 -34.57 77.94 81.66
C GLU L 261 -34.16 78.84 80.51
N ASP L 262 -32.93 79.35 80.54
CA ASP L 262 -32.39 80.19 79.48
C ASP L 262 -31.76 79.36 78.37
N ALA L 263 -32.52 78.38 77.90
CA ALA L 263 -32.15 77.48 76.81
C ALA L 263 -33.36 76.61 76.53
N ILE L 264 -33.52 76.22 75.26
CA ILE L 264 -34.67 75.41 74.91
C ILE L 264 -34.52 74.00 75.48
N PHE L 265 -33.29 73.51 75.60
CA PHE L 265 -33.04 72.16 76.09
C PHE L 265 -32.19 72.23 77.35
N SER L 266 -32.43 71.27 78.23
CA SER L 266 -31.68 71.22 79.49
C SER L 266 -30.23 70.83 79.23
N LEU L 267 -29.39 71.10 80.22
CA LEU L 267 -27.96 70.86 80.10
C LEU L 267 -27.43 69.91 81.18
N LEU L 268 -28.26 69.51 82.12
CA LEU L 268 -27.80 68.70 83.24
C LEU L 268 -27.26 67.33 82.81
N PRO L 269 -27.97 66.55 81.99
CA PRO L 269 -27.45 65.23 81.64
C PRO L 269 -26.09 65.28 81.00
N LEU L 270 -25.85 66.30 80.16
CA LEU L 270 -24.53 66.48 79.57
C LEU L 270 -23.47 66.63 80.66
N LEU L 271 -23.75 67.49 81.65
CA LEU L 271 -22.77 67.72 82.71
C LEU L 271 -22.47 66.45 83.49
N ARG L 272 -23.51 65.74 83.91
CA ARG L 272 -23.30 64.55 84.71
C ARG L 272 -22.52 63.49 83.93
N LYS L 273 -22.93 63.24 82.69
CA LYS L 273 -22.26 62.20 81.91
C LYS L 273 -20.83 62.59 81.61
N ARG L 274 -20.56 63.88 81.40
CA ARG L 274 -19.19 64.32 81.17
C ARG L 274 -18.33 64.10 82.41
N LEU L 275 -18.88 64.37 83.59
CA LEU L 275 -18.12 64.11 84.81
C LEU L 275 -17.77 62.63 84.93
N ILE L 276 -18.77 61.76 84.73
CA ILE L 276 -18.54 60.33 84.89
C ILE L 276 -17.48 59.84 83.91
N GLU L 277 -17.62 60.23 82.63
CA GLU L 277 -16.69 59.74 81.63
C GLU L 277 -15.29 60.34 81.82
N ALA L 278 -15.19 61.55 82.38
CA ALA L 278 -13.88 62.08 82.71
C ALA L 278 -13.21 61.24 83.79
N HIS L 279 -13.99 60.81 84.79
CA HIS L 279 -13.42 59.93 85.81
C HIS L 279 -12.91 58.64 85.17
N ALA L 280 -13.70 58.04 84.30
CA ALA L 280 -13.30 56.79 83.66
C ALA L 280 -12.03 56.97 82.83
N VAL L 281 -11.96 58.05 82.05
CA VAL L 281 -10.80 58.31 81.22
C VAL L 281 -9.55 58.43 82.08
N SER L 282 -9.64 59.22 83.16
CA SER L 282 -8.45 59.41 83.98
C SER L 282 -8.02 58.12 84.67
N ILE L 283 -8.97 57.32 85.13
CA ILE L 283 -8.58 56.10 85.82
C ILE L 283 -7.91 55.13 84.86
N GLU L 284 -8.42 55.00 83.63
CA GLU L 284 -7.75 54.10 82.70
C GLU L 284 -6.37 54.60 82.31
N GLU L 285 -6.25 55.90 82.07
CA GLU L 285 -4.96 56.46 81.71
C GLU L 285 -3.95 56.29 82.84
N ALA L 286 -4.39 56.35 84.08
CA ALA L 286 -3.46 56.16 85.20
C ALA L 286 -3.13 54.69 85.38
N PHE L 287 -4.09 53.80 85.13
CA PHE L 287 -3.82 52.37 85.28
C PHE L 287 -2.81 51.89 84.24
N MET L 288 -2.90 52.39 83.01
CA MET L 288 -1.95 51.97 81.99
C MET L 288 -0.53 52.37 82.33
N THR L 289 -0.26 53.68 82.43
CA THR L 289 1.11 54.15 82.61
C THR L 289 1.24 55.15 83.75
N GLY L 290 0.47 55.00 84.81
CA GLY L 290 0.59 55.91 85.93
C GLY L 290 1.94 55.80 86.60
N ASP L 291 2.41 56.93 87.11
CA ASP L 291 3.67 56.99 87.81
C ASP L 291 3.46 56.53 89.26
N GLY L 292 4.45 56.76 90.12
CA GLY L 292 4.33 56.37 91.51
C GLY L 292 4.22 57.54 92.46
N SER L 293 4.02 58.74 91.92
CA SER L 293 3.96 59.96 92.73
C SER L 293 2.52 60.44 92.75
N GLY L 294 1.81 60.11 93.83
CA GLY L 294 0.44 60.54 93.96
C GLY L 294 -0.54 59.88 93.02
N LYS L 295 -0.08 58.93 92.21
CA LYS L 295 -0.92 58.21 91.27
C LYS L 295 -0.66 56.72 91.43
N PRO L 296 -1.65 55.88 91.13
CA PRO L 296 -1.40 54.43 91.12
C PRO L 296 -0.32 54.08 90.11
N LYS L 297 0.48 53.08 90.46
CA LYS L 297 1.56 52.66 89.57
C LYS L 297 1.00 51.89 88.39
N GLY L 298 1.37 52.30 87.18
CA GLY L 298 0.83 51.69 86.00
C GLY L 298 1.41 50.32 85.73
N LEU L 299 0.71 49.56 84.89
CA LEU L 299 1.16 48.21 84.56
C LEU L 299 2.54 48.24 83.91
N LEU L 300 2.74 49.13 82.95
CA LEU L 300 4.03 49.21 82.28
C LEU L 300 5.12 49.63 83.25
N THR L 301 4.81 50.56 84.16
CA THR L 301 5.80 50.93 85.17
C THR L 301 6.09 49.75 86.09
N LEU L 302 5.07 48.98 86.44
CA LEU L 302 5.29 47.79 87.26
C LEU L 302 6.24 46.82 86.56
N ALA L 303 6.01 46.58 85.27
CA ALA L 303 6.87 45.66 84.53
C ALA L 303 8.28 46.20 84.42
N SER L 304 8.43 47.49 84.13
CA SER L 304 9.75 48.06 83.96
C SER L 304 10.54 48.03 85.27
N GLU L 305 9.88 48.32 86.38
CA GLU L 305 10.59 48.29 87.66
C GLU L 305 10.89 46.87 88.11
N ASP L 306 10.24 45.87 87.51
CA ASP L 306 10.52 44.47 87.79
C ASP L 306 11.58 43.89 86.85
N SER L 307 12.17 44.73 86.00
CA SER L 307 13.15 44.29 85.01
C SER L 307 12.55 43.26 84.06
N ALA L 308 11.26 43.36 83.79
CA ALA L 308 10.58 42.50 82.83
C ALA L 308 10.41 43.18 81.48
N LYS L 309 11.02 44.33 81.28
CA LYS L 309 10.92 45.07 80.03
C LYS L 309 11.81 44.38 79.01
N VAL L 310 11.22 43.56 78.16
CA VAL L 310 11.97 42.84 77.14
C VAL L 310 12.26 43.80 75.99
N THR L 311 13.53 44.04 75.73
CA THR L 311 13.94 44.93 74.66
C THR L 311 14.08 44.11 73.38
N THR L 312 13.00 44.03 72.62
CA THR L 312 12.97 43.19 71.42
C THR L 312 13.77 43.87 70.31
N GLU L 313 13.72 43.28 69.11
CA GLU L 313 14.43 43.81 67.96
C GLU L 313 13.58 44.71 67.09
N ALA L 314 12.28 44.78 67.32
CA ALA L 314 11.42 45.62 66.50
C ALA L 314 11.80 47.09 66.66
N LYS L 315 11.89 47.79 65.53
CA LYS L 315 12.28 49.19 65.52
C LYS L 315 11.05 50.09 65.59
N ALA L 316 11.25 51.29 66.14
CA ALA L 316 10.14 52.22 66.28
C ALA L 316 9.87 52.99 65.01
N ASP L 317 10.85 53.07 64.11
CA ASP L 317 10.66 53.84 62.88
C ASP L 317 9.99 53.04 61.79
N GLY L 318 9.76 51.75 61.98
CA GLY L 318 9.06 50.96 60.99
C GLY L 318 9.94 50.12 60.10
N SER L 319 11.26 50.12 60.31
CA SER L 319 12.14 49.29 59.49
C SER L 319 11.86 47.81 59.76
N VAL L 320 11.62 47.45 61.01
CA VAL L 320 11.26 46.08 61.39
C VAL L 320 9.90 46.11 62.06
N LEU L 321 8.99 45.27 61.61
CA LEU L 321 7.66 45.24 62.17
C LEU L 321 7.63 44.43 63.46
N VAL L 322 6.43 44.26 64.00
CA VAL L 322 6.25 43.44 65.19
C VAL L 322 5.55 42.15 64.81
N THR L 323 6.18 41.02 65.12
CA THR L 323 5.72 39.72 64.66
C THR L 323 5.08 38.94 65.80
N ALA L 324 4.34 37.90 65.43
CA ALA L 324 3.69 37.04 66.42
C ALA L 324 4.72 36.33 67.29
N LYS L 325 5.83 35.90 66.70
CA LYS L 325 6.84 35.18 67.46
C LYS L 325 7.42 36.04 68.57
N THR L 326 7.59 37.34 68.31
CA THR L 326 8.14 38.22 69.33
C THR L 326 7.23 38.27 70.55
N ILE L 327 5.92 38.36 70.33
CA ILE L 327 4.98 38.35 71.45
C ILE L 327 5.00 37.00 72.16
N SER L 328 5.01 35.91 71.39
CA SER L 328 4.95 34.60 72.03
C SER L 328 6.22 34.30 72.83
N LYS L 329 7.35 34.92 72.45
CA LYS L 329 8.58 34.68 73.19
C LYS L 329 8.53 35.27 74.59
N LEU L 330 7.66 36.24 74.84
CA LEU L 330 7.60 36.86 76.16
C LEU L 330 7.17 35.87 77.24
N ARG L 331 6.40 34.85 76.89
CA ARG L 331 5.86 33.93 77.88
C ARG L 331 6.96 33.24 78.68
N ARG L 332 8.19 33.17 78.15
CA ARG L 332 9.27 32.57 78.91
C ARG L 332 9.59 33.38 80.17
N LYS L 333 9.63 34.70 80.05
CA LYS L 333 10.01 35.53 81.19
C LYS L 333 9.00 35.46 82.33
N LEU L 334 7.77 35.00 82.05
CA LEU L 334 6.82 34.80 83.13
C LEU L 334 7.22 33.64 84.04
N GLY L 335 8.07 32.74 83.54
CA GLY L 335 8.51 31.63 84.38
C GLY L 335 7.39 30.66 84.64
N ARG L 336 7.21 30.32 85.92
CA ARG L 336 6.24 29.30 86.29
C ARG L 336 4.82 29.73 85.99
N HIS L 337 4.52 31.03 86.08
CA HIS L 337 3.17 31.51 85.81
C HIS L 337 2.81 31.44 84.34
N GLY L 338 3.79 31.29 83.46
CA GLY L 338 3.51 31.26 82.04
C GLY L 338 3.14 29.92 81.48
N LEU L 339 3.15 28.85 82.29
CA LEU L 339 2.88 27.53 81.76
C LEU L 339 1.44 27.41 81.29
N LYS L 340 0.49 27.52 82.22
CA LYS L 340 -0.91 27.46 81.84
C LYS L 340 -1.26 28.69 81.04
N LEU L 341 -2.18 28.52 80.09
CA LEU L 341 -2.52 29.58 79.15
C LEU L 341 -3.80 30.32 79.50
N SER L 342 -4.75 29.66 80.16
CA SER L 342 -6.03 30.29 80.44
C SER L 342 -5.94 31.38 81.49
N LYS L 343 -4.80 31.53 82.16
CA LYS L 343 -4.64 32.52 83.22
C LYS L 343 -3.85 33.75 82.78
N LEU L 344 -3.74 33.99 81.49
CA LEU L 344 -2.99 35.12 80.97
C LEU L 344 -3.89 36.02 80.15
N VAL L 345 -3.47 37.28 80.01
CA VAL L 345 -4.17 38.25 79.19
C VAL L 345 -3.13 39.05 78.41
N LEU L 346 -3.37 39.21 77.11
CA LEU L 346 -2.45 39.93 76.24
C LEU L 346 -3.10 41.21 75.76
N ILE L 347 -2.39 42.33 75.91
CA ILE L 347 -2.90 43.66 75.55
C ILE L 347 -1.88 44.32 74.65
N VAL L 348 -2.27 44.67 73.43
CA VAL L 348 -1.37 45.24 72.44
C VAL L 348 -1.86 46.63 72.04
N SER L 349 -0.91 47.47 71.65
CA SER L 349 -1.25 48.81 71.21
C SER L 349 -1.90 48.76 69.82
N MET L 350 -2.43 49.91 69.40
CA MET L 350 -3.03 49.99 68.08
C MET L 350 -2.02 49.70 66.99
N ASP L 351 -0.88 50.41 67.02
CA ASP L 351 0.10 50.26 65.96
C ASP L 351 0.66 48.85 65.92
N ALA L 352 0.90 48.26 67.08
CA ALA L 352 1.35 46.88 67.12
C ALA L 352 0.30 45.95 66.52
N TYR L 353 -0.97 46.25 66.74
CA TYR L 353 -2.02 45.42 66.16
C TYR L 353 -2.01 45.52 64.64
N TYR L 354 -1.88 46.73 64.11
CA TYR L 354 -1.82 46.85 62.67
C TYR L 354 -0.58 46.17 62.10
N ASP L 355 0.54 46.20 62.82
CA ASP L 355 1.72 45.46 62.37
C ASP L 355 1.47 43.97 62.39
N LEU L 356 0.77 43.47 63.42
CA LEU L 356 0.40 42.07 63.45
C LEU L 356 -0.45 41.71 62.25
N LEU L 357 -1.28 42.64 61.79
CA LEU L 357 -2.12 42.35 60.64
C LEU L 357 -1.32 42.12 59.37
N GLU L 358 -0.06 42.58 59.32
CA GLU L 358 0.80 42.39 58.16
C GLU L 358 1.82 41.29 58.36
N ASP L 359 1.68 40.49 59.41
CA ASP L 359 2.66 39.45 59.70
C ASP L 359 2.66 38.41 58.59
N GLU L 360 3.86 38.08 58.10
CA GLU L 360 3.96 37.14 57.00
C GLU L 360 3.83 35.69 57.45
N GLU L 361 3.74 35.44 58.75
CA GLU L 361 3.56 34.10 59.27
C GLU L 361 2.10 33.74 59.45
N TRP L 362 1.17 34.62 59.11
CA TRP L 362 -0.25 34.35 59.30
C TRP L 362 -1.05 34.62 58.03
N GLN L 363 -0.36 34.72 56.90
CA GLN L 363 -1.02 35.05 55.64
C GLN L 363 -1.63 33.83 54.96
N ASP L 364 -0.83 32.82 54.66
CA ASP L 364 -1.25 31.70 53.84
C ASP L 364 -2.27 30.83 54.57
N VAL L 365 -3.18 30.24 53.80
CA VAL L 365 -4.12 29.28 54.38
C VAL L 365 -3.37 28.07 54.89
N ALA L 366 -2.44 27.55 54.10
CA ALA L 366 -1.69 26.37 54.51
C ALA L 366 -0.85 26.63 55.75
N GLN L 367 -0.43 27.87 55.98
CA GLN L 367 0.37 28.16 57.16
C GLN L 367 -0.45 28.02 58.43
N VAL L 368 -1.56 28.77 58.54
CA VAL L 368 -2.36 28.83 59.75
C VAL L 368 -3.80 28.54 59.36
N GLY L 369 -4.18 27.26 59.39
CA GLY L 369 -5.55 26.81 59.28
C GLY L 369 -6.45 27.57 58.33
N ASN L 370 -7.66 27.87 58.79
CA ASN L 370 -8.64 28.58 58.00
C ASN L 370 -8.68 30.07 58.32
N ASP L 371 -8.16 30.47 59.47
CA ASP L 371 -8.24 31.85 59.93
C ASP L 371 -7.15 32.74 59.36
N ALA L 372 -6.62 32.38 58.19
CA ALA L 372 -5.54 33.14 57.59
C ALA L 372 -5.94 34.60 57.39
N VAL L 373 -4.95 35.48 57.45
CA VAL L 373 -5.23 36.92 57.37
C VAL L 373 -5.82 37.27 56.02
N LYS L 374 -5.30 36.67 54.95
CA LYS L 374 -5.77 37.02 53.60
C LYS L 374 -7.26 36.78 53.45
N LEU L 375 -7.75 35.67 53.96
CA LEU L 375 -9.17 35.36 53.83
C LEU L 375 -10.02 36.08 54.88
N GLN L 376 -9.43 36.63 55.92
CA GLN L 376 -10.20 37.18 57.03
C GLN L 376 -9.94 38.66 57.25
N GLY L 377 -8.68 39.09 57.29
CA GLY L 377 -8.37 40.49 57.44
C GLY L 377 -8.27 40.97 58.87
N GLN L 378 -8.64 40.16 59.85
CA GLN L 378 -8.53 40.54 61.24
C GLN L 378 -7.95 39.39 62.04
N VAL L 379 -7.10 39.73 63.01
CA VAL L 379 -6.38 38.75 63.82
C VAL L 379 -7.12 38.56 65.13
N GLY L 380 -7.43 37.31 65.45
CA GLY L 380 -8.04 36.99 66.73
C GLY L 380 -7.05 36.37 67.69
N ARG L 381 -7.11 35.04 67.83
CA ARG L 381 -6.17 34.32 68.67
C ARG L 381 -4.80 34.29 68.01
N ILE L 382 -3.76 34.28 68.86
CA ILE L 382 -2.38 34.29 68.39
C ILE L 382 -1.54 33.44 69.33
N TYR L 383 -1.07 32.30 68.84
CA TYR L 383 -0.34 31.34 69.67
C TYR L 383 -1.13 30.95 70.91
N GLY L 384 -2.45 30.91 70.79
CA GLY L 384 -3.32 30.55 71.89
C GLY L 384 -3.80 31.71 72.72
N LEU L 385 -3.23 32.90 72.56
CA LEU L 385 -3.63 34.06 73.34
C LEU L 385 -4.61 34.90 72.55
N PRO L 386 -5.72 35.34 73.15
CA PRO L 386 -6.57 36.30 72.46
C PRO L 386 -5.90 37.67 72.39
N VAL L 387 -6.30 38.46 71.41
CA VAL L 387 -5.74 39.79 71.19
C VAL L 387 -6.68 40.82 71.78
N VAL L 388 -6.13 41.71 72.60
CA VAL L 388 -6.85 42.84 73.15
C VAL L 388 -6.11 44.11 72.76
N VAL L 389 -6.81 45.04 72.13
CA VAL L 389 -6.21 46.25 71.57
C VAL L 389 -6.58 47.43 72.46
N SER L 390 -5.58 48.22 72.83
CA SER L 390 -5.79 49.42 73.61
C SER L 390 -5.01 50.56 72.97
N GLU L 391 -5.50 51.79 73.21
CA GLU L 391 -4.92 52.97 72.61
C GLU L 391 -4.17 53.84 73.61
N TYR L 392 -4.09 53.42 74.87
CA TYR L 392 -3.51 54.24 75.92
C TYR L 392 -2.06 53.89 76.20
N PHE L 393 -1.43 53.10 75.34
CA PHE L 393 -0.01 52.89 75.43
C PHE L 393 0.71 54.20 75.13
N PRO L 394 1.95 54.35 75.60
CA PRO L 394 2.72 55.55 75.26
C PRO L 394 2.94 55.65 73.76
N ALA L 395 3.35 56.84 73.34
CA ALA L 395 3.56 57.11 71.93
C ALA L 395 4.69 56.25 71.38
N LYS L 396 4.56 55.87 70.11
CA LYS L 396 5.55 55.00 69.47
C LYS L 396 6.89 55.72 69.39
N ALA L 397 7.87 55.21 70.13
CA ALA L 397 9.21 55.77 70.12
C ALA L 397 10.18 54.69 70.57
N ALA L 398 11.47 55.02 70.55
CA ALA L 398 12.48 54.06 70.94
C ALA L 398 12.35 53.71 72.42
N GLY L 399 12.48 52.43 72.73
CA GLY L 399 12.42 51.99 74.12
C GLY L 399 11.08 52.22 74.78
N LYS L 400 9.99 52.00 74.07
CA LYS L 400 8.64 52.14 74.60
C LYS L 400 7.90 50.82 74.43
N GLU L 401 6.97 50.55 75.34
CA GLU L 401 6.29 49.27 75.34
C GLU L 401 5.13 49.27 74.35
N PHE L 402 5.01 48.18 73.59
CA PHE L 402 3.94 48.01 72.63
C PHE L 402 3.03 46.84 72.92
N ALA L 403 3.36 45.99 73.90
CA ALA L 403 2.52 44.86 74.25
C ALA L 403 2.92 44.38 75.63
N VAL L 404 1.94 43.85 76.36
CA VAL L 404 2.17 43.39 77.73
C VAL L 404 1.31 42.16 77.97
N ILE L 405 1.89 41.16 78.64
CA ILE L 405 1.18 39.96 79.06
C ILE L 405 1.20 39.94 80.58
N VAL L 406 0.03 39.77 81.18
CA VAL L 406 -0.11 39.91 82.62
C VAL L 406 -0.81 38.69 83.19
N TYR L 407 -0.33 38.23 84.34
CA TYR L 407 -0.96 37.15 85.07
C TYR L 407 -2.21 37.70 85.74
N LYS L 408 -3.38 37.25 85.28
CA LYS L 408 -4.62 37.92 85.65
C LYS L 408 -4.86 37.89 87.15
N ASP L 409 -4.74 36.72 87.78
CA ASP L 409 -5.22 36.59 89.15
C ASP L 409 -4.27 37.23 90.16
N ASN L 410 -3.07 37.59 89.74
CA ASN L 410 -2.10 38.17 90.65
C ASN L 410 -2.42 39.62 91.00
N PHE L 411 -3.37 40.24 90.32
CA PHE L 411 -3.63 41.66 90.44
C PHE L 411 -5.00 41.91 91.06
N VAL L 412 -5.05 42.83 92.01
CA VAL L 412 -6.29 43.24 92.66
C VAL L 412 -6.35 44.76 92.65
N MET L 413 -7.57 45.28 92.78
CA MET L 413 -7.82 46.71 92.74
C MET L 413 -8.48 47.10 94.05
N PRO L 414 -7.69 47.54 95.03
CA PRO L 414 -8.29 47.99 96.30
C PRO L 414 -9.13 49.24 96.09
N ARG L 415 -10.17 49.38 96.90
CA ARG L 415 -11.10 50.49 96.72
C ARG L 415 -11.72 50.83 98.07
N GLN L 416 -11.46 52.06 98.54
CA GLN L 416 -12.03 52.50 99.81
C GLN L 416 -13.45 53.01 99.65
N ARG L 417 -13.75 53.70 98.55
CA ARG L 417 -15.11 54.08 98.26
C ARG L 417 -15.29 54.23 96.75
N ALA L 418 -16.49 53.91 96.29
CA ALA L 418 -16.78 53.91 94.86
C ALA L 418 -17.02 55.34 94.39
N VAL L 419 -17.53 55.49 93.17
CA VAL L 419 -17.83 56.81 92.65
C VAL L 419 -19.07 57.35 93.33
N THR L 420 -18.98 58.55 93.89
CA THR L 420 -20.06 59.19 94.60
C THR L 420 -20.31 60.58 94.03
N VAL L 421 -21.58 60.90 93.83
CA VAL L 421 -21.99 62.20 93.29
C VAL L 421 -22.61 63.00 94.42
N GLU L 422 -21.98 64.12 94.77
CA GLU L 422 -22.43 64.97 95.87
C GLU L 422 -22.94 66.27 95.28
N ARG L 423 -24.19 66.62 95.61
CA ARG L 423 -24.84 67.81 95.08
C ARG L 423 -25.05 68.81 96.19
N GLU L 424 -24.55 70.02 96.01
CA GLU L 424 -24.71 71.08 97.00
C GLU L 424 -25.49 72.22 96.35
N ARG L 425 -26.57 72.64 97.00
CA ARG L 425 -27.39 73.75 96.50
C ARG L 425 -26.92 75.02 97.19
N GLN L 426 -26.10 75.80 96.49
CA GLN L 426 -25.62 77.07 97.02
C GLN L 426 -26.66 78.13 96.71
N ALA L 427 -27.57 78.34 97.66
CA ALA L 427 -28.62 79.33 97.46
C ALA L 427 -28.05 80.73 97.36
N GLY L 428 -26.98 81.02 98.11
CA GLY L 428 -26.39 82.34 98.10
C GLY L 428 -25.92 82.79 96.73
N LYS L 429 -25.33 81.89 95.95
CA LYS L 429 -24.90 82.20 94.60
C LYS L 429 -25.86 81.68 93.55
N GLN L 430 -26.96 81.05 93.96
CA GLN L 430 -27.97 80.52 93.04
C GLN L 430 -27.37 79.54 92.05
N ARG L 431 -26.51 78.65 92.54
CA ARG L 431 -25.89 77.64 91.70
C ARG L 431 -25.96 76.28 92.39
N ASP L 432 -25.94 75.23 91.59
CA ASP L 432 -25.96 73.87 92.09
C ASP L 432 -24.63 73.21 91.76
N ALA L 433 -23.83 72.93 92.77
CA ALA L 433 -22.49 72.39 92.58
C ALA L 433 -22.53 70.86 92.72
N TYR L 434 -21.89 70.17 91.80
CA TYR L 434 -21.79 68.72 91.82
C TYR L 434 -20.35 68.31 92.07
N TYR L 435 -20.16 67.34 92.96
CA TYR L 435 -18.84 66.79 93.25
C TYR L 435 -18.86 65.29 93.03
N VAL L 436 -17.85 64.78 92.33
CA VAL L 436 -17.70 63.35 92.09
C VAL L 436 -16.30 62.95 92.52
N THR L 437 -16.21 61.96 93.41
CA THR L 437 -14.93 61.52 93.96
C THR L 437 -14.93 60.00 94.07
N GLN L 438 -13.73 59.44 94.16
CA GLN L 438 -13.55 58.02 94.36
C GLN L 438 -12.14 57.76 94.87
N ARG L 439 -11.94 56.56 95.40
CA ARG L 439 -10.66 56.17 95.99
C ARG L 439 -10.34 54.74 95.58
N VAL L 440 -9.29 54.55 94.79
CA VAL L 440 -8.91 53.24 94.27
C VAL L 440 -7.40 53.19 94.13
N ASN L 441 -6.91 52.02 93.72
CA ASN L 441 -5.50 51.79 93.42
C ASN L 441 -5.38 50.42 92.76
N LEU L 442 -4.19 50.14 92.24
CA LEU L 442 -3.90 48.88 91.57
C LEU L 442 -2.68 48.25 92.23
N GLN L 443 -2.86 47.06 92.80
CA GLN L 443 -1.81 46.41 93.56
C GLN L 443 -1.77 44.93 93.20
N ARG L 444 -0.64 44.31 93.49
CA ARG L 444 -0.45 42.89 93.23
C ARG L 444 0.12 42.23 94.49
N TYR L 445 -0.18 40.94 94.64
CA TYR L 445 0.29 40.22 95.81
C TYR L 445 1.80 40.08 95.82
N PHE L 446 2.38 39.60 94.72
CA PHE L 446 3.80 39.29 94.65
C PHE L 446 4.45 40.10 93.54
N GLU L 447 5.77 40.03 93.48
CA GLU L 447 6.54 40.85 92.55
C GLU L 447 6.90 40.05 91.30
N ASN L 448 5.87 39.72 90.52
CA ASN L 448 6.03 39.03 89.26
C ASN L 448 4.70 39.08 88.52
N GLY L 449 4.60 38.32 87.43
CA GLY L 449 3.34 38.13 86.77
C GLY L 449 3.07 39.05 85.60
N VAL L 450 4.00 39.92 85.25
CA VAL L 450 3.80 40.86 84.15
C VAL L 450 5.06 40.87 83.30
N VAL L 451 4.89 40.76 81.99
CA VAL L 451 5.99 40.88 81.04
C VAL L 451 5.56 41.82 79.93
N SER L 452 6.41 42.78 79.61
CA SER L 452 6.10 43.78 78.59
C SER L 452 7.22 43.83 77.57
N GLY L 453 6.85 43.92 76.30
CA GLY L 453 7.80 44.00 75.20
C GLY L 453 7.98 45.45 74.77
N ALA L 454 9.21 45.80 74.41
CA ALA L 454 9.55 47.17 74.09
C ALA L 454 10.20 47.25 72.72
N TYR L 455 10.09 48.42 72.10
CA TYR L 455 10.76 48.67 70.83
C TYR L 455 12.27 48.66 71.04
N ALA L 456 13.00 48.49 69.95
CA ALA L 456 14.45 48.42 70.04
C ALA L 456 15.04 49.77 70.40
N ALA L 457 16.35 49.79 70.60
CA ALA L 457 17.10 50.98 70.97
C ALA L 457 16.53 51.66 72.20
N VAL M 161 3.50 3.62 179.00
CA VAL M 161 4.36 3.48 180.17
C VAL M 161 3.70 4.07 181.39
N ASN M 162 2.36 4.02 181.43
CA ASN M 162 1.63 4.49 182.60
C ASN M 162 1.95 3.66 183.83
N GLN M 163 1.95 2.33 183.67
CA GLN M 163 2.30 1.35 184.70
C GLN M 163 1.80 1.71 186.09
N SER M 164 0.57 2.23 186.18
CA SER M 164 -0.07 2.47 187.46
C SER M 164 -1.12 1.42 187.80
N SER M 165 -1.74 0.83 186.80
CA SER M 165 -2.64 -0.31 186.99
C SER M 165 -1.81 -1.58 187.11
N SER M 166 -2.46 -2.73 187.01
CA SER M 166 -1.77 -4.01 186.99
C SER M 166 -1.42 -4.47 185.58
N VAL M 167 -1.81 -3.71 184.56
CA VAL M 167 -1.58 -4.08 183.16
C VAL M 167 -0.97 -2.89 182.44
N GLU M 168 0.04 -3.14 181.62
CA GLU M 168 0.76 -2.10 180.91
C GLU M 168 0.59 -2.26 179.40
N VAL M 169 0.81 -1.17 178.66
CA VAL M 169 0.86 -1.21 177.21
C VAL M 169 2.30 -1.43 176.78
N SER M 170 2.49 -1.79 175.51
CA SER M 170 3.82 -2.15 175.02
C SER M 170 4.80 -0.98 175.15
N SER M 171 4.41 0.20 174.66
CA SER M 171 5.28 1.36 174.71
C SER M 171 4.44 2.61 174.69
N GLU M 172 5.04 3.72 175.13
CA GLU M 172 4.32 4.99 175.16
C GLU M 172 3.94 5.47 173.76
N SER M 173 4.66 4.99 172.73
CA SER M 173 4.24 5.28 171.37
C SER M 173 2.87 4.69 171.08
N TYR M 174 2.61 3.49 171.60
CA TYR M 174 1.28 2.90 171.48
C TYR M 174 0.25 3.71 172.25
N GLU M 175 0.71 4.48 173.24
CA GLU M 175 -0.15 5.36 174.02
C GLU M 175 -0.09 6.78 173.48
N THR M 176 -0.43 6.93 172.20
CA THR M 176 -0.34 8.21 171.52
C THR M 176 -1.42 8.26 170.45
N ILE M 177 -1.75 9.48 170.03
CA ILE M 177 -2.68 9.71 168.93
C ILE M 177 -1.99 10.64 167.94
N PHE M 178 -1.53 10.07 166.82
CA PHE M 178 -0.94 10.85 165.75
C PHE M 178 -2.05 11.36 164.85
N SER M 179 -2.34 12.65 164.94
CA SER M 179 -3.39 13.28 164.16
C SER M 179 -2.78 14.00 162.97
N GLN M 180 -3.33 13.74 161.78
CA GLN M 180 -2.83 14.39 160.58
C GLN M 180 -3.41 15.79 160.44
N ARG M 181 -3.27 16.60 161.48
CA ARG M 181 -3.70 17.99 161.45
C ARG M 181 -2.48 18.86 161.19
N ILE M 182 -2.65 19.84 160.31
CA ILE M 182 -1.56 20.67 159.82
C ILE M 182 -1.66 22.05 160.46
N ILE M 183 -0.61 22.46 161.15
CA ILE M 183 -0.53 23.78 161.74
C ILE M 183 0.67 24.50 161.16
N ARG M 184 0.67 25.82 161.26
CA ARG M 184 1.72 26.66 160.72
C ARG M 184 1.91 27.88 161.59
N ASP M 185 3.17 28.25 161.81
CA ASP M 185 3.46 29.46 162.56
C ASP M 185 3.03 30.69 161.78
N LEU M 186 2.96 31.82 162.46
CA LEU M 186 2.59 33.06 161.79
C LEU M 186 3.62 33.41 160.72
N GLN M 187 3.14 33.75 159.54
CA GLN M 187 3.98 34.03 158.39
C GLN M 187 3.80 35.47 157.95
N LYS M 188 4.70 35.91 157.07
CA LYS M 188 4.65 37.28 156.56
C LYS M 188 3.37 37.50 155.79
N GLU M 189 2.76 38.66 156.02
CA GLU M 189 1.50 38.99 155.36
C GLU M 189 1.72 39.26 153.88
N LEU M 190 0.75 38.85 153.07
CA LEU M 190 0.77 39.03 151.63
C LEU M 190 -0.23 40.14 151.29
N VAL M 191 0.26 41.36 151.15
CA VAL M 191 -0.62 42.51 151.06
C VAL M 191 -0.61 43.10 149.67
N VAL M 192 0.57 43.33 149.10
CA VAL M 192 0.67 43.99 147.81
C VAL M 192 0.42 43.02 146.66
N GLY M 193 0.37 41.72 146.95
CA GLY M 193 0.17 40.75 145.88
C GLY M 193 -1.16 40.90 145.18
N ALA M 194 -2.25 41.05 145.93
CA ALA M 194 -3.59 41.15 145.38
C ALA M 194 -4.22 42.52 145.57
N LEU M 195 -3.43 43.52 145.98
CA LEU M 195 -3.99 44.84 146.26
C LEU M 195 -4.55 45.49 144.99
N PHE M 196 -3.83 45.37 143.88
CA PHE M 196 -4.24 46.02 142.63
C PHE M 196 -5.19 45.10 141.86
N GLU M 197 -5.70 45.59 140.74
CA GLU M 197 -6.69 44.88 139.95
C GLU M 197 -6.06 44.27 138.70
N GLU M 198 -6.79 43.31 138.13
CA GLU M 198 -6.30 42.50 137.02
C GLU M 198 -6.52 43.21 135.69
N LEU M 199 -5.74 42.79 134.69
CA LEU M 199 -5.87 43.27 133.32
C LEU M 199 -5.58 42.11 132.39
N PRO M 200 -6.61 41.33 132.03
CA PRO M 200 -6.38 40.16 131.16
C PRO M 200 -5.87 40.55 129.79
N MET M 201 -5.03 39.70 129.23
CA MET M 201 -4.49 39.91 127.89
C MET M 201 -4.66 38.65 127.07
N SER M 202 -4.30 38.75 125.79
CA SER M 202 -4.34 37.61 124.87
C SER M 202 -3.15 37.60 123.93
N SER M 203 -2.17 38.49 124.13
CA SER M 203 -1.01 38.58 123.26
C SER M 203 0.17 39.07 124.08
N LYS M 204 1.29 39.30 123.40
CA LYS M 204 2.48 39.77 124.10
C LYS M 204 2.35 41.24 124.49
N ILE M 205 1.81 42.07 123.60
CA ILE M 205 1.75 43.51 123.81
C ILE M 205 0.30 43.96 123.71
N LEU M 206 -0.10 44.86 124.62
CA LEU M 206 -1.43 45.44 124.64
C LEU M 206 -1.26 46.95 124.61
N THR M 207 -2.00 47.62 123.72
CA THR M 207 -1.81 49.04 123.45
C THR M 207 -3.10 49.80 123.75
N MET M 208 -2.96 50.97 124.37
CA MET M 208 -4.08 51.80 124.80
C MET M 208 -3.99 53.17 124.12
N LEU M 209 -4.88 54.07 124.52
CA LEU M 209 -4.93 55.42 123.96
C LEU M 209 -5.11 56.45 125.06
N VAL M 210 -4.58 57.65 124.83
CA VAL M 210 -4.56 58.71 125.85
C VAL M 210 -4.94 60.04 125.20
N GLU M 211 -5.85 60.77 125.85
CA GLU M 211 -6.20 62.12 125.42
C GLU M 211 -5.13 63.11 125.87
N PRO M 212 -4.73 64.04 125.01
CA PRO M 212 -3.66 64.98 125.39
C PRO M 212 -4.02 65.94 126.52
N ASP M 213 -5.07 66.72 126.35
CA ASP M 213 -5.41 67.80 127.29
C ASP M 213 -6.81 68.29 126.98
N ALA M 214 -7.19 69.41 127.59
CA ALA M 214 -8.57 69.90 127.56
C ALA M 214 -8.83 70.85 126.40
N GLY M 215 -8.13 71.97 126.36
CA GLY M 215 -8.50 73.00 125.40
C GLY M 215 -9.54 73.95 125.97
N ARG M 216 -9.67 75.11 125.32
CA ARG M 216 -10.50 76.19 125.84
C ARG M 216 -11.39 76.77 124.76
N ALA M 217 -12.57 77.24 125.16
CA ALA M 217 -13.47 77.94 124.26
C ALA M 217 -13.13 79.44 124.32
N THR M 218 -14.01 80.27 123.75
CA THR M 218 -13.76 81.71 123.74
C THR M 218 -15.08 82.46 123.93
N TRP M 219 -14.99 83.63 124.55
CA TRP M 219 -16.14 84.47 124.83
C TRP M 219 -16.33 85.43 123.67
N VAL M 220 -17.45 85.30 122.96
CA VAL M 220 -17.73 86.16 121.82
C VAL M 220 -18.36 87.45 122.30
N ALA M 221 -17.86 88.57 121.78
CA ALA M 221 -18.41 89.86 122.16
C ALA M 221 -19.81 90.03 121.58
N ALA M 222 -20.58 90.94 122.19
CA ALA M 222 -21.94 91.19 121.72
C ALA M 222 -21.96 91.75 120.31
N SER M 223 -21.02 92.65 120.00
CA SER M 223 -20.99 93.24 118.66
C SER M 223 -20.67 92.21 117.58
N ALA M 224 -19.99 91.13 117.96
CA ALA M 224 -19.56 90.11 117.01
C ALA M 224 -20.63 89.07 116.74
N TYR M 225 -21.91 89.40 116.97
CA TYR M 225 -22.99 88.47 116.63
C TYR M 225 -23.13 88.28 115.13
N GLY M 226 -22.46 89.10 114.32
CA GLY M 226 -22.29 88.84 112.92
C GLY M 226 -20.82 88.67 112.58
N SER M 227 -20.47 88.78 111.30
CA SER M 227 -19.09 88.80 110.83
C SER M 227 -18.33 87.51 111.14
N ASP M 228 -19.05 86.38 111.22
CA ASP M 228 -18.43 85.05 111.30
C ASP M 228 -17.46 84.93 112.47
N ASN M 229 -17.80 85.53 113.61
CA ASN M 229 -17.02 85.37 114.82
C ASN M 229 -17.80 84.71 115.95
N THR M 230 -19.12 84.51 115.77
CA THR M 230 -19.93 83.89 116.80
C THR M 230 -19.45 82.51 117.17
N THR M 231 -18.98 81.72 116.20
CA THR M 231 -18.50 80.38 116.51
C THR M 231 -17.23 80.43 117.33
N GLY M 232 -16.36 81.40 117.05
CA GLY M 232 -15.13 81.55 117.80
C GLY M 232 -14.05 80.57 117.37
N SER M 233 -13.05 80.45 118.22
CA SER M 233 -11.91 79.59 117.93
C SER M 233 -12.30 78.12 118.04
N GLU M 234 -11.39 77.25 117.60
CA GLU M 234 -11.59 75.82 117.61
C GLU M 234 -10.63 75.15 118.60
N VAL M 235 -10.86 73.86 118.84
CA VAL M 235 -10.05 73.07 119.75
C VAL M 235 -9.57 71.83 119.02
N THR M 236 -8.28 71.51 119.18
CA THR M 236 -7.67 70.38 118.52
C THR M 236 -7.18 69.37 119.57
N GLY M 237 -6.49 68.33 119.10
CA GLY M 237 -5.94 67.32 119.99
C GLY M 237 -5.54 66.05 119.27
N ALA M 238 -4.45 65.42 119.73
CA ALA M 238 -3.95 64.20 119.12
C ALA M 238 -3.75 63.14 120.20
N LEU M 239 -4.16 61.91 119.89
CA LEU M 239 -4.07 60.81 120.83
C LEU M 239 -2.65 60.27 120.89
N THR M 240 -2.35 59.54 121.97
CA THR M 240 -1.09 58.83 122.10
C THR M 240 -1.39 57.38 122.45
N GLU M 241 -0.36 56.65 122.85
CA GLU M 241 -0.50 55.24 123.16
C GLU M 241 0.52 54.79 124.20
N ILE M 242 0.21 53.68 124.86
CA ILE M 242 1.10 53.02 125.81
C ILE M 242 1.01 51.52 125.55
N HIS M 243 1.95 50.78 126.15
CA HIS M 243 2.05 49.34 125.90
C HIS M 243 2.20 48.59 127.22
N PHE M 244 1.78 47.33 127.21
CA PHE M 244 1.85 46.45 128.38
C PHE M 244 2.47 45.12 127.98
N SER M 245 3.18 44.49 128.91
CA SER M 245 3.82 43.20 128.68
C SER M 245 3.92 42.44 129.99
N THR M 246 4.11 41.12 129.89
CA THR M 246 4.12 40.25 131.05
C THR M 246 5.38 39.39 131.07
N TYR M 247 5.80 39.01 132.27
CA TYR M 247 6.93 38.11 132.48
C TYR M 247 6.39 36.71 132.79
N LYS M 248 7.28 35.81 133.18
CA LYS M 248 6.89 34.45 133.52
C LYS M 248 7.54 34.01 134.83
N LEU M 249 6.77 33.35 135.67
CA LEU M 249 7.24 32.81 136.94
C LEU M 249 6.83 31.34 137.02
N ALA M 250 7.76 30.48 137.43
CA ALA M 250 7.50 29.05 137.42
C ALA M 250 8.24 28.37 138.56
N ALA M 251 7.73 27.19 138.94
CA ALA M 251 8.34 26.34 139.96
C ALA M 251 7.85 24.92 139.74
N LYS M 252 8.54 23.96 140.36
CA LYS M 252 8.25 22.55 140.13
C LYS M 252 8.51 21.76 141.40
N SER M 253 8.05 20.51 141.39
CA SER M 253 8.29 19.59 142.50
C SER M 253 8.04 18.17 142.02
N PHE M 254 8.51 17.21 142.82
CA PHE M 254 8.38 15.80 142.50
C PHE M 254 7.94 15.04 143.75
N ILE M 255 7.27 13.90 143.54
CA ILE M 255 6.92 13.01 144.64
C ILE M 255 6.89 11.57 144.12
N THR M 256 7.75 10.72 144.67
CA THR M 256 7.85 9.35 144.21
C THR M 256 6.69 8.51 144.71
N ASP M 257 6.56 7.31 144.14
CA ASP M 257 5.48 6.41 144.56
C ASP M 257 5.73 5.85 145.95
N GLU M 258 6.99 5.59 146.31
CA GLU M 258 7.27 5.02 147.62
C GLU M 258 6.82 5.95 148.74
N THR M 259 7.14 7.24 148.65
CA THR M 259 6.68 8.19 149.64
C THR M 259 5.16 8.33 149.61
N GLU M 260 4.55 8.12 148.44
CA GLU M 260 3.09 8.12 148.37
C GLU M 260 2.50 6.97 149.17
N GLU M 261 3.11 5.79 149.11
CA GLU M 261 2.57 4.64 149.83
C GLU M 261 3.15 4.48 151.22
N ASP M 262 4.38 4.95 151.47
CA ASP M 262 4.95 4.87 152.81
C ASP M 262 4.46 6.02 153.68
N ALA M 263 3.15 6.20 153.75
CA ALA M 263 2.57 7.25 154.56
C ALA M 263 1.11 6.90 154.83
N ILE M 264 0.64 7.28 156.01
CA ILE M 264 -0.74 7.01 156.41
C ILE M 264 -1.72 8.03 155.83
N PHE M 265 -1.24 8.99 155.04
CA PHE M 265 -2.10 9.98 154.44
C PHE M 265 -1.45 10.52 153.18
N SER M 266 -2.26 11.11 152.30
CA SER M 266 -1.74 11.64 151.05
C SER M 266 -0.92 12.90 151.30
N LEU M 267 0.08 13.11 150.46
CA LEU M 267 0.95 14.28 150.57
C LEU M 267 0.78 15.27 149.42
N LEU M 268 -0.06 14.95 148.44
CA LEU M 268 -0.25 15.85 147.31
C LEU M 268 -0.80 17.21 147.71
N PRO M 269 -1.85 17.33 148.53
CA PRO M 269 -2.36 18.67 148.85
C PRO M 269 -1.31 19.56 149.48
N LEU M 270 -0.47 19.00 150.35
CA LEU M 270 0.61 19.79 150.93
C LEU M 270 1.56 20.29 149.85
N LEU M 271 1.89 19.43 148.89
CA LEU M 271 2.81 19.84 147.82
C LEU M 271 2.21 20.98 147.00
N ARG M 272 0.95 20.85 146.61
CA ARG M 272 0.32 21.90 145.81
C ARG M 272 0.23 23.20 146.59
N LYS M 273 -0.13 23.12 147.88
CA LYS M 273 -0.25 24.32 148.69
C LYS M 273 1.11 25.01 148.84
N ARG M 274 2.16 24.22 149.05
CA ARG M 274 3.49 24.81 149.17
C ARG M 274 3.92 25.47 147.87
N LEU M 275 3.65 24.84 146.73
CA LEU M 275 4.00 25.44 145.45
C LEU M 275 3.28 26.77 145.25
N ILE M 276 1.97 26.79 145.52
CA ILE M 276 1.20 28.01 145.30
C ILE M 276 1.67 29.13 146.23
N GLU M 277 1.92 28.79 147.49
CA GLU M 277 2.35 29.82 148.42
C GLU M 277 3.75 30.33 148.10
N ALA M 278 4.63 29.47 147.60
CA ALA M 278 5.93 29.95 147.14
C ALA M 278 5.78 30.90 145.96
N HIS M 279 4.89 30.57 145.02
CA HIS M 279 4.62 31.48 143.91
C HIS M 279 4.16 32.84 144.43
N ALA M 280 3.22 32.83 145.36
CA ALA M 280 2.68 34.09 145.89
C ALA M 280 3.76 34.90 146.60
N VAL M 281 4.61 34.23 147.39
CA VAL M 281 5.67 34.95 148.10
C VAL M 281 6.65 35.57 147.13
N SER M 282 7.03 34.83 146.08
CA SER M 282 7.93 35.39 145.08
C SER M 282 7.30 36.61 144.40
N ILE M 283 6.02 36.51 144.06
CA ILE M 283 5.33 37.64 143.44
C ILE M 283 5.35 38.85 144.37
N GLU M 284 5.07 38.64 145.65
CA GLU M 284 5.05 39.76 146.59
C GLU M 284 6.42 40.40 146.72
N GLU M 285 7.47 39.59 146.81
CA GLU M 285 8.82 40.16 146.92
C GLU M 285 9.17 40.97 145.68
N ALA M 286 8.88 40.43 144.49
CA ALA M 286 9.22 41.15 143.26
C ALA M 286 8.42 42.44 143.15
N PHE M 287 7.13 42.39 143.48
CA PHE M 287 6.30 43.60 143.42
C PHE M 287 6.76 44.65 144.42
N MET M 288 7.27 44.23 145.58
CA MET M 288 7.67 45.19 146.60
C MET M 288 9.01 45.83 146.27
N THR M 289 10.04 45.01 146.06
CA THR M 289 11.39 45.54 145.92
C THR M 289 12.14 45.02 144.70
N GLY M 290 11.45 44.48 143.70
CA GLY M 290 12.14 43.99 142.52
C GLY M 290 12.60 45.13 141.62
N ASP M 291 13.70 44.89 140.92
CA ASP M 291 14.21 45.85 139.95
C ASP M 291 13.73 45.44 138.56
N GLY M 292 14.23 46.12 137.53
CA GLY M 292 13.74 45.91 136.19
C GLY M 292 14.38 44.78 135.40
N SER M 293 15.46 44.19 135.88
CA SER M 293 16.15 43.16 135.12
C SER M 293 15.37 41.85 135.15
N GLY M 294 14.58 41.59 134.11
CA GLY M 294 13.77 40.37 134.06
C GLY M 294 12.55 40.40 134.95
N LYS M 295 12.72 40.69 136.22
CA LYS M 295 11.60 40.78 137.13
C LYS M 295 10.90 42.14 136.99
N PRO M 296 9.62 42.21 137.35
CA PRO M 296 8.94 43.51 137.32
C PRO M 296 9.52 44.46 138.35
N LYS M 297 9.44 45.76 138.03
CA LYS M 297 10.00 46.79 138.90
C LYS M 297 9.17 46.93 140.16
N GLY M 298 9.84 47.06 141.31
CA GLY M 298 9.16 47.20 142.56
C GLY M 298 8.70 48.62 142.83
N LEU M 299 7.86 48.75 143.85
CA LEU M 299 7.32 50.07 144.19
C LEU M 299 8.42 51.02 144.64
N LEU M 300 9.37 50.52 145.44
CA LEU M 300 10.45 51.38 145.90
C LEU M 300 11.30 51.87 144.74
N THR M 301 11.63 51.00 143.80
CA THR M 301 12.42 51.41 142.64
C THR M 301 11.67 52.41 141.79
N LEU M 302 10.36 52.19 141.59
CA LEU M 302 9.56 53.14 140.82
C LEU M 302 9.52 54.51 141.51
N ALA M 303 9.36 54.52 142.83
CA ALA M 303 9.33 55.78 143.56
C ALA M 303 10.66 56.50 143.48
N SER M 304 11.77 55.76 143.60
CA SER M 304 13.08 56.40 143.54
C SER M 304 13.40 56.90 142.14
N GLU M 305 12.88 56.23 141.10
CA GLU M 305 13.15 56.65 139.74
C GLU M 305 12.55 58.00 139.43
N ASP M 306 11.32 58.25 139.89
CA ASP M 306 10.65 59.52 139.64
C ASP M 306 11.03 60.60 140.64
N SER M 307 12.12 60.41 141.39
CA SER M 307 12.60 61.36 142.39
C SER M 307 11.58 61.63 143.49
N ALA M 308 10.58 60.76 143.63
CA ALA M 308 9.56 60.90 144.67
C ALA M 308 9.95 60.14 145.93
N LYS M 309 11.17 60.37 146.40
CA LYS M 309 11.69 59.74 147.61
C LYS M 309 12.00 60.85 148.61
N VAL M 310 11.02 61.17 149.45
CA VAL M 310 11.13 62.27 150.40
C VAL M 310 11.98 61.84 151.57
N THR M 311 13.00 62.62 151.88
CA THR M 311 13.87 62.36 153.02
C THR M 311 13.29 63.07 154.24
N THR M 312 12.67 62.29 155.13
CA THR M 312 12.01 62.85 156.29
C THR M 312 13.05 63.17 157.36
N GLU M 313 12.58 63.49 158.57
CA GLU M 313 13.47 63.84 159.67
C GLU M 313 13.82 62.66 160.57
N ALA M 314 13.29 61.47 160.29
CA ALA M 314 13.60 60.31 161.11
C ALA M 314 15.09 59.98 161.02
N LYS M 315 15.69 59.66 162.17
CA LYS M 315 17.13 59.53 162.28
C LYS M 315 17.60 58.07 162.23
N ALA M 316 16.94 57.23 161.43
CA ALA M 316 17.31 55.83 161.28
C ALA M 316 17.24 55.11 162.63
N ASP M 317 18.23 55.33 163.48
CA ASP M 317 18.12 54.87 164.86
C ASP M 317 17.06 55.68 165.59
N GLY M 318 16.68 55.22 166.78
CA GLY M 318 15.54 55.80 167.45
C GLY M 318 15.79 57.13 168.12
N SER M 319 16.58 58.00 167.49
CA SER M 319 16.75 59.35 168.02
C SER M 319 15.48 60.17 167.85
N VAL M 320 14.91 60.16 166.65
CA VAL M 320 13.64 60.83 166.38
C VAL M 320 12.74 59.82 165.67
N LEU M 321 11.56 59.60 166.22
CA LEU M 321 10.64 58.59 165.72
C LEU M 321 9.75 59.15 164.63
N VAL M 322 9.05 58.25 163.95
CA VAL M 322 8.11 58.62 162.90
C VAL M 322 6.80 59.07 163.53
N THR M 323 6.33 60.24 163.14
CA THR M 323 5.08 60.80 163.63
C THR M 323 4.12 61.01 162.46
N ALA M 324 2.86 61.30 162.79
CA ALA M 324 1.86 61.52 161.76
C ALA M 324 2.18 62.76 160.93
N LYS M 325 2.98 63.67 161.46
CA LYS M 325 3.38 64.85 160.69
C LYS M 325 4.23 64.46 159.47
N THR M 326 5.11 63.48 159.64
CA THR M 326 5.92 63.03 158.50
C THR M 326 5.05 62.44 157.40
N ILE M 327 3.98 61.74 157.78
CA ILE M 327 3.05 61.19 156.80
C ILE M 327 2.37 62.30 156.03
N SER M 328 1.95 63.36 156.73
CA SER M 328 1.33 64.49 156.05
C SER M 328 2.32 65.17 155.11
N LYS M 329 3.59 65.25 155.51
CA LYS M 329 4.60 65.83 154.63
C LYS M 329 4.81 64.97 153.40
N LEU M 330 4.71 63.65 153.55
CA LEU M 330 4.82 62.76 152.39
C LEU M 330 3.70 63.03 151.40
N ARG M 331 2.49 63.26 151.89
CA ARG M 331 1.35 63.52 151.01
C ARG M 331 1.56 64.80 150.19
N ARG M 332 2.35 65.73 150.71
CA ARG M 332 2.55 67.01 150.01
C ARG M 332 3.21 66.79 148.65
N LYS M 333 4.22 65.92 148.59
CA LYS M 333 4.85 65.63 147.31
C LYS M 333 3.86 64.99 146.35
N LEU M 334 3.05 64.06 146.84
CA LEU M 334 1.97 63.48 146.05
C LEU M 334 0.82 64.48 145.98
N GLY M 335 1.07 65.56 145.26
CA GLY M 335 0.15 66.69 145.27
C GLY M 335 -1.19 66.43 144.62
N ARG M 336 -1.22 66.35 143.30
CA ARG M 336 -2.49 66.30 142.59
C ARG M 336 -3.27 65.03 142.90
N HIS M 337 -2.58 63.90 143.01
CA HIS M 337 -3.24 62.64 143.28
C HIS M 337 -3.54 62.43 144.76
N GLY M 338 -3.04 63.29 145.64
CA GLY M 338 -3.23 63.12 147.06
C GLY M 338 -4.53 63.66 147.62
N LEU M 339 -5.34 64.32 146.79
CA LEU M 339 -6.57 64.91 147.30
C LEU M 339 -7.63 63.85 147.60
N LYS M 340 -7.78 62.86 146.73
CA LYS M 340 -8.80 61.84 146.89
C LYS M 340 -8.31 60.82 147.90
N LEU M 341 -8.74 60.99 149.16
CA LEU M 341 -8.27 60.13 150.24
C LEU M 341 -8.80 58.71 150.12
N SER M 342 -9.90 58.50 149.41
CA SER M 342 -10.52 57.18 149.36
C SER M 342 -9.62 56.16 148.66
N LYS M 343 -8.95 56.58 147.59
CA LYS M 343 -8.18 55.67 146.75
C LYS M 343 -6.68 55.78 147.01
N LEU M 344 -6.28 56.03 148.26
CA LEU M 344 -4.87 56.04 148.64
C LEU M 344 -4.63 55.01 149.72
N VAL M 345 -3.49 54.33 149.64
CA VAL M 345 -3.09 53.32 150.61
C VAL M 345 -1.67 53.62 151.05
N LEU M 346 -1.44 53.61 152.36
CA LEU M 346 -0.13 53.85 152.93
C LEU M 346 0.44 52.53 153.42
N ILE M 347 1.65 52.21 152.94
CA ILE M 347 2.34 50.97 153.30
C ILE M 347 3.56 51.34 154.14
N VAL M 348 3.67 50.74 155.31
CA VAL M 348 4.72 51.09 156.26
C VAL M 348 5.46 49.83 156.69
N SER M 349 6.70 50.03 157.15
CA SER M 349 7.52 48.93 157.63
C SER M 349 7.05 48.48 159.00
N MET M 350 7.60 47.35 159.45
CA MET M 350 7.24 46.83 160.76
C MET M 350 7.63 47.79 161.88
N ASP M 351 8.89 48.23 161.89
CA ASP M 351 9.34 49.14 162.93
C ASP M 351 8.77 50.53 162.75
N ALA M 352 8.53 50.93 161.50
CA ALA M 352 7.96 52.25 161.26
C ALA M 352 6.56 52.35 161.85
N TYR M 353 5.76 51.29 161.71
CA TYR M 353 4.40 51.33 162.24
C TYR M 353 4.41 51.41 163.76
N TYR M 354 5.30 50.66 164.42
CA TYR M 354 5.33 50.68 165.87
C TYR M 354 5.71 52.05 166.42
N ASP M 355 6.53 52.81 165.69
CA ASP M 355 6.83 54.18 166.09
C ASP M 355 5.58 55.05 166.01
N LEU M 356 4.73 54.81 165.00
CA LEU M 356 3.50 55.57 164.86
C LEU M 356 2.53 55.31 166.01
N LEU M 357 2.61 54.14 166.64
CA LEU M 357 1.70 53.85 167.75
C LEU M 357 2.00 54.72 168.96
N GLU M 358 3.25 55.15 169.13
CA GLU M 358 3.58 56.01 170.26
C GLU M 358 3.03 57.43 170.10
N ASP M 359 2.49 57.76 168.93
CA ASP M 359 1.85 59.06 168.73
C ASP M 359 0.45 58.99 169.31
N GLU M 360 0.17 59.86 170.29
CA GLU M 360 -1.08 59.77 171.02
C GLU M 360 -2.26 60.33 170.24
N GLU M 361 -2.01 61.28 169.33
CA GLU M 361 -3.10 62.06 168.75
C GLU M 361 -3.97 61.22 167.83
N TRP M 362 -3.37 60.46 166.91
CA TRP M 362 -4.10 59.89 165.80
C TRP M 362 -4.89 58.63 166.16
N GLN M 363 -4.75 58.11 167.38
CA GLN M 363 -5.38 56.83 167.71
C GLN M 363 -6.86 56.96 168.04
N ASP M 364 -7.39 58.17 168.14
CA ASP M 364 -8.83 58.36 168.33
C ASP M 364 -9.35 59.51 167.48
N LYS M 374 -12.33 46.00 155.04
CA LYS M 374 -10.90 46.00 155.34
C LYS M 374 -10.09 45.42 154.19
N LEU M 375 -8.84 45.86 154.07
CA LEU M 375 -7.93 45.28 153.09
C LEU M 375 -7.39 43.97 153.63
N GLN M 376 -6.41 43.39 152.93
CA GLN M 376 -5.83 42.13 153.38
C GLN M 376 -5.03 42.32 154.66
N GLY M 377 -4.20 43.36 154.72
CA GLY M 377 -3.42 43.64 155.91
C GLY M 377 -3.79 44.95 156.54
N GLN M 378 -5.09 45.24 156.58
CA GLN M 378 -5.59 46.51 157.09
C GLN M 378 -5.38 46.63 158.59
N VAL M 379 -4.28 47.26 159.00
CA VAL M 379 -4.03 47.47 160.42
C VAL M 379 -5.00 48.51 160.98
N GLY M 380 -5.22 49.60 160.25
CA GLY M 380 -6.13 50.64 160.67
C GLY M 380 -6.02 51.89 159.83
N ARG M 381 -6.80 52.92 160.18
CA ARG M 381 -6.75 54.20 159.47
C ARG M 381 -6.07 55.23 160.35
N ILE M 382 -5.13 55.97 159.77
CA ILE M 382 -4.40 56.97 160.56
C ILE M 382 -5.23 58.25 160.68
N TYR M 383 -5.55 58.87 159.56
CA TYR M 383 -6.41 60.05 159.53
C TYR M 383 -7.43 59.91 158.40
N GLY M 384 -8.07 58.74 158.33
CA GLY M 384 -8.90 58.38 157.21
C GLY M 384 -8.16 57.71 156.08
N LEU M 385 -6.83 57.66 156.16
CA LEU M 385 -6.03 56.97 155.14
C LEU M 385 -5.70 55.57 155.64
N PRO M 386 -6.10 54.51 154.94
CA PRO M 386 -5.82 53.16 155.43
C PRO M 386 -4.33 52.88 155.53
N VAL M 387 -3.96 52.12 156.55
CA VAL M 387 -2.57 51.77 156.82
C VAL M 387 -2.41 50.27 156.63
N VAL M 388 -1.45 49.88 155.80
CA VAL M 388 -1.15 48.49 155.52
C VAL M 388 0.31 48.23 155.87
N VAL M 389 0.55 47.28 156.76
CA VAL M 389 1.90 46.97 157.20
C VAL M 389 2.44 45.82 156.35
N SER M 390 3.76 45.82 156.17
CA SER M 390 4.44 44.80 155.39
C SER M 390 5.87 44.70 155.86
N GLU M 391 6.41 43.48 155.83
CA GLU M 391 7.73 43.20 156.35
C GLU M 391 8.80 43.08 155.26
N TYR M 392 8.47 43.42 154.02
CA TYR M 392 9.38 43.23 152.90
C TYR M 392 10.18 44.49 152.58
N PHE M 393 10.10 45.51 153.43
CA PHE M 393 10.93 46.68 153.26
C PHE M 393 12.39 46.32 153.55
N PRO M 394 13.34 47.09 152.99
CA PRO M 394 14.74 46.89 153.36
C PRO M 394 14.97 47.17 154.84
N ALA M 395 15.98 46.51 155.39
CA ALA M 395 16.27 46.65 156.81
C ALA M 395 16.55 48.11 157.16
N LYS M 396 16.25 48.46 158.41
CA LYS M 396 16.41 49.83 158.87
C LYS M 396 17.84 50.30 158.68
N ALA M 397 18.00 51.47 158.07
CA ALA M 397 19.32 51.99 157.73
C ALA M 397 19.23 53.51 157.65
N ALA M 398 20.38 54.13 157.36
CA ALA M 398 20.44 55.58 157.35
C ALA M 398 19.59 56.19 156.23
N GLY M 399 19.63 55.59 155.05
CA GLY M 399 18.96 56.18 153.91
C GLY M 399 17.85 55.34 153.29
N LYS M 400 17.64 54.14 153.81
CA LYS M 400 16.65 53.25 153.22
C LYS M 400 15.24 53.72 153.58
N GLU M 401 14.29 53.36 152.73
CA GLU M 401 12.91 53.79 152.89
C GLU M 401 12.20 52.97 153.97
N PHE M 402 11.12 53.54 154.49
CA PHE M 402 10.35 52.86 155.53
C PHE M 402 8.85 52.89 155.23
N ALA M 403 8.40 53.87 154.47
CA ALA M 403 6.97 54.02 154.18
C ALA M 403 6.78 54.40 152.71
N VAL M 404 5.67 53.91 152.15
CA VAL M 404 5.31 54.20 150.77
C VAL M 404 3.82 54.52 150.70
N ILE M 405 3.47 55.64 150.07
CA ILE M 405 2.09 56.00 149.78
C ILE M 405 1.86 55.79 148.29
N VAL M 406 0.81 55.07 147.95
CA VAL M 406 0.57 54.66 146.57
C VAL M 406 -0.83 55.11 146.16
N TYR M 407 -1.00 55.42 144.88
CA TYR M 407 -2.31 55.70 144.32
C TYR M 407 -2.84 54.42 143.68
N LYS M 408 -3.92 53.88 144.24
CA LYS M 408 -4.35 52.53 143.89
C LYS M 408 -4.72 52.40 142.43
N ASP M 409 -5.48 53.35 141.89
CA ASP M 409 -6.03 53.17 140.55
C ASP M 409 -4.98 53.30 139.47
N ASN M 410 -3.87 53.99 139.75
CA ASN M 410 -2.85 54.19 138.74
C ASN M 410 -2.20 52.88 138.33
N PHE M 411 -1.93 52.00 139.29
CA PHE M 411 -1.25 50.75 139.01
C PHE M 411 -2.25 49.67 138.65
N VAL M 412 -1.81 48.73 137.82
CA VAL M 412 -2.64 47.61 137.40
C VAL M 412 -1.72 46.43 137.10
N MET M 413 -2.19 45.23 137.39
CA MET M 413 -1.40 44.04 137.08
C MET M 413 -1.91 43.37 135.82
N PRO M 414 -1.09 43.25 134.79
CA PRO M 414 -1.47 42.47 133.62
C PRO M 414 -1.23 40.98 133.85
N ARG M 415 -1.97 40.17 133.11
CA ARG M 415 -1.87 38.72 133.27
C ARG M 415 -2.19 38.02 131.96
N GLN M 416 -1.27 37.15 131.53
CA GLN M 416 -1.46 36.33 130.34
C GLN M 416 -1.92 34.92 130.68
N ARG M 417 -1.15 34.20 131.50
CA ARG M 417 -1.53 32.86 131.94
C ARG M 417 -1.58 32.86 133.46
N ALA M 418 -2.69 32.35 134.00
CA ALA M 418 -2.89 32.33 135.44
C ALA M 418 -2.08 31.19 136.05
N VAL M 419 -2.28 30.93 137.34
CA VAL M 419 -1.57 29.85 138.02
C VAL M 419 -2.21 28.52 137.61
N THR M 420 -1.40 27.61 137.07
CA THR M 420 -1.86 26.31 136.63
C THR M 420 -0.91 25.24 137.17
N VAL M 421 -1.47 24.08 137.50
CA VAL M 421 -0.69 22.95 137.99
C VAL M 421 -0.83 21.85 136.95
N GLU M 422 0.27 21.51 136.28
CA GLU M 422 0.31 20.47 135.28
C GLU M 422 1.24 19.37 135.73
N ARG M 423 0.75 18.13 135.75
CA ARG M 423 1.52 16.99 136.23
C ARG M 423 1.99 16.13 135.05
N GLU M 424 3.29 15.84 135.02
CA GLU M 424 3.88 14.99 134.00
C GLU M 424 4.31 13.69 134.66
N ARG M 425 3.82 12.57 134.14
CA ARG M 425 4.08 11.27 134.73
C ARG M 425 5.37 10.71 134.17
N GLN M 426 6.47 10.93 134.88
CA GLN M 426 7.71 10.24 134.55
C GLN M 426 7.58 8.77 134.89
N ALA M 427 8.05 7.91 134.00
CA ALA M 427 7.92 6.46 134.16
C ALA M 427 9.23 5.77 134.43
N GLY M 428 10.29 6.13 133.71
CA GLY M 428 11.60 5.56 133.99
C GLY M 428 12.02 5.78 135.43
N LYS M 429 11.79 6.99 135.93
CA LYS M 429 11.77 7.23 137.36
C LYS M 429 10.32 7.17 137.82
N GLN M 430 10.09 6.57 138.99
CA GLN M 430 8.72 6.36 139.44
C GLN M 430 8.05 7.63 139.91
N ARG M 431 8.78 8.72 140.05
CA ARG M 431 8.21 9.95 140.58
C ARG M 431 7.27 10.61 139.60
N ASP M 432 6.33 11.38 140.14
CA ASP M 432 5.45 12.23 139.36
C ASP M 432 5.80 13.68 139.62
N ALA M 433 6.00 14.44 138.54
CA ALA M 433 6.46 15.81 138.63
C ALA M 433 5.28 16.76 138.51
N TYR M 434 5.24 17.77 139.37
CA TYR M 434 4.22 18.80 139.34
C TYR M 434 4.86 20.12 138.96
N TYR M 435 4.31 20.77 137.93
CA TYR M 435 4.83 22.04 137.43
C TYR M 435 3.79 23.13 137.64
N VAL M 436 4.24 24.29 138.12
CA VAL M 436 3.39 25.46 138.30
C VAL M 436 4.01 26.61 137.52
N THR M 437 3.22 27.27 136.69
CA THR M 437 3.68 28.39 135.87
C THR M 437 2.69 29.53 135.96
N GLN M 438 3.20 30.74 135.73
CA GLN M 438 2.40 31.94 135.86
C GLN M 438 3.02 33.04 135.02
N ARG M 439 2.19 33.95 134.52
CA ARG M 439 2.62 35.07 133.69
C ARG M 439 1.97 36.34 134.21
N VAL M 440 2.75 37.21 134.85
CA VAL M 440 2.23 38.43 135.47
C VAL M 440 3.26 39.53 135.34
N ASN M 441 2.84 40.73 135.75
CA ASN M 441 3.68 41.93 135.73
C ASN M 441 2.98 42.99 136.56
N LEU M 442 3.64 44.14 136.70
CA LEU M 442 3.07 45.28 137.41
C LEU M 442 3.49 46.56 136.71
N GLN M 443 2.54 47.25 136.09
CA GLN M 443 2.82 48.46 135.33
C GLN M 443 1.77 49.51 135.66
N ARG M 444 2.17 50.77 135.51
CA ARG M 444 1.34 51.91 135.81
C ARG M 444 1.07 52.70 134.53
N TYR M 445 -0.10 53.33 134.48
CA TYR M 445 -0.50 54.07 133.28
C TYR M 445 0.43 55.27 133.05
N PHE M 446 0.73 56.03 134.09
CA PHE M 446 1.49 57.26 133.97
C PHE M 446 2.58 57.29 135.02
N GLU M 447 3.54 58.21 134.83
CA GLU M 447 4.74 58.26 135.67
C GLU M 447 4.49 59.17 136.88
N ASN M 448 3.55 58.73 137.71
CA ASN M 448 3.24 59.40 138.97
C ASN M 448 2.33 58.49 139.77
N GLY M 449 2.04 58.90 141.00
CA GLY M 449 1.12 58.17 141.84
C GLY M 449 1.73 57.33 142.94
N VAL M 450 3.05 57.41 143.14
CA VAL M 450 3.69 56.67 144.22
C VAL M 450 4.76 57.57 144.84
N VAL M 451 4.83 57.57 146.17
CA VAL M 451 5.78 58.39 146.92
C VAL M 451 6.32 57.55 148.07
N SER M 452 7.62 57.66 148.31
CA SER M 452 8.28 56.90 149.36
C SER M 452 8.99 57.83 150.32
N GLY M 453 9.08 57.42 151.57
CA GLY M 453 9.77 58.18 152.60
C GLY M 453 10.93 57.37 153.17
N ALA M 454 12.03 58.05 153.48
CA ALA M 454 13.24 57.40 153.95
C ALA M 454 13.82 58.14 155.13
N TYR M 455 14.62 57.44 155.92
CA TYR M 455 15.25 58.04 157.09
C TYR M 455 16.27 59.09 156.66
N ALA M 456 16.44 60.09 157.52
CA ALA M 456 17.30 61.22 157.20
C ALA M 456 18.76 60.78 157.12
N ALA M 457 19.47 61.31 156.13
CA ALA M 457 20.90 61.06 155.95
C ALA M 457 21.21 59.58 155.87
#